data_6E1R
#
_entry.id   6E1R
#
_cell.length_a   81.123
_cell.length_b   90.015
_cell.length_c   508.604
_cell.angle_alpha   90.00
_cell.angle_beta   90.00
_cell.angle_gamma   90.00
#
_symmetry.space_group_name_H-M   'P 21 21 21'
#
loop_
_entity.id
_entity.type
_entity.pdbx_description
1 polymer 'Tailspike protein'
2 non-polymer 'CHLORIDE ION'
3 non-polymer 'SODIUM ION'
4 water water
#
_entity_poly.entity_id   1
_entity_poly.type   'polypeptide(L)'
_entity_poly.pdbx_seq_one_letter_code
;NNPNLD(MSE)SGWL(MSE)NLKGVVNSKVELEGLSGSDGQVVL(MSE)TGYYAGQY(MSE)GGDHFKYDSTQALINNGV
TVINGWVKQFSAGVLTVSACGADPSASDHSAALDLAVNTATSLKRKLVVDFDLRVNTTTELDATLRIEGDGGAVQFSRSI
TATADIPIFTVKAGFSSESSYFGKL(MSE)FKASTGGTATAFRSTSNGYLSQSTFDHCVFDRSLRYGIDANLILCDFQKC
DFGTY(MSE)STTNSIGFKAIRSLGVVGTREPNANTFYNCIFRKGTDDC(MSE)IEWDSYGTQWHFFACDLEQNLCTEAL
IKCTASSPI(MSE)FVGGYIEANTSTPYVIKTLGNSATGFVPLIKFQGIH(MSE)NRPCSVAIGKNT(MSE)ANYPKYIF
EGCYGQLISAVVESSTGVLNDVALIENSIANHFTLATGGSIGDIRTLT(MSE)PSGFNADSRNFQAAKITNLTSYKHNYK
KTINRDFTVGSSVGVASLSHPSISGASYGGRLLVNAIFGTTAAAGTNSAVYELLVTSVGTAKYISQIGSAGLTSGAAASH
PSFTWSINSSNVLVATAVGSTAGRFA(MSE)EVFTTGNVQAT
;
_entity_poly.pdbx_strand_id   A,B,C,D,E,F
#
loop_
_chem_comp.id
_chem_comp.type
_chem_comp.name
_chem_comp.formula
CL non-polymer 'CHLORIDE ION' 'Cl -1'
NA non-polymer 'SODIUM ION' 'Na 1'
#
# COMPACT_ATOMS: atom_id res chain seq x y z
N LEU A 11 33.07 -25.95 8.14
CA LEU A 11 33.71 -25.06 7.19
C LEU A 11 32.83 -24.90 5.95
N MSE A 12 32.88 -23.73 5.33
CA MSE A 12 32.08 -23.43 4.15
C MSE A 12 32.95 -22.81 3.06
O MSE A 12 33.67 -21.85 3.32
CB MSE A 12 30.92 -22.50 4.51
CG MSE A 12 30.08 -22.04 3.32
SE MSE A 12 28.51 -23.18 3.02
CE MSE A 12 27.59 -22.89 4.71
N ASN A 13 32.88 -23.35 1.86
CA ASN A 13 33.65 -22.86 0.74
C ASN A 13 32.77 -22.12 -0.25
N LEU A 14 33.40 -21.33 -1.11
CA LEU A 14 32.67 -20.63 -2.16
C LEU A 14 32.22 -21.64 -3.22
N LYS A 15 30.95 -21.57 -3.59
CA LYS A 15 30.42 -22.56 -4.53
C LYS A 15 31.00 -22.36 -5.92
N GLY A 16 31.02 -21.12 -6.40
CA GLY A 16 31.54 -20.84 -7.72
C GLY A 16 31.23 -19.41 -8.11
N VAL A 17 31.43 -19.13 -9.39
CA VAL A 17 31.18 -17.81 -9.96
C VAL A 17 30.32 -17.96 -11.21
N VAL A 18 29.31 -17.09 -11.34
CA VAL A 18 28.46 -17.04 -12.51
C VAL A 18 28.56 -15.64 -13.10
N ASN A 19 28.24 -15.53 -14.40
CA ASN A 19 28.45 -14.29 -15.13
C ASN A 19 27.15 -13.60 -15.55
N SER A 20 25.99 -14.19 -15.26
CA SER A 20 24.73 -13.60 -15.69
C SER A 20 23.61 -14.11 -14.80
N LYS A 21 22.45 -13.44 -14.90
CA LYS A 21 21.29 -13.85 -14.13
C LYS A 21 20.68 -15.14 -14.68
N VAL A 22 20.75 -15.34 -15.99
CA VAL A 22 20.20 -16.57 -16.58
C VAL A 22 20.98 -17.79 -16.09
N GLU A 23 22.28 -17.63 -15.85
CA GLU A 23 23.07 -18.74 -15.32
C GLU A 23 22.82 -18.96 -13.83
N LEU A 24 22.30 -17.95 -13.13
CA LEU A 24 22.03 -18.12 -11.71
C LEU A 24 20.71 -18.86 -11.47
N GLU A 25 19.68 -18.54 -12.24
CA GLU A 25 18.37 -19.16 -12.02
C GLU A 25 18.41 -20.65 -12.37
N GLY A 26 19.12 -21.02 -13.43
CA GLY A 26 19.27 -22.42 -13.77
C GLY A 26 20.23 -23.20 -12.88
N LEU A 27 21.05 -22.50 -12.11
CA LEU A 27 22.02 -23.15 -11.24
C LEU A 27 21.36 -23.60 -9.94
N SER A 28 21.62 -24.86 -9.55
CA SER A 28 21.04 -25.46 -8.35
C SER A 28 22.05 -25.41 -7.20
N GLY A 29 21.52 -25.37 -5.98
CA GLY A 29 22.37 -25.29 -4.81
C GLY A 29 21.68 -25.80 -3.57
N SER A 30 22.40 -25.71 -2.45
CA SER A 30 21.92 -26.13 -1.14
C SER A 30 21.97 -24.95 -0.18
N ASP A 31 21.41 -25.15 1.01
CA ASP A 31 21.31 -24.07 1.99
C ASP A 31 22.68 -23.57 2.41
N GLY A 32 22.80 -22.25 2.56
CA GLY A 32 24.02 -21.63 3.00
C GLY A 32 25.07 -21.41 1.93
N GLN A 33 24.93 -22.04 0.76
CA GLN A 33 25.94 -21.90 -0.28
C GLN A 33 25.91 -20.49 -0.84
N VAL A 34 27.11 -19.94 -1.07
CA VAL A 34 27.27 -18.58 -1.57
C VAL A 34 27.94 -18.64 -2.93
N VAL A 35 27.46 -17.81 -3.86
CA VAL A 35 28.00 -17.74 -5.21
C VAL A 35 28.30 -16.28 -5.54
N LEU A 36 29.20 -16.08 -6.49
CA LEU A 36 29.59 -14.75 -6.96
C LEU A 36 29.06 -14.54 -8.36
N MSE A 37 28.22 -13.52 -8.53
CA MSE A 37 27.73 -13.16 -9.85
C MSE A 37 28.41 -11.90 -10.34
O MSE A 37 28.40 -10.86 -9.66
CB MSE A 37 26.21 -12.98 -9.84
CG MSE A 37 25.61 -12.84 -11.23
SE MSE A 37 23.66 -12.77 -11.24
CE MSE A 37 23.43 -10.96 -10.55
N THR A 38 29.03 -11.98 -11.52
CA THR A 38 29.73 -10.84 -12.12
C THR A 38 28.83 -10.27 -13.21
N GLY A 39 27.94 -9.37 -12.82
CA GLY A 39 27.03 -8.75 -13.77
C GLY A 39 25.71 -9.46 -13.93
N TYR A 40 24.64 -8.67 -14.10
CA TYR A 40 23.31 -9.26 -14.29
C TYR A 40 23.20 -9.97 -15.63
N TYR A 41 23.91 -9.49 -16.64
CA TYR A 41 23.94 -10.10 -17.96
C TYR A 41 25.36 -10.54 -18.29
N ALA A 42 25.47 -11.46 -19.25
CA ALA A 42 26.78 -11.96 -19.65
C ALA A 42 27.61 -10.85 -20.29
N GLY A 43 28.90 -10.84 -20.01
CA GLY A 43 29.78 -9.83 -20.54
C GLY A 43 29.74 -8.50 -19.81
N GLN A 44 28.89 -8.37 -18.80
CA GLN A 44 28.76 -7.14 -18.03
C GLN A 44 29.29 -7.34 -16.62
N TYR A 45 29.71 -6.24 -16.00
CA TYR A 45 30.17 -6.26 -14.61
C TYR A 45 29.20 -5.55 -13.66
N MSE A 46 28.13 -4.96 -14.19
CA MSE A 46 27.19 -4.22 -13.36
C MSE A 46 25.96 -5.06 -13.00
O MSE A 46 25.56 -5.93 -13.77
CB MSE A 46 26.75 -2.94 -14.08
CG MSE A 46 27.87 -1.96 -14.30
SE MSE A 46 27.24 -0.29 -15.07
CE MSE A 46 28.90 0.72 -15.01
N GLY A 47 25.39 -4.78 -11.84
CA GLY A 47 24.35 -5.60 -11.29
C GLY A 47 24.85 -6.86 -10.61
N GLY A 48 26.15 -7.08 -10.59
CA GLY A 48 26.69 -8.26 -9.94
C GLY A 48 26.65 -8.15 -8.43
N ASP A 49 26.58 -9.31 -7.78
CA ASP A 49 26.45 -9.36 -6.33
C ASP A 49 26.64 -10.80 -5.89
N HIS A 50 26.80 -10.99 -4.58
CA HIS A 50 26.85 -12.31 -3.98
C HIS A 50 25.44 -12.79 -3.68
N PHE A 51 25.25 -14.11 -3.77
CA PHE A 51 23.95 -14.71 -3.53
C PHE A 51 24.10 -15.91 -2.60
N LYS A 52 23.20 -15.99 -1.63
CA LYS A 52 23.13 -17.13 -0.71
C LYS A 52 21.86 -17.90 -1.00
N TYR A 53 21.96 -19.23 -0.98
CA TYR A 53 20.82 -20.06 -1.34
C TYR A 53 19.91 -20.26 -0.13
N ASP A 54 18.61 -20.29 -0.40
CA ASP A 54 17.58 -20.51 0.62
C ASP A 54 16.59 -21.52 0.07
N SER A 55 16.58 -22.72 0.64
CA SER A 55 15.70 -23.78 0.16
C SER A 55 14.23 -23.46 0.39
N THR A 56 13.92 -22.60 1.37
CA THR A 56 12.53 -22.24 1.61
C THR A 56 11.95 -21.42 0.46
N GLN A 57 12.79 -20.68 -0.25
CA GLN A 57 12.36 -19.84 -1.37
C GLN A 57 12.97 -20.32 -2.67
N ALA A 58 13.12 -21.63 -2.83
CA ALA A 58 13.76 -22.18 -4.02
C ALA A 58 12.93 -21.90 -5.28
N LEU A 59 11.61 -21.81 -5.14
CA LEU A 59 10.73 -21.56 -6.27
C LEU A 59 10.42 -20.08 -6.45
N ILE A 60 10.97 -19.20 -5.60
CA ILE A 60 10.73 -17.77 -5.68
C ILE A 60 11.78 -17.14 -6.59
N ASN A 61 11.33 -16.31 -7.53
CA ASN A 61 12.24 -15.66 -8.48
C ASN A 61 11.58 -14.36 -8.93
N ASN A 62 11.84 -13.29 -8.18
CA ASN A 62 11.33 -11.96 -8.50
C ASN A 62 12.25 -11.19 -9.45
N GLY A 63 13.46 -11.69 -9.72
CA GLY A 63 14.35 -11.06 -10.65
C GLY A 63 15.34 -10.08 -10.06
N VAL A 64 15.25 -9.79 -8.76
CA VAL A 64 16.13 -8.82 -8.12
C VAL A 64 16.73 -9.41 -6.86
N THR A 65 15.91 -9.54 -5.81
CA THR A 65 16.42 -9.96 -4.51
C THR A 65 16.55 -11.48 -4.41
N VAL A 66 15.57 -12.22 -4.90
CA VAL A 66 15.57 -13.68 -4.85
C VAL A 66 15.40 -14.21 -6.26
N ILE A 67 16.30 -15.10 -6.67
CA ILE A 67 16.30 -15.67 -8.03
C ILE A 67 16.39 -17.19 -7.87
N ASN A 68 15.23 -17.86 -7.85
CA ASN A 68 15.14 -19.32 -7.73
C ASN A 68 15.94 -19.83 -6.53
N GLY A 69 15.73 -19.17 -5.38
CA GLY A 69 16.34 -19.57 -4.13
C GLY A 69 17.59 -18.79 -3.77
N TRP A 70 18.21 -18.10 -4.73
CA TRP A 70 19.41 -17.32 -4.48
C TRP A 70 19.01 -15.92 -4.06
N VAL A 71 19.30 -15.57 -2.80
CA VAL A 71 18.92 -14.28 -2.24
C VAL A 71 20.08 -13.31 -2.41
N LYS A 72 19.77 -12.10 -2.88
CA LYS A 72 20.77 -11.06 -3.06
C LYS A 72 21.35 -10.67 -1.70
N GLN A 73 22.68 -10.62 -1.63
CA GLN A 73 23.37 -10.34 -0.38
C GLN A 73 23.72 -8.87 -0.18
N PHE A 74 23.58 -8.04 -1.21
CA PHE A 74 23.88 -6.61 -1.14
C PHE A 74 25.28 -6.36 -0.60
N SER A 75 26.26 -6.93 -1.32
CA SER A 75 27.66 -6.75 -0.92
C SER A 75 28.09 -5.29 -1.00
N ALA A 76 27.58 -4.57 -1.99
CA ALA A 76 27.85 -3.13 -2.10
C ALA A 76 26.97 -2.29 -1.19
N GLY A 77 25.89 -2.86 -0.67
CA GLY A 77 25.00 -2.11 0.21
C GLY A 77 24.14 -1.10 -0.52
N VAL A 78 24.00 -1.24 -1.84
CA VAL A 78 23.27 -0.28 -2.65
C VAL A 78 22.47 -1.04 -3.69
N LEU A 79 21.22 -0.61 -3.90
CA LEU A 79 20.37 -1.16 -4.94
C LEU A 79 20.57 -0.37 -6.23
N THR A 80 20.93 -1.06 -7.31
CA THR A 80 21.24 -0.44 -8.58
C THR A 80 20.22 -0.88 -9.62
N VAL A 81 19.99 -0.01 -10.62
CA VAL A 81 19.08 -0.36 -11.69
C VAL A 81 19.61 -1.54 -12.49
N SER A 82 20.94 -1.70 -12.54
CA SER A 82 21.51 -2.86 -13.23
C SER A 82 21.13 -4.16 -12.54
N ALA A 83 20.99 -4.14 -11.22
CA ALA A 83 20.54 -5.31 -10.47
C ALA A 83 19.06 -5.60 -10.65
N CYS A 84 18.33 -4.77 -11.40
CA CYS A 84 16.91 -4.98 -11.64
C CYS A 84 16.60 -5.34 -13.09
N GLY A 85 17.62 -5.67 -13.89
CA GLY A 85 17.41 -6.09 -15.26
C GLY A 85 17.83 -5.09 -16.31
N ALA A 86 18.47 -3.98 -15.95
CA ALA A 86 18.89 -2.99 -16.92
C ALA A 86 20.09 -3.52 -17.70
N ASP A 87 19.89 -3.75 -19.00
CA ASP A 87 20.94 -4.31 -19.84
C ASP A 87 21.66 -3.19 -20.57
N PRO A 88 22.94 -2.94 -20.29
CA PRO A 88 23.65 -1.85 -20.99
C PRO A 88 23.72 -2.04 -22.50
N SER A 89 23.73 -3.28 -22.98
CA SER A 89 23.75 -3.52 -24.41
C SER A 89 22.39 -3.38 -25.06
N ALA A 90 21.31 -3.41 -24.28
CA ALA A 90 19.97 -3.30 -24.83
C ALA A 90 19.63 -1.85 -25.17
N SER A 91 18.72 -1.69 -26.13
CA SER A 91 18.30 -0.37 -26.56
C SER A 91 17.25 0.25 -25.64
N ASP A 92 16.64 -0.53 -24.75
CA ASP A 92 15.60 -0.01 -23.87
C ASP A 92 15.79 -0.54 -22.47
N HIS A 93 15.45 0.31 -21.48
CA HIS A 93 15.52 -0.05 -20.08
C HIS A 93 14.24 0.32 -19.33
N SER A 94 13.11 0.41 -20.04
CA SER A 94 11.87 0.87 -19.43
C SER A 94 11.37 -0.11 -18.37
N ALA A 95 11.16 -1.36 -18.77
CA ALA A 95 10.66 -2.36 -17.83
C ALA A 95 11.63 -2.57 -16.67
N ALA A 96 12.94 -2.43 -16.92
CA ALA A 96 13.92 -2.55 -15.85
C ALA A 96 13.79 -1.40 -14.87
N LEU A 97 13.58 -0.17 -15.37
CA LEU A 97 13.42 0.97 -14.48
C LEU A 97 12.13 0.84 -13.65
N ASP A 98 11.05 0.36 -14.28
CA ASP A 98 9.80 0.17 -13.55
C ASP A 98 9.98 -0.79 -12.38
N LEU A 99 10.68 -1.91 -12.62
CA LEU A 99 10.96 -2.84 -11.53
C LEU A 99 11.88 -2.21 -10.49
N ALA A 100 12.75 -1.29 -10.91
CA ALA A 100 13.65 -0.64 -9.97
C ALA A 100 12.90 0.29 -9.02
N VAL A 101 12.03 1.13 -9.56
CA VAL A 101 11.25 2.03 -8.71
C VAL A 101 10.32 1.24 -7.80
N ASN A 102 9.69 0.20 -8.32
CA ASN A 102 8.81 -0.62 -7.50
C ASN A 102 9.58 -1.34 -6.40
N THR A 103 10.80 -1.81 -6.70
CA THR A 103 11.58 -2.53 -5.70
C THR A 103 12.15 -1.60 -4.65
N ALA A 104 12.76 -0.49 -5.08
CA ALA A 104 13.39 0.43 -4.14
C ALA A 104 12.37 1.04 -3.19
N THR A 105 11.18 1.37 -3.70
CA THR A 105 10.17 1.98 -2.84
C THR A 105 9.54 0.95 -1.90
N SER A 106 9.30 -0.27 -2.40
CA SER A 106 8.74 -1.30 -1.54
C SER A 106 9.73 -1.75 -0.49
N LEU A 107 11.04 -1.65 -0.79
CA LEU A 107 12.08 -2.02 0.14
C LEU A 107 12.52 -0.85 1.02
N LYS A 108 11.99 0.35 0.77
CA LYS A 108 12.31 1.55 1.54
C LYS A 108 13.82 1.81 1.54
N ARG A 109 14.40 1.90 0.35
CA ARG A 109 15.83 2.15 0.22
C ARG A 109 16.07 2.91 -1.08
N LYS A 110 17.20 3.62 -1.11
CA LYS A 110 17.50 4.47 -2.25
C LYS A 110 17.85 3.65 -3.48
N LEU A 111 17.60 4.23 -4.64
CA LEU A 111 17.92 3.62 -5.93
C LEU A 111 19.05 4.40 -6.58
N VAL A 112 19.98 3.68 -7.20
CA VAL A 112 21.15 4.28 -7.82
C VAL A 112 21.18 3.88 -9.28
N VAL A 113 21.32 4.86 -10.17
CA VAL A 113 21.45 4.63 -11.60
C VAL A 113 22.94 4.63 -11.91
N ASP A 114 23.47 3.47 -12.29
CA ASP A 114 24.90 3.29 -12.47
C ASP A 114 25.35 3.39 -13.93
N PHE A 115 24.42 3.42 -14.88
CA PHE A 115 24.75 3.71 -16.26
C PHE A 115 23.57 4.40 -16.90
N ASP A 116 23.84 5.11 -18.01
CA ASP A 116 22.81 5.92 -18.65
C ASP A 116 21.72 5.03 -19.22
N LEU A 117 20.48 5.35 -18.89
CA LEU A 117 19.33 4.57 -19.31
C LEU A 117 18.64 5.21 -20.51
N ARG A 118 17.99 4.38 -21.31
CA ARG A 118 17.19 4.81 -22.45
C ARG A 118 15.84 4.10 -22.36
N VAL A 119 14.76 4.87 -22.35
CA VAL A 119 13.43 4.35 -22.09
C VAL A 119 12.47 4.81 -23.18
N ASN A 120 11.57 3.93 -23.58
CA ASN A 120 10.52 4.26 -24.53
C ASN A 120 9.13 4.15 -23.92
N THR A 121 9.03 3.75 -22.66
CA THR A 121 7.78 3.65 -21.93
C THR A 121 7.92 4.36 -20.60
N THR A 122 6.86 5.05 -20.19
CA THR A 122 6.91 5.85 -18.97
C THR A 122 7.04 4.97 -17.74
N THR A 123 7.48 5.59 -16.65
CA THR A 123 7.59 4.94 -15.36
C THR A 123 6.85 5.77 -14.33
N GLU A 124 5.79 5.22 -13.76
CA GLU A 124 5.01 5.94 -12.77
C GLU A 124 5.84 6.17 -11.51
N LEU A 125 5.77 7.40 -10.99
CA LEU A 125 6.57 7.78 -9.83
C LEU A 125 5.90 7.23 -8.58
N ASP A 126 6.47 6.15 -8.03
CA ASP A 126 6.01 5.64 -6.75
C ASP A 126 6.36 6.59 -5.63
N ALA A 127 5.54 6.59 -4.58
CA ALA A 127 5.77 7.48 -3.46
C ALA A 127 7.08 7.13 -2.76
N THR A 128 7.71 8.15 -2.16
CA THR A 128 8.93 8.02 -1.38
C THR A 128 10.11 7.50 -2.19
N LEU A 129 10.09 7.68 -3.51
CA LEU A 129 11.21 7.25 -4.34
C LEU A 129 12.41 8.17 -4.13
N ARG A 130 13.55 7.59 -3.73
CA ARG A 130 14.81 8.31 -3.70
C ARG A 130 15.74 7.66 -4.71
N ILE A 131 16.04 8.38 -5.79
CA ILE A 131 16.84 7.87 -6.89
C ILE A 131 17.97 8.85 -7.14
N GLU A 132 19.19 8.32 -7.26
CA GLU A 132 20.39 9.15 -7.42
C GLU A 132 21.23 8.63 -8.58
N GLY A 133 22.17 9.45 -9.01
CA GLY A 133 23.08 9.07 -10.07
C GLY A 133 24.52 9.31 -9.68
N ASP A 134 25.40 8.43 -10.16
CA ASP A 134 26.82 8.49 -9.83
C ASP A 134 27.67 8.99 -10.98
N GLY A 135 27.07 9.71 -11.94
CA GLY A 135 27.80 10.19 -13.09
C GLY A 135 28.75 11.33 -12.79
N GLY A 136 29.16 12.05 -13.84
CA GLY A 136 30.04 13.19 -13.69
C GLY A 136 29.28 14.42 -13.19
N ALA A 137 29.85 15.58 -13.50
CA ALA A 137 29.30 16.85 -13.07
C ALA A 137 28.54 17.54 -14.20
N VAL A 138 27.38 18.09 -13.87
CA VAL A 138 26.55 18.88 -14.78
C VAL A 138 26.20 18.07 -16.03
N GLN A 139 26.82 18.40 -17.17
CA GLN A 139 26.37 17.81 -18.43
C GLN A 139 26.80 16.36 -18.60
N PHE A 140 27.80 15.90 -17.85
CA PHE A 140 28.20 14.50 -17.88
C PHE A 140 27.65 13.72 -16.70
N SER A 141 26.57 14.20 -16.08
CA SER A 141 25.95 13.46 -14.99
C SER A 141 25.22 12.23 -15.54
N ARG A 142 24.84 11.34 -14.63
CA ARG A 142 24.07 10.16 -15.00
C ARG A 142 22.76 10.56 -15.65
N SER A 143 22.56 10.12 -16.89
CA SER A 143 21.47 10.61 -17.72
C SER A 143 20.42 9.52 -17.96
N ILE A 144 19.18 9.97 -18.18
CA ILE A 144 18.08 9.11 -18.60
C ILE A 144 17.47 9.75 -19.84
N THR A 145 17.50 9.03 -20.95
CA THR A 145 17.03 9.53 -22.24
C THR A 145 15.71 8.88 -22.60
N ALA A 146 14.77 9.69 -23.11
CA ALA A 146 13.48 9.21 -23.56
C ALA A 146 13.53 9.01 -25.07
N THR A 147 13.40 7.76 -25.50
CA THR A 147 13.45 7.41 -26.91
C THR A 147 12.10 7.50 -27.59
N ALA A 148 11.09 8.04 -26.92
CA ALA A 148 9.78 8.26 -27.51
C ALA A 148 9.21 9.57 -26.99
N ASP A 149 8.09 10.00 -27.55
CA ASP A 149 7.42 11.21 -27.12
C ASP A 149 6.56 10.92 -25.89
N ILE A 150 7.24 10.56 -24.80
CA ILE A 150 6.58 10.14 -23.56
C ILE A 150 7.31 10.75 -22.38
N PRO A 151 6.58 11.01 -21.30
CA PRO A 151 7.24 11.45 -20.06
C PRO A 151 8.10 10.33 -19.48
N ILE A 152 9.33 10.68 -19.09
CA ILE A 152 10.22 9.70 -18.48
C ILE A 152 9.61 9.16 -17.19
N PHE A 153 9.09 10.06 -16.36
CA PHE A 153 8.35 9.69 -15.16
C PHE A 153 6.94 10.24 -15.24
N THR A 154 5.98 9.48 -14.73
CA THR A 154 4.58 9.86 -14.74
C THR A 154 4.12 10.04 -13.30
N VAL A 155 3.72 11.27 -12.96
CA VAL A 155 3.23 11.56 -11.62
C VAL A 155 1.82 11.02 -11.47
N LYS A 156 1.58 10.28 -10.40
CA LYS A 156 0.28 9.66 -10.18
C LYS A 156 -0.74 10.70 -9.75
N ALA A 157 -2.02 10.34 -9.89
CA ALA A 157 -3.11 11.25 -9.56
C ALA A 157 -3.19 11.49 -8.06
N GLY A 158 -3.67 12.68 -7.71
CA GLY A 158 -3.82 13.01 -6.29
C GLY A 158 -2.48 13.24 -5.63
N PHE A 159 -2.25 12.54 -4.52
CA PHE A 159 -1.00 12.62 -3.77
C PHE A 159 -0.23 11.31 -3.82
N SER A 160 -0.58 10.42 -4.74
CA SER A 160 0.02 9.08 -4.77
C SER A 160 1.51 9.11 -5.09
N SER A 161 2.01 10.20 -5.65
CA SER A 161 3.43 10.35 -5.93
C SER A 161 4.13 11.27 -4.95
N GLU A 162 3.46 11.65 -3.86
CA GLU A 162 4.04 12.57 -2.90
C GLU A 162 5.31 11.99 -2.28
N SER A 163 6.25 12.88 -1.95
CA SER A 163 7.53 12.55 -1.34
C SER A 163 8.43 11.84 -2.34
N SER A 164 9.52 12.48 -2.74
CA SER A 164 10.48 11.90 -3.67
C SER A 164 11.78 12.67 -3.57
N TYR A 165 12.83 12.11 -4.15
CA TYR A 165 14.14 12.75 -4.18
C TYR A 165 14.85 12.38 -5.46
N PHE A 166 15.34 13.39 -6.17
CA PHE A 166 16.05 13.20 -7.44
C PHE A 166 17.41 13.88 -7.32
N GLY A 167 18.46 13.07 -7.23
CA GLY A 167 19.80 13.60 -7.00
C GLY A 167 20.76 13.36 -8.14
N LYS A 168 21.17 14.44 -8.81
CA LYS A 168 22.23 14.42 -9.81
C LYS A 168 21.90 13.47 -10.96
N LEU A 169 20.79 13.77 -11.63
CA LEU A 169 20.33 13.02 -12.79
C LEU A 169 20.07 13.99 -13.93
N MSE A 170 20.37 13.54 -15.15
CA MSE A 170 20.12 14.34 -16.33
C MSE A 170 19.03 13.72 -17.19
O MSE A 170 18.96 12.50 -17.31
CB MSE A 170 21.42 14.50 -17.13
CG MSE A 170 21.31 15.47 -18.30
SE MSE A 170 23.05 15.89 -19.07
CE MSE A 170 22.50 17.18 -20.42
N PHE A 171 18.18 14.55 -17.78
CA PHE A 171 17.06 14.08 -18.58
C PHE A 171 17.23 14.58 -20.01
N LYS A 172 17.24 13.64 -20.96
CA LYS A 172 17.41 13.96 -22.37
C LYS A 172 16.27 13.35 -23.17
N ALA A 173 16.27 13.63 -24.47
CA ALA A 173 15.31 13.07 -25.41
C ALA A 173 16.06 12.65 -26.66
N SER A 174 15.74 11.46 -27.17
CA SER A 174 16.41 10.98 -28.38
C SER A 174 16.04 11.82 -29.59
N THR A 175 14.80 12.29 -29.65
CA THR A 175 14.34 13.19 -30.71
C THR A 175 14.10 14.57 -30.11
N GLY A 176 14.70 15.59 -30.73
CA GLY A 176 14.57 16.94 -30.21
C GLY A 176 13.14 17.45 -30.32
N GLY A 177 12.68 18.10 -29.25
CA GLY A 177 11.34 18.62 -29.21
C GLY A 177 10.27 17.62 -28.82
N THR A 178 10.64 16.53 -28.17
CA THR A 178 9.70 15.51 -27.75
C THR A 178 9.94 15.16 -26.29
N ALA A 179 8.94 14.51 -25.70
CA ALA A 179 9.03 13.94 -24.36
C ALA A 179 9.24 14.99 -23.27
N THR A 180 9.34 14.52 -22.03
CA THR A 180 9.59 15.37 -20.88
C THR A 180 10.06 14.49 -19.73
N ALA A 181 10.65 15.11 -18.72
CA ALA A 181 11.10 14.35 -17.56
C ALA A 181 9.95 13.94 -16.66
N PHE A 182 8.91 14.78 -16.54
CA PHE A 182 7.78 14.51 -15.67
C PHE A 182 6.50 15.02 -16.31
N ARG A 183 5.42 14.28 -16.10
CA ARG A 183 4.09 14.72 -16.49
C ARG A 183 3.09 14.15 -15.49
N SER A 184 1.98 14.87 -15.30
CA SER A 184 0.99 14.51 -14.30
C SER A 184 -0.26 13.94 -14.97
N THR A 185 -0.79 12.87 -14.40
CA THR A 185 -2.06 12.30 -14.81
C THR A 185 -3.17 12.92 -13.96
N SER A 186 -4.16 13.54 -14.62
CA SER A 186 -5.27 14.21 -13.93
C SER A 186 -4.77 15.24 -12.93
N ASN A 187 -3.77 16.03 -13.35
CA ASN A 187 -3.17 17.07 -12.51
C ASN A 187 -2.63 16.51 -11.20
N GLY A 188 -1.97 15.35 -11.28
CA GLY A 188 -1.41 14.75 -10.08
C GLY A 188 -0.29 15.57 -9.50
N TYR A 189 -0.17 15.50 -8.17
CA TYR A 189 0.78 16.34 -7.44
C TYR A 189 2.15 15.68 -7.41
N LEU A 190 3.16 16.38 -7.92
CA LEU A 190 4.56 16.03 -7.69
C LEU A 190 4.96 16.78 -6.42
N SER A 191 4.68 16.16 -5.28
CA SER A 191 4.69 16.86 -3.99
C SER A 191 5.89 16.44 -3.15
N GLN A 192 6.45 17.41 -2.42
CA GLN A 192 7.50 17.20 -1.43
C GLN A 192 8.70 16.47 -2.05
N SER A 193 9.23 17.06 -3.11
CA SER A 193 10.36 16.50 -3.84
C SER A 193 11.56 17.45 -3.75
N THR A 194 12.72 16.92 -4.10
CA THR A 194 13.96 17.69 -4.15
C THR A 194 14.70 17.34 -5.43
N PHE A 195 15.12 18.36 -6.16
CA PHE A 195 15.91 18.18 -7.39
C PHE A 195 17.30 18.76 -7.11
N ASP A 196 18.26 17.87 -6.86
CA ASP A 196 19.61 18.26 -6.48
C ASP A 196 20.53 18.12 -7.70
N HIS A 197 20.95 19.25 -8.25
CA HIS A 197 21.91 19.29 -9.37
C HIS A 197 21.42 18.47 -10.56
N CYS A 198 20.11 18.48 -10.79
CA CYS A 198 19.55 17.79 -11.94
C CYS A 198 19.63 18.68 -13.18
N VAL A 199 19.99 18.07 -14.31
CA VAL A 199 20.15 18.78 -15.57
C VAL A 199 19.02 18.38 -16.50
N PHE A 200 18.46 19.36 -17.20
CA PHE A 200 17.36 19.14 -18.13
C PHE A 200 17.83 19.57 -19.52
N ASP A 201 18.05 18.59 -20.39
CA ASP A 201 18.59 18.87 -21.71
C ASP A 201 17.58 19.62 -22.56
N ARG A 202 18.09 20.51 -23.42
CA ARG A 202 17.23 21.31 -24.28
C ARG A 202 16.52 20.48 -25.34
N SER A 203 16.93 19.23 -25.53
CA SER A 203 16.25 18.34 -26.47
C SER A 203 14.84 18.02 -26.01
N LEU A 204 14.56 18.13 -24.71
CA LEU A 204 13.22 17.89 -24.20
C LEU A 204 12.26 18.96 -24.69
N ARG A 205 11.00 18.55 -24.88
CA ARG A 205 9.96 19.54 -25.17
C ARG A 205 9.60 20.36 -23.93
N TYR A 206 9.49 19.69 -22.79
CA TYR A 206 9.29 20.34 -21.50
C TYR A 206 10.28 19.76 -20.50
N GLY A 207 10.93 20.63 -19.73
CA GLY A 207 11.80 20.15 -18.68
C GLY A 207 11.01 19.40 -17.64
N ILE A 208 9.99 20.06 -17.08
CA ILE A 208 9.05 19.46 -16.14
C ILE A 208 7.66 19.88 -16.54
N ASP A 209 6.79 18.92 -16.87
CA ASP A 209 5.42 19.22 -17.22
C ASP A 209 4.45 18.59 -16.22
N ALA A 210 4.75 18.72 -14.93
CA ALA A 210 3.95 18.14 -13.86
C ALA A 210 3.51 19.23 -12.90
N ASN A 211 2.53 18.90 -12.07
CA ASN A 211 1.98 19.84 -11.10
C ASN A 211 2.87 19.83 -9.87
N LEU A 212 3.80 20.78 -9.81
CA LEU A 212 4.79 20.84 -8.74
C LEU A 212 4.22 21.50 -7.50
N ILE A 213 4.57 20.95 -6.33
CA ILE A 213 4.23 21.59 -5.07
C ILE A 213 5.22 21.14 -4.00
N LEU A 214 5.67 22.09 -3.18
CA LEU A 214 6.62 21.82 -2.11
C LEU A 214 7.91 21.18 -2.64
N CYS A 215 8.41 21.70 -3.75
CA CYS A 215 9.62 21.19 -4.39
C CYS A 215 10.70 22.28 -4.36
N ASP A 216 11.90 21.89 -3.96
CA ASP A 216 13.06 22.77 -4.01
C ASP A 216 14.05 22.28 -5.08
N PHE A 217 14.70 23.23 -5.73
CA PHE A 217 15.63 22.95 -6.80
C PHE A 217 17.00 23.50 -6.42
N GLN A 218 18.00 22.61 -6.32
CA GLN A 218 19.33 22.98 -5.86
C GLN A 218 20.29 22.93 -7.05
N LYS A 219 20.59 24.11 -7.60
CA LYS A 219 21.53 24.28 -8.71
C LYS A 219 21.20 23.34 -9.87
N CYS A 220 19.94 23.38 -10.29
CA CYS A 220 19.54 22.65 -11.47
C CYS A 220 19.82 23.48 -12.72
N ASP A 221 19.82 22.81 -13.86
CA ASP A 221 20.08 23.48 -15.14
C ASP A 221 18.99 23.13 -16.12
N PHE A 222 18.46 24.15 -16.79
CA PHE A 222 17.37 24.00 -17.76
C PHE A 222 17.80 24.59 -19.09
N GLY A 223 18.20 23.72 -20.02
CA GLY A 223 18.39 24.10 -21.41
C GLY A 223 19.73 24.67 -21.78
N THR A 224 20.74 24.57 -20.92
CA THR A 224 22.07 25.05 -21.30
C THR A 224 22.70 24.14 -22.33
N TYR A 225 22.65 22.84 -22.09
CA TYR A 225 23.24 21.85 -22.98
C TYR A 225 22.15 21.20 -23.83
N MSE A 226 22.53 20.77 -25.03
CA MSE A 226 21.58 20.22 -25.98
C MSE A 226 22.18 19.03 -26.71
O MSE A 226 23.06 19.19 -27.56
CB MSE A 226 21.14 21.29 -26.97
CG MSE A 226 19.88 20.96 -27.75
SE MSE A 226 19.62 22.16 -29.27
CE MSE A 226 17.88 22.87 -28.82
N SER A 227 21.70 17.82 -26.38
CA SER A 227 22.27 16.62 -26.98
C SER A 227 21.87 16.51 -28.47
N THR A 228 20.60 16.73 -28.78
CA THR A 228 20.12 16.75 -30.15
C THR A 228 19.28 18.00 -30.37
N THR A 229 19.25 18.46 -31.62
CA THR A 229 18.59 19.71 -31.95
C THR A 229 17.09 19.64 -31.70
N ASN A 230 16.56 20.70 -31.08
CA ASN A 230 15.14 20.85 -30.79
C ASN A 230 14.57 21.96 -31.66
N SER A 231 13.68 21.60 -32.58
CA SER A 231 13.03 22.55 -33.46
C SER A 231 11.60 22.86 -33.05
N ILE A 232 11.01 22.07 -32.16
CA ILE A 232 9.62 22.31 -31.77
C ILE A 232 9.56 23.36 -30.67
N GLY A 233 10.46 23.29 -29.70
CA GLY A 233 10.52 24.26 -28.63
C GLY A 233 10.92 23.59 -27.32
N PHE A 234 11.42 24.40 -26.40
CA PHE A 234 11.81 23.93 -25.08
C PHE A 234 11.26 24.88 -24.03
N LYS A 235 10.50 24.34 -23.08
CA LYS A 235 10.01 25.08 -21.93
C LYS A 235 10.53 24.40 -20.68
N ALA A 236 11.04 25.21 -19.74
CA ALA A 236 11.64 24.64 -18.54
C ALA A 236 10.61 23.96 -17.66
N ILE A 237 9.57 24.70 -17.27
CA ILE A 237 8.58 24.21 -16.32
C ILE A 237 7.19 24.62 -16.77
N ARG A 238 6.24 23.68 -16.68
CA ARG A 238 4.82 23.93 -16.90
C ARG A 238 4.06 23.16 -15.82
N SER A 239 3.58 23.87 -14.81
CA SER A 239 2.81 23.25 -13.74
C SER A 239 1.37 23.69 -13.88
N LEU A 240 0.52 22.79 -14.37
CA LEU A 240 -0.90 23.07 -14.54
C LEU A 240 -1.69 22.28 -13.51
N GLY A 241 -2.51 22.99 -12.74
CA GLY A 241 -3.29 22.35 -11.70
C GLY A 241 -4.78 22.61 -11.79
N VAL A 242 -5.48 22.47 -10.67
CA VAL A 242 -6.91 22.72 -10.58
C VAL A 242 -7.12 23.75 -9.47
N VAL A 243 -7.94 24.77 -9.75
CA VAL A 243 -8.17 25.82 -8.77
C VAL A 243 -8.86 25.23 -7.54
N GLY A 244 -8.34 25.56 -6.37
CA GLY A 244 -8.94 25.19 -5.10
C GLY A 244 -8.46 23.90 -4.47
N THR A 245 -8.19 22.88 -5.28
CA THR A 245 -7.83 21.56 -4.79
C THR A 245 -6.40 21.16 -5.11
N ARG A 246 -5.88 21.52 -6.28
CA ARG A 246 -4.55 21.09 -6.67
C ARG A 246 -3.87 22.28 -7.36
N GLU A 247 -3.19 23.11 -6.56
CA GLU A 247 -2.54 24.30 -7.07
C GLU A 247 -1.02 24.18 -6.94
N PRO A 248 -0.27 24.65 -7.94
CA PRO A 248 1.21 24.57 -7.85
C PRO A 248 1.77 25.57 -6.85
N ASN A 249 2.16 25.10 -5.66
CA ASN A 249 2.55 25.97 -4.57
C ASN A 249 3.95 25.63 -4.08
N ALA A 250 4.58 26.62 -3.42
CA ALA A 250 5.77 26.41 -2.58
C ALA A 250 6.92 25.76 -3.36
N ASN A 251 7.32 26.42 -4.45
CA ASN A 251 8.41 25.94 -5.30
C ASN A 251 9.53 26.97 -5.28
N THR A 252 10.68 26.60 -4.73
CA THR A 252 11.80 27.50 -4.55
C THR A 252 13.00 27.02 -5.37
N PHE A 253 13.73 27.96 -5.95
CA PHE A 253 14.85 27.68 -6.84
C PHE A 253 16.09 28.38 -6.30
N TYR A 254 17.15 27.61 -6.07
CA TYR A 254 18.42 28.12 -5.57
C TYR A 254 19.50 27.89 -6.63
N ASN A 255 20.07 28.99 -7.13
CA ASN A 255 21.22 28.95 -8.04
C ASN A 255 20.92 28.16 -9.31
N CYS A 256 19.66 28.11 -9.72
CA CYS A 256 19.31 27.40 -10.94
C CYS A 256 19.56 28.29 -12.15
N ILE A 257 19.69 27.64 -13.32
CA ILE A 257 20.04 28.33 -14.56
C ILE A 257 18.98 28.00 -15.60
N PHE A 258 18.48 29.03 -16.28
CA PHE A 258 17.49 28.87 -17.34
C PHE A 258 18.01 29.57 -18.59
N ARG A 259 18.45 28.79 -19.58
CA ARG A 259 19.03 29.32 -20.80
C ARG A 259 18.34 28.73 -22.03
N LYS A 260 18.30 29.54 -23.09
CA LYS A 260 17.97 29.08 -24.44
C LYS A 260 16.54 28.54 -24.54
N GLY A 261 15.59 29.23 -23.92
CA GLY A 261 14.19 28.88 -24.10
C GLY A 261 13.68 29.34 -25.45
N THR A 262 12.71 28.59 -25.99
CA THR A 262 12.19 28.91 -27.32
C THR A 262 10.67 28.85 -27.41
N ASP A 263 9.97 28.55 -26.32
CA ASP A 263 8.51 28.49 -26.32
C ASP A 263 7.94 29.86 -25.98
N ASP A 264 6.65 29.91 -25.66
CA ASP A 264 6.04 31.19 -25.30
C ASP A 264 6.58 31.70 -23.98
N CYS A 265 6.99 30.80 -23.08
CA CYS A 265 7.61 31.21 -21.84
C CYS A 265 8.52 30.08 -21.36
N MSE A 266 9.34 30.40 -20.36
CA MSE A 266 10.28 29.43 -19.81
C MSE A 266 9.65 28.69 -18.63
O MSE A 266 9.74 27.47 -18.54
CB MSE A 266 11.57 30.13 -19.36
CG MSE A 266 12.72 29.20 -19.07
SE MSE A 266 13.22 28.09 -20.60
CE MSE A 266 15.08 27.76 -20.14
N ILE A 267 9.00 29.45 -17.74
CA ILE A 267 8.33 28.90 -16.57
C ILE A 267 6.88 29.32 -16.61
N GLU A 268 5.98 28.38 -16.31
CA GLU A 268 4.55 28.64 -16.39
C GLU A 268 3.82 27.82 -15.34
N TRP A 269 2.88 28.47 -14.65
CA TRP A 269 1.98 27.78 -13.74
C TRP A 269 0.69 28.57 -13.64
N ASP A 270 -0.40 27.88 -13.32
CA ASP A 270 -1.72 28.49 -13.30
C ASP A 270 -2.40 28.19 -11.96
N SER A 271 -3.73 28.29 -11.95
CA SER A 271 -4.56 27.98 -10.78
C SER A 271 -4.24 28.84 -9.58
N TYR A 272 -3.66 30.02 -9.80
CA TYR A 272 -3.28 30.95 -8.73
C TYR A 272 -2.32 30.29 -7.75
N GLY A 273 -1.34 29.56 -8.28
CA GLY A 273 -0.36 28.92 -7.43
C GLY A 273 0.48 29.95 -6.69
N THR A 274 0.88 29.58 -5.48
CA THR A 274 1.50 30.52 -4.54
C THR A 274 2.95 30.16 -4.27
N GLN A 275 3.74 31.20 -3.99
CA GLN A 275 5.10 31.08 -3.45
C GLN A 275 6.03 30.35 -4.42
N TRP A 276 6.37 31.06 -5.49
CA TRP A 276 7.44 30.68 -6.41
C TRP A 276 8.54 31.74 -6.28
N HIS A 277 9.67 31.37 -5.69
CA HIS A 277 10.75 32.31 -5.43
C HIS A 277 12.05 31.78 -6.02
N PHE A 278 12.95 32.72 -6.33
CA PHE A 278 14.18 32.43 -7.05
C PHE A 278 15.35 33.10 -6.34
N PHE A 279 16.19 32.30 -5.70
CA PHE A 279 17.37 32.80 -4.97
C PHE A 279 18.60 32.62 -5.85
N ALA A 280 19.18 33.74 -6.29
CA ALA A 280 20.44 33.76 -7.02
C ALA A 280 20.37 32.91 -8.30
N CYS A 281 19.21 32.93 -8.96
CA CYS A 281 19.04 32.17 -10.18
C CYS A 281 19.55 32.95 -11.38
N ASP A 282 19.71 32.26 -12.50
CA ASP A 282 20.28 32.82 -13.71
C ASP A 282 19.33 32.57 -14.87
N LEU A 283 18.68 33.63 -15.35
CA LEU A 283 17.75 33.57 -16.49
C LEU A 283 18.33 34.42 -17.60
N GLU A 284 19.07 33.79 -18.52
CA GLU A 284 19.75 34.54 -19.57
C GLU A 284 19.73 33.74 -20.87
N GLN A 285 19.94 34.47 -21.97
CA GLN A 285 20.13 33.90 -23.31
C GLN A 285 18.90 33.12 -23.78
N ASN A 286 17.71 33.54 -23.35
CA ASN A 286 16.48 32.90 -23.78
C ASN A 286 15.93 33.58 -25.03
N LEU A 287 15.03 32.87 -25.71
CA LEU A 287 14.39 33.34 -26.93
C LEU A 287 12.88 33.17 -26.83
N CYS A 288 12.32 33.38 -25.64
CA CYS A 288 10.89 33.21 -25.43
C CYS A 288 10.11 34.25 -26.23
N THR A 289 8.94 33.85 -26.72
CA THR A 289 8.18 34.73 -27.61
C THR A 289 7.32 35.73 -26.86
N GLU A 290 6.89 35.40 -25.64
CA GLU A 290 6.01 36.29 -24.89
C GLU A 290 6.65 36.80 -23.61
N ALA A 291 7.07 35.91 -22.71
CA ALA A 291 7.69 36.30 -21.47
C ALA A 291 8.60 35.18 -20.99
N LEU A 292 9.42 35.49 -19.98
CA LEU A 292 10.21 34.44 -19.34
C LEU A 292 9.36 33.67 -18.34
N ILE A 293 8.48 34.37 -17.61
CA ILE A 293 7.60 33.77 -16.63
C ILE A 293 6.18 34.26 -16.91
N LYS A 294 5.32 33.36 -17.39
CA LYS A 294 3.91 33.63 -17.60
C LYS A 294 3.12 32.80 -16.61
N CYS A 295 2.45 33.45 -15.67
CA CYS A 295 1.81 32.72 -14.59
C CYS A 295 0.47 33.35 -14.22
N THR A 296 -0.51 32.50 -13.96
CA THR A 296 -1.75 32.88 -13.29
C THR A 296 -1.54 32.53 -11.83
N ALA A 297 -1.05 33.50 -11.06
CA ALA A 297 -0.56 33.23 -9.72
C ALA A 297 -1.17 34.19 -8.71
N SER A 298 -1.05 33.80 -7.44
CA SER A 298 -1.29 34.67 -6.29
C SER A 298 -0.09 34.57 -5.38
N SER A 299 -0.08 35.41 -4.32
CA SER A 299 1.04 35.56 -3.39
C SER A 299 2.23 36.18 -4.10
N PRO A 300 3.20 36.74 -3.37
CA PRO A 300 4.30 37.44 -4.03
C PRO A 300 5.25 36.50 -4.75
N ILE A 301 5.99 37.09 -5.69
CA ILE A 301 7.06 36.41 -6.43
C ILE A 301 8.32 37.23 -6.23
N MSE A 302 9.36 36.61 -5.68
CA MSE A 302 10.57 37.34 -5.34
C MSE A 302 11.83 36.76 -6.00
O MSE A 302 11.99 35.56 -6.11
CB MSE A 302 10.77 37.37 -3.83
CG MSE A 302 9.63 37.99 -3.06
SE MSE A 302 9.97 38.02 -1.15
CE MSE A 302 10.42 36.14 -0.90
N PHE A 303 12.71 37.66 -6.44
CA PHE A 303 14.01 37.31 -6.98
C PHE A 303 15.07 37.88 -6.04
N VAL A 304 15.71 37.02 -5.26
CA VAL A 304 16.71 37.44 -4.28
C VAL A 304 18.07 37.13 -4.89
N GLY A 305 18.66 38.13 -5.56
CA GLY A 305 19.93 37.97 -6.23
C GLY A 305 19.82 37.18 -7.51
N GLY A 306 20.77 37.37 -8.43
CA GLY A 306 20.82 36.57 -9.65
C GLY A 306 20.92 37.44 -10.88
N TYR A 307 20.65 36.84 -12.04
CA TYR A 307 20.76 37.50 -13.32
C TYR A 307 19.48 37.31 -14.12
N ILE A 308 19.04 38.39 -14.78
CA ILE A 308 18.01 38.32 -15.80
C ILE A 308 18.49 39.19 -16.96
N GLU A 309 19.17 38.58 -17.94
CA GLU A 309 19.85 39.35 -18.96
C GLU A 309 19.83 38.58 -20.28
N ALA A 310 20.31 39.24 -21.34
CA ALA A 310 20.54 38.63 -22.64
C ALA A 310 19.27 38.00 -23.22
N ASN A 311 18.12 38.62 -22.97
CA ASN A 311 16.87 38.15 -23.53
C ASN A 311 16.32 39.20 -24.49
N THR A 312 17.06 39.48 -25.57
CA THR A 312 16.76 40.62 -26.42
C THR A 312 15.47 40.44 -27.20
N SER A 313 15.06 39.20 -27.45
CA SER A 313 13.86 38.91 -28.24
C SER A 313 12.63 38.60 -27.41
N THR A 314 12.75 38.59 -26.09
CA THR A 314 11.61 38.28 -25.23
C THR A 314 10.93 39.57 -24.81
N PRO A 315 9.63 39.75 -25.06
CA PRO A 315 8.98 41.02 -24.70
C PRO A 315 9.02 41.33 -23.22
N TYR A 316 8.61 40.41 -22.37
CA TYR A 316 8.50 40.67 -20.94
C TYR A 316 9.35 39.68 -20.16
N VAL A 317 9.74 40.10 -18.96
CA VAL A 317 10.43 39.19 -18.04
C VAL A 317 9.42 38.34 -17.29
N ILE A 318 8.40 38.97 -16.72
CA ILE A 318 7.34 38.26 -16.02
C ILE A 318 6.01 38.88 -16.41
N LYS A 319 5.01 38.04 -16.65
CA LYS A 319 3.68 38.47 -17.08
C LYS A 319 2.65 37.72 -16.24
N THR A 320 1.94 38.45 -15.38
CA THR A 320 0.92 37.86 -14.52
C THR A 320 -0.44 37.86 -15.22
N LEU A 321 -1.22 36.83 -14.95
CA LEU A 321 -2.54 36.65 -15.55
C LEU A 321 -3.55 36.29 -14.47
N GLY A 322 -4.81 36.24 -14.87
CA GLY A 322 -5.89 35.82 -13.99
C GLY A 322 -6.86 36.95 -13.70
N ASN A 323 -7.70 36.71 -12.70
CA ASN A 323 -8.71 37.67 -12.25
C ASN A 323 -8.36 38.07 -10.82
N SER A 324 -8.18 39.38 -10.60
CA SER A 324 -7.78 39.87 -9.29
C SER A 324 -8.85 39.64 -8.24
N ALA A 325 -10.10 39.46 -8.64
CA ALA A 325 -11.15 39.16 -7.68
C ALA A 325 -10.95 37.79 -7.06
N THR A 326 -10.42 36.83 -7.82
CA THR A 326 -10.12 35.51 -7.30
C THR A 326 -8.79 35.48 -6.56
N GLY A 327 -7.77 36.11 -7.13
CA GLY A 327 -6.46 36.16 -6.51
C GLY A 327 -5.50 36.92 -7.40
N PHE A 328 -4.41 37.36 -6.79
CA PHE A 328 -3.42 38.14 -7.50
C PHE A 328 -2.09 38.10 -6.78
N VAL A 329 -1.04 38.47 -7.49
CA VAL A 329 0.28 38.67 -6.90
C VAL A 329 0.30 40.08 -6.31
N PRO A 330 0.58 40.24 -5.02
CA PRO A 330 0.61 41.59 -4.45
C PRO A 330 1.91 42.31 -4.77
N LEU A 331 3.00 41.56 -4.86
CA LEU A 331 4.32 42.14 -5.02
C LEU A 331 5.22 41.23 -5.84
N ILE A 332 5.96 41.82 -6.77
CA ILE A 332 7.05 41.16 -7.47
C ILE A 332 8.31 41.95 -7.16
N LYS A 333 9.20 41.37 -6.37
CA LYS A 333 10.40 42.06 -5.89
C LYS A 333 11.62 41.55 -6.64
N PHE A 334 12.38 42.49 -7.22
CA PHE A 334 13.67 42.20 -7.85
C PHE A 334 14.73 42.76 -6.90
N GLN A 335 15.21 41.90 -6.00
CA GLN A 335 16.15 42.31 -4.95
C GLN A 335 17.57 42.03 -5.42
N GLY A 336 18.25 43.08 -5.88
CA GLY A 336 19.64 42.97 -6.27
C GLY A 336 19.87 42.08 -7.47
N ILE A 337 19.17 42.33 -8.57
CA ILE A 337 19.25 41.52 -9.77
C ILE A 337 20.11 42.24 -10.80
N HIS A 338 21.04 41.50 -11.41
CA HIS A 338 21.83 42.05 -12.50
C HIS A 338 21.04 41.90 -13.80
N MSE A 339 20.62 43.02 -14.38
CA MSE A 339 19.73 42.98 -15.52
C MSE A 339 20.27 43.75 -16.73
O MSE A 339 19.85 44.87 -17.00
CB MSE A 339 18.36 43.54 -15.14
CG MSE A 339 17.66 42.73 -14.05
SE MSE A 339 15.98 43.53 -13.47
CE MSE A 339 14.77 42.08 -13.96
N ASN A 340 21.18 43.12 -17.46
CA ASN A 340 21.73 43.68 -18.70
C ASN A 340 20.84 43.25 -19.86
N ARG A 341 19.92 44.13 -20.26
CA ARG A 341 18.94 43.82 -21.30
C ARG A 341 18.08 42.61 -20.92
N PRO A 342 17.22 42.74 -19.91
CA PRO A 342 16.43 41.58 -19.47
C PRO A 342 15.30 41.22 -20.42
N CYS A 343 14.83 42.17 -21.24
CA CYS A 343 13.70 41.92 -22.13
C CYS A 343 13.68 43.05 -23.18
N SER A 344 12.60 43.10 -23.96
CA SER A 344 12.50 44.04 -25.07
C SER A 344 11.37 45.04 -24.95
N VAL A 345 10.34 44.78 -24.15
CA VAL A 345 9.22 45.71 -24.03
C VAL A 345 9.13 46.26 -22.61
N ALA A 346 8.96 45.36 -21.63
CA ALA A 346 8.86 45.78 -20.24
C ALA A 346 9.19 44.59 -19.35
N ILE A 347 9.90 44.85 -18.25
CA ILE A 347 10.27 43.78 -17.33
C ILE A 347 9.01 43.15 -16.73
N GLY A 348 8.15 43.96 -16.13
CA GLY A 348 6.91 43.47 -15.57
C GLY A 348 5.70 43.86 -16.40
N LYS A 349 4.94 42.87 -16.85
CA LYS A 349 3.73 43.10 -17.62
C LYS A 349 2.54 42.69 -16.78
N ASN A 350 1.60 43.61 -16.58
CA ASN A 350 0.40 43.36 -15.82
C ASN A 350 -0.80 43.23 -16.76
N THR A 351 -1.65 42.24 -16.50
CA THR A 351 -2.93 42.13 -17.18
C THR A 351 -4.10 42.50 -16.29
N MSE A 352 -3.88 42.62 -14.98
CA MSE A 352 -4.88 43.12 -14.05
C MSE A 352 -4.59 44.59 -13.75
O MSE A 352 -3.45 45.04 -13.88
CB MSE A 352 -4.89 42.33 -12.75
CG MSE A 352 -4.79 40.83 -12.89
SE MSE A 352 -4.23 40.08 -11.18
CE MSE A 352 -4.66 38.21 -11.48
N ALA A 353 -5.60 45.32 -13.32
CA ALA A 353 -5.39 46.70 -12.89
C ALA A 353 -4.71 46.71 -11.52
N ASN A 354 -3.84 47.70 -11.31
CA ASN A 354 -3.24 47.99 -10.01
C ASN A 354 -2.23 46.95 -9.54
N TYR A 355 -2.51 45.67 -9.79
CA TYR A 355 -1.67 44.62 -9.25
C TYR A 355 -1.00 43.81 -10.38
N PRO A 356 0.22 43.32 -10.16
CA PRO A 356 1.03 43.47 -8.94
C PRO A 356 1.80 44.79 -8.85
N LYS A 357 2.24 45.12 -7.64
CA LYS A 357 3.20 46.19 -7.45
C LYS A 357 4.62 45.63 -7.60
N TYR A 358 5.56 46.53 -7.85
CA TYR A 358 6.93 46.13 -8.14
C TYR A 358 7.90 46.83 -7.20
N ILE A 359 8.93 46.11 -6.79
CA ILE A 359 10.05 46.66 -6.04
C ILE A 359 11.33 46.32 -6.79
N PHE A 360 12.09 47.35 -7.14
CA PHE A 360 13.41 47.19 -7.76
C PHE A 360 14.42 47.74 -6.76
N GLU A 361 15.12 46.83 -6.08
CA GLU A 361 16.01 47.16 -4.97
C GLU A 361 17.44 46.86 -5.39
N GLY A 362 18.19 47.91 -5.71
CA GLY A 362 19.60 47.76 -6.03
C GLY A 362 19.91 47.06 -7.32
N CYS A 363 18.96 47.00 -8.25
CA CYS A 363 19.20 46.33 -9.52
C CYS A 363 20.22 47.11 -10.35
N TYR A 364 20.87 46.41 -11.27
CA TYR A 364 21.99 46.96 -12.03
C TYR A 364 22.00 46.37 -13.43
N GLY A 365 22.03 47.23 -14.44
CA GLY A 365 22.13 46.78 -15.80
C GLY A 365 21.74 47.87 -16.79
N GLN A 366 21.52 47.45 -18.02
CA GLN A 366 21.19 48.34 -19.13
C GLN A 366 19.87 47.88 -19.75
N LEU A 367 19.02 48.84 -20.09
CA LEU A 367 17.66 48.56 -20.54
C LEU A 367 17.47 48.91 -22.01
N ILE A 368 16.90 47.98 -22.77
CA ILE A 368 16.35 48.26 -24.09
C ILE A 368 14.82 48.22 -24.06
N SER A 369 14.23 48.38 -22.87
CA SER A 369 12.82 48.22 -22.67
C SER A 369 12.35 49.18 -21.60
N ALA A 370 11.05 49.13 -21.29
CA ALA A 370 10.52 49.85 -20.15
C ALA A 370 10.68 49.01 -18.89
N VAL A 371 10.40 49.64 -17.74
CA VAL A 371 10.52 48.92 -16.48
C VAL A 371 9.27 48.11 -16.21
N VAL A 372 8.09 48.72 -16.31
CA VAL A 372 6.82 48.04 -16.12
C VAL A 372 5.84 48.51 -17.17
N GLU A 373 4.77 47.74 -17.34
CA GLU A 373 3.67 48.10 -18.23
C GLU A 373 2.36 47.70 -17.56
N SER A 374 1.45 48.66 -17.43
CA SER A 374 0.19 48.40 -16.76
C SER A 374 -0.73 47.57 -17.65
N SER A 375 -1.88 47.18 -17.10
CA SER A 375 -2.86 46.43 -17.86
C SER A 375 -3.46 47.25 -18.99
N THR A 376 -3.41 48.57 -18.89
CA THR A 376 -3.91 49.47 -19.93
C THR A 376 -2.80 49.94 -20.87
N GLY A 377 -1.60 49.38 -20.75
CA GLY A 377 -0.51 49.70 -21.64
C GLY A 377 0.36 50.86 -21.22
N VAL A 378 0.14 51.43 -20.04
CA VAL A 378 0.93 52.58 -19.61
C VAL A 378 2.33 52.10 -19.21
N LEU A 379 3.34 52.57 -19.92
CA LEU A 379 4.72 52.21 -19.62
C LEU A 379 5.22 53.00 -18.42
N ASN A 380 5.94 52.31 -17.53
CA ASN A 380 6.56 52.93 -16.37
C ASN A 380 5.54 53.63 -15.48
N ASP A 381 4.38 52.98 -15.31
CA ASP A 381 3.34 53.49 -14.43
C ASP A 381 3.84 53.49 -12.99
N VAL A 382 4.07 54.69 -12.45
CA VAL A 382 4.60 54.80 -11.09
C VAL A 382 3.60 54.29 -10.07
N ALA A 383 2.31 54.23 -10.41
CA ALA A 383 1.33 53.67 -9.50
C ALA A 383 1.56 52.19 -9.23
N LEU A 384 2.34 51.52 -10.09
CA LEU A 384 2.69 50.12 -9.91
C LEU A 384 4.04 49.94 -9.22
N ILE A 385 4.74 51.02 -8.91
CA ILE A 385 6.07 50.96 -8.31
C ILE A 385 5.88 51.10 -6.80
N GLU A 386 6.01 49.99 -6.09
CA GLU A 386 5.94 50.05 -4.63
C GLU A 386 7.21 50.68 -4.04
N ASN A 387 8.36 50.45 -4.66
CA ASN A 387 9.61 51.07 -4.23
C ASN A 387 10.66 50.86 -5.31
N SER A 388 11.54 51.85 -5.45
CA SER A 388 12.62 51.80 -6.45
C SER A 388 13.80 52.55 -5.86
N ILE A 389 14.76 51.82 -5.28
CA ILE A 389 15.86 52.41 -4.54
C ILE A 389 17.18 51.82 -5.02
N ALA A 390 18.19 52.68 -5.15
CA ALA A 390 19.57 52.28 -5.44
C ALA A 390 19.69 51.50 -6.75
N ASN A 391 18.79 51.76 -7.70
CA ASN A 391 18.85 51.11 -9.00
C ASN A 391 19.73 51.92 -9.95
N HIS A 392 20.49 51.21 -10.78
CA HIS A 392 21.26 51.82 -11.85
C HIS A 392 20.85 51.19 -13.17
N PHE A 393 20.27 52.01 -14.06
CA PHE A 393 19.82 51.55 -15.36
C PHE A 393 20.34 52.52 -16.42
N THR A 394 21.12 52.00 -17.36
CA THR A 394 21.51 52.75 -18.54
C THR A 394 20.52 52.48 -19.65
N LEU A 395 20.13 53.52 -20.37
CA LEU A 395 19.09 53.42 -21.40
C LEU A 395 19.75 53.25 -22.76
N ALA A 396 19.47 52.12 -23.40
CA ALA A 396 19.85 51.87 -24.78
C ALA A 396 18.65 52.10 -25.68
N THR A 397 18.77 51.73 -26.96
CA THR A 397 17.69 51.95 -27.91
C THR A 397 16.44 51.18 -27.49
N GLY A 398 15.35 51.92 -27.27
CA GLY A 398 14.12 51.33 -26.80
C GLY A 398 13.94 51.34 -25.29
N GLY A 399 14.96 51.71 -24.54
CA GLY A 399 14.84 51.74 -23.09
C GLY A 399 14.20 53.01 -22.59
N SER A 400 13.50 52.88 -21.46
CA SER A 400 12.79 54.00 -20.86
C SER A 400 12.51 53.69 -19.40
N ILE A 401 12.59 54.72 -18.56
CA ILE A 401 12.25 54.60 -17.15
C ILE A 401 11.13 55.55 -16.73
N GLY A 402 10.79 56.54 -17.55
CA GLY A 402 9.71 57.44 -17.19
C GLY A 402 10.06 58.27 -15.96
N ASP A 403 9.12 58.31 -15.01
CA ASP A 403 9.30 59.05 -13.77
C ASP A 403 9.84 58.18 -12.65
N ILE A 404 10.33 56.98 -12.95
CA ILE A 404 10.88 56.09 -11.93
C ILE A 404 12.30 56.54 -11.60
N ARG A 405 12.61 56.58 -10.31
CA ARG A 405 13.88 57.10 -9.85
C ARG A 405 14.99 56.07 -10.02
N THR A 406 16.16 56.54 -10.46
CA THR A 406 17.38 55.75 -10.54
C THR A 406 18.52 56.57 -9.98
N LEU A 407 19.68 55.93 -9.84
CA LEU A 407 20.85 56.63 -9.31
C LEU A 407 21.29 57.77 -10.21
N THR A 408 21.17 57.58 -11.54
CA THR A 408 21.50 58.63 -12.49
C THR A 408 20.31 59.53 -12.82
N MSE A 409 19.12 59.20 -12.33
CA MSE A 409 17.93 60.04 -12.53
C MSE A 409 17.25 60.33 -11.20
O MSE A 409 16.18 59.79 -10.91
CB MSE A 409 16.96 59.37 -13.49
CG MSE A 409 17.30 59.54 -14.96
SE MSE A 409 16.80 61.31 -15.62
CE MSE A 409 14.87 61.20 -15.29
N PRO A 410 17.86 61.20 -10.39
CA PRO A 410 17.28 61.49 -9.06
C PRO A 410 15.95 62.21 -9.12
N SER A 411 15.60 62.81 -10.26
CA SER A 411 14.34 63.54 -10.37
C SER A 411 13.13 62.62 -10.33
N GLY A 412 13.32 61.33 -10.54
CA GLY A 412 12.22 60.38 -10.50
C GLY A 412 11.73 60.12 -9.09
N PHE A 413 10.69 59.29 -9.01
CA PHE A 413 10.06 58.95 -7.74
C PHE A 413 10.52 57.58 -7.27
N ASN A 414 10.79 57.46 -5.97
CA ASN A 414 11.12 56.15 -5.41
C ASN A 414 9.89 55.26 -5.32
N ALA A 415 8.72 55.86 -5.11
CA ALA A 415 7.47 55.12 -4.97
C ALA A 415 6.33 56.05 -5.32
N ASP A 416 5.13 55.48 -5.45
CA ASP A 416 3.97 56.28 -5.76
C ASP A 416 3.50 57.06 -4.54
N SER A 417 3.37 56.38 -3.39
CA SER A 417 2.84 57.02 -2.20
C SER A 417 3.36 56.31 -0.95
N ARG A 418 3.46 57.08 0.13
CA ARG A 418 3.81 56.57 1.45
C ARG A 418 3.04 57.37 2.48
N ASN A 419 2.54 56.69 3.51
CA ASN A 419 1.80 57.35 4.59
C ASN A 419 2.51 57.06 5.90
N PHE A 420 2.91 58.12 6.60
CA PHE A 420 3.56 58.02 7.89
C PHE A 420 2.77 58.80 8.93
N GLN A 421 2.83 58.34 10.18
CA GLN A 421 2.22 59.09 11.27
C GLN A 421 3.05 60.29 11.68
N ALA A 422 4.34 60.30 11.36
CA ALA A 422 5.22 61.41 11.67
C ALA A 422 6.38 61.40 10.70
N ALA A 423 6.98 62.58 10.50
CA ALA A 423 8.10 62.70 9.59
C ALA A 423 8.82 64.02 9.84
N LYS A 424 10.15 63.97 9.79
CA LYS A 424 10.99 65.17 9.84
C LYS A 424 11.80 65.20 8.55
N ILE A 425 11.48 66.15 7.68
CA ILE A 425 12.15 66.32 6.39
C ILE A 425 12.83 67.67 6.41
N THR A 426 14.15 67.67 6.25
CA THR A 426 14.90 68.92 6.32
C THR A 426 14.54 69.84 5.16
N ASN A 427 14.60 69.34 3.94
CA ASN A 427 14.31 70.13 2.73
C ASN A 427 13.18 69.43 1.98
N LEU A 428 11.97 69.97 2.10
CA LEU A 428 10.79 69.40 1.46
C LEU A 428 10.37 70.25 0.27
N THR A 429 10.10 69.59 -0.85
CA THR A 429 9.60 70.25 -2.05
C THR A 429 8.22 69.67 -2.35
N SER A 430 7.18 70.45 -2.03
CA SER A 430 5.81 70.01 -2.26
C SER A 430 4.96 71.27 -2.44
N TYR A 431 4.51 71.50 -3.67
CA TYR A 431 3.71 72.68 -3.96
C TYR A 431 2.22 72.40 -3.90
N LYS A 432 1.80 71.17 -4.21
CA LYS A 432 0.41 70.75 -4.05
C LYS A 432 0.19 70.13 -2.68
N HIS A 433 0.45 70.93 -1.65
CA HIS A 433 0.30 70.54 -0.26
C HIS A 433 -1.07 71.00 0.24
N ASN A 434 -1.88 70.05 0.72
CA ASN A 434 -3.26 70.34 1.12
C ASN A 434 -4.01 71.04 0.00
N TYR A 435 -3.89 70.48 -1.20
CA TYR A 435 -4.28 71.11 -2.44
C TYR A 435 -5.56 70.48 -2.97
N LYS A 436 -6.42 71.31 -3.54
CA LYS A 436 -7.65 70.84 -4.17
C LYS A 436 -7.92 71.63 -5.43
N LYS A 437 -8.37 70.92 -6.46
CA LYS A 437 -8.70 71.50 -7.76
C LYS A 437 -10.18 71.34 -8.03
N THR A 438 -10.83 72.43 -8.43
CA THR A 438 -12.22 72.40 -8.86
C THR A 438 -12.31 73.09 -10.20
N ILE A 439 -12.82 72.38 -11.21
CA ILE A 439 -12.89 72.92 -12.56
C ILE A 439 -14.34 73.12 -12.96
N ASN A 440 -14.56 73.67 -14.15
CA ASN A 440 -15.89 73.86 -14.71
C ASN A 440 -16.77 74.72 -13.80
N ARG A 441 -16.18 75.74 -13.20
CA ARG A 441 -16.91 76.71 -12.41
C ARG A 441 -17.48 77.76 -13.36
N ASP A 442 -18.74 77.55 -13.77
CA ASP A 442 -19.39 78.39 -14.78
C ASP A 442 -20.17 79.50 -14.09
N PHE A 443 -19.87 80.75 -14.46
CA PHE A 443 -20.47 81.91 -13.84
C PHE A 443 -21.25 82.73 -14.85
N THR A 444 -22.30 83.38 -14.37
CA THR A 444 -22.91 84.52 -15.03
C THR A 444 -22.62 85.76 -14.19
N VAL A 445 -23.00 86.92 -14.72
CA VAL A 445 -22.71 88.19 -14.05
C VAL A 445 -23.34 88.18 -12.66
N GLY A 446 -22.48 88.17 -11.63
CA GLY A 446 -22.93 88.21 -10.26
C GLY A 446 -23.37 86.88 -9.67
N SER A 447 -23.19 85.77 -10.39
CA SER A 447 -23.64 84.48 -9.90
C SER A 447 -22.65 83.91 -8.89
N SER A 448 -23.13 82.93 -8.12
CA SER A 448 -22.34 82.28 -7.07
C SER A 448 -22.21 80.80 -7.37
N VAL A 449 -21.00 80.27 -7.23
CA VAL A 449 -20.71 78.86 -7.49
C VAL A 449 -19.87 78.32 -6.35
N GLY A 450 -20.24 77.16 -5.83
CA GLY A 450 -19.44 76.53 -4.79
C GLY A 450 -18.14 75.98 -5.34
N VAL A 451 -17.08 76.11 -4.56
CA VAL A 451 -15.74 75.69 -4.95
C VAL A 451 -15.30 74.44 -4.20
N ALA A 452 -15.45 74.43 -2.88
CA ALA A 452 -15.01 73.29 -2.08
C ALA A 452 -15.77 73.29 -0.76
N SER A 453 -15.74 72.14 -0.10
CA SER A 453 -16.33 71.98 1.23
C SER A 453 -15.24 72.11 2.29
N LEU A 454 -15.54 72.85 3.34
CA LEU A 454 -14.61 73.09 4.44
C LEU A 454 -15.01 72.28 5.65
N SER A 455 -14.01 71.74 6.36
CA SER A 455 -14.27 70.95 7.55
C SER A 455 -12.98 70.80 8.33
N HIS A 456 -13.13 70.41 9.59
CA HIS A 456 -11.96 70.09 10.40
C HIS A 456 -11.34 68.80 9.89
N PRO A 457 -10.02 68.75 9.69
CA PRO A 457 -9.41 67.56 9.07
C PRO A 457 -9.17 66.40 10.03
N SER A 458 -9.20 66.64 11.34
CA SER A 458 -8.93 65.60 12.32
C SER A 458 -10.15 65.18 13.13
N ILE A 459 -11.00 66.14 13.50
CA ILE A 459 -12.16 65.89 14.33
C ILE A 459 -13.41 66.09 13.49
N SER A 460 -14.26 65.08 13.41
CA SER A 460 -15.43 65.13 12.55
C SER A 460 -16.46 66.11 13.11
N GLY A 461 -16.92 67.02 12.26
CA GLY A 461 -17.96 67.96 12.64
C GLY A 461 -17.52 69.04 13.61
N ALA A 462 -16.24 69.13 13.93
CA ALA A 462 -15.77 70.12 14.87
C ALA A 462 -15.60 71.49 14.19
N SER A 463 -15.41 72.51 15.01
CA SER A 463 -15.18 73.86 14.50
C SER A 463 -13.83 73.90 13.79
N TYR A 464 -13.84 74.23 12.51
CA TYR A 464 -12.60 74.36 11.76
C TYR A 464 -12.07 75.79 11.86
N GLY A 465 -10.82 75.96 11.43
CA GLY A 465 -10.18 77.25 11.49
C GLY A 465 -8.80 77.21 10.86
N GLY A 466 -8.61 77.98 9.79
CA GLY A 466 -7.33 77.97 9.12
C GLY A 466 -7.25 79.01 8.02
N ARG A 467 -6.28 78.82 7.14
CA ARG A 467 -5.99 79.75 6.06
C ARG A 467 -6.23 79.06 4.71
N LEU A 468 -6.68 79.85 3.73
CA LEU A 468 -6.95 79.36 2.40
C LEU A 468 -6.25 80.23 1.37
N LEU A 469 -5.49 79.60 0.48
CA LEU A 469 -4.88 80.27 -0.66
C LEU A 469 -5.58 79.77 -1.93
N VAL A 470 -6.30 80.66 -2.60
CA VAL A 470 -7.08 80.31 -3.78
C VAL A 470 -6.46 81.00 -5.00
N ASN A 471 -6.16 80.22 -6.02
CA ASN A 471 -5.70 80.73 -7.31
C ASN A 471 -6.78 80.42 -8.33
N ALA A 472 -7.53 81.44 -8.73
CA ALA A 472 -8.59 81.29 -9.72
C ALA A 472 -8.07 81.72 -11.08
N ILE A 473 -8.39 80.94 -12.11
CA ILE A 473 -7.96 81.21 -13.47
C ILE A 473 -9.14 81.09 -14.42
N PHE A 474 -8.98 81.67 -15.60
CA PHE A 474 -9.97 81.54 -16.66
C PHE A 474 -9.71 80.26 -17.44
N GLY A 475 -10.76 79.46 -17.62
CA GLY A 475 -10.62 78.18 -18.28
C GLY A 475 -10.47 77.03 -17.30
N THR A 476 -9.67 76.03 -17.68
CA THR A 476 -9.50 74.83 -16.86
C THR A 476 -8.08 74.68 -16.35
N THR A 477 -7.08 74.78 -17.21
CA THR A 477 -5.68 74.59 -16.85
C THR A 477 -4.88 75.82 -17.22
N ALA A 478 -4.05 76.28 -16.30
CA ALA A 478 -3.27 77.50 -16.52
C ALA A 478 -2.25 77.29 -17.63
N ALA A 479 -2.00 78.35 -18.39
CA ALA A 479 -1.00 78.35 -19.45
C ALA A 479 -0.40 79.75 -19.54
N ALA A 480 0.40 79.99 -20.56
CA ALA A 480 0.99 81.30 -20.77
C ALA A 480 -0.11 82.29 -21.14
N GLY A 481 -0.18 83.40 -20.39
CA GLY A 481 -1.16 84.44 -20.65
C GLY A 481 -2.53 84.19 -20.08
N THR A 482 -2.69 83.19 -19.22
CA THR A 482 -3.99 82.91 -18.62
C THR A 482 -4.30 83.93 -17.54
N ASN A 483 -5.50 84.50 -17.58
CA ASN A 483 -5.94 85.42 -16.55
C ASN A 483 -5.95 84.73 -15.20
N SER A 484 -5.25 85.30 -14.22
CA SER A 484 -5.06 84.67 -12.93
C SER A 484 -5.33 85.66 -11.81
N ALA A 485 -5.74 85.14 -10.66
CA ALA A 485 -5.94 85.93 -9.46
C ALA A 485 -5.72 85.05 -8.25
N VAL A 486 -5.12 85.62 -7.21
CA VAL A 486 -4.83 84.89 -5.97
C VAL A 486 -5.55 85.58 -4.83
N TYR A 487 -6.07 84.78 -3.89
CA TYR A 487 -6.80 85.28 -2.75
C TYR A 487 -6.30 84.61 -1.49
N GLU A 488 -6.14 85.39 -0.42
CA GLU A 488 -5.70 84.88 0.88
C GLU A 488 -6.85 85.01 1.85
N LEU A 489 -7.35 83.89 2.36
CA LEU A 489 -8.56 83.88 3.17
C LEU A 489 -8.31 83.22 4.51
N LEU A 490 -8.79 83.85 5.58
CA LEU A 490 -8.86 83.24 6.89
C LEU A 490 -10.29 82.79 7.15
N VAL A 491 -10.45 81.52 7.51
CA VAL A 491 -11.78 80.95 7.72
C VAL A 491 -11.84 80.23 9.06
N THR A 492 -13.02 80.25 9.65
CA THR A 492 -13.33 79.49 10.86
C THR A 492 -14.85 79.51 11.03
N SER A 493 -15.35 78.58 11.84
CA SER A 493 -16.78 78.45 12.04
C SER A 493 -17.07 78.16 13.50
N VAL A 494 -18.23 78.62 13.96
CA VAL A 494 -18.74 78.33 15.30
C VAL A 494 -20.21 77.94 15.11
N GLY A 495 -20.47 76.65 14.95
CA GLY A 495 -21.83 76.21 14.71
C GLY A 495 -22.29 76.67 13.34
N THR A 496 -23.48 77.29 13.31
CA THR A 496 -24.02 77.83 12.07
C THR A 496 -23.32 79.11 11.63
N ALA A 497 -22.53 79.73 12.51
CA ALA A 497 -21.86 80.99 12.19
C ALA A 497 -20.58 80.72 11.40
N LYS A 498 -20.47 81.34 10.24
CA LYS A 498 -19.31 81.19 9.36
C LYS A 498 -18.52 82.50 9.35
N TYR A 499 -17.21 82.40 9.51
CA TYR A 499 -16.33 83.56 9.57
C TYR A 499 -15.27 83.43 8.49
N ILE A 500 -15.24 84.39 7.56
CA ILE A 500 -14.24 84.43 6.50
C ILE A 500 -13.75 85.87 6.37
N SER A 501 -12.43 86.02 6.21
CA SER A 501 -11.81 87.34 6.11
C SER A 501 -10.75 87.29 5.03
N GLN A 502 -10.90 88.13 4.01
CA GLN A 502 -9.94 88.18 2.91
C GLN A 502 -8.72 88.97 3.35
N ILE A 503 -7.62 88.25 3.62
CA ILE A 503 -6.39 88.90 4.07
C ILE A 503 -5.80 89.77 2.96
N GLY A 504 -5.91 89.31 1.71
CA GLY A 504 -5.36 90.07 0.60
C GLY A 504 -5.71 89.41 -0.71
N SER A 505 -5.27 90.07 -1.79
CA SER A 505 -5.53 89.58 -3.13
C SER A 505 -4.52 90.19 -4.09
N ALA A 506 -4.41 89.59 -5.27
CA ALA A 506 -3.54 90.10 -6.32
C ALA A 506 -4.01 89.56 -7.66
N GLY A 507 -3.78 90.33 -8.71
CA GLY A 507 -4.18 89.95 -10.04
C GLY A 507 -5.47 90.62 -10.48
N LEU A 508 -6.12 90.00 -11.46
CA LEU A 508 -7.35 90.51 -12.04
C LEU A 508 -8.51 90.19 -11.11
N THR A 509 -8.70 91.05 -10.10
CA THR A 509 -9.66 90.83 -9.04
C THR A 509 -10.84 91.80 -9.08
N SER A 510 -10.96 92.61 -10.14
CA SER A 510 -11.98 93.65 -10.20
C SER A 510 -13.06 93.39 -11.24
N GLY A 511 -12.87 92.41 -12.12
CA GLY A 511 -13.90 92.10 -13.09
C GLY A 511 -14.04 93.11 -14.21
N ALA A 512 -12.94 93.75 -14.61
CA ALA A 512 -13.00 94.73 -15.68
C ALA A 512 -13.43 94.09 -17.00
N ALA A 513 -13.16 92.79 -17.16
CA ALA A 513 -13.60 92.03 -18.32
C ALA A 513 -14.24 90.73 -17.85
N ALA A 514 -14.93 90.07 -18.79
CA ALA A 514 -15.63 88.84 -18.44
C ALA A 514 -14.66 87.71 -18.11
N SER A 515 -13.51 87.67 -18.78
CA SER A 515 -12.53 86.60 -18.61
C SER A 515 -11.64 86.78 -17.39
N HIS A 516 -11.90 87.79 -16.55
CA HIS A 516 -11.05 88.00 -15.38
C HIS A 516 -11.53 87.16 -14.21
N PRO A 517 -10.64 86.42 -13.54
CA PRO A 517 -11.06 85.57 -12.41
C PRO A 517 -11.27 86.35 -11.12
N SER A 518 -12.29 87.21 -11.13
CA SER A 518 -12.57 88.13 -10.03
C SER A 518 -13.76 87.61 -9.24
N PHE A 519 -13.55 87.32 -7.95
CA PHE A 519 -14.59 86.71 -7.13
C PHE A 519 -14.50 87.23 -5.71
N THR A 520 -15.67 87.30 -5.07
CA THR A 520 -15.79 87.55 -3.64
C THR A 520 -16.18 86.24 -2.94
N TRP A 521 -15.59 86.00 -1.77
CA TRP A 521 -15.64 84.70 -1.14
C TRP A 521 -16.52 84.71 0.10
N SER A 522 -17.29 83.64 0.28
CA SER A 522 -18.19 83.48 1.41
C SER A 522 -18.27 82.00 1.76
N ILE A 523 -18.97 81.70 2.86
CA ILE A 523 -19.22 80.34 3.30
C ILE A 523 -20.70 80.24 3.63
N ASN A 524 -21.38 79.29 2.99
CA ASN A 524 -22.82 79.14 3.17
C ASN A 524 -23.10 78.23 4.38
N SER A 525 -24.37 77.88 4.58
CA SER A 525 -24.74 77.07 5.72
C SER A 525 -24.22 75.64 5.61
N SER A 526 -23.88 75.18 4.41
CA SER A 526 -23.34 73.84 4.20
C SER A 526 -21.81 73.81 4.28
N ASN A 527 -21.19 74.86 4.83
CA ASN A 527 -19.74 74.93 4.97
C ASN A 527 -19.02 74.81 3.62
N VAL A 528 -19.64 75.36 2.57
CA VAL A 528 -19.06 75.34 1.24
C VAL A 528 -18.43 76.70 0.95
N LEU A 529 -17.19 76.69 0.48
CA LEU A 529 -16.54 77.92 0.05
C LEU A 529 -17.15 78.36 -1.28
N VAL A 530 -17.86 79.48 -1.26
CA VAL A 530 -18.62 79.96 -2.40
C VAL A 530 -17.90 81.15 -3.02
N ALA A 531 -17.81 81.17 -4.35
CA ALA A 531 -17.24 82.28 -5.10
C ALA A 531 -18.36 82.98 -5.85
N THR A 532 -18.39 84.31 -5.74
CA THR A 532 -19.38 85.14 -6.42
C THR A 532 -18.69 86.04 -7.43
N ALA A 533 -19.15 86.00 -8.67
CA ALA A 533 -18.51 86.77 -9.73
C ALA A 533 -18.61 88.27 -9.44
N VAL A 534 -17.55 88.99 -9.77
CA VAL A 534 -17.43 90.42 -9.51
C VAL A 534 -17.40 91.17 -10.82
N GLY A 535 -18.17 92.23 -10.91
CA GLY A 535 -18.12 93.08 -12.10
C GLY A 535 -18.69 92.37 -13.31
N SER A 536 -17.90 92.35 -14.39
CA SER A 536 -18.32 91.74 -15.65
C SER A 536 -17.92 90.27 -15.75
N THR A 537 -17.35 89.70 -14.69
CA THR A 537 -16.83 88.34 -14.75
C THR A 537 -17.93 87.35 -15.09
N ALA A 538 -17.70 86.55 -16.12
CA ALA A 538 -18.64 85.51 -16.53
C ALA A 538 -17.92 84.51 -17.43
N GLY A 539 -18.25 83.23 -17.26
CA GLY A 539 -17.69 82.17 -18.06
C GLY A 539 -17.22 81.03 -17.19
N ARG A 540 -16.38 80.18 -17.76
CA ARG A 540 -15.87 78.99 -17.07
C ARG A 540 -14.52 79.29 -16.45
N PHE A 541 -14.39 79.00 -15.15
CA PHE A 541 -13.18 79.25 -14.39
C PHE A 541 -12.81 77.99 -13.61
N ALA A 542 -11.61 77.99 -13.06
CA ALA A 542 -11.10 76.87 -12.27
C ALA A 542 -10.29 77.38 -11.10
N MSE A 543 -10.58 76.87 -9.91
CA MSE A 543 -9.87 77.29 -8.70
C MSE A 543 -8.91 76.21 -8.21
O MSE A 543 -9.10 75.02 -8.44
CB MSE A 543 -10.88 77.63 -7.59
CG MSE A 543 -11.52 79.00 -7.69
SE MSE A 543 -12.73 79.18 -9.20
CE MSE A 543 -13.75 80.72 -8.58
N GLU A 544 -7.86 76.66 -7.52
CA GLU A 544 -6.91 75.79 -6.84
C GLU A 544 -6.73 76.31 -5.43
N VAL A 545 -7.09 75.49 -4.44
CA VAL A 545 -7.10 75.90 -3.05
C VAL A 545 -5.95 75.21 -2.32
N PHE A 546 -5.23 75.97 -1.50
CA PHE A 546 -4.14 75.47 -0.67
C PHE A 546 -4.46 75.85 0.77
N THR A 547 -4.71 74.86 1.62
CA THR A 547 -5.16 75.10 2.98
C THR A 547 -4.01 74.95 3.97
N THR A 548 -4.16 75.63 5.10
CA THR A 548 -3.20 75.58 6.19
C THR A 548 -3.96 75.65 7.51
N GLY A 549 -3.53 74.85 8.48
CA GLY A 549 -4.17 74.88 9.78
C GLY A 549 -5.25 73.82 9.94
N ASN A 550 -6.24 74.11 10.78
CA ASN A 550 -7.31 73.16 11.08
C ASN A 550 -8.48 73.26 10.09
N VAL A 551 -8.18 73.17 8.79
CA VAL A 551 -9.21 73.21 7.77
C VAL A 551 -8.73 72.45 6.55
N GLN A 552 -9.68 71.80 5.87
CA GLN A 552 -9.41 71.06 4.64
C GLN A 552 -10.50 71.37 3.63
N ALA A 553 -10.13 71.44 2.36
CA ALA A 553 -11.05 71.71 1.26
C ALA A 553 -11.25 70.42 0.48
N THR A 554 -12.45 69.86 0.56
CA THR A 554 -12.75 68.59 -0.12
C THR A 554 -13.95 68.73 -1.06
N MSE B 12 31.71 -22.54 -12.87
CA MSE B 12 33.11 -22.15 -12.74
C MSE B 12 33.49 -22.01 -11.27
O MSE B 12 32.69 -22.32 -10.38
CB MSE B 12 33.36 -20.83 -13.47
CG MSE B 12 34.63 -20.82 -14.32
SE MSE B 12 35.03 -19.07 -15.06
CE MSE B 12 35.99 -18.31 -13.55
N ASN B 13 34.71 -21.54 -11.03
CA ASN B 13 35.21 -21.36 -9.67
C ASN B 13 36.01 -20.05 -9.61
N LEU B 14 36.21 -19.57 -8.39
CA LEU B 14 37.06 -18.40 -8.20
C LEU B 14 38.52 -18.80 -8.46
N LYS B 15 39.22 -18.01 -9.27
CA LYS B 15 40.59 -18.38 -9.63
C LYS B 15 41.53 -18.25 -8.43
N GLY B 16 41.44 -17.14 -7.70
CA GLY B 16 42.30 -16.96 -6.55
C GLY B 16 42.21 -15.54 -6.03
N VAL B 17 43.14 -15.21 -5.15
CA VAL B 17 43.22 -13.90 -4.51
C VAL B 17 44.63 -13.35 -4.69
N VAL B 18 44.73 -12.07 -5.02
CA VAL B 18 46.01 -11.39 -5.18
C VAL B 18 46.06 -10.22 -4.20
N ASN B 19 47.28 -9.79 -3.88
CA ASN B 19 47.51 -8.80 -2.85
C ASN B 19 47.99 -7.45 -3.38
N SER B 20 48.25 -7.33 -4.68
CA SER B 20 48.78 -6.10 -5.24
C SER B 20 48.51 -6.07 -6.73
N LYS B 21 48.73 -4.90 -7.33
CA LYS B 21 48.56 -4.76 -8.78
C LYS B 21 49.68 -5.48 -9.52
N VAL B 22 50.89 -5.45 -8.98
CA VAL B 22 52.00 -6.15 -9.63
C VAL B 22 51.74 -7.65 -9.62
N GLU B 23 51.04 -8.15 -8.60
CA GLU B 23 50.70 -9.57 -8.56
C GLU B 23 49.61 -9.93 -9.56
N LEU B 24 48.83 -8.95 -10.01
CA LEU B 24 47.79 -9.22 -11.00
C LEU B 24 48.35 -9.24 -12.42
N GLU B 25 49.21 -8.28 -12.73
CA GLU B 25 49.75 -8.17 -14.08
C GLU B 25 50.67 -9.34 -14.40
N GLY B 26 51.46 -9.80 -13.41
CA GLY B 26 52.26 -10.98 -13.60
C GLY B 26 51.47 -12.27 -13.60
N LEU B 27 50.22 -12.24 -13.16
CA LEU B 27 49.38 -13.42 -13.13
C LEU B 27 48.77 -13.67 -14.49
N SER B 28 48.85 -14.92 -14.96
CA SER B 28 48.29 -15.29 -16.25
C SER B 28 46.94 -15.97 -16.06
N GLY B 29 46.09 -15.83 -17.07
CA GLY B 29 44.76 -16.40 -16.99
C GLY B 29 44.16 -16.59 -18.36
N SER B 30 42.92 -17.10 -18.37
CA SER B 30 42.15 -17.30 -19.58
C SER B 30 40.85 -16.52 -19.48
N ASP B 31 40.10 -16.49 -20.58
CA ASP B 31 38.89 -15.69 -20.64
C ASP B 31 37.87 -16.14 -19.60
N GLY B 32 37.19 -15.16 -19.00
CA GLY B 32 36.16 -15.42 -18.03
C GLY B 32 36.62 -15.66 -16.60
N GLN B 33 37.91 -15.89 -16.38
CA GLN B 33 38.39 -16.18 -15.03
C GLN B 33 38.29 -14.94 -14.16
N VAL B 34 37.86 -15.13 -12.91
CA VAL B 34 37.65 -14.04 -11.96
C VAL B 34 38.60 -14.22 -10.79
N VAL B 35 39.21 -13.11 -10.36
CA VAL B 35 40.12 -13.08 -9.22
C VAL B 35 39.71 -11.95 -8.29
N LEU B 36 40.08 -12.08 -7.03
CA LEU B 36 39.80 -11.07 -6.01
C LEU B 36 41.10 -10.38 -5.62
N MSE B 37 41.18 -9.09 -5.83
CA MSE B 37 42.33 -8.31 -5.37
C MSE B 37 42.00 -7.61 -4.06
O MSE B 37 41.02 -6.88 -3.97
CB MSE B 37 42.76 -7.28 -6.42
CG MSE B 37 43.85 -6.34 -5.94
SE MSE B 37 44.37 -5.00 -7.25
CE MSE B 37 45.19 -6.17 -8.54
N THR B 38 42.81 -7.86 -3.04
CA THR B 38 42.63 -7.26 -1.71
C THR B 38 43.63 -6.11 -1.60
N GLY B 39 43.22 -4.94 -2.08
CA GLY B 39 44.06 -3.77 -2.02
C GLY B 39 44.96 -3.60 -3.24
N TYR B 40 45.14 -2.35 -3.67
CA TYR B 40 45.99 -2.06 -4.82
C TYR B 40 47.46 -2.34 -4.51
N TYR B 41 47.89 -2.10 -3.27
CA TYR B 41 49.26 -2.38 -2.86
C TYR B 41 49.27 -3.42 -1.75
N ALA B 42 50.42 -4.05 -1.58
CA ALA B 42 50.57 -5.08 -0.55
C ALA B 42 50.43 -4.45 0.83
N GLY B 43 49.78 -5.18 1.74
CA GLY B 43 49.55 -4.69 3.08
C GLY B 43 48.41 -3.70 3.20
N GLN B 44 47.78 -3.31 2.10
CA GLN B 44 46.66 -2.37 2.12
C GLN B 44 45.39 -3.09 1.70
N TYR B 45 44.25 -2.56 2.17
CA TYR B 45 42.94 -3.08 1.81
C TYR B 45 42.15 -2.10 0.93
N MSE B 46 42.82 -1.12 0.34
CA MSE B 46 42.13 -0.12 -0.47
C MSE B 46 42.54 -0.21 -1.93
O MSE B 46 43.67 -0.56 -2.26
CB MSE B 46 42.40 1.29 0.07
CG MSE B 46 41.93 1.47 1.50
SE MSE B 46 41.80 3.34 2.02
CE MSE B 46 41.17 3.10 3.84
N GLY B 47 41.61 0.15 -2.81
CA GLY B 47 41.78 -0.07 -4.24
C GLY B 47 41.49 -1.48 -4.69
N GLY B 48 41.09 -2.36 -3.78
CA GLY B 48 40.80 -3.74 -4.16
C GLY B 48 39.48 -3.87 -4.89
N ASP B 49 39.39 -4.90 -5.72
CA ASP B 49 38.22 -5.14 -6.55
C ASP B 49 38.38 -6.51 -7.19
N HIS B 50 37.28 -6.99 -7.78
CA HIS B 50 37.30 -8.22 -8.55
C HIS B 50 37.72 -7.92 -9.98
N PHE B 51 38.40 -8.89 -10.60
CA PHE B 51 38.90 -8.73 -11.96
C PHE B 51 38.57 -9.98 -12.78
N LYS B 52 38.09 -9.75 -14.01
CA LYS B 52 37.83 -10.82 -14.96
C LYS B 52 38.82 -10.69 -16.12
N TYR B 53 39.34 -11.83 -16.57
CA TYR B 53 40.36 -11.81 -17.62
C TYR B 53 39.71 -11.72 -18.99
N ASP B 54 40.35 -10.97 -19.88
CA ASP B 54 39.88 -10.79 -21.26
C ASP B 54 41.10 -10.94 -22.17
N SER B 55 41.13 -12.01 -22.97
CA SER B 55 42.27 -12.24 -23.84
C SER B 55 42.39 -11.18 -24.93
N THR B 56 41.29 -10.50 -25.27
CA THR B 56 41.34 -9.45 -26.28
C THR B 56 42.17 -8.25 -25.81
N GLN B 57 42.23 -8.03 -24.49
CA GLN B 57 42.94 -6.90 -23.92
C GLN B 57 44.16 -7.35 -23.12
N ALA B 58 44.81 -8.43 -23.56
CA ALA B 58 45.94 -8.96 -22.82
C ALA B 58 47.12 -7.99 -22.80
N LEU B 59 47.28 -7.19 -23.85
CA LEU B 59 48.39 -6.25 -23.93
C LEU B 59 48.02 -4.87 -23.39
N ILE B 60 46.79 -4.68 -22.94
CA ILE B 60 46.34 -3.40 -22.40
C ILE B 60 46.58 -3.37 -20.91
N ASN B 61 47.20 -2.29 -20.42
CA ASN B 61 47.49 -2.14 -19.00
C ASN B 61 47.58 -0.64 -18.71
N ASN B 62 46.43 -0.03 -18.42
CA ASN B 62 46.37 1.38 -18.06
C ASN B 62 46.54 1.63 -16.56
N GLY B 63 46.51 0.59 -15.75
CA GLY B 63 46.72 0.72 -14.33
C GLY B 63 45.48 0.88 -13.49
N VAL B 64 44.30 0.97 -14.12
CA VAL B 64 43.06 1.18 -13.37
C VAL B 64 42.01 0.17 -13.83
N THR B 65 41.47 0.36 -15.04
CA THR B 65 40.36 -0.45 -15.50
C THR B 65 40.81 -1.80 -16.07
N VAL B 66 41.88 -1.82 -16.86
CA VAL B 66 42.40 -3.05 -17.45
C VAL B 66 43.86 -3.19 -17.07
N ILE B 67 44.23 -4.35 -16.53
CA ILE B 67 45.60 -4.63 -16.08
C ILE B 67 46.00 -5.94 -16.75
N ASN B 68 46.64 -5.84 -17.91
CA ASN B 68 47.12 -7.00 -18.68
C ASN B 68 46.01 -8.04 -18.86
N GLY B 69 44.84 -7.56 -19.28
CA GLY B 69 43.70 -8.42 -19.55
C GLY B 69 42.70 -8.52 -18.43
N TRP B 70 43.07 -8.14 -17.22
CA TRP B 70 42.18 -8.20 -16.07
C TRP B 70 41.36 -6.91 -16.01
N VAL B 71 40.05 -7.02 -16.22
CA VAL B 71 39.18 -5.85 -16.25
C VAL B 71 38.57 -5.66 -14.86
N LYS B 72 38.61 -4.41 -14.38
CA LYS B 72 38.03 -4.08 -13.10
C LYS B 72 36.51 -4.28 -13.15
N GLN B 73 35.98 -4.99 -12.14
CA GLN B 73 34.56 -5.34 -12.14
C GLN B 73 33.67 -4.37 -11.37
N PHE B 74 34.26 -3.44 -10.63
CA PHE B 74 33.50 -2.44 -9.85
C PHE B 74 32.47 -3.11 -8.96
N SER B 75 32.98 -3.97 -8.07
CA SER B 75 32.11 -4.66 -7.12
C SER B 75 31.44 -3.67 -6.17
N ALA B 76 32.18 -2.62 -5.78
CA ALA B 76 31.60 -1.56 -4.96
C ALA B 76 30.82 -0.54 -5.79
N GLY B 77 31.02 -0.53 -7.11
CA GLY B 77 30.30 0.41 -7.96
C GLY B 77 30.78 1.84 -7.89
N VAL B 78 31.98 2.07 -7.38
CA VAL B 78 32.51 3.42 -7.19
C VAL B 78 33.97 3.44 -7.59
N LEU B 79 34.39 4.50 -8.27
CA LEU B 79 35.78 4.70 -8.64
C LEU B 79 36.48 5.46 -7.51
N THR B 80 37.57 4.89 -6.99
CA THR B 80 38.28 5.47 -5.86
C THR B 80 39.68 5.86 -6.31
N VAL B 81 40.25 6.87 -5.66
CA VAL B 81 41.61 7.28 -6.01
C VAL B 81 42.62 6.19 -5.67
N SER B 82 42.33 5.38 -4.64
CA SER B 82 43.22 4.28 -4.30
C SER B 82 43.28 3.23 -5.40
N ALA B 83 42.18 3.01 -6.12
CA ALA B 83 42.17 2.09 -7.25
C ALA B 83 42.90 2.66 -8.46
N CYS B 84 43.43 3.88 -8.38
CA CYS B 84 44.16 4.50 -9.47
C CYS B 84 45.65 4.64 -9.17
N GLY B 85 46.14 3.97 -8.13
CA GLY B 85 47.55 3.98 -7.79
C GLY B 85 47.91 4.76 -6.55
N ALA B 86 46.94 5.25 -5.80
CA ALA B 86 47.22 6.01 -4.58
C ALA B 86 47.68 5.05 -3.49
N ASP B 87 48.94 5.18 -3.07
CA ASP B 87 49.51 4.30 -2.07
C ASP B 87 49.46 4.97 -0.70
N PRO B 88 48.68 4.44 0.25
CA PRO B 88 48.65 5.07 1.59
C PRO B 88 49.99 5.10 2.28
N SER B 89 50.89 4.15 1.99
CA SER B 89 52.21 4.15 2.58
C SER B 89 53.17 5.12 1.91
N ALA B 90 52.84 5.59 0.71
CA ALA B 90 53.72 6.51 -0.02
C ALA B 90 53.53 7.93 0.50
N SER B 91 54.58 8.74 0.35
CA SER B 91 54.56 10.12 0.79
C SER B 91 53.86 11.04 -0.19
N ASP B 92 53.62 10.60 -1.42
CA ASP B 92 53.01 11.43 -2.45
C ASP B 92 51.97 10.63 -3.21
N HIS B 93 50.91 11.32 -3.64
CA HIS B 93 49.85 10.74 -4.44
C HIS B 93 49.51 11.60 -5.65
N SER B 94 50.47 12.41 -6.12
CA SER B 94 50.20 13.37 -7.19
C SER B 94 49.84 12.67 -8.49
N ALA B 95 50.73 11.79 -8.96
CA ALA B 95 50.47 11.08 -10.21
C ALA B 95 49.21 10.22 -10.12
N ALA B 96 48.91 9.69 -8.94
CA ALA B 96 47.69 8.91 -8.77
C ALA B 96 46.45 9.79 -8.88
N LEU B 97 46.48 10.99 -8.31
CA LEU B 97 45.33 11.89 -8.39
C LEU B 97 45.09 12.35 -9.81
N ASP B 98 46.15 12.66 -10.55
CA ASP B 98 46.00 13.07 -11.94
C ASP B 98 45.36 11.96 -12.78
N LEU B 99 45.81 10.72 -12.58
CA LEU B 99 45.18 9.59 -13.28
C LEU B 99 43.74 9.38 -12.82
N ALA B 100 43.44 9.70 -11.57
CA ALA B 100 42.09 9.50 -11.06
C ALA B 100 41.11 10.48 -11.70
N VAL B 101 41.45 11.77 -11.73
CA VAL B 101 40.58 12.77 -12.34
C VAL B 101 40.44 12.51 -13.83
N ASN B 102 41.54 12.13 -14.50
CA ASN B 102 41.46 11.80 -15.92
C ASN B 102 40.57 10.60 -16.17
N THR B 103 40.61 9.61 -15.26
CA THR B 103 39.81 8.41 -15.44
C THR B 103 38.34 8.68 -15.14
N ALA B 104 38.06 9.36 -14.02
CA ALA B 104 36.67 9.62 -13.63
C ALA B 104 35.97 10.49 -14.66
N THR B 105 36.67 11.48 -15.23
CA THR B 105 36.04 12.37 -16.19
C THR B 105 35.83 11.67 -17.53
N SER B 106 36.80 10.88 -17.97
CA SER B 106 36.66 10.16 -19.24
C SER B 106 35.61 9.06 -19.15
N LEU B 107 35.41 8.51 -17.95
CA LEU B 107 34.39 7.48 -17.74
C LEU B 107 33.03 8.06 -17.35
N LYS B 108 32.96 9.37 -17.11
CA LYS B 108 31.72 10.06 -16.76
C LYS B 108 31.07 9.44 -15.52
N ARG B 109 31.86 9.36 -14.45
CA ARG B 109 31.38 8.83 -13.18
C ARG B 109 32.11 9.54 -12.05
N LYS B 110 31.49 9.52 -10.87
CA LYS B 110 32.03 10.27 -9.75
C LYS B 110 33.32 9.63 -9.23
N LEU B 111 34.17 10.47 -8.66
CA LEU B 111 35.41 10.02 -8.05
C LEU B 111 35.32 10.19 -6.55
N VAL B 112 35.84 9.22 -5.80
CA VAL B 112 35.74 9.19 -4.35
C VAL B 112 37.14 9.12 -3.77
N VAL B 113 37.44 10.00 -2.83
CA VAL B 113 38.72 10.02 -2.13
C VAL B 113 38.51 9.26 -0.83
N ASP B 114 39.14 8.08 -0.72
CA ASP B 114 38.92 7.18 0.39
C ASP B 114 39.98 7.26 1.48
N PHE B 115 41.08 7.96 1.24
CA PHE B 115 42.05 8.23 2.29
C PHE B 115 42.73 9.56 2.00
N ASP B 116 43.34 10.14 3.05
CA ASP B 116 43.92 11.47 2.94
C ASP B 116 45.09 11.47 1.98
N LEU B 117 45.09 12.41 1.03
CA LEU B 117 46.10 12.50 0.01
C LEU B 117 47.13 13.57 0.35
N ARG B 118 48.36 13.36 -0.14
CA ARG B 118 49.44 14.34 -0.03
C ARG B 118 50.07 14.51 -1.40
N VAL B 119 50.13 15.75 -1.87
CA VAL B 119 50.54 16.04 -3.24
C VAL B 119 51.62 17.12 -3.23
N ASN B 120 52.61 16.97 -4.11
CA ASN B 120 53.64 17.97 -4.32
C ASN B 120 53.62 18.53 -5.73
N THR B 121 52.75 18.04 -6.59
CA THR B 121 52.59 18.54 -7.94
C THR B 121 51.11 18.78 -8.20
N THR B 122 50.82 19.84 -8.97
CA THR B 122 49.44 20.23 -9.18
C THR B 122 48.68 19.19 -9.99
N THR B 123 47.36 19.26 -9.92
CA THR B 123 46.46 18.40 -10.68
C THR B 123 45.49 19.29 -11.44
N GLU B 124 45.57 19.27 -12.76
CA GLU B 124 44.69 20.11 -13.57
C GLU B 124 43.25 19.66 -13.46
N LEU B 125 42.34 20.63 -13.33
CA LEU B 125 40.93 20.35 -13.14
C LEU B 125 40.31 20.01 -14.49
N ASP B 126 40.06 18.72 -14.72
CA ASP B 126 39.34 18.32 -15.91
C ASP B 126 37.87 18.72 -15.79
N ALA B 127 37.26 18.99 -16.94
CA ALA B 127 35.86 19.40 -16.96
C ALA B 127 34.96 18.27 -16.48
N THR B 128 33.83 18.64 -15.89
CA THR B 128 32.78 17.72 -15.42
C THR B 128 33.28 16.79 -14.32
N LEU B 129 34.34 17.18 -13.61
CA LEU B 129 34.86 16.36 -12.52
C LEU B 129 33.92 16.44 -11.32
N ARG B 130 33.44 15.30 -10.85
CA ARG B 130 32.71 15.19 -9.59
C ARG B 130 33.55 14.37 -8.65
N ILE B 131 34.09 15.00 -7.62
CA ILE B 131 35.00 14.37 -6.66
C ILE B 131 34.46 14.59 -5.26
N GLU B 132 34.36 13.52 -4.48
CA GLU B 132 33.79 13.57 -3.15
C GLU B 132 34.68 12.87 -2.15
N GLY B 133 34.42 13.12 -0.87
CA GLY B 133 35.17 12.49 0.20
C GLY B 133 34.22 11.84 1.19
N ASP B 134 34.68 10.72 1.76
CA ASP B 134 33.88 9.94 2.70
C ASP B 134 34.37 10.08 4.13
N GLY B 135 35.09 11.16 4.44
CA GLY B 135 35.64 11.35 5.77
C GLY B 135 34.61 11.71 6.82
N GLY B 136 35.07 12.25 7.93
CA GLY B 136 34.19 12.69 9.00
C GLY B 136 33.53 14.01 8.69
N ALA B 137 33.15 14.72 9.74
CA ALA B 137 32.46 15.99 9.63
C ALA B 137 33.41 17.15 9.86
N VAL B 138 33.28 18.19 9.03
CA VAL B 138 34.02 19.44 9.15
C VAL B 138 35.53 19.19 9.16
N GLN B 139 36.16 19.34 10.33
CA GLN B 139 37.62 19.32 10.38
C GLN B 139 38.22 17.93 10.21
N PHE B 140 37.43 16.88 10.42
CA PHE B 140 37.88 15.52 10.18
C PHE B 140 37.38 14.98 8.84
N SER B 141 37.05 15.87 7.89
CA SER B 141 36.65 15.44 6.57
C SER B 141 37.84 14.87 5.80
N ARG B 142 37.55 14.21 4.69
CA ARG B 142 38.60 13.71 3.82
C ARG B 142 39.45 14.88 3.32
N SER B 143 40.75 14.83 3.62
CA SER B 143 41.64 15.96 3.41
C SER B 143 42.61 15.69 2.28
N ILE B 144 43.04 16.76 1.63
CA ILE B 144 44.10 16.72 0.62
C ILE B 144 45.14 17.78 1.01
N THR B 145 46.36 17.33 1.27
CA THR B 145 47.43 18.21 1.73
C THR B 145 48.42 18.45 0.60
N ALA B 146 48.85 19.70 0.45
CA ALA B 146 49.85 20.08 -0.54
C ALA B 146 51.20 20.15 0.17
N THR B 147 52.11 19.26 -0.22
CA THR B 147 53.44 19.20 0.38
C THR B 147 54.42 20.15 -0.28
N ALA B 148 53.96 21.03 -1.16
CA ALA B 148 54.78 22.04 -1.79
C ALA B 148 53.95 23.31 -1.93
N ASP B 149 54.63 24.39 -2.32
CA ASP B 149 53.98 25.68 -2.53
C ASP B 149 53.35 25.70 -3.92
N ILE B 150 52.36 24.83 -4.10
CA ILE B 150 51.70 24.65 -5.40
C ILE B 150 50.21 24.53 -5.20
N PRO B 151 49.42 24.96 -6.19
CA PRO B 151 47.98 24.75 -6.12
C PRO B 151 47.64 23.26 -6.21
N ILE B 152 46.76 22.80 -5.31
CA ILE B 152 46.34 21.41 -5.34
C ILE B 152 45.64 21.11 -6.67
N PHE B 153 44.75 21.99 -7.10
CA PHE B 153 44.10 21.89 -8.39
C PHE B 153 44.44 23.12 -9.22
N THR B 154 44.64 22.92 -10.52
CA THR B 154 44.94 24.00 -11.45
C THR B 154 43.80 24.12 -12.44
N VAL B 155 43.12 25.26 -12.42
CA VAL B 155 42.02 25.50 -13.34
C VAL B 155 42.59 25.81 -14.72
N LYS B 156 42.07 25.11 -15.73
CA LYS B 156 42.58 25.27 -17.09
C LYS B 156 42.13 26.61 -17.67
N ALA B 157 42.83 27.04 -18.72
CA ALA B 157 42.56 28.33 -19.33
C ALA B 157 41.21 28.35 -20.02
N GLY B 158 40.59 29.53 -20.07
CA GLY B 158 39.32 29.67 -20.74
C GLY B 158 38.21 29.04 -19.93
N PHE B 159 37.45 28.15 -20.58
CA PHE B 159 36.36 27.42 -19.96
C PHE B 159 36.64 25.92 -19.90
N SER B 160 37.90 25.52 -20.09
CA SER B 160 38.24 24.10 -20.20
C SER B 160 38.01 23.34 -18.90
N SER B 161 37.90 24.04 -17.77
CA SER B 161 37.62 23.40 -16.49
C SER B 161 36.18 23.57 -16.05
N GLU B 162 35.31 24.05 -16.94
CA GLU B 162 33.92 24.30 -16.59
C GLU B 162 33.23 23.01 -16.15
N SER B 163 32.25 23.17 -15.26
CA SER B 163 31.45 22.08 -14.70
C SER B 163 32.30 21.21 -13.77
N SER B 164 31.98 21.24 -12.48
CA SER B 164 32.68 20.43 -11.50
C SER B 164 31.83 20.36 -10.24
N TYR B 165 32.20 19.44 -9.35
CA TYR B 165 31.52 19.27 -8.08
C TYR B 165 32.55 18.81 -7.05
N PHE B 166 32.59 19.50 -5.91
CA PHE B 166 33.52 19.19 -4.84
C PHE B 166 32.71 18.98 -3.57
N GLY B 167 32.63 17.74 -3.11
CA GLY B 167 31.81 17.43 -1.96
C GLY B 167 32.58 16.94 -0.76
N LYS B 168 32.59 17.74 0.31
CA LYS B 168 33.14 17.34 1.60
C LYS B 168 34.62 16.95 1.48
N LEU B 169 35.41 17.92 1.04
CA LEU B 169 36.85 17.76 0.91
C LEU B 169 37.55 18.88 1.67
N MSE B 170 38.56 18.52 2.44
CA MSE B 170 39.35 19.51 3.17
C MSE B 170 40.69 19.70 2.47
O MSE B 170 41.28 18.75 1.98
CB MSE B 170 39.55 19.07 4.62
CG MSE B 170 40.29 20.10 5.47
SE MSE B 170 40.14 19.71 7.38
CE MSE B 170 41.03 21.29 8.07
N PHE B 171 41.17 20.94 2.43
CA PHE B 171 42.42 21.28 1.77
C PHE B 171 43.38 21.86 2.80
N LYS B 172 44.56 21.26 2.90
CA LYS B 172 45.57 21.65 3.87
C LYS B 172 46.89 21.93 3.16
N ALA B 173 47.86 22.38 3.94
CA ALA B 173 49.21 22.61 3.45
C ALA B 173 50.21 22.06 4.47
N SER B 174 51.22 21.36 3.99
CA SER B 174 52.23 20.80 4.88
C SER B 174 53.04 21.90 5.54
N THR B 175 53.31 22.98 4.82
CA THR B 175 54.00 24.15 5.35
C THR B 175 53.02 25.31 5.44
N GLY B 176 52.94 25.93 6.61
CA GLY B 176 52.00 27.02 6.81
C GLY B 176 52.35 28.23 5.96
N GLY B 177 51.33 28.82 5.35
CA GLY B 177 51.53 29.97 4.49
C GLY B 177 51.95 29.68 3.08
N THR B 178 51.70 28.47 2.58
CA THR B 178 52.06 28.08 1.23
C THR B 178 50.87 27.43 0.54
N ALA B 179 50.98 27.35 -0.79
CA ALA B 179 50.04 26.61 -1.63
C ALA B 179 48.62 27.17 -1.58
N THR B 180 47.72 26.51 -2.31
CA THR B 180 46.31 26.87 -2.36
C THR B 180 45.53 25.68 -2.90
N ALA B 181 44.22 25.71 -2.68
CA ALA B 181 43.39 24.63 -3.20
C ALA B 181 43.16 24.75 -4.71
N PHE B 182 43.08 25.98 -5.22
CA PHE B 182 42.81 26.20 -6.63
C PHE B 182 43.58 27.41 -7.13
N ARG B 183 44.05 27.33 -8.37
CA ARG B 183 44.66 28.45 -9.06
C ARG B 183 44.32 28.33 -10.54
N SER B 184 44.28 29.48 -11.21
CA SER B 184 43.83 29.55 -12.60
C SER B 184 45.01 29.77 -13.53
N THR B 185 45.00 29.07 -14.65
CA THR B 185 45.99 29.29 -15.72
C THR B 185 45.44 30.33 -16.68
N SER B 186 46.17 31.43 -16.85
CA SER B 186 45.76 32.53 -17.72
C SER B 186 44.37 33.04 -17.35
N ASN B 187 44.13 33.19 -16.05
CA ASN B 187 42.83 33.63 -15.53
C ASN B 187 41.72 32.67 -15.96
N GLY B 188 42.00 31.37 -15.90
CA GLY B 188 41.02 30.38 -16.30
C GLY B 188 39.81 30.37 -15.38
N TYR B 189 38.67 30.04 -15.97
CA TYR B 189 37.39 30.09 -15.27
C TYR B 189 37.15 28.80 -14.50
N LEU B 190 36.96 28.90 -13.19
CA LEU B 190 36.43 27.82 -12.38
C LEU B 190 34.92 27.96 -12.42
N SER B 191 34.30 27.39 -13.44
CA SER B 191 32.92 27.70 -13.82
C SER B 191 31.97 26.56 -13.46
N GLN B 192 30.77 26.92 -13.02
CA GLN B 192 29.68 25.99 -12.76
C GLN B 192 30.11 24.88 -11.80
N SER B 193 30.59 25.30 -10.63
CA SER B 193 31.06 24.38 -9.61
C SER B 193 30.21 24.50 -8.36
N THR B 194 30.35 23.50 -7.49
CA THR B 194 29.67 23.49 -6.20
C THR B 194 30.65 23.02 -5.15
N PHE B 195 30.75 23.75 -4.05
CA PHE B 195 31.59 23.40 -2.92
C PHE B 195 30.67 23.07 -1.76
N ASP B 196 30.47 21.78 -1.52
CA ASP B 196 29.54 21.29 -0.50
C ASP B 196 30.33 20.86 0.72
N HIS B 197 30.21 21.65 1.80
CA HIS B 197 30.82 21.33 3.09
C HIS B 197 32.33 21.12 2.97
N CYS B 198 32.97 21.91 2.11
CA CYS B 198 34.41 21.88 1.96
C CYS B 198 35.07 22.78 2.99
N VAL B 199 36.17 22.30 3.57
CA VAL B 199 36.91 23.02 4.61
C VAL B 199 38.24 23.48 4.03
N PHE B 200 38.63 24.71 4.36
CA PHE B 200 39.88 25.29 3.88
C PHE B 200 40.76 25.63 5.10
N ASP B 201 41.81 24.85 5.29
CA ASP B 201 42.68 25.00 6.46
C ASP B 201 43.49 26.29 6.39
N ARG B 202 43.76 26.87 7.57
CA ARG B 202 44.53 28.11 7.63
C ARG B 202 45.99 27.93 7.25
N SER B 203 46.47 26.69 7.14
CA SER B 203 47.85 26.47 6.68
C SER B 203 48.04 26.92 5.25
N LEU B 204 46.96 26.96 4.46
CA LEU B 204 47.04 27.45 3.10
C LEU B 204 47.34 28.94 3.07
N ARG B 205 48.08 29.36 2.04
CA ARG B 205 48.28 30.79 1.84
C ARG B 205 47.01 31.44 1.30
N TYR B 206 46.35 30.79 0.36
CA TYR B 206 45.05 31.20 -0.14
C TYR B 206 44.13 29.99 -0.13
N GLY B 207 42.90 30.18 0.35
CA GLY B 207 41.92 29.12 0.28
C GLY B 207 41.58 28.77 -1.15
N ILE B 208 41.16 29.78 -1.91
CA ILE B 208 40.89 29.64 -3.34
C ILE B 208 41.54 30.82 -4.05
N ASP B 209 42.47 30.52 -4.96
CA ASP B 209 43.15 31.55 -5.75
C ASP B 209 42.84 31.37 -7.23
N ALA B 210 41.58 31.12 -7.56
CA ALA B 210 41.15 30.88 -8.92
C ALA B 210 40.05 31.88 -9.29
N ASN B 211 39.80 31.97 -10.60
CA ASN B 211 38.78 32.88 -11.14
C ASN B 211 37.42 32.18 -11.07
N LEU B 212 36.66 32.46 -10.01
CA LEU B 212 35.39 31.79 -9.78
C LEU B 212 34.28 32.43 -10.60
N ILE B 213 33.37 31.59 -11.11
CA ILE B 213 32.16 32.07 -11.75
C ILE B 213 31.11 30.97 -11.67
N LEU B 214 29.87 31.36 -11.36
CA LEU B 214 28.75 30.44 -11.24
C LEU B 214 29.04 29.32 -10.24
N CYS B 215 29.59 29.70 -9.09
CA CYS B 215 29.94 28.76 -8.03
C CYS B 215 29.10 29.04 -6.80
N ASP B 216 28.52 27.99 -6.22
CA ASP B 216 27.78 28.09 -4.98
C ASP B 216 28.57 27.36 -3.88
N PHE B 217 28.51 27.90 -2.67
CA PHE B 217 29.23 27.35 -1.53
C PHE B 217 28.23 26.97 -0.45
N GLN B 218 28.18 25.68 -0.11
CA GLN B 218 27.19 25.14 0.81
C GLN B 218 27.87 24.76 2.13
N LYS B 219 27.70 25.60 3.14
CA LYS B 219 28.22 25.36 4.48
C LYS B 219 29.71 25.05 4.45
N CYS B 220 30.46 25.89 3.75
CA CYS B 220 31.90 25.77 3.71
C CYS B 220 32.54 26.49 4.90
N ASP B 221 33.80 26.17 5.16
CA ASP B 221 34.54 26.77 6.25
C ASP B 221 35.86 27.27 5.71
N PHE B 222 36.19 28.52 6.06
CA PHE B 222 37.43 29.16 5.61
C PHE B 222 38.18 29.66 6.83
N GLY B 223 39.21 28.91 7.23
CA GLY B 223 40.16 29.37 8.21
C GLY B 223 39.83 29.14 9.67
N THR B 224 38.83 28.30 9.98
CA THR B 224 38.56 28.01 11.38
C THR B 224 39.64 27.12 11.98
N TYR B 225 39.99 26.05 11.27
CA TYR B 225 40.95 25.06 11.76
C TYR B 225 42.32 25.27 11.11
N MSE B 226 43.35 24.88 11.84
CA MSE B 226 44.73 25.08 11.40
C MSE B 226 45.58 23.86 11.72
O MSE B 226 45.76 23.50 12.88
CB MSE B 226 45.31 26.34 12.05
CG MSE B 226 46.53 26.90 11.35
SE MSE B 226 47.35 28.34 12.38
CE MSE B 226 47.27 29.77 11.06
N SER B 227 46.11 23.21 10.67
CA SER B 227 46.94 22.03 10.87
C SER B 227 48.36 22.40 11.26
N THR B 228 48.94 23.37 10.57
CA THR B 228 50.28 23.86 10.90
C THR B 228 50.21 25.38 10.98
N THR B 229 51.09 25.96 11.80
CA THR B 229 51.04 27.40 12.05
C THR B 229 51.38 28.16 10.77
N ASN B 230 50.59 29.18 10.48
CA ASN B 230 50.78 30.04 9.33
C ASN B 230 51.18 31.42 9.84
N SER B 231 52.40 31.83 9.54
CA SER B 231 52.92 33.13 9.95
C SER B 231 52.88 34.15 8.83
N ILE B 232 52.69 33.71 7.59
CA ILE B 232 52.67 34.64 6.47
C ILE B 232 51.29 35.25 6.29
N GLY B 233 50.26 34.44 6.37
CA GLY B 233 48.89 34.93 6.25
C GLY B 233 48.00 33.92 5.54
N PHE B 234 46.70 34.08 5.74
CA PHE B 234 45.68 33.25 5.11
C PHE B 234 44.58 34.14 4.56
N LYS B 235 44.29 33.97 3.27
CA LYS B 235 43.18 34.65 2.62
C LYS B 235 42.20 33.60 2.11
N ALA B 236 40.91 33.82 2.36
CA ALA B 236 39.92 32.82 1.99
C ALA B 236 39.80 32.70 0.47
N ILE B 237 39.49 33.80 -0.21
CA ILE B 237 39.24 33.78 -1.64
C ILE B 237 39.88 35.01 -2.27
N ARG B 238 40.57 34.80 -3.39
CA ARG B 238 41.11 35.89 -4.20
C ARG B 238 40.91 35.50 -5.67
N SER B 239 39.93 36.12 -6.32
CA SER B 239 39.56 35.81 -7.71
C SER B 239 39.98 36.96 -8.59
N LEU B 240 41.03 36.75 -9.38
CA LEU B 240 41.51 37.76 -10.32
C LEU B 240 41.16 37.32 -11.73
N GLY B 241 40.49 38.19 -12.47
CA GLY B 241 40.08 37.86 -13.84
C GLY B 241 40.56 38.89 -14.83
N VAL B 242 39.89 38.95 -15.99
CA VAL B 242 40.20 39.91 -17.04
C VAL B 242 38.94 40.70 -17.35
N VAL B 243 39.07 42.03 -17.42
CA VAL B 243 37.90 42.86 -17.69
C VAL B 243 37.36 42.56 -19.06
N GLY B 244 36.05 42.38 -19.16
CA GLY B 244 35.37 42.18 -20.43
C GLY B 244 35.16 40.74 -20.87
N THR B 245 36.15 39.88 -20.63
CA THR B 245 36.09 38.51 -21.13
C THR B 245 35.98 37.47 -20.03
N ARG B 246 36.66 37.67 -18.90
CA ARG B 246 36.65 36.70 -17.80
C ARG B 246 36.61 37.46 -16.49
N GLU B 247 35.38 37.70 -16.01
CA GLU B 247 35.12 38.43 -14.78
C GLU B 247 34.52 37.50 -13.73
N PRO B 248 34.92 37.63 -12.46
CA PRO B 248 34.36 36.75 -11.43
C PRO B 248 32.92 37.08 -11.09
N ASN B 249 31.98 36.29 -11.60
CA ASN B 249 30.56 36.59 -11.49
C ASN B 249 29.81 35.44 -10.84
N ALA B 250 28.63 35.76 -10.28
CA ALA B 250 27.62 34.78 -9.90
C ALA B 250 28.16 33.76 -8.89
N ASN B 251 28.68 34.26 -7.79
CA ASN B 251 29.24 33.41 -6.74
C ASN B 251 28.45 33.65 -5.46
N THR B 252 27.74 32.63 -4.99
CA THR B 252 26.85 32.73 -3.84
C THR B 252 27.35 31.82 -2.72
N PHE B 253 27.23 32.31 -1.50
CA PHE B 253 27.72 31.60 -0.31
C PHE B 253 26.58 31.42 0.67
N TYR B 254 26.30 30.18 1.04
CA TYR B 254 25.23 29.87 1.99
C TYR B 254 25.84 29.28 3.25
N ASN B 255 25.64 29.97 4.38
CA ASN B 255 26.02 29.48 5.70
C ASN B 255 27.51 29.19 5.81
N CYS B 256 28.32 29.90 5.04
CA CYS B 256 29.76 29.72 5.10
C CYS B 256 30.36 30.49 6.28
N ILE B 257 31.56 30.09 6.68
CA ILE B 257 32.23 30.66 7.84
C ILE B 257 33.62 31.13 7.43
N PHE B 258 33.95 32.37 7.80
CA PHE B 258 35.26 32.97 7.52
C PHE B 258 35.83 33.48 8.84
N ARG B 259 36.82 32.79 9.38
CA ARG B 259 37.40 33.17 10.66
C ARG B 259 38.92 33.28 10.54
N LYS B 260 39.47 34.22 11.33
CA LYS B 260 40.90 34.30 11.60
C LYS B 260 41.73 34.52 10.33
N GLY B 261 41.27 35.45 9.50
CA GLY B 261 42.08 35.88 8.37
C GLY B 261 43.22 36.77 8.83
N THR B 262 44.32 36.72 8.09
CA THR B 262 45.52 37.46 8.47
C THR B 262 46.18 38.21 7.32
N ASP B 263 45.61 38.17 6.12
CA ASP B 263 46.17 38.88 4.99
C ASP B 263 45.57 40.28 4.94
N ASP B 264 45.75 40.97 3.80
CA ASP B 264 45.17 42.32 3.67
C ASP B 264 43.65 42.28 3.65
N CYS B 265 43.07 41.18 3.16
CA CYS B 265 41.63 41.01 3.19
C CYS B 265 41.32 39.52 3.20
N MSE B 266 40.05 39.19 3.46
CA MSE B 266 39.61 37.81 3.54
C MSE B 266 39.04 37.35 2.20
O MSE B 266 39.31 36.24 1.75
CB MSE B 266 38.56 37.64 4.64
CG MSE B 266 38.22 36.20 4.98
SE MSE B 266 39.76 35.21 5.67
CE MSE B 266 38.82 33.68 6.42
N ILE B 267 38.27 38.22 1.56
CA ILE B 267 37.67 37.94 0.25
C ILE B 267 38.04 39.06 -0.70
N GLU B 268 38.44 38.70 -1.92
CA GLU B 268 38.89 39.68 -2.90
C GLU B 268 38.56 39.22 -4.31
N TRP B 269 38.04 40.14 -5.12
CA TRP B 269 37.86 39.90 -6.54
C TRP B 269 37.86 41.24 -7.26
N ASP B 270 38.27 41.22 -8.53
CA ASP B 270 38.44 42.45 -9.29
C ASP B 270 37.68 42.34 -10.61
N SER B 271 38.09 43.14 -11.59
CA SER B 271 37.54 43.14 -12.95
C SER B 271 36.05 43.46 -13.00
N TYR B 272 35.55 44.16 -11.97
CA TYR B 272 34.13 44.54 -11.89
C TYR B 272 33.23 43.31 -11.91
N GLY B 273 33.63 42.27 -11.18
CA GLY B 273 32.82 41.08 -11.09
C GLY B 273 31.49 41.36 -10.41
N THR B 274 30.46 40.61 -10.83
CA THR B 274 29.09 40.89 -10.45
C THR B 274 28.52 39.76 -9.59
N GLN B 275 27.60 40.14 -8.70
CA GLN B 275 26.74 39.20 -7.97
C GLN B 275 27.56 38.26 -7.08
N TRP B 276 28.05 38.84 -5.99
CA TRP B 276 28.64 38.10 -4.88
C TRP B 276 27.73 38.34 -3.67
N HIS B 277 27.00 37.31 -3.26
CA HIS B 277 26.03 37.44 -2.17
C HIS B 277 26.31 36.41 -1.10
N PHE B 278 25.90 36.75 0.13
CA PHE B 278 26.21 35.95 1.32
C PHE B 278 24.94 35.78 2.14
N PHE B 279 24.41 34.55 2.14
CA PHE B 279 23.20 34.22 2.89
C PHE B 279 23.60 33.56 4.20
N ALA B 280 23.34 34.23 5.32
CA ALA B 280 23.53 33.67 6.66
C ALA B 280 24.97 33.24 6.88
N CYS B 281 25.92 34.00 6.32
CA CYS B 281 27.33 33.68 6.48
C CYS B 281 27.87 34.25 7.79
N ASP B 282 29.05 33.79 8.18
CA ASP B 282 29.68 34.17 9.43
C ASP B 282 31.09 34.67 9.15
N LEU B 283 31.31 35.97 9.29
CA LEU B 283 32.61 36.60 9.10
C LEU B 283 33.01 37.19 10.45
N GLU B 284 33.77 36.43 11.23
CA GLU B 284 34.12 36.85 12.58
C GLU B 284 35.55 36.42 12.93
N GLN B 285 36.09 37.10 13.95
CA GLN B 285 37.38 36.76 14.55
C GLN B 285 38.53 36.83 13.56
N ASN B 286 38.44 37.73 12.59
CA ASN B 286 39.51 37.92 11.62
C ASN B 286 40.50 38.97 12.11
N LEU B 287 41.67 38.98 11.50
CA LEU B 287 42.73 39.92 11.82
C LEU B 287 43.26 40.58 10.55
N CYS B 288 42.37 40.86 9.61
CA CYS B 288 42.77 41.47 8.34
C CYS B 288 43.27 42.89 8.57
N THR B 289 44.27 43.28 7.78
CA THR B 289 44.94 44.55 7.99
C THR B 289 44.21 45.72 7.32
N GLU B 290 43.47 45.46 6.25
CA GLU B 290 42.81 46.51 5.48
C GLU B 290 41.29 46.39 5.52
N ALA B 291 40.72 45.28 5.06
CA ALA B 291 39.27 45.12 5.07
C ALA B 291 38.95 43.63 5.09
N LEU B 292 37.67 43.32 5.34
CA LEU B 292 37.23 41.94 5.22
C LEU B 292 36.99 41.58 3.76
N ILE B 293 36.42 42.50 2.99
CA ILE B 293 36.14 42.31 1.58
C ILE B 293 36.67 43.53 0.83
N LYS B 294 37.74 43.34 0.07
CA LYS B 294 38.29 44.39 -0.79
C LYS B 294 38.09 43.94 -2.22
N CYS B 295 37.24 44.65 -2.96
CA CYS B 295 36.83 44.20 -4.28
C CYS B 295 36.67 45.37 -5.24
N THR B 296 37.13 45.16 -6.48
CA THR B 296 36.79 46.03 -7.61
C THR B 296 35.62 45.36 -8.31
N ALA B 297 34.41 45.75 -7.92
CA ALA B 297 33.21 45.03 -8.31
C ALA B 297 32.18 45.96 -8.92
N SER B 298 31.23 45.35 -9.62
CA SER B 298 30.01 45.99 -10.07
C SER B 298 28.84 45.13 -9.65
N SER B 299 27.61 45.65 -9.88
CA SER B 299 26.36 45.03 -9.46
C SER B 299 26.26 45.04 -7.94
N PRO B 300 25.08 44.88 -7.36
CA PRO B 300 24.96 44.98 -5.90
C PRO B 300 25.64 43.82 -5.17
N ILE B 301 25.92 44.07 -3.90
CA ILE B 301 26.47 43.07 -2.98
C ILE B 301 25.54 43.00 -1.79
N MSE B 302 25.16 41.78 -1.40
CA MSE B 302 24.17 41.63 -0.34
C MSE B 302 24.57 40.64 0.75
O MSE B 302 25.23 39.64 0.50
CB MSE B 302 22.83 41.19 -0.94
CG MSE B 302 22.20 42.23 -1.85
SE MSE B 302 20.36 41.79 -2.31
CE MSE B 302 20.67 40.05 -3.13
N PHE B 303 24.15 40.96 1.98
CA PHE B 303 24.31 40.08 3.14
C PHE B 303 22.92 39.86 3.72
N VAL B 304 22.36 38.69 3.50
CA VAL B 304 21.00 38.37 3.94
C VAL B 304 21.14 37.48 5.17
N GLY B 305 21.12 38.11 6.35
CA GLY B 305 21.30 37.38 7.60
C GLY B 305 22.75 36.99 7.81
N GLY B 306 23.15 36.80 9.08
CA GLY B 306 24.48 36.32 9.35
C GLY B 306 25.17 37.19 10.38
N TYR B 307 26.49 37.03 10.46
CA TYR B 307 27.33 37.71 11.43
C TYR B 307 28.50 38.40 10.76
N ILE B 308 28.78 39.63 11.20
CA ILE B 308 30.03 40.31 10.90
C ILE B 308 30.50 40.94 12.21
N GLU B 309 31.34 40.23 12.95
CA GLU B 309 31.67 40.66 14.30
C GLU B 309 33.11 40.27 14.63
N ALA B 310 33.56 40.73 15.80
CA ALA B 310 34.83 40.31 16.40
C ALA B 310 36.02 40.59 15.49
N ASN B 311 35.96 41.68 14.72
CA ASN B 311 37.08 42.06 13.87
C ASN B 311 37.64 43.40 14.34
N THR B 312 38.16 43.42 15.57
CA THR B 312 38.54 44.67 16.21
C THR B 312 39.73 45.34 15.55
N SER B 313 40.59 44.59 14.86
CA SER B 313 41.78 45.13 14.23
C SER B 313 41.60 45.38 12.74
N THR B 314 40.43 45.08 12.18
CA THR B 314 40.21 45.27 10.75
C THR B 314 39.57 46.64 10.52
N PRO B 315 40.15 47.49 9.67
CA PRO B 315 39.59 48.83 9.49
C PRO B 315 38.18 48.86 8.94
N TYR B 316 37.94 48.17 7.83
CA TYR B 316 36.64 48.22 7.15
C TYR B 316 36.07 46.82 7.00
N VAL B 317 34.75 46.75 6.86
CA VAL B 317 34.10 45.48 6.55
C VAL B 317 34.16 45.19 5.06
N ILE B 318 33.79 46.18 4.24
CA ILE B 318 33.87 46.05 2.79
C ILE B 318 34.40 47.36 2.22
N LYS B 319 35.29 47.25 1.23
CA LYS B 319 35.91 48.41 0.59
C LYS B 319 35.86 48.21 -0.91
N THR B 320 35.07 49.04 -1.60
CA THR B 320 34.92 48.95 -3.04
C THR B 320 35.96 49.81 -3.75
N LEU B 321 36.41 49.34 -4.91
CA LEU B 321 37.43 50.00 -5.69
C LEU B 321 36.98 50.09 -7.14
N GLY B 322 37.78 50.78 -7.95
CA GLY B 322 37.56 50.87 -9.38
C GLY B 322 37.20 52.27 -9.82
N ASN B 323 36.72 52.35 -11.07
CA ASN B 323 36.28 53.60 -11.68
C ASN B 323 34.79 53.49 -11.97
N SER B 324 34.01 54.42 -11.41
CA SER B 324 32.56 54.37 -11.57
C SER B 324 32.12 54.54 -13.01
N ALA B 325 32.97 55.14 -13.85
CA ALA B 325 32.64 55.26 -15.27
C ALA B 325 32.59 53.91 -15.96
N THR B 326 33.43 52.96 -15.53
CA THR B 326 33.41 51.62 -16.10
C THR B 326 32.33 50.77 -15.47
N GLY B 327 32.21 50.82 -14.15
CA GLY B 327 31.20 50.05 -13.45
C GLY B 327 31.33 50.29 -11.96
N PHE B 328 30.25 49.97 -11.25
CA PHE B 328 30.24 50.21 -9.82
C PHE B 328 29.17 49.35 -9.16
N VAL B 329 29.27 49.22 -7.85
CA VAL B 329 28.25 48.58 -7.03
C VAL B 329 27.19 49.63 -6.74
N PRO B 330 25.93 49.40 -7.09
CA PRO B 330 24.89 50.40 -6.81
C PRO B 330 24.45 50.37 -5.35
N LEU B 331 24.46 49.17 -4.76
CA LEU B 331 23.92 48.99 -3.41
C LEU B 331 24.68 47.88 -2.70
N ILE B 332 25.00 48.13 -1.43
CA ILE B 332 25.49 47.11 -0.52
C ILE B 332 24.48 47.02 0.61
N LYS B 333 23.74 45.92 0.66
CA LYS B 333 22.66 45.75 1.62
C LYS B 333 23.08 44.81 2.73
N PHE B 334 22.94 45.26 3.97
CA PHE B 334 23.15 44.43 5.15
C PHE B 334 21.77 44.16 5.75
N GLN B 335 21.17 43.04 5.34
CA GLN B 335 19.80 42.72 5.74
C GLN B 335 19.84 41.82 6.97
N GLY B 336 19.61 42.42 8.13
CA GLY B 336 19.52 41.68 9.38
C GLY B 336 20.79 40.99 9.80
N ILE B 337 21.89 41.73 9.88
CA ILE B 337 23.20 41.18 10.21
C ILE B 337 23.51 41.50 11.66
N HIS B 338 24.01 40.50 12.39
CA HIS B 338 24.48 40.70 13.76
C HIS B 338 25.92 41.23 13.69
N MSE B 339 26.11 42.47 14.13
CA MSE B 339 27.42 43.11 14.01
C MSE B 339 27.97 43.59 15.34
O MSE B 339 27.86 44.77 15.68
CB MSE B 339 27.34 44.29 13.05
CG MSE B 339 26.69 43.98 11.72
SE MSE B 339 27.03 45.40 10.45
CE MSE B 339 25.74 44.93 9.11
N ASN B 340 28.59 42.69 16.09
CA ASN B 340 29.21 43.02 17.37
C ASN B 340 30.67 43.39 17.12
N ARG B 341 30.94 44.69 16.98
CA ARG B 341 32.27 45.22 16.70
C ARG B 341 32.76 44.66 15.37
N PRO B 342 32.15 45.02 14.24
CA PRO B 342 32.52 44.42 12.95
C PRO B 342 33.84 44.90 12.40
N CYS B 343 34.31 46.08 12.79
CA CYS B 343 35.53 46.65 12.26
C CYS B 343 35.97 47.78 13.19
N SER B 344 36.97 48.56 12.77
CA SER B 344 37.54 49.58 13.63
C SER B 344 37.38 51.02 13.13
N VAL B 345 37.15 51.24 11.84
CA VAL B 345 36.99 52.59 11.32
C VAL B 345 35.60 52.82 10.75
N ALA B 346 35.21 52.00 9.77
CA ALA B 346 33.89 52.15 9.16
C ALA B 346 33.49 50.85 8.51
N ILE B 347 32.20 50.52 8.62
CA ILE B 347 31.70 49.28 8.02
C ILE B 347 31.86 49.32 6.50
N GLY B 348 31.34 50.36 5.88
CA GLY B 348 31.49 50.52 4.44
C GLY B 348 32.45 51.61 4.06
N LYS B 349 33.49 51.27 3.29
CA LYS B 349 34.47 52.23 2.81
C LYS B 349 34.32 52.36 1.30
N ASN B 350 34.12 53.59 0.84
CA ASN B 350 33.97 53.89 -0.58
C ASN B 350 35.24 54.53 -1.12
N THR B 351 35.62 54.13 -2.33
CA THR B 351 36.70 54.78 -3.07
C THR B 351 36.17 55.66 -4.19
N MSE B 352 35.04 55.29 -4.79
CA MSE B 352 34.36 56.15 -5.74
C MSE B 352 33.46 57.14 -5.01
O MSE B 352 33.05 56.88 -3.88
CB MSE B 352 33.52 55.32 -6.71
CG MSE B 352 34.21 54.12 -7.30
SE MSE B 352 32.90 52.79 -7.83
CE MSE B 352 34.02 51.66 -8.95
N ALA B 353 33.16 58.25 -5.66
CA ALA B 353 32.18 59.17 -5.11
C ALA B 353 30.78 58.63 -5.30
N ASN B 354 29.91 58.93 -4.32
CA ASN B 354 28.47 58.65 -4.39
C ASN B 354 28.13 57.18 -4.30
N TYR B 355 28.92 56.31 -4.92
CA TYR B 355 28.56 54.90 -4.97
C TYR B 355 29.62 54.05 -4.26
N PRO B 356 29.20 52.96 -3.60
CA PRO B 356 27.81 52.48 -3.50
C PRO B 356 26.98 53.15 -2.40
N LYS B 357 25.67 53.00 -2.51
CA LYS B 357 24.77 53.33 -1.41
C LYS B 357 24.63 52.12 -0.49
N TYR B 358 24.18 52.37 0.73
CA TYR B 358 24.12 51.34 1.76
C TYR B 358 22.71 51.24 2.33
N ILE B 359 22.29 50.01 2.63
CA ILE B 359 21.05 49.74 3.33
C ILE B 359 21.38 48.89 4.55
N PHE B 360 21.00 49.37 5.72
CA PHE B 360 21.13 48.63 6.98
C PHE B 360 19.73 48.37 7.49
N GLU B 361 19.27 47.12 7.34
CA GLU B 361 17.89 46.75 7.65
C GLU B 361 17.88 45.81 8.84
N GLY B 362 17.49 46.32 9.99
CA GLY B 362 17.35 45.49 11.17
C GLY B 362 18.64 44.96 11.76
N CYS B 363 19.76 45.59 11.46
CA CYS B 363 21.04 45.15 12.01
C CYS B 363 21.08 45.38 13.51
N TYR B 364 21.95 44.61 14.18
CA TYR B 364 21.99 44.59 15.63
C TYR B 364 23.42 44.35 16.08
N GLY B 365 23.92 45.21 16.96
CA GLY B 365 25.26 45.00 17.48
C GLY B 365 25.81 46.25 18.14
N GLN B 366 27.12 46.24 18.35
CA GLN B 366 27.85 47.30 19.02
C GLN B 366 28.95 47.80 18.10
N LEU B 367 29.15 49.11 18.05
CA LEU B 367 30.07 49.74 17.11
C LEU B 367 31.26 50.34 17.84
N ILE B 368 32.45 50.01 17.38
CA ILE B 368 33.67 50.73 17.73
C ILE B 368 34.17 51.53 16.53
N SER B 369 33.30 51.78 15.56
CA SER B 369 33.67 52.38 14.29
C SER B 369 32.52 53.24 13.79
N ALA B 370 32.72 53.84 12.63
CA ALA B 370 31.64 54.53 11.94
C ALA B 370 30.84 53.53 11.09
N VAL B 371 29.72 54.01 10.56
CA VAL B 371 28.90 53.13 9.72
C VAL B 371 29.45 53.09 8.29
N VAL B 372 29.70 54.26 7.70
CA VAL B 372 30.27 54.35 6.36
C VAL B 372 31.32 55.44 6.33
N GLU B 373 32.14 55.41 5.29
CA GLU B 373 33.14 56.44 5.02
C GLU B 373 33.16 56.71 3.53
N SER B 374 32.97 57.98 3.16
CA SER B 374 32.91 58.35 1.75
C SER B 374 34.30 58.33 1.13
N SER B 375 34.33 58.56 -0.18
CA SER B 375 35.61 58.62 -0.88
C SER B 375 36.46 59.78 -0.41
N THR B 376 35.86 60.82 0.16
CA THR B 376 36.56 61.97 0.68
C THR B 376 36.83 61.87 2.18
N GLY B 377 36.55 60.72 2.79
CA GLY B 377 36.84 60.51 4.19
C GLY B 377 35.76 60.93 5.16
N VAL B 378 34.60 61.34 4.68
CA VAL B 378 33.52 61.80 5.55
C VAL B 378 32.87 60.59 6.21
N LEU B 379 32.94 60.53 7.53
CA LEU B 379 32.34 59.44 8.28
C LEU B 379 30.82 59.64 8.38
N ASN B 380 30.08 58.55 8.22
CA ASN B 380 28.63 58.55 8.37
C ASN B 380 27.96 59.54 7.40
N ASP B 381 28.45 59.56 6.17
CA ASP B 381 27.86 60.41 5.13
C ASP B 381 26.45 59.92 4.84
N VAL B 382 25.45 60.71 5.24
CA VAL B 382 24.06 60.31 5.04
C VAL B 382 23.70 60.25 3.56
N ALA B 383 24.46 60.95 2.71
CA ALA B 383 24.23 60.85 1.28
C ALA B 383 24.50 59.46 0.73
N LEU B 384 25.23 58.63 1.48
CA LEU B 384 25.51 57.25 1.09
C LEU B 384 24.53 56.25 1.68
N ILE B 385 23.59 56.70 2.51
CA ILE B 385 22.65 55.82 3.18
C ILE B 385 21.37 55.80 2.36
N GLU B 386 21.15 54.70 1.63
CA GLU B 386 19.90 54.56 0.88
C GLU B 386 18.73 54.28 1.81
N ASN B 387 18.96 53.57 2.91
CA ASN B 387 17.92 53.31 3.91
C ASN B 387 18.58 52.80 5.18
N SER B 388 17.98 53.16 6.32
CA SER B 388 18.48 52.74 7.63
C SER B 388 17.27 52.61 8.55
N ILE B 389 16.79 51.38 8.69
CA ILE B 389 15.54 51.10 9.41
C ILE B 389 15.77 49.99 10.43
N ALA B 390 15.19 50.19 11.63
CA ALA B 390 15.14 49.16 12.67
C ALA B 390 16.54 48.67 13.08
N ASN B 391 17.54 49.53 12.96
CA ASN B 391 18.89 49.17 13.37
C ASN B 391 19.09 49.50 14.84
N HIS B 392 19.83 48.64 15.54
CA HIS B 392 20.23 48.88 16.91
C HIS B 392 21.75 48.82 16.99
N PHE B 393 22.36 49.94 17.35
CA PHE B 393 23.81 50.03 17.46
C PHE B 393 24.17 50.68 18.80
N THR B 394 24.94 49.96 19.61
CA THR B 394 25.50 50.52 20.82
C THR B 394 26.88 51.09 20.51
N LEU B 395 27.15 52.27 21.05
CA LEU B 395 28.39 52.98 20.74
C LEU B 395 29.42 52.71 21.83
N ALA B 396 30.52 52.09 21.44
CA ALA B 396 31.67 51.92 22.30
C ALA B 396 32.72 52.97 21.92
N THR B 397 33.91 52.85 22.51
CA THR B 397 34.97 53.82 22.23
C THR B 397 35.37 53.76 20.76
N GLY B 398 35.24 54.89 20.07
CA GLY B 398 35.50 54.97 18.65
C GLY B 398 34.29 54.79 17.76
N GLY B 399 33.14 54.41 18.33
CA GLY B 399 31.95 54.24 17.52
C GLY B 399 31.24 55.55 17.27
N SER B 400 30.57 55.62 16.12
CA SER B 400 29.90 56.84 15.71
C SER B 400 28.83 56.51 14.68
N ILE B 401 27.70 57.22 14.75
CA ILE B 401 26.65 57.07 13.75
C ILE B 401 26.31 58.38 13.05
N GLY B 402 26.75 59.53 13.57
CA GLY B 402 26.45 60.78 12.91
C GLY B 402 24.96 61.07 12.92
N ASP B 403 24.43 61.45 11.76
CA ASP B 403 23.01 61.74 11.61
C ASP B 403 22.20 60.54 11.13
N ILE B 404 22.78 59.35 11.15
CA ILE B 404 22.06 58.15 10.73
C ILE B 404 21.14 57.69 11.84
N ARG B 405 19.91 57.32 11.47
CA ARG B 405 18.89 56.97 12.45
C ARG B 405 19.08 55.56 12.97
N THR B 406 18.89 55.39 14.28
CA THR B 406 18.86 54.10 14.93
C THR B 406 17.65 54.06 15.87
N LEU B 407 17.40 52.87 16.44
CA LEU B 407 16.27 52.73 17.35
C LEU B 407 16.44 53.59 18.59
N THR B 408 17.67 53.73 19.08
CA THR B 408 17.95 54.58 20.23
C THR B 408 18.23 56.03 19.84
N MSE B 409 18.47 56.30 18.57
CA MSE B 409 18.65 57.66 18.09
C MSE B 409 17.62 57.99 17.01
O MSE B 409 17.95 58.00 15.83
CB MSE B 409 20.06 57.86 17.54
CG MSE B 409 21.11 58.11 18.61
SE MSE B 409 21.04 59.94 19.29
CE MSE B 409 21.42 60.88 17.62
N PRO B 410 16.38 58.26 17.43
CA PRO B 410 15.32 58.54 16.43
C PRO B 410 15.48 59.88 15.74
N SER B 411 16.28 60.79 16.29
CA SER B 411 16.46 62.10 15.67
C SER B 411 17.22 62.03 14.34
N GLY B 412 17.89 60.92 14.07
CA GLY B 412 18.62 60.77 12.83
C GLY B 412 17.71 60.54 11.64
N PHE B 413 18.33 60.43 10.47
CA PHE B 413 17.61 60.26 9.21
C PHE B 413 17.64 58.81 8.76
N ASN B 414 16.50 58.33 8.26
CA ASN B 414 16.45 56.99 7.68
C ASN B 414 17.18 56.94 6.35
N ALA B 415 17.16 58.03 5.59
CA ALA B 415 17.79 58.06 4.28
C ALA B 415 18.10 59.52 3.93
N ASP B 416 18.86 59.69 2.85
CA ASP B 416 19.20 61.04 2.40
C ASP B 416 18.00 61.71 1.74
N SER B 417 17.33 61.01 0.83
CA SER B 417 16.23 61.60 0.07
C SER B 417 15.27 60.53 -0.40
N ARG B 418 14.00 60.92 -0.53
CA ARG B 418 12.96 60.07 -1.09
C ARG B 418 11.99 60.96 -1.87
N ASN B 419 11.54 60.46 -3.03
CA ASN B 419 10.60 61.19 -3.87
C ASN B 419 9.35 60.34 -4.06
N PHE B 420 8.20 60.88 -3.66
CA PHE B 420 6.92 60.22 -3.82
C PHE B 420 5.97 61.11 -4.61
N GLN B 421 5.07 60.49 -5.36
CA GLN B 421 4.02 61.23 -6.06
C GLN B 421 2.90 61.66 -5.12
N ALA B 422 2.75 61.01 -3.98
CA ALA B 422 1.73 61.36 -3.01
C ALA B 422 2.18 60.91 -1.63
N ALA B 423 1.65 61.57 -0.60
CA ALA B 423 2.00 61.21 0.77
C ALA B 423 1.01 61.84 1.74
N LYS B 424 0.65 61.08 2.77
CA LYS B 424 -0.16 61.58 3.88
C LYS B 424 0.66 61.42 5.16
N ILE B 425 1.11 62.54 5.72
CA ILE B 425 1.92 62.55 6.93
C ILE B 425 1.13 63.29 8.00
N THR B 426 0.83 62.60 9.11
CA THR B 426 0.02 63.20 10.15
C THR B 426 0.73 64.37 10.82
N ASN B 427 1.96 64.14 11.27
CA ASN B 427 2.75 65.17 11.96
C ASN B 427 4.06 65.35 11.19
N LEU B 428 4.12 66.44 10.41
CA LEU B 428 5.29 66.72 9.56
C LEU B 428 6.08 67.88 10.17
N THR B 429 7.40 67.70 10.23
CA THR B 429 8.32 68.74 10.71
C THR B 429 9.26 69.09 9.56
N SER B 430 9.01 70.23 8.92
CA SER B 430 9.84 70.68 7.80
C SER B 430 9.78 72.19 7.75
N TYR B 431 10.90 72.84 8.08
CA TYR B 431 10.93 74.29 8.09
C TYR B 431 11.46 74.89 6.79
N LYS B 432 12.37 74.18 6.11
CA LYS B 432 12.82 74.60 4.78
C LYS B 432 11.98 73.92 3.70
N HIS B 433 10.69 74.23 3.73
CA HIS B 433 9.72 73.70 2.77
C HIS B 433 9.51 74.72 1.67
N ASN B 434 9.76 74.30 0.42
CA ASN B 434 9.70 75.19 -0.74
C ASN B 434 10.58 76.42 -0.51
N TYR B 435 11.81 76.16 -0.09
CA TYR B 435 12.71 77.18 0.45
C TYR B 435 13.83 77.49 -0.53
N LYS B 436 14.18 78.77 -0.63
CA LYS B 436 15.31 79.21 -1.43
C LYS B 436 16.04 80.32 -0.71
N LYS B 437 17.37 80.26 -0.73
CA LYS B 437 18.23 81.24 -0.07
C LYS B 437 19.10 81.91 -1.13
N THR B 438 19.16 83.24 -1.09
CA THR B 438 20.02 84.00 -1.98
C THR B 438 20.89 84.93 -1.15
N ILE B 439 22.21 84.83 -1.33
CA ILE B 439 23.15 85.59 -0.53
C ILE B 439 23.86 86.63 -1.39
N ASN B 440 24.72 87.42 -0.75
CA ASN B 440 25.56 88.42 -1.44
C ASN B 440 24.70 89.43 -2.20
N ARG B 441 23.57 89.81 -1.62
CA ARG B 441 22.71 90.85 -2.18
C ARG B 441 23.24 92.21 -1.73
N ASP B 442 24.05 92.84 -2.59
CA ASP B 442 24.70 94.10 -2.25
C ASP B 442 23.86 95.27 -2.73
N PHE B 443 23.51 96.17 -1.82
CA PHE B 443 22.64 97.29 -2.13
C PHE B 443 23.35 98.62 -1.89
N THR B 444 22.99 99.61 -2.70
CA THR B 444 23.20 101.01 -2.39
C THR B 444 21.85 101.66 -2.13
N VAL B 445 21.87 102.93 -1.73
CA VAL B 445 20.65 103.64 -1.36
C VAL B 445 19.67 103.63 -2.52
N GLY B 446 18.56 102.92 -2.36
CA GLY B 446 17.52 102.88 -3.36
C GLY B 446 17.76 101.92 -4.51
N SER B 447 18.80 101.10 -4.45
CA SER B 447 19.13 100.21 -5.55
C SER B 447 18.22 98.99 -5.54
N SER B 448 18.18 98.29 -6.68
CA SER B 448 17.35 97.12 -6.86
C SER B 448 18.23 95.91 -7.18
N VAL B 449 17.94 94.79 -6.52
CA VAL B 449 18.68 93.55 -6.71
C VAL B 449 17.69 92.41 -6.82
N GLY B 450 17.90 91.53 -7.80
CA GLY B 450 17.05 90.36 -7.92
C GLY B 450 17.32 89.34 -6.83
N VAL B 451 16.26 88.70 -6.35
CA VAL B 451 16.34 87.73 -5.26
C VAL B 451 16.12 86.31 -5.77
N ALA B 452 15.08 86.10 -6.57
CA ALA B 452 14.77 84.77 -7.09
C ALA B 452 13.92 84.90 -8.34
N SER B 453 13.88 83.83 -9.11
CA SER B 453 13.03 83.75 -10.29
C SER B 453 11.74 83.04 -9.95
N LEU B 454 10.63 83.58 -10.42
CA LEU B 454 9.30 83.05 -10.15
C LEU B 454 8.76 82.32 -11.38
N SER B 455 8.08 81.21 -11.14
CA SER B 455 7.51 80.42 -12.23
C SER B 455 6.49 79.46 -11.65
N HIS B 456 5.64 78.94 -12.54
CA HIS B 456 4.72 77.90 -12.13
C HIS B 456 5.50 76.62 -11.90
N PRO B 457 5.27 75.91 -10.78
CA PRO B 457 6.14 74.77 -10.47
C PRO B 457 5.81 73.48 -11.19
N SER B 458 4.62 73.34 -11.76
CA SER B 458 4.24 72.12 -12.48
C SER B 458 4.08 72.33 -13.98
N ILE B 459 3.58 73.48 -14.41
CA ILE B 459 3.32 73.77 -15.82
C ILE B 459 4.34 74.80 -16.28
N SER B 460 5.10 74.44 -17.33
CA SER B 460 6.18 75.29 -17.80
C SER B 460 5.64 76.54 -18.49
N GLY B 461 6.12 77.70 -18.06
CA GLY B 461 5.74 78.96 -18.67
C GLY B 461 4.33 79.42 -18.40
N ALA B 462 3.59 78.72 -17.54
CA ALA B 462 2.21 79.10 -17.28
C ALA B 462 2.15 80.24 -16.27
N SER B 463 0.96 80.83 -16.14
CA SER B 463 0.74 81.89 -15.18
C SER B 463 0.85 81.32 -13.77
N TYR B 464 1.78 81.84 -12.99
CA TYR B 464 1.96 81.41 -11.61
C TYR B 464 1.09 82.24 -10.68
N GLY B 465 0.96 81.78 -9.45
CA GLY B 465 0.15 82.46 -8.46
C GLY B 465 0.20 81.82 -7.08
N GLY B 466 0.72 82.55 -6.10
CA GLY B 466 0.79 82.03 -4.76
C GLY B 466 1.31 83.10 -3.81
N ARG B 467 1.75 82.66 -2.63
CA ARG B 467 2.23 83.56 -1.61
C ARG B 467 3.71 83.29 -1.33
N LEU B 468 4.43 84.34 -0.95
CA LEU B 468 5.85 84.28 -0.67
C LEU B 468 6.13 84.87 0.70
N LEU B 469 6.85 84.12 1.53
CA LEU B 469 7.33 84.60 2.82
C LEU B 469 8.83 84.82 2.72
N VAL B 470 9.25 86.08 2.84
CA VAL B 470 10.63 86.48 2.68
C VAL B 470 11.17 86.95 4.02
N ASN B 471 12.30 86.38 4.43
CA ASN B 471 13.02 86.81 5.63
C ASN B 471 14.37 87.37 5.18
N ALA B 472 14.48 88.70 5.21
CA ALA B 472 15.72 89.37 4.82
C ALA B 472 16.52 89.73 6.06
N ILE B 473 17.83 89.50 6.00
CA ILE B 473 18.73 89.78 7.11
C ILE B 473 19.94 90.54 6.59
N PHE B 474 20.64 91.18 7.52
CA PHE B 474 21.90 91.86 7.23
C PHE B 474 23.04 90.84 7.33
N GLY B 475 23.88 90.78 6.30
CA GLY B 475 24.96 89.82 6.26
C GLY B 475 24.60 88.59 5.43
N THR B 476 25.11 87.43 5.82
CA THR B 476 24.91 86.20 5.07
C THR B 476 24.11 85.15 5.84
N THR B 477 24.50 84.87 7.09
CA THR B 477 23.86 83.84 7.90
C THR B 477 23.39 84.45 9.21
N ALA B 478 22.16 84.14 9.60
CA ALA B 478 21.58 84.72 10.81
C ALA B 478 22.32 84.26 12.06
N ALA B 479 22.38 85.15 13.04
CA ALA B 479 22.99 84.87 14.33
C ALA B 479 22.23 85.65 15.39
N ALA B 480 22.75 85.63 16.62
CA ALA B 480 22.13 86.39 17.70
C ALA B 480 22.31 87.89 17.45
N GLY B 481 21.20 88.62 17.49
CA GLY B 481 21.24 90.06 17.28
C GLY B 481 21.31 90.50 15.84
N THR B 482 21.08 89.60 14.89
CA THR B 482 21.12 89.96 13.48
C THR B 482 19.88 90.75 13.11
N ASN B 483 20.09 91.88 12.42
CA ASN B 483 18.96 92.66 11.93
C ASN B 483 18.13 91.84 10.95
N SER B 484 16.84 91.72 11.24
CA SER B 484 15.95 90.84 10.49
C SER B 484 14.66 91.56 10.13
N ALA B 485 14.06 91.13 9.03
CA ALA B 485 12.76 91.64 8.59
C ALA B 485 12.05 90.56 7.79
N VAL B 486 10.74 90.47 7.97
CA VAL B 486 9.92 89.47 7.29
C VAL B 486 8.87 90.19 6.45
N TYR B 487 8.59 89.62 5.27
CA TYR B 487 7.62 90.17 4.35
C TYR B 487 6.71 89.07 3.83
N GLU B 488 5.41 89.37 3.74
CA GLU B 488 4.41 88.44 3.23
C GLU B 488 3.87 88.99 1.91
N LEU B 489 4.07 88.25 0.82
CA LEU B 489 3.79 88.74 -0.52
C LEU B 489 2.84 87.79 -1.24
N LEU B 490 1.83 88.36 -1.90
CA LEU B 490 0.99 87.64 -2.85
C LEU B 490 1.42 87.98 -4.26
N VAL B 491 1.70 86.96 -5.07
CA VAL B 491 2.19 87.16 -6.43
C VAL B 491 1.37 86.34 -7.40
N THR B 492 1.25 86.87 -8.62
CA THR B 492 0.65 86.18 -9.76
C THR B 492 1.00 86.96 -11.01
N SER B 493 0.86 86.32 -12.16
CA SER B 493 1.23 86.94 -13.42
C SER B 493 0.21 86.60 -14.50
N VAL B 494 0.03 87.53 -15.44
CA VAL B 494 -0.78 87.31 -16.63
C VAL B 494 -0.01 87.84 -17.83
N GLY B 495 0.76 86.97 -18.47
CA GLY B 495 1.59 87.42 -19.58
C GLY B 495 2.70 88.32 -19.09
N THR B 496 2.85 89.48 -19.75
CA THR B 496 3.86 90.45 -19.32
C THR B 496 3.47 91.19 -18.06
N ALA B 497 2.22 91.10 -17.63
CA ALA B 497 1.76 91.82 -16.46
C ALA B 497 2.13 91.05 -15.20
N LYS B 498 2.82 91.73 -14.28
CA LYS B 498 3.25 91.14 -13.02
C LYS B 498 2.46 91.78 -11.88
N TYR B 499 1.93 90.95 -10.99
CA TYR B 499 1.10 91.40 -9.88
C TYR B 499 1.71 90.93 -8.57
N ILE B 500 2.07 91.89 -7.72
CA ILE B 500 2.60 91.59 -6.40
C ILE B 500 1.94 92.52 -5.39
N SER B 501 1.59 91.97 -4.23
CA SER B 501 0.89 92.72 -3.19
C SER B 501 1.51 92.34 -1.85
N GLN B 502 2.06 93.32 -1.14
CA GLN B 502 2.68 93.07 0.15
C GLN B 502 1.57 92.92 1.19
N ILE B 503 1.31 91.69 1.60
CA ILE B 503 0.26 91.41 2.56
C ILE B 503 0.60 92.00 3.93
N GLY B 504 1.87 91.94 4.31
CA GLY B 504 2.28 92.47 5.60
C GLY B 504 3.78 92.39 5.76
N SER B 505 4.24 92.91 6.89
CA SER B 505 5.66 92.93 7.19
C SER B 505 5.86 93.08 8.69
N ALA B 506 7.07 92.78 9.14
CA ALA B 506 7.45 92.95 10.54
C ALA B 506 8.98 93.05 10.61
N GLY B 507 9.44 93.79 11.61
CA GLY B 507 10.86 93.99 11.80
C GLY B 507 11.35 95.32 11.27
N LEU B 508 12.65 95.36 10.97
CA LEU B 508 13.32 96.57 10.51
C LEU B 508 13.01 96.76 9.02
N THR B 509 11.87 97.38 8.75
CA THR B 509 11.35 97.51 7.40
C THR B 509 11.36 98.94 6.87
N SER B 510 11.93 99.89 7.61
CA SER B 510 11.86 101.29 7.23
C SER B 510 13.20 101.89 6.82
N GLY B 511 14.31 101.18 7.05
CA GLY B 511 15.60 101.71 6.64
C GLY B 511 16.11 102.83 7.53
N ALA B 512 15.80 102.79 8.82
CA ALA B 512 16.27 103.82 9.74
C ALA B 512 17.79 103.84 9.82
N ALA B 513 18.43 102.70 9.57
CA ALA B 513 19.87 102.61 9.50
C ALA B 513 20.25 101.83 8.24
N ALA B 514 21.53 101.89 7.88
CA ALA B 514 21.99 101.22 6.67
C ALA B 514 21.91 99.70 6.81
N SER B 515 22.16 99.17 8.01
CA SER B 515 22.20 97.74 8.24
C SER B 515 20.81 97.13 8.41
N HIS B 516 19.74 97.91 8.20
CA HIS B 516 18.41 97.34 8.35
C HIS B 516 17.95 96.69 7.05
N PRO B 517 17.45 95.46 7.08
CA PRO B 517 17.01 94.77 5.85
C PRO B 517 15.64 95.24 5.38
N SER B 518 15.58 96.50 4.93
CA SER B 518 14.33 97.15 4.56
C SER B 518 14.23 97.19 3.04
N PHE B 519 13.18 96.56 2.51
CA PHE B 519 13.03 96.43 1.06
C PHE B 519 11.56 96.49 0.67
N THR B 520 11.31 97.05 -0.52
CA THR B 520 10.02 96.96 -1.19
C THR B 520 10.16 96.01 -2.36
N TRP B 521 9.13 95.20 -2.59
CA TRP B 521 9.23 94.04 -3.46
C TRP B 521 8.46 94.26 -4.77
N SER B 522 9.04 93.80 -5.86
CA SER B 522 8.46 93.95 -7.19
C SER B 522 8.81 92.73 -8.03
N ILE B 523 8.23 92.67 -9.23
CA ILE B 523 8.50 91.61 -10.20
C ILE B 523 8.77 92.28 -11.54
N ASN B 524 9.94 92.00 -12.12
CA ASN B 524 10.33 92.63 -13.36
C ASN B 524 9.80 91.84 -14.56
N SER B 525 10.22 92.22 -15.76
CA SER B 525 9.77 91.54 -16.96
C SER B 525 10.34 90.13 -17.10
N SER B 526 11.43 89.84 -16.40
CA SER B 526 12.04 88.52 -16.42
C SER B 526 11.49 87.59 -15.32
N ASN B 527 10.35 87.96 -14.73
CA ASN B 527 9.73 87.17 -13.65
C ASN B 527 10.67 86.99 -12.47
N VAL B 528 11.50 88.00 -12.20
CA VAL B 528 12.44 87.97 -11.08
C VAL B 528 11.87 88.78 -9.93
N LEU B 529 11.86 88.20 -8.74
CA LEU B 529 11.47 88.93 -7.53
C LEU B 529 12.59 89.91 -7.17
N VAL B 530 12.32 91.20 -7.32
CA VAL B 530 13.32 92.24 -7.14
C VAL B 530 13.08 92.95 -5.82
N ALA B 531 14.16 93.20 -5.09
CA ALA B 531 14.13 93.93 -3.83
C ALA B 531 14.78 95.30 -4.02
N THR B 532 14.11 96.34 -3.57
CA THR B 532 14.61 97.70 -3.65
C THR B 532 14.85 98.23 -2.24
N ALA B 533 16.05 98.72 -1.98
CA ALA B 533 16.41 99.19 -0.65
C ALA B 533 15.55 100.38 -0.25
N VAL B 534 15.18 100.43 1.02
CA VAL B 534 14.28 101.44 1.56
C VAL B 534 15.06 102.32 2.53
N GLY B 535 14.90 103.63 2.40
CA GLY B 535 15.53 104.53 3.35
C GLY B 535 17.04 104.53 3.19
N SER B 536 17.74 104.30 4.29
CA SER B 536 19.20 104.32 4.32
C SER B 536 19.80 102.95 4.04
N THR B 537 18.99 101.95 3.73
CA THR B 537 19.47 100.58 3.59
C THR B 537 20.54 100.48 2.52
N ALA B 538 21.69 99.93 2.89
CA ALA B 538 22.80 99.72 1.98
C ALA B 538 23.76 98.73 2.60
N GLY B 539 24.32 97.85 1.77
CA GLY B 539 25.27 96.86 2.23
C GLY B 539 24.93 95.49 1.70
N ARG B 540 25.49 94.47 2.35
CA ARG B 540 25.31 93.09 1.95
C ARG B 540 24.18 92.45 2.77
N PHE B 541 23.20 91.87 2.07
CA PHE B 541 22.06 91.25 2.71
C PHE B 541 21.84 89.86 2.13
N ALA B 542 20.96 89.10 2.78
CA ALA B 542 20.63 87.75 2.36
C ALA B 542 19.15 87.49 2.59
N MSE B 543 18.49 86.91 1.59
CA MSE B 543 17.05 86.62 1.69
C MSE B 543 16.78 85.12 1.72
O MSE B 543 17.55 84.31 1.20
CB MSE B 543 16.30 87.25 0.51
CG MSE B 543 16.06 88.75 0.63
SE MSE B 543 17.68 89.82 0.49
CE MSE B 543 16.88 91.49 -0.10
N GLU B 544 15.65 84.76 2.33
CA GLU B 544 15.18 83.37 2.36
C GLU B 544 13.69 83.38 2.05
N VAL B 545 13.30 82.72 0.97
CA VAL B 545 11.93 82.74 0.47
C VAL B 545 11.27 81.39 0.72
N PHE B 546 10.02 81.43 1.19
CA PHE B 546 9.20 80.24 1.41
C PHE B 546 7.92 80.42 0.62
N THR B 547 7.71 79.58 -0.39
CA THR B 547 6.60 79.74 -1.31
C THR B 547 5.45 78.78 -0.98
N THR B 548 4.25 79.19 -1.38
CA THR B 548 3.04 78.40 -1.21
C THR B 548 2.14 78.64 -2.40
N GLY B 549 1.51 77.57 -2.89
CA GLY B 549 0.60 77.69 -4.01
C GLY B 549 1.25 77.40 -5.35
N ASN B 550 0.74 78.01 -6.41
CA ASN B 550 1.23 77.77 -7.77
C ASN B 550 2.40 78.69 -8.12
N VAL B 551 3.43 78.71 -7.29
CA VAL B 551 4.61 79.52 -7.56
C VAL B 551 5.82 78.89 -6.88
N GLN B 552 6.98 79.02 -7.51
CA GLN B 552 8.23 78.52 -6.98
C GLN B 552 9.31 79.58 -7.15
N ALA B 553 10.22 79.66 -6.18
CA ALA B 553 11.32 80.62 -6.21
C ALA B 553 12.61 79.85 -6.49
N THR B 554 13.20 80.10 -7.66
CA THR B 554 14.40 79.41 -8.06
C THR B 554 15.51 80.40 -8.40
N LEU C 11 49.61 -18.57 -6.82
CA LEU C 11 48.36 -17.87 -6.55
C LEU C 11 47.59 -18.52 -5.39
N MSE C 12 47.26 -17.71 -4.39
CA MSE C 12 46.50 -18.18 -3.24
C MSE C 12 45.02 -18.21 -3.57
O MSE C 12 44.53 -17.34 -4.30
CB MSE C 12 46.76 -17.29 -2.03
CG MSE C 12 46.15 -17.79 -0.73
SE MSE C 12 46.26 -16.47 0.70
CE MSE C 12 48.18 -16.11 0.63
N ASN C 13 44.30 -19.21 -3.07
CA ASN C 13 42.86 -19.30 -3.25
C ASN C 13 42.12 -18.71 -2.05
N LEU C 14 40.84 -18.46 -2.26
CA LEU C 14 39.97 -17.99 -1.19
C LEU C 14 39.80 -19.10 -0.16
N LYS C 15 39.97 -18.75 1.12
CA LYS C 15 39.95 -19.76 2.17
C LYS C 15 38.55 -20.34 2.35
N GLY C 16 37.53 -19.51 2.39
CA GLY C 16 36.18 -20.00 2.59
C GLY C 16 35.20 -18.87 2.82
N VAL C 17 34.01 -19.27 3.27
CA VAL C 17 32.90 -18.36 3.53
C VAL C 17 32.41 -18.55 4.96
N VAL C 18 32.14 -17.43 5.63
CA VAL C 18 31.63 -17.41 6.98
C VAL C 18 30.28 -16.70 6.98
N ASN C 19 29.44 -17.05 7.95
CA ASN C 19 28.06 -16.55 7.99
C ASN C 19 27.78 -15.62 9.16
N SER C 20 28.73 -15.42 10.07
CA SER C 20 28.48 -14.59 11.23
C SER C 20 29.81 -14.13 11.82
N LYS C 21 29.73 -13.15 12.72
CA LYS C 21 30.92 -12.67 13.39
C LYS C 21 31.43 -13.70 14.40
N VAL C 22 30.51 -14.42 15.05
CA VAL C 22 30.91 -15.43 16.01
C VAL C 22 31.65 -16.57 15.33
N GLU C 23 31.31 -16.87 14.07
CA GLU C 23 32.02 -17.91 13.35
C GLU C 23 33.40 -17.44 12.88
N LEU C 24 33.63 -16.12 12.82
CA LEU C 24 34.93 -15.62 12.40
C LEU C 24 35.94 -15.65 13.55
N GLU C 25 35.51 -15.25 14.75
CA GLU C 25 36.42 -15.19 15.88
C GLU C 25 36.88 -16.59 16.30
N GLY C 26 35.99 -17.58 16.21
CA GLY C 26 36.39 -18.95 16.47
C GLY C 26 37.22 -19.57 15.37
N LEU C 27 37.26 -18.95 14.19
CA LEU C 27 38.01 -19.48 13.06
C LEU C 27 39.48 -19.11 13.15
N SER C 28 40.35 -20.09 12.94
CA SER C 28 41.79 -19.89 12.98
C SER C 28 42.34 -19.76 11.56
N GLY C 29 43.45 -19.05 11.44
CA GLY C 29 44.03 -18.83 10.12
C GLY C 29 45.51 -18.50 10.21
N SER C 30 46.10 -18.27 9.04
CA SER C 30 47.50 -17.91 8.90
C SER C 30 47.59 -16.57 8.17
N ASP C 31 48.81 -16.03 8.10
CA ASP C 31 49.01 -14.72 7.49
C ASP C 31 48.64 -14.73 6.02
N GLY C 32 48.01 -13.65 5.57
CA GLY C 32 47.64 -13.47 4.19
C GLY C 32 46.34 -14.13 3.77
N GLN C 33 45.80 -15.04 4.57
CA GLN C 33 44.58 -15.74 4.19
C GLN C 33 43.39 -14.79 4.21
N VAL C 34 42.53 -14.92 3.21
CA VAL C 34 41.36 -14.06 3.06
C VAL C 34 40.11 -14.93 3.17
N VAL C 35 39.11 -14.41 3.89
CA VAL C 35 37.84 -15.10 4.05
C VAL C 35 36.72 -14.12 3.75
N LEU C 36 35.56 -14.66 3.37
CA LEU C 36 34.37 -13.86 3.09
C LEU C 36 33.34 -14.11 4.18
N MSE C 37 32.93 -13.04 4.86
CA MSE C 37 31.85 -13.14 5.83
C MSE C 37 30.55 -12.62 5.23
O MSE C 37 30.48 -11.47 4.79
CB MSE C 37 32.17 -12.40 7.11
CG MSE C 37 31.17 -12.68 8.23
SE MSE C 37 31.19 -11.37 9.68
CE MSE C 37 33.07 -11.50 10.15
N THR C 38 29.52 -13.47 5.19
CA THR C 38 28.22 -13.10 4.66
C THR C 38 27.34 -12.67 5.82
N GLY C 39 27.43 -11.39 6.18
CA GLY C 39 26.64 -10.86 7.27
C GLY C 39 27.32 -10.95 8.62
N TYR C 40 27.10 -9.94 9.46
CA TYR C 40 27.69 -9.94 10.79
C TYR C 40 27.06 -11.02 11.67
N TYR C 41 25.78 -11.32 11.47
CA TYR C 41 25.09 -12.36 12.20
C TYR C 41 24.59 -13.42 11.23
N ALA C 42 24.30 -14.60 11.78
CA ALA C 42 23.80 -15.70 10.96
C ALA C 42 22.43 -15.37 10.40
N GLY C 43 22.19 -15.76 9.15
CA GLY C 43 20.94 -15.48 8.49
C GLY C 43 20.79 -14.08 7.96
N GLN C 44 21.78 -13.22 8.16
CA GLN C 44 21.73 -11.84 7.68
C GLN C 44 22.79 -11.64 6.60
N TYR C 45 22.54 -10.68 5.72
CA TYR C 45 23.47 -10.32 4.66
C TYR C 45 24.11 -8.95 4.85
N MSE C 46 23.75 -8.24 5.92
CA MSE C 46 24.34 -6.93 6.18
C MSE C 46 25.48 -7.03 7.20
O MSE C 46 25.51 -7.95 8.02
CB MSE C 46 23.27 -5.96 6.68
CG MSE C 46 22.36 -5.45 5.59
SE MSE C 46 20.84 -4.45 6.27
CE MSE C 46 19.90 -5.93 7.16
N GLY C 47 26.40 -6.07 7.13
CA GLY C 47 27.62 -6.14 7.90
C GLY C 47 28.66 -7.08 7.33
N GLY C 48 28.37 -7.75 6.22
CA GLY C 48 29.33 -8.66 5.64
C GLY C 48 30.47 -7.94 4.94
N ASP C 49 31.61 -8.61 4.88
CA ASP C 49 32.82 -8.03 4.31
C ASP C 49 33.86 -9.15 4.19
N HIS C 50 34.93 -8.85 3.45
CA HIS C 50 36.08 -9.73 3.37
C HIS C 50 37.04 -9.42 4.50
N PHE C 51 37.73 -10.46 4.97
CA PHE C 51 38.67 -10.33 6.09
C PHE C 51 39.96 -11.03 5.75
N LYS C 52 41.08 -10.36 6.04
CA LYS C 52 42.41 -10.93 5.87
C LYS C 52 43.04 -11.10 7.25
N TYR C 53 43.72 -12.23 7.44
CA TYR C 53 44.28 -12.56 8.75
C TYR C 53 45.64 -11.90 8.94
N ASP C 54 45.89 -11.48 10.18
CA ASP C 54 47.15 -10.86 10.57
C ASP C 54 47.57 -11.49 11.89
N SER C 55 48.66 -12.26 11.86
CA SER C 55 49.11 -12.95 13.07
C SER C 55 49.62 -11.97 14.13
N THR C 56 50.04 -10.77 13.74
CA THR C 56 50.50 -9.79 14.71
C THR C 56 49.36 -9.30 15.60
N GLN C 57 48.13 -9.32 15.08
CA GLN C 57 46.96 -8.87 15.82
C GLN C 57 46.00 -10.01 16.11
N ALA C 58 46.54 -11.20 16.36
CA ALA C 58 45.69 -12.37 16.59
C ALA C 58 44.87 -12.24 17.87
N LEU C 59 45.40 -11.54 18.87
CA LEU C 59 44.71 -11.37 20.14
C LEU C 59 43.84 -10.13 20.19
N ILE C 60 43.83 -9.33 19.12
CA ILE C 60 43.04 -8.10 19.07
C ILE C 60 41.65 -8.43 18.52
N ASN C 61 40.61 -7.94 19.20
CA ASN C 61 39.23 -8.20 18.78
C ASN C 61 38.37 -7.03 19.27
N ASN C 62 38.28 -5.99 18.44
CA ASN C 62 37.45 -4.83 18.76
C ASN C 62 36.01 -4.98 18.27
N GLY C 63 35.72 -6.00 17.48
CA GLY C 63 34.36 -6.27 17.04
C GLY C 63 33.98 -5.66 15.70
N VAL C 64 34.84 -4.87 15.08
CA VAL C 64 34.53 -4.23 13.81
C VAL C 64 35.66 -4.43 12.81
N THR C 65 36.78 -3.74 13.03
CA THR C 65 37.88 -3.76 12.07
C THR C 65 38.78 -4.98 12.23
N VAL C 66 39.11 -5.37 13.46
CA VAL C 66 39.96 -6.52 13.71
C VAL C 66 39.22 -7.47 14.65
N ILE C 67 39.09 -8.72 14.23
CA ILE C 67 38.38 -9.75 15.00
C ILE C 67 39.29 -10.96 15.10
N ASN C 68 40.05 -11.03 16.19
CA ASN C 68 40.98 -12.14 16.45
C ASN C 68 41.92 -12.39 15.28
N GLY C 69 42.50 -11.30 14.77
CA GLY C 69 43.48 -11.36 13.70
C GLY C 69 42.92 -11.11 12.31
N TRP C 70 41.60 -11.20 12.14
CA TRP C 70 40.96 -10.98 10.84
C TRP C 70 40.68 -9.50 10.68
N VAL C 71 41.35 -8.86 9.73
CA VAL C 71 41.24 -7.42 9.51
C VAL C 71 40.17 -7.15 8.47
N LYS C 72 39.29 -6.20 8.76
CA LYS C 72 38.25 -5.81 7.83
C LYS C 72 38.87 -5.18 6.59
N GLN C 73 38.46 -5.66 5.42
CA GLN C 73 39.04 -5.21 4.15
C GLN C 73 38.25 -4.08 3.49
N PHE C 74 37.05 -3.78 3.97
CA PHE C 74 36.20 -2.72 3.41
C PHE C 74 36.02 -2.90 1.90
N SER C 75 35.47 -4.06 1.54
CA SER C 75 35.20 -4.33 0.13
C SER C 75 34.19 -3.35 -0.44
N ALA C 76 33.20 -2.96 0.36
CA ALA C 76 32.24 -1.94 -0.07
C ALA C 76 32.78 -0.53 0.12
N GLY C 77 33.83 -0.36 0.91
CA GLY C 77 34.38 0.97 1.11
C GLY C 77 33.55 1.87 1.99
N VAL C 78 32.63 1.30 2.78
CA VAL C 78 31.72 2.09 3.59
C VAL C 78 31.57 1.42 4.95
N LEU C 79 31.57 2.24 6.00
CA LEU C 79 31.34 1.78 7.36
C LEU C 79 29.85 1.83 7.67
N THR C 80 29.28 0.69 8.07
CA THR C 80 27.86 0.57 8.33
C THR C 80 27.63 0.22 9.80
N VAL C 81 26.49 0.64 10.34
CA VAL C 81 26.16 0.32 11.72
C VAL C 81 25.95 -1.18 11.89
N SER C 82 25.51 -1.87 10.84
CA SER C 82 25.36 -3.32 10.91
C SER C 82 26.70 -4.02 11.06
N ALA C 83 27.75 -3.46 10.47
CA ALA C 83 29.09 -4.01 10.64
C ALA C 83 29.67 -3.77 12.03
N CYS C 84 28.93 -3.08 12.91
CA CYS C 84 29.39 -2.84 14.27
C CYS C 84 28.58 -3.61 15.31
N GLY C 85 27.80 -4.59 14.87
CA GLY C 85 27.03 -5.42 15.79
C GLY C 85 25.54 -5.18 15.79
N ALA C 86 25.02 -4.37 14.88
CA ALA C 86 23.59 -4.09 14.83
C ALA C 86 22.87 -5.32 14.28
N ASP C 87 22.06 -5.96 15.12
CA ASP C 87 21.37 -7.18 14.74
C ASP C 87 19.95 -6.85 14.31
N PRO C 88 19.59 -7.06 13.03
CA PRO C 88 18.21 -6.78 12.60
C PRO C 88 17.16 -7.59 13.34
N SER C 89 17.51 -8.80 13.80
CA SER C 89 16.58 -9.60 14.56
C SER C 89 16.46 -9.18 16.01
N ALA C 90 17.40 -8.38 16.51
CA ALA C 90 17.38 -7.94 17.89
C ALA C 90 16.41 -6.78 18.07
N SER C 91 15.87 -6.66 19.29
CA SER C 91 14.94 -5.60 19.61
C SER C 91 15.62 -4.28 19.93
N ASP C 92 16.92 -4.30 20.18
CA ASP C 92 17.66 -3.09 20.55
C ASP C 92 18.98 -3.05 19.80
N HIS C 93 19.41 -1.83 19.46
CA HIS C 93 20.67 -1.63 18.76
C HIS C 93 21.51 -0.52 19.41
N SER C 94 21.30 -0.26 20.69
CA SER C 94 21.96 0.86 21.36
C SER C 94 23.47 0.66 21.42
N ALA C 95 23.91 -0.46 22.02
CA ALA C 95 25.33 -0.72 22.16
C ALA C 95 26.01 -0.82 20.79
N ALA C 96 25.30 -1.32 19.78
CA ALA C 96 25.85 -1.36 18.44
C ALA C 96 25.99 0.04 17.86
N LEU C 97 24.99 0.91 18.08
CA LEU C 97 25.07 2.27 17.58
C LEU C 97 26.17 3.05 18.28
N ASP C 98 26.32 2.86 19.60
CA ASP C 98 27.39 3.54 20.33
C ASP C 98 28.76 3.15 19.78
N LEU C 99 28.97 1.87 19.52
CA LEU C 99 30.23 1.43 18.91
C LEU C 99 30.40 2.00 17.50
N ALA C 100 29.29 2.23 16.79
CA ALA C 100 29.37 2.78 15.44
C ALA C 100 29.87 4.21 15.45
N VAL C 101 29.31 5.05 16.34
CA VAL C 101 29.75 6.44 16.43
C VAL C 101 31.19 6.51 16.89
N ASN C 102 31.57 5.69 17.87
CA ASN C 102 32.94 5.67 18.34
C ASN C 102 33.91 5.22 17.25
N THR C 103 33.49 4.25 16.43
CA THR C 103 34.37 3.75 15.38
C THR C 103 34.47 4.72 14.21
N ALA C 104 33.33 5.25 13.74
CA ALA C 104 33.35 6.15 12.60
C ALA C 104 34.13 7.43 12.90
N THR C 105 33.99 7.95 14.11
CA THR C 105 34.67 9.20 14.45
C THR C 105 36.16 8.97 14.67
N SER C 106 36.54 7.88 15.34
CA SER C 106 37.95 7.60 15.57
C SER C 106 38.67 7.24 14.28
N LEU C 107 37.95 6.66 13.31
CA LEU C 107 38.54 6.34 12.03
C LEU C 107 38.41 7.48 11.02
N LYS C 108 37.69 8.54 11.37
CA LYS C 108 37.50 9.71 10.51
C LYS C 108 36.92 9.32 9.16
N ARG C 109 35.77 8.63 9.21
CA ARG C 109 35.07 8.23 8.01
C ARG C 109 33.58 8.22 8.30
N LYS C 110 32.79 8.34 7.24
CA LYS C 110 31.35 8.49 7.41
C LYS C 110 30.72 7.19 7.90
N LEU C 111 29.60 7.33 8.61
CA LEU C 111 28.83 6.20 9.12
C LEU C 111 27.52 6.12 8.36
N VAL C 112 27.10 4.90 8.02
CA VAL C 112 25.90 4.66 7.23
C VAL C 112 24.99 3.73 8.02
N VAL C 113 23.73 4.13 8.14
CA VAL C 113 22.71 3.32 8.78
C VAL C 113 21.97 2.59 7.67
N ASP C 114 22.14 1.27 7.60
CA ASP C 114 21.61 0.48 6.49
C ASP C 114 20.30 -0.21 6.80
N PHE C 115 19.86 -0.22 8.06
CA PHE C 115 18.53 -0.69 8.39
C PHE C 115 18.02 0.08 9.60
N ASP C 116 16.71 0.07 9.78
CA ASP C 116 16.08 0.88 10.82
C ASP C 116 16.49 0.39 12.20
N LEU C 117 16.95 1.32 13.03
CA LEU C 117 17.45 1.00 14.36
C LEU C 117 16.39 1.29 15.43
N ARG C 118 16.48 0.55 16.53
CA ARG C 118 15.63 0.74 17.69
C ARG C 118 16.53 0.78 18.93
N VAL C 119 16.44 1.85 19.71
CA VAL C 119 17.34 2.10 20.82
C VAL C 119 16.53 2.38 22.07
N ASN C 120 17.01 1.86 23.21
CA ASN C 120 16.40 2.15 24.50
C ASN C 120 17.35 2.87 25.44
N THR C 121 18.60 3.09 25.04
CA THR C 121 19.57 3.85 25.79
C THR C 121 20.23 4.85 24.85
N THR C 122 20.54 6.04 25.37
CA THR C 122 21.05 7.12 24.55
C THR C 122 22.44 6.78 24.00
N THR C 123 22.82 7.50 22.95
CA THR C 123 24.16 7.40 22.35
C THR C 123 24.76 8.79 22.28
N GLU C 124 25.86 9.00 23.01
CA GLU C 124 26.49 10.31 23.05
C GLU C 124 27.08 10.68 21.70
N LEU C 125 26.89 11.94 21.31
CA LEU C 125 27.33 12.45 20.01
C LEU C 125 28.81 12.74 20.07
N ASP C 126 29.62 11.87 19.48
CA ASP C 126 31.03 12.14 19.34
C ASP C 126 31.25 13.26 18.33
N ALA C 127 32.33 14.02 18.54
CA ALA C 127 32.62 15.14 17.65
C ALA C 127 32.95 14.63 16.25
N THR C 128 32.65 15.47 15.25
CA THR C 128 32.93 15.22 13.84
C THR C 128 32.20 13.99 13.30
N LEU C 129 31.09 13.60 13.92
CA LEU C 129 30.32 12.46 13.43
C LEU C 129 29.58 12.84 12.15
N ARG C 130 29.81 12.08 11.09
CA ARG C 130 29.03 12.18 9.87
C ARG C 130 28.29 10.85 9.70
N ILE C 131 26.97 10.89 9.87
CA ILE C 131 26.14 9.69 9.82
C ILE C 131 25.02 9.92 8.81
N GLU C 132 24.81 8.94 7.93
CA GLU C 132 23.85 9.07 6.84
C GLU C 132 22.95 7.85 6.79
N GLY C 133 21.84 7.98 6.07
CA GLY C 133 20.90 6.89 5.87
C GLY C 133 20.60 6.69 4.40
N ASP C 134 20.41 5.41 4.04
CA ASP C 134 20.15 5.02 2.66
C ASP C 134 18.70 4.63 2.41
N GLY C 135 17.78 5.09 3.26
CA GLY C 135 16.38 4.72 3.13
C GLY C 135 15.68 5.40 1.97
N GLY C 136 14.35 5.41 2.00
CA GLY C 136 13.56 6.06 0.98
C GLY C 136 13.54 7.56 1.15
N ALA C 137 12.49 8.18 0.62
CA ALA C 137 12.33 9.62 0.66
C ALA C 137 11.36 10.03 1.76
N VAL C 138 11.72 11.08 2.49
CA VAL C 138 10.88 11.70 3.52
C VAL C 138 10.44 10.67 4.55
N GLN C 139 9.17 10.25 4.51
CA GLN C 139 8.63 9.44 5.59
C GLN C 139 9.11 7.99 5.55
N PHE C 140 9.62 7.52 4.42
CA PHE C 140 10.22 6.19 4.34
C PHE C 140 11.73 6.24 4.39
N SER C 141 12.30 7.30 4.97
CA SER C 141 13.74 7.41 5.11
C SER C 141 14.23 6.42 6.17
N ARG C 142 15.56 6.24 6.21
CA ARG C 142 16.18 5.41 7.24
C ARG C 142 15.87 5.99 8.61
N SER C 143 15.23 5.19 9.45
CA SER C 143 14.68 5.67 10.70
C SER C 143 15.44 5.13 11.90
N ILE C 144 15.41 5.91 12.98
CA ILE C 144 15.94 5.49 14.29
C ILE C 144 14.83 5.72 15.31
N THR C 145 14.38 4.65 15.94
CA THR C 145 13.28 4.70 16.90
C THR C 145 13.80 4.56 18.32
N ALA C 146 13.27 5.38 19.22
CA ALA C 146 13.60 5.31 20.63
C ALA C 146 12.51 4.53 21.34
N THR C 147 12.87 3.36 21.86
CA THR C 147 11.92 2.48 22.55
C THR C 147 11.78 2.82 24.02
N ALA C 148 12.37 3.93 24.47
CA ALA C 148 12.24 4.41 25.83
C ALA C 148 12.15 5.92 25.81
N ASP C 149 11.85 6.50 26.98
CA ASP C 149 11.74 7.94 27.13
C ASP C 149 13.15 8.52 27.32
N ILE C 150 13.95 8.40 26.25
CA ILE C 150 15.35 8.82 26.30
C ILE C 150 15.70 9.53 25.00
N PRO C 151 16.65 10.46 25.07
CA PRO C 151 17.15 11.09 23.84
C PRO C 151 17.90 10.08 22.99
N ILE C 152 17.61 10.06 21.69
CA ILE C 152 18.34 9.16 20.79
C ILE C 152 19.82 9.50 20.78
N PHE C 153 20.14 10.78 20.68
CA PHE C 153 21.51 11.27 20.77
C PHE C 153 21.63 12.23 21.93
N THR C 154 22.76 12.17 22.63
CA THR C 154 23.04 13.04 23.77
C THR C 154 24.21 13.94 23.42
N VAL C 155 23.97 15.24 23.37
CA VAL C 155 25.02 16.21 23.08
C VAL C 155 25.89 16.38 24.32
N LYS C 156 27.20 16.29 24.14
CA LYS C 156 28.12 16.40 25.25
C LYS C 156 28.23 17.85 25.72
N ALA C 157 28.71 18.02 26.95
CA ALA C 157 28.81 19.35 27.55
C ALA C 157 29.86 20.19 26.85
N GLY C 158 29.64 21.51 26.88
CA GLY C 158 30.60 22.42 26.26
C GLY C 158 30.56 22.32 24.75
N PHE C 159 31.72 22.10 24.15
CA PHE C 159 31.85 21.95 22.71
C PHE C 159 32.28 20.55 22.31
N SER C 160 32.18 19.59 23.22
CA SER C 160 32.72 18.25 22.97
C SER C 160 32.01 17.52 21.84
N SER C 161 30.81 17.93 21.47
CA SER C 161 30.08 17.34 20.35
C SER C 161 30.08 18.23 19.11
N GLU C 162 30.90 19.28 19.11
CA GLU C 162 30.91 20.20 17.98
C GLU C 162 31.30 19.49 16.69
N SER C 163 30.77 20.00 15.57
CA SER C 163 31.00 19.48 14.23
C SER C 163 30.30 18.14 14.05
N SER C 164 29.28 18.10 13.19
CA SER C 164 28.56 16.87 12.91
C SER C 164 27.78 17.04 11.61
N TYR C 165 27.29 15.92 11.10
CA TYR C 165 26.49 15.92 9.87
C TYR C 165 25.48 14.79 9.99
N PHE C 166 24.21 15.12 9.76
CA PHE C 166 23.11 14.16 9.82
C PHE C 166 22.38 14.20 8.49
N GLY C 167 22.52 13.16 7.68
CA GLY C 167 21.95 13.16 6.36
C GLY C 167 20.86 12.13 6.13
N LYS C 168 19.64 12.61 5.91
CA LYS C 168 18.51 11.78 5.48
C LYS C 168 18.23 10.66 6.48
N LEU C 169 17.89 11.08 7.71
CA LEU C 169 17.54 10.19 8.80
C LEU C 169 16.20 10.60 9.38
N MSE C 170 15.48 9.64 9.95
CA MSE C 170 14.19 9.92 10.57
C MSE C 170 14.17 9.44 12.01
O MSE C 170 14.72 8.39 12.33
CB MSE C 170 13.06 9.27 9.77
CG MSE C 170 11.66 9.61 10.29
SE MSE C 170 10.27 8.89 9.14
CE MSE C 170 8.71 9.53 10.12
N PHE C 171 13.53 10.22 12.89
CA PHE C 171 13.53 9.95 14.33
C PHE C 171 12.10 9.71 14.78
N LYS C 172 11.85 8.56 15.40
CA LYS C 172 10.53 8.18 15.85
C LYS C 172 10.59 7.81 17.33
N ALA C 173 9.43 7.50 17.90
CA ALA C 173 9.32 7.03 19.27
C ALA C 173 8.33 5.88 19.31
N SER C 174 8.69 4.81 20.03
CA SER C 174 7.80 3.66 20.13
C SER C 174 6.53 4.02 20.90
N THR C 175 6.66 4.87 21.91
CA THR C 175 5.53 5.38 22.68
C THR C 175 5.31 6.84 22.34
N GLY C 176 4.08 7.20 21.98
CA GLY C 176 3.80 8.57 21.61
C GLY C 176 3.96 9.51 22.78
N GLY C 177 4.59 10.65 22.53
CA GLY C 177 4.82 11.62 23.58
C GLY C 177 6.03 11.35 24.45
N THR C 178 7.00 10.59 23.95
CA THR C 178 8.20 10.27 24.70
C THR C 178 9.43 10.53 23.84
N ALA C 179 10.57 10.60 24.51
CA ALA C 179 11.88 10.66 23.87
C ALA C 179 12.11 11.90 23.01
N THR C 180 13.28 11.98 22.40
CA THR C 180 13.64 13.08 21.51
C THR C 180 14.83 12.64 20.68
N ALA C 181 15.08 13.36 19.59
CA ALA C 181 16.23 13.04 18.75
C ALA C 181 17.53 13.52 19.36
N PHE C 182 17.51 14.66 20.06
CA PHE C 182 18.72 15.23 20.64
C PHE C 182 18.40 15.87 21.98
N ARG C 183 19.34 15.75 22.91
CA ARG C 183 19.28 16.46 24.18
C ARG C 183 20.70 16.79 24.59
N SER C 184 20.85 17.87 25.35
CA SER C 184 22.16 18.39 25.72
C SER C 184 22.48 18.08 27.17
N THR C 185 23.73 17.70 27.42
CA THR C 185 24.24 17.54 28.77
C THR C 185 24.83 18.88 29.20
N SER C 186 24.32 19.42 30.31
CA SER C 186 24.76 20.72 30.81
C SER C 186 24.64 21.80 29.73
N ASN C 187 23.55 21.75 28.98
CA ASN C 187 23.30 22.68 27.88
C ASN C 187 24.44 22.65 26.87
N GLY C 188 24.92 21.46 26.56
CA GLY C 188 26.02 21.32 25.62
C GLY C 188 25.63 21.78 24.22
N TYR C 189 26.63 22.26 23.49
CA TYR C 189 26.41 22.86 22.18
C TYR C 189 26.33 21.78 21.10
N LEU C 190 25.21 21.72 20.39
CA LEU C 190 25.12 20.96 19.15
C LEU C 190 25.55 21.93 18.05
N SER C 191 26.86 22.00 17.86
CA SER C 191 27.50 23.08 17.11
C SER C 191 27.99 22.61 15.76
N GLN C 192 27.88 23.49 14.75
CA GLN C 192 28.41 23.27 13.42
C GLN C 192 27.89 21.97 12.81
N SER C 193 26.58 21.83 12.79
CA SER C 193 25.92 20.63 12.28
C SER C 193 25.08 20.98 11.07
N THR C 194 24.69 19.94 10.34
CA THR C 194 23.81 20.07 9.18
C THR C 194 22.77 18.97 9.24
N PHE C 195 21.51 19.36 9.08
CA PHE C 195 20.39 18.42 9.05
C PHE C 195 19.83 18.43 7.63
N ASP C 196 20.19 17.42 6.84
CA ASP C 196 19.83 17.34 5.44
C ASP C 196 18.69 16.35 5.28
N HIS C 197 17.50 16.87 4.97
CA HIS C 197 16.31 16.05 4.68
C HIS C 197 15.99 15.10 5.82
N CYS C 198 16.21 15.54 7.06
CA CYS C 198 15.86 14.76 8.23
C CYS C 198 14.40 14.96 8.58
N VAL C 199 13.73 13.86 8.94
CA VAL C 199 12.32 13.87 9.29
C VAL C 199 12.19 13.61 10.78
N PHE C 200 11.30 14.35 11.43
CA PHE C 200 11.06 14.25 12.86
C PHE C 200 9.62 13.84 13.08
N ASP C 201 9.42 12.59 13.48
CA ASP C 201 8.07 12.04 13.63
C ASP C 201 7.35 12.70 14.79
N ARG C 202 6.03 12.85 14.62
CA ARG C 202 5.22 13.50 15.66
C ARG C 202 5.08 12.65 16.91
N SER C 203 5.48 11.38 16.88
CA SER C 203 5.45 10.55 18.08
C SER C 203 6.44 11.05 19.13
N LEU C 204 7.46 11.79 18.73
CA LEU C 204 8.42 12.34 19.67
C LEU C 204 7.76 13.40 20.55
N ARG C 205 8.24 13.50 21.79
CA ARG C 205 7.81 14.60 22.65
C ARG C 205 8.44 15.91 22.19
N TYR C 206 9.73 15.88 21.87
CA TYR C 206 10.43 17.01 21.27
C TYR C 206 11.21 16.50 20.07
N GLY C 207 11.13 17.22 18.95
CA GLY C 207 11.94 16.87 17.81
C GLY C 207 13.41 17.02 18.13
N ILE C 208 13.80 18.21 18.58
CA ILE C 208 15.16 18.50 19.03
C ILE C 208 15.06 19.26 20.34
N ASP C 209 15.62 18.69 21.41
CA ASP C 209 15.66 19.34 22.71
C ASP C 209 17.11 19.60 23.12
N ALA C 210 17.91 20.10 22.19
CA ALA C 210 19.32 20.37 22.43
C ALA C 210 19.62 21.83 22.12
N ASN C 211 20.77 22.30 22.59
CA ASN C 211 21.21 23.68 22.40
C ASN C 211 21.88 23.81 21.05
N LEU C 212 21.11 24.24 20.05
CA LEU C 212 21.60 24.33 18.68
C LEU C 212 22.42 25.60 18.48
N ILE C 213 23.49 25.50 17.71
CA ILE C 213 24.27 26.67 17.30
C ILE C 213 25.01 26.34 16.02
N LEU C 214 25.01 27.30 15.08
CA LEU C 214 25.67 27.15 13.78
C LEU C 214 25.18 25.90 13.04
N CYS C 215 23.86 25.69 13.06
CA CYS C 215 23.24 24.54 12.41
C CYS C 215 22.34 25.01 11.29
N ASP C 216 22.45 24.38 10.13
CA ASP C 216 21.56 24.62 9.00
C ASP C 216 20.67 23.41 8.78
N PHE C 217 19.43 23.67 8.37
CA PHE C 217 18.43 22.64 8.16
C PHE C 217 17.98 22.69 6.71
N GLN C 218 18.21 21.61 5.98
CA GLN C 218 17.96 21.53 4.54
C GLN C 218 16.77 20.59 4.29
N LYS C 219 15.61 21.17 4.00
CA LYS C 219 14.40 20.43 3.65
C LYS C 219 14.06 19.38 4.71
N CYS C 220 14.06 19.82 5.97
CA CYS C 220 13.64 18.96 7.07
C CYS C 220 12.13 19.05 7.26
N ASP C 221 11.59 18.06 7.99
CA ASP C 221 10.16 17.97 8.27
C ASP C 221 9.97 17.78 9.76
N PHE C 222 9.06 18.57 10.35
CA PHE C 222 8.78 18.52 11.78
C PHE C 222 7.28 18.30 11.98
N GLY C 223 6.90 17.07 12.30
CA GLY C 223 5.56 16.78 12.77
C GLY C 223 4.51 16.51 11.71
N THR C 224 4.90 16.30 10.45
CA THR C 224 3.91 15.97 9.43
C THR C 224 3.42 14.54 9.62
N TYR C 225 4.34 13.59 9.80
CA TYR C 225 4.01 12.18 9.92
C TYR C 225 4.04 11.76 11.38
N MSE C 226 3.20 10.77 11.70
CA MSE C 226 3.05 10.29 13.08
C MSE C 226 2.93 8.78 13.10
O MSE C 226 1.87 8.22 12.83
CB MSE C 226 1.82 10.94 13.72
CG MSE C 226 1.75 10.82 15.23
SE MSE C 226 -0.04 11.25 15.89
CE MSE C 226 0.38 12.80 17.00
N SER C 227 4.04 8.09 13.43
CA SER C 227 4.06 6.64 13.40
C SER C 227 3.12 6.05 14.44
N THR C 228 3.15 6.58 15.66
CA THR C 228 2.24 6.17 16.72
C THR C 228 1.62 7.40 17.35
N THR C 229 0.42 7.22 17.90
CA THR C 229 -0.37 8.35 18.40
C THR C 229 0.32 9.03 19.57
N ASN C 230 0.38 10.36 19.51
CA ASN C 230 0.95 11.20 20.56
C ASN C 230 -0.18 12.04 21.15
N SER C 231 -0.51 11.79 22.42
CA SER C 231 -1.54 12.53 23.13
C SER C 231 -0.95 13.55 24.11
N ILE C 232 0.34 13.46 24.40
CA ILE C 232 0.95 14.37 25.37
C ILE C 232 1.35 15.68 24.71
N GLY C 233 1.92 15.63 23.53
CA GLY C 233 2.29 16.83 22.79
C GLY C 233 3.56 16.63 22.00
N PHE C 234 3.74 17.47 20.98
CA PHE C 234 4.92 17.45 20.13
C PHE C 234 5.42 18.87 19.93
N LYS C 235 6.69 19.11 20.22
CA LYS C 235 7.35 20.38 19.96
C LYS C 235 8.49 20.12 19.00
N ALA C 236 8.60 20.96 17.97
CA ALA C 236 9.61 20.73 16.93
C ALA C 236 11.03 20.92 17.48
N ILE C 237 11.30 22.11 18.02
CA ILE C 237 12.64 22.46 18.46
C ILE C 237 12.53 23.22 19.78
N ARG C 238 13.37 22.85 20.76
CA ARG C 238 13.48 23.61 22.00
C ARG C 238 14.96 23.64 22.38
N SER C 239 15.60 24.79 22.15
CA SER C 239 17.01 24.99 22.43
C SER C 239 17.13 25.93 23.62
N LEU C 240 17.49 25.38 24.78
CA LEU C 240 17.66 26.16 25.99
C LEU C 240 19.14 26.25 26.30
N GLY C 241 19.64 27.48 26.48
CA GLY C 241 21.04 27.69 26.73
C GLY C 241 21.33 28.47 27.99
N VAL C 242 22.51 29.09 28.04
CA VAL C 242 22.95 29.91 29.17
C VAL C 242 23.27 31.31 28.64
N VAL C 243 22.79 32.34 29.33
CA VAL C 243 23.03 33.69 28.88
C VAL C 243 24.52 33.99 28.94
N GLY C 244 25.06 34.51 27.85
CA GLY C 244 26.44 34.96 27.79
C GLY C 244 27.47 33.93 27.34
N THR C 245 27.29 32.68 27.76
CA THR C 245 28.26 31.62 27.55
C THR C 245 27.78 30.51 26.63
N ARG C 246 26.49 30.17 26.67
CA ARG C 246 25.94 29.07 25.86
C ARG C 246 24.62 29.58 25.28
N GLU C 247 24.69 30.22 24.12
CA GLU C 247 23.50 30.77 23.52
C GLU C 247 23.15 30.08 22.21
N PRO C 248 21.87 29.81 21.96
CA PRO C 248 21.49 29.20 20.68
C PRO C 248 21.56 30.21 19.54
N ASN C 249 22.61 30.16 18.73
CA ASN C 249 22.86 31.18 17.71
C ASN C 249 23.00 30.55 16.33
N ALA C 250 22.76 31.37 15.31
CA ALA C 250 23.14 31.08 13.93
C ALA C 250 22.53 29.77 13.42
N ASN C 251 21.21 29.69 13.49
CA ASN C 251 20.48 28.52 13.04
C ASN C 251 19.54 28.94 11.91
N THR C 252 19.78 28.40 10.71
CA THR C 252 19.06 28.79 9.52
C THR C 252 18.25 27.61 9.00
N PHE C 253 17.04 27.89 8.51
CA PHE C 253 16.12 26.85 8.04
C PHE C 253 15.75 27.15 6.59
N TYR C 254 15.99 26.18 5.72
CA TYR C 254 15.68 26.31 4.29
C TYR C 254 14.64 25.27 3.91
N ASN C 255 13.47 25.74 3.46
CA ASN C 255 12.41 24.89 2.92
C ASN C 255 11.95 23.83 3.91
N CYS C 256 12.07 24.11 5.20
CA CYS C 256 11.63 23.18 6.22
C CYS C 256 10.12 23.29 6.45
N ILE C 257 9.54 22.25 7.03
CA ILE C 257 8.11 22.16 7.24
C ILE C 257 7.83 21.88 8.71
N PHE C 258 6.93 22.66 9.30
CA PHE C 258 6.52 22.52 10.70
C PHE C 258 5.00 22.40 10.73
N ARG C 259 4.50 21.20 10.98
CA ARG C 259 3.06 20.97 10.97
C ARG C 259 2.61 20.26 12.24
N LYS C 260 1.37 20.59 12.65
CA LYS C 260 0.63 19.80 13.63
C LYS C 260 1.31 19.74 14.99
N GLY C 261 1.78 20.90 15.46
CA GLY C 261 2.29 20.99 16.81
C GLY C 261 1.16 21.01 17.82
N THR C 262 1.46 20.50 19.02
CA THR C 262 0.45 20.39 20.07
C THR C 262 0.93 20.86 21.43
N ASP C 263 2.15 21.35 21.55
CA ASP C 263 2.66 21.87 22.81
C ASP C 263 2.33 23.36 22.91
N ASP C 264 2.95 24.05 23.87
CA ASP C 264 2.71 25.48 24.02
C ASP C 264 3.26 26.27 22.84
N CYS C 265 4.31 25.77 22.19
CA CYS C 265 4.85 26.40 21.00
C CYS C 265 5.53 25.34 20.13
N MSE C 266 5.81 25.72 18.90
CA MSE C 266 6.42 24.80 17.94
C MSE C 266 7.94 24.91 17.97
O MSE C 266 8.64 23.91 17.94
CB MSE C 266 5.89 25.08 16.53
CG MSE C 266 6.24 24.00 15.51
SE MSE C 266 5.62 22.21 16.01
CE MSE C 266 5.93 21.30 14.32
N ILE C 267 8.45 26.15 18.02
CA ILE C 267 9.88 26.42 18.08
C ILE C 267 10.14 27.32 19.28
N GLU C 268 11.19 27.00 20.03
CA GLU C 268 11.49 27.73 21.27
C GLU C 268 12.99 27.79 21.49
N TRP C 269 13.48 28.98 21.84
CA TRP C 269 14.86 29.15 22.27
C TRP C 269 14.95 30.37 23.17
N ASP C 270 15.92 30.37 24.07
CA ASP C 270 16.04 31.42 25.08
C ASP C 270 17.45 32.01 25.07
N SER C 271 17.83 32.62 26.19
CA SER C 271 19.16 33.17 26.43
C SER C 271 19.54 34.26 25.44
N TYR C 272 18.54 34.92 24.85
CA TYR C 272 18.77 35.97 23.85
C TYR C 272 19.59 35.44 22.68
N GLY C 273 19.25 34.24 22.23
CA GLY C 273 19.92 33.66 21.09
C GLY C 273 19.68 34.48 19.83
N THR C 274 20.69 34.50 18.97
CA THR C 274 20.73 35.40 17.83
C THR C 274 20.66 34.64 16.51
N GLN C 275 20.07 35.30 15.51
CA GLN C 275 20.12 34.88 14.11
C GLN C 275 19.46 33.51 13.92
N TRP C 276 18.14 33.53 14.02
CA TRP C 276 17.26 32.42 13.63
C TRP C 276 16.44 32.91 12.44
N HIS C 277 16.72 32.36 11.26
CA HIS C 277 16.07 32.81 10.04
C HIS C 277 15.42 31.62 9.34
N PHE C 278 14.39 31.91 8.55
CA PHE C 278 13.55 30.89 7.92
C PHE C 278 13.37 31.27 6.45
N PHE C 279 14.00 30.52 5.56
CA PHE C 279 13.92 30.74 4.12
C PHE C 279 12.92 29.75 3.54
N ALA C 280 11.78 30.25 3.05
CA ALA C 280 10.79 29.44 2.34
C ALA C 280 10.30 28.27 3.18
N CYS C 281 10.16 28.49 4.48
CA CYS C 281 9.68 27.45 5.38
C CYS C 281 8.15 27.40 5.38
N ASP C 282 7.62 26.31 5.94
CA ASP C 282 6.17 26.06 5.96
C ASP C 282 5.74 25.79 7.40
N LEU C 283 5.01 26.73 7.98
CA LEU C 283 4.48 26.61 9.34
C LEU C 283 2.96 26.63 9.25
N GLU C 284 2.34 25.45 9.18
CA GLU C 284 0.91 25.37 8.98
C GLU C 284 0.31 24.20 9.75
N GLN C 285 -1.01 24.29 9.98
CA GLN C 285 -1.82 23.22 10.53
C GLN C 285 -1.40 22.85 11.96
N ASN C 286 -0.87 23.81 12.71
CA ASN C 286 -0.47 23.58 14.09
C ASN C 286 -1.63 23.89 15.04
N LEU C 287 -1.50 23.39 16.27
CA LEU C 287 -2.49 23.59 17.32
C LEU C 287 -1.81 24.08 18.59
N CYS C 288 -0.81 24.94 18.44
CA CYS C 288 -0.05 25.42 19.60
C CYS C 288 -0.92 26.27 20.52
N THR C 289 -0.62 26.18 21.82
CA THR C 289 -1.48 26.79 22.84
C THR C 289 -1.20 28.28 23.04
N GLU C 290 0.04 28.71 22.86
CA GLU C 290 0.40 30.10 23.11
C GLU C 290 0.87 30.79 21.83
N ALA C 291 1.90 30.27 21.19
CA ALA C 291 2.42 30.86 19.97
C ALA C 291 3.08 29.76 19.14
N LEU C 292 3.40 30.10 17.88
CA LEU C 292 4.17 29.18 17.06
C LEU C 292 5.65 29.25 17.41
N ILE C 293 6.15 30.45 17.72
CA ILE C 293 7.54 30.69 18.07
C ILE C 293 7.54 31.51 19.36
N LYS C 294 7.95 30.89 20.46
CA LYS C 294 8.13 31.57 21.73
C LYS C 294 9.61 31.59 22.05
N CYS C 295 10.20 32.78 22.06
CA CYS C 295 11.64 32.91 22.19
C CYS C 295 12.00 34.12 23.03
N THR C 296 12.99 33.94 23.90
CA THR C 296 13.70 35.03 24.55
C THR C 296 14.96 35.26 23.72
N ALA C 297 14.85 36.14 22.73
CA ALA C 297 15.88 36.26 21.70
C ALA C 297 16.31 37.71 21.55
N SER C 298 17.48 37.88 20.92
CA SER C 298 17.97 39.16 20.45
C SER C 298 18.38 39.00 18.98
N SER C 299 18.76 40.12 18.36
CA SER C 299 19.10 40.20 16.94
C SER C 299 17.84 39.99 16.10
N PRO C 300 17.84 40.37 14.82
CA PRO C 300 16.61 40.27 14.03
C PRO C 300 16.21 38.82 13.74
N ILE C 301 14.92 38.65 13.45
CA ILE C 301 14.35 37.38 13.04
C ILE C 301 13.66 37.59 11.70
N MSE C 302 14.03 36.80 10.70
CA MSE C 302 13.51 37.02 9.36
C MSE C 302 12.84 35.80 8.74
O MSE C 302 13.26 34.66 8.94
CB MSE C 302 14.63 37.50 8.43
CG MSE C 302 15.34 38.74 8.92
SE MSE C 302 16.56 39.46 7.58
CE MSE C 302 17.61 37.84 7.25
N PHE C 303 11.77 36.06 7.98
CA PHE C 303 11.08 35.06 7.19
C PHE C 303 11.12 35.52 5.73
N VAL C 304 11.95 34.87 4.93
CA VAL C 304 12.12 35.24 3.51
C VAL C 304 11.34 34.20 2.71
N GLY C 305 10.09 34.52 2.41
CA GLY C 305 9.22 33.60 1.69
C GLY C 305 8.73 32.46 2.56
N GLY C 306 7.60 31.86 2.19
CA GLY C 306 7.10 30.71 2.89
C GLY C 306 5.65 30.87 3.27
N TYR C 307 5.20 30.01 4.19
CA TYR C 307 3.81 29.96 4.61
C TYR C 307 3.72 30.00 6.14
N ILE C 308 2.78 30.79 6.64
CA ILE C 308 2.34 30.73 8.03
C ILE C 308 0.82 30.79 8.00
N GLU C 309 0.17 29.63 8.01
CA GLU C 309 -1.27 29.57 7.77
C GLU C 309 -1.87 28.43 8.56
N ALA C 310 -3.21 28.36 8.54
CA ALA C 310 -3.97 27.23 9.06
C ALA C 310 -3.68 26.95 10.54
N ASN C 311 -3.39 27.99 11.32
CA ASN C 311 -3.18 27.83 12.74
C ASN C 311 -4.27 28.56 13.51
N THR C 312 -5.51 28.11 13.32
CA THR C 312 -6.67 28.85 13.82
C THR C 312 -6.76 28.87 15.34
N SER C 313 -6.17 27.89 16.02
CA SER C 313 -6.25 27.79 17.47
C SER C 313 -5.01 28.36 18.17
N THR C 314 -4.04 28.85 17.42
CA THR C 314 -2.82 29.38 18.03
C THR C 314 -2.95 30.89 18.20
N PRO C 315 -2.75 31.42 19.41
CA PRO C 315 -2.93 32.87 19.62
C PRO C 315 -1.99 33.73 18.79
N TYR C 316 -0.69 33.47 18.86
CA TYR C 316 0.30 34.30 18.19
C TYR C 316 1.17 33.47 17.26
N VAL C 317 1.75 34.14 16.27
CA VAL C 317 2.73 33.49 15.39
C VAL C 317 4.10 33.50 16.04
N ILE C 318 4.55 34.66 16.51
CA ILE C 318 5.82 34.79 17.21
C ILE C 318 5.61 35.70 18.41
N LYS C 319 6.21 35.31 19.53
CA LYS C 319 6.09 36.04 20.79
C LYS C 319 7.47 36.18 21.41
N THR C 320 7.99 37.39 21.45
CA THR C 320 9.31 37.63 22.02
C THR C 320 9.19 37.94 23.51
N LEU C 321 10.18 37.50 24.27
CA LEU C 321 10.21 37.65 25.71
C LEU C 321 11.57 38.17 26.14
N GLY C 322 11.70 38.48 27.42
CA GLY C 322 12.96 38.88 28.00
C GLY C 322 12.95 40.32 28.47
N ASN C 323 14.16 40.81 28.75
CA ASN C 323 14.39 42.17 29.23
C ASN C 323 15.19 42.92 28.18
N SER C 324 14.65 44.04 27.69
CA SER C 324 15.31 44.79 26.63
C SER C 324 16.65 45.37 27.08
N ALA C 325 16.87 45.52 28.38
CA ALA C 325 18.16 46.00 28.87
C ALA C 325 19.27 45.00 28.59
N THR C 326 18.96 43.70 28.63
CA THR C 326 19.96 42.68 28.32
C THR C 326 20.10 42.49 26.82
N GLY C 327 18.98 42.43 26.10
CA GLY C 327 19.00 42.26 24.67
C GLY C 327 17.58 42.19 24.15
N PHE C 328 17.46 42.41 22.84
CA PHE C 328 16.13 42.40 22.24
C PHE C 328 16.24 42.15 20.74
N VAL C 329 15.12 41.77 20.16
CA VAL C 329 14.99 41.66 18.71
C VAL C 329 14.66 43.05 18.18
N PRO C 330 15.47 43.61 17.28
CA PRO C 330 15.14 44.94 16.74
C PRO C 330 14.06 44.88 15.67
N LEU C 331 14.04 43.79 14.91
CA LEU C 331 13.17 43.70 13.75
C LEU C 331 12.76 42.25 13.53
N ILE C 332 11.47 42.05 13.24
CA ILE C 332 10.94 40.78 12.78
C ILE C 332 10.35 41.05 11.40
N LYS C 333 11.00 40.51 10.36
CA LYS C 333 10.60 40.78 8.98
C LYS C 333 9.88 39.58 8.39
N PHE C 334 8.68 39.81 7.88
CA PHE C 334 7.92 38.82 7.13
C PHE C 334 7.98 39.26 5.66
N GLN C 335 8.98 38.75 4.95
CA GLN C 335 9.24 39.16 3.56
C GLN C 335 8.54 38.18 2.62
N GLY C 336 7.39 38.60 2.11
CA GLY C 336 6.66 37.81 1.13
C GLY C 336 6.15 36.48 1.66
N ILE C 337 5.39 36.53 2.75
CA ILE C 337 4.88 35.33 3.41
C ILE C 337 3.41 35.16 3.07
N HIS C 338 3.02 33.93 2.73
CA HIS C 338 1.62 33.59 2.51
C HIS C 338 0.98 33.30 3.86
N MSE C 339 0.06 34.16 4.29
CA MSE C 339 -0.49 34.07 5.64
C MSE C 339 -2.00 33.99 5.67
O MSE C 339 -2.68 34.98 5.96
CB MSE C 339 -0.01 35.28 6.46
CG MSE C 339 1.45 35.64 6.25
SE MSE C 339 2.17 36.87 7.58
CE MSE C 339 2.00 35.73 9.16
N ASN C 340 -2.54 32.80 5.39
CA ASN C 340 -3.98 32.56 5.41
C ASN C 340 -4.36 32.05 6.80
N ARG C 341 -4.83 32.96 7.65
CA ARG C 341 -5.18 32.69 9.04
C ARG C 341 -3.97 32.13 9.79
N PRO C 342 -2.94 32.95 10.02
CA PRO C 342 -1.72 32.43 10.67
C PRO C 342 -1.90 32.19 12.16
N CYS C 343 -2.87 32.84 12.80
CA CYS C 343 -3.07 32.76 14.24
C CYS C 343 -4.47 33.27 14.55
N SER C 344 -4.76 33.46 15.83
CA SER C 344 -6.10 33.84 16.28
C SER C 344 -6.19 35.19 16.96
N VAL C 345 -5.09 35.72 17.51
CA VAL C 345 -5.12 37.02 18.19
C VAL C 345 -4.25 38.04 17.47
N ALA C 346 -2.96 37.74 17.30
CA ALA C 346 -2.07 38.68 16.65
C ALA C 346 -0.85 37.93 16.12
N ILE C 347 -0.38 38.33 14.94
CA ILE C 347 0.79 37.69 14.36
C ILE C 347 2.01 37.91 15.24
N GLY C 348 2.30 39.18 15.56
CA GLY C 348 3.40 39.50 16.44
C GLY C 348 2.96 39.96 17.81
N LYS C 349 3.41 39.27 18.85
CA LYS C 349 3.12 39.63 20.23
C LYS C 349 4.40 40.10 20.90
N ASN C 350 4.36 41.30 21.46
CA ASN C 350 5.50 41.87 22.16
C ASN C 350 5.29 41.79 23.66
N THR C 351 6.36 41.44 24.37
CA THR C 351 6.39 41.50 25.83
C THR C 351 7.18 42.69 26.34
N MSE C 352 8.18 43.13 25.58
CA MSE C 352 8.90 44.36 25.88
C MSE C 352 8.18 45.55 25.26
O MSE C 352 7.36 45.39 24.36
CB MSE C 352 10.32 44.29 25.33
CG MSE C 352 11.07 43.01 25.62
SE MSE C 352 12.58 42.85 24.41
CE MSE C 352 13.47 41.32 25.25
N ALA C 353 8.50 46.74 25.75
CA ALA C 353 8.01 47.95 25.12
C ALA C 353 8.82 48.24 23.86
N ASN C 354 8.14 48.80 22.86
CA ASN C 354 8.77 49.34 21.66
C ASN C 354 9.37 48.27 20.75
N TYR C 355 9.99 47.23 21.32
CA TYR C 355 10.69 46.25 20.52
C TYR C 355 10.06 44.87 20.68
N PRO C 356 10.05 44.05 19.61
CA PRO C 356 10.61 44.36 18.29
C PRO C 356 9.69 45.18 17.38
N LYS C 357 10.28 45.77 16.34
CA LYS C 357 9.52 46.34 15.25
C LYS C 357 9.25 45.27 14.20
N TYR C 358 8.26 45.52 13.36
CA TYR C 358 7.81 44.54 12.38
C TYR C 358 7.83 45.13 10.98
N ILE C 359 8.20 44.31 10.01
CA ILE C 359 8.11 44.65 8.60
C ILE C 359 7.29 43.56 7.91
N PHE C 360 6.20 43.95 7.26
CA PHE C 360 5.39 43.06 6.45
C PHE C 360 5.54 43.53 5.01
N GLU C 361 6.35 42.81 4.24
CA GLU C 361 6.73 43.21 2.88
C GLU C 361 6.13 42.22 1.90
N GLY C 362 5.06 42.63 1.23
CA GLY C 362 4.45 41.81 0.21
C GLY C 362 3.72 40.59 0.70
N CYS C 363 3.32 40.56 1.97
CA CYS C 363 2.59 39.41 2.49
C CYS C 363 1.19 39.33 1.88
N TYR C 364 0.64 38.12 1.91
CA TYR C 364 -0.63 37.83 1.23
C TYR C 364 -1.38 36.78 2.02
N GLY C 365 -2.63 37.06 2.35
CA GLY C 365 -3.44 36.09 3.06
C GLY C 365 -4.67 36.73 3.67
N GLN C 366 -5.28 35.96 4.58
CA GLN C 366 -6.50 36.33 5.26
C GLN C 366 -6.29 36.29 6.76
N LEU C 367 -6.83 37.28 7.47
CA LEU C 367 -6.60 37.44 8.90
C LEU C 367 -7.89 37.20 9.68
N ILE C 368 -7.79 36.37 10.72
CA ILE C 368 -8.80 36.29 11.77
C ILE C 368 -8.26 36.88 13.06
N SER C 369 -7.23 37.72 12.95
CA SER C 369 -6.50 38.23 14.10
C SER C 369 -6.04 39.65 13.80
N ALA C 370 -5.33 40.23 14.76
CA ALA C 370 -4.67 41.50 14.53
C ALA C 370 -3.30 41.26 13.89
N VAL C 371 -2.66 42.35 13.47
CA VAL C 371 -1.34 42.24 12.87
C VAL C 371 -0.27 42.12 13.95
N VAL C 372 -0.32 43.01 14.95
CA VAL C 372 0.61 42.97 16.07
C VAL C 372 -0.16 43.26 17.35
N GLU C 373 0.48 42.95 18.48
CA GLU C 373 -0.05 43.28 19.79
C GLU C 373 1.11 43.73 20.67
N SER C 374 1.00 44.94 21.23
CA SER C 374 2.08 45.51 22.02
C SER C 374 2.15 44.84 23.40
N SER C 375 3.18 45.23 24.16
CA SER C 375 3.33 44.71 25.50
C SER C 375 2.20 45.14 26.43
N THR C 376 1.52 46.25 26.11
CA THR C 376 0.39 46.72 26.88
C THR C 376 -0.94 46.25 26.32
N GLY C 377 -0.92 45.36 25.32
CA GLY C 377 -2.11 44.79 24.75
C GLY C 377 -2.74 45.57 23.62
N VAL C 378 -2.10 46.64 23.15
CA VAL C 378 -2.67 47.46 22.08
C VAL C 378 -2.53 46.71 20.76
N LEU C 379 -3.66 46.40 20.14
CA LEU C 379 -3.65 45.71 18.86
C LEU C 379 -3.33 46.68 17.73
N ASN C 380 -2.48 46.22 16.80
CA ASN C 380 -2.14 46.99 15.60
C ASN C 380 -1.52 48.35 15.94
N ASP C 381 -0.64 48.35 16.95
CA ASP C 381 0.08 49.57 17.34
C ASP C 381 1.02 49.97 16.20
N VAL C 382 0.70 51.10 15.55
CA VAL C 382 1.50 51.55 14.42
C VAL C 382 2.91 51.95 14.83
N ALA C 383 3.13 52.25 16.12
CA ALA C 383 4.47 52.54 16.59
C ALA C 383 5.40 51.34 16.49
N LEU C 384 4.86 50.13 16.36
CA LEU C 384 5.64 48.92 16.19
C LEU C 384 5.85 48.54 14.74
N ILE C 385 5.29 49.29 13.80
CA ILE C 385 5.36 48.97 12.39
C ILE C 385 6.52 49.77 11.80
N GLU C 386 7.62 49.08 11.52
CA GLU C 386 8.74 49.74 10.84
C GLU C 386 8.43 49.97 9.37
N ASN C 387 7.69 49.05 8.73
CA ASN C 387 7.28 49.21 7.35
C ASN C 387 6.20 48.20 7.04
N SER C 388 5.26 48.60 6.19
CA SER C 388 4.16 47.74 5.76
C SER C 388 3.82 48.14 4.33
N ILE C 389 4.35 47.39 3.35
CA ILE C 389 4.25 47.76 1.95
C ILE C 389 3.75 46.57 1.14
N ALA C 390 2.86 46.85 0.19
CA ALA C 390 2.38 45.88 -0.80
C ALA C 390 1.77 44.64 -0.15
N ASN C 391 1.21 44.81 1.05
CA ASN C 391 0.54 43.72 1.74
C ASN C 391 -0.93 43.65 1.34
N HIS C 392 -1.43 42.44 1.20
CA HIS C 392 -2.85 42.20 0.96
C HIS C 392 -3.39 41.30 2.05
N PHE C 393 -4.33 41.82 2.84
CA PHE C 393 -4.94 41.09 3.94
C PHE C 393 -6.44 41.24 3.85
N THR C 394 -7.14 40.11 3.72
CA THR C 394 -8.59 40.09 3.82
C THR C 394 -9.00 39.80 5.25
N LEU C 395 -10.00 40.53 5.73
CA LEU C 395 -10.42 40.45 7.13
C LEU C 395 -11.60 39.50 7.27
N ALA C 396 -11.40 38.44 8.04
CA ALA C 396 -12.48 37.56 8.43
C ALA C 396 -12.91 37.93 9.85
N THR C 397 -13.79 37.13 10.44
CA THR C 397 -14.30 37.43 11.78
C THR C 397 -13.16 37.39 12.79
N GLY C 398 -12.95 38.53 13.46
CA GLY C 398 -11.86 38.69 14.39
C GLY C 398 -10.60 39.31 13.80
N GLY C 399 -10.55 39.49 12.49
CA GLY C 399 -9.39 40.10 11.88
C GLY C 399 -9.44 41.62 11.94
N SER C 400 -8.26 42.22 12.04
CA SER C 400 -8.18 43.67 12.18
C SER C 400 -6.77 44.13 11.80
N ILE C 401 -6.70 45.29 11.16
CA ILE C 401 -5.43 45.92 10.83
C ILE C 401 -5.27 47.30 11.45
N GLY C 402 -6.34 47.90 11.95
CA GLY C 402 -6.20 49.22 12.56
C GLY C 402 -5.83 50.25 11.52
N ASP C 403 -4.81 51.06 11.83
CA ASP C 403 -4.32 52.09 10.94
C ASP C 403 -3.17 51.61 10.06
N ILE C 404 -2.92 50.31 10.00
CA ILE C 404 -1.85 49.77 9.18
C ILE C 404 -2.32 49.71 7.73
N ARG C 405 -1.44 50.12 6.81
CA ARG C 405 -1.80 50.23 5.41
C ARG C 405 -1.76 48.87 4.72
N THR C 406 -2.73 48.63 3.84
CA THR C 406 -2.76 47.46 2.99
C THR C 406 -3.10 47.91 1.57
N LEU C 407 -3.02 46.98 0.63
CA LEU C 407 -3.32 47.31 -0.76
C LEU C 407 -4.77 47.72 -0.94
N THR C 408 -5.68 47.10 -0.18
CA THR C 408 -7.10 47.47 -0.23
C THR C 408 -7.46 48.55 0.78
N MSE C 409 -6.59 48.84 1.74
CA MSE C 409 -6.85 49.92 2.69
C MSE C 409 -5.74 50.97 2.62
O MSE C 409 -4.91 51.07 3.54
CB MSE C 409 -6.95 49.36 4.12
CG MSE C 409 -7.52 50.32 5.15
SE MSE C 409 -9.46 50.47 5.07
CE MSE C 409 -9.72 51.86 6.40
N PRO C 410 -5.72 51.76 1.55
CA PRO C 410 -4.61 52.72 1.36
C PRO C 410 -4.63 53.87 2.36
N SER C 411 -5.73 54.09 3.07
CA SER C 411 -5.79 55.18 4.03
C SER C 411 -4.87 54.95 5.24
N GLY C 412 -4.42 53.71 5.45
CA GLY C 412 -3.54 53.41 6.55
C GLY C 412 -2.13 53.91 6.30
N PHE C 413 -1.28 53.68 7.30
CA PHE C 413 0.11 54.14 7.28
C PHE C 413 1.04 52.98 6.93
N ASN C 414 2.03 53.28 6.08
CA ASN C 414 3.06 52.28 5.79
C ASN C 414 4.00 52.08 6.96
N ALA C 415 4.24 53.13 7.74
CA ALA C 415 5.15 53.07 8.88
C ALA C 415 4.77 54.17 9.86
N ASP C 416 5.38 54.12 11.04
CA ASP C 416 5.12 55.12 12.06
C ASP C 416 5.81 56.45 11.73
N SER C 417 7.09 56.40 11.36
CA SER C 417 7.83 57.63 11.14
C SER C 417 8.98 57.38 10.17
N ARG C 418 9.34 58.43 9.44
CA ARG C 418 10.50 58.43 8.55
C ARG C 418 11.12 59.82 8.57
N ASN C 419 12.45 59.88 8.60
CA ASN C 419 13.19 61.14 8.57
C ASN C 419 14.12 61.15 7.37
N PHE C 420 13.96 62.14 6.50
CA PHE C 420 14.80 62.31 5.33
C PHE C 420 15.44 63.69 5.35
N GLN C 421 16.64 63.79 4.77
CA GLN C 421 17.27 65.09 4.61
C GLN C 421 16.66 65.90 3.47
N ALA C 422 16.01 65.24 2.52
CA ALA C 422 15.36 65.93 1.42
C ALA C 422 14.24 65.04 0.90
N ALA C 423 13.24 65.66 0.27
CA ALA C 423 12.12 64.92 -0.28
C ALA C 423 11.34 65.81 -1.23
N LYS C 424 10.91 65.24 -2.35
CA LYS C 424 10.02 65.90 -3.30
C LYS C 424 8.73 65.09 -3.37
N ILE C 425 7.65 65.66 -2.84
CA ILE C 425 6.35 65.01 -2.81
C ILE C 425 5.39 65.83 -3.66
N THR C 426 4.84 65.21 -4.71
CA THR C 426 3.96 65.94 -5.62
C THR C 426 2.68 66.37 -4.91
N ASN C 427 2.00 65.43 -4.26
CA ASN C 427 0.73 65.70 -3.58
C ASN C 427 0.90 65.31 -2.11
N LEU C 428 1.07 66.31 -1.25
CA LEU C 428 1.28 66.09 0.18
C LEU C 428 0.03 66.49 0.96
N THR C 429 -0.39 65.64 1.87
CA THR C 429 -1.52 65.89 2.76
C THR C 429 -0.99 65.86 4.20
N SER C 430 -0.82 67.04 4.80
CA SER C 430 -0.31 67.13 6.17
C SER C 430 -0.86 68.40 6.78
N TYR C 431 -1.78 68.26 7.73
CA TYR C 431 -2.41 69.42 8.36
C TYR C 431 -1.73 69.84 9.66
N LYS C 432 -1.14 68.89 10.40
CA LYS C 432 -0.34 69.23 11.58
C LYS C 432 1.12 69.39 11.18
N HIS C 433 1.35 70.34 10.28
CA HIS C 433 2.67 70.65 9.76
C HIS C 433 3.26 71.81 10.55
N ASN C 434 4.42 71.58 11.17
CA ASN C 434 5.05 72.56 12.06
C ASN C 434 4.06 73.02 13.13
N TYR C 435 3.41 72.05 13.76
CA TYR C 435 2.24 72.27 14.59
C TYR C 435 2.59 72.08 16.07
N LYS C 436 2.01 72.93 16.91
CA LYS C 436 2.13 72.81 18.36
C LYS C 436 0.81 73.16 19.01
N LYS C 437 0.43 72.38 20.02
CA LYS C 437 -0.80 72.59 20.77
C LYS C 437 -0.47 72.89 22.21
N THR C 438 -1.10 73.92 22.77
CA THR C 438 -0.95 74.27 24.18
C THR C 438 -2.32 74.36 24.80
N ILE C 439 -2.54 73.59 25.87
CA ILE C 439 -3.85 73.53 26.51
C ILE C 439 -3.77 74.16 27.90
N ASN C 440 -4.92 74.22 28.58
CA ASN C 440 -5.01 74.75 29.94
C ASN C 440 -4.50 76.19 30.02
N ARG C 441 -4.83 76.98 28.99
CA ARG C 441 -4.53 78.40 28.99
C ARG C 441 -5.64 79.12 29.74
N ASP C 442 -5.42 79.36 31.03
CA ASP C 442 -6.46 79.92 31.90
C ASP C 442 -6.30 81.43 31.95
N PHE C 443 -7.37 82.14 31.59
CA PHE C 443 -7.35 83.59 31.51
C PHE C 443 -8.34 84.20 32.49
N THR C 444 -7.98 85.37 33.00
CA THR C 444 -8.92 86.30 33.61
C THR C 444 -9.06 87.52 32.71
N VAL C 445 -9.96 88.42 33.09
CA VAL C 445 -10.24 89.59 32.27
C VAL C 445 -8.96 90.41 32.07
N GLY C 446 -8.46 90.43 30.83
CA GLY C 446 -7.27 91.20 30.51
C GLY C 446 -5.96 90.54 30.86
N SER C 447 -5.97 89.29 31.31
CA SER C 447 -4.74 88.63 31.74
C SER C 447 -3.96 88.11 30.54
N SER C 448 -2.68 87.82 30.79
CA SER C 448 -1.76 87.34 29.77
C SER C 448 -1.24 85.96 30.13
N VAL C 449 -1.22 85.06 29.16
CA VAL C 449 -0.74 83.69 29.33
C VAL C 449 0.16 83.35 28.17
N GLY C 450 1.32 82.75 28.46
CA GLY C 450 2.22 82.33 27.40
C GLY C 450 1.66 81.13 26.66
N VAL C 451 1.86 81.11 25.35
CA VAL C 451 1.36 80.06 24.49
C VAL C 451 2.48 79.16 23.97
N ALA C 452 3.56 79.75 23.48
CA ALA C 452 4.67 78.97 22.95
C ALA C 452 5.93 79.81 22.97
N SER C 453 7.07 79.13 22.88
CA SER C 453 8.37 79.77 22.79
C SER C 453 8.81 79.83 21.33
N LEU C 454 9.33 80.98 20.92
CA LEU C 454 9.76 81.18 19.55
C LEU C 454 11.28 81.14 19.46
N SER C 455 11.80 80.55 18.40
CA SER C 455 13.23 80.44 18.20
C SER C 455 13.50 80.05 16.74
N HIS C 456 14.73 80.28 16.32
CA HIS C 456 15.16 79.85 14.99
C HIS C 456 15.25 78.33 14.95
N PRO C 457 14.71 77.68 13.92
CA PRO C 457 14.68 76.20 13.92
C PRO C 457 15.97 75.55 13.47
N SER C 458 16.88 76.28 12.82
CA SER C 458 18.13 75.71 12.33
C SER C 458 19.36 76.21 13.06
N ILE C 459 19.40 77.49 13.42
CA ILE C 459 20.56 78.09 14.07
C ILE C 459 20.17 78.44 15.50
N SER C 460 20.91 77.92 16.47
CA SER C 460 20.57 78.12 17.87
C SER C 460 20.82 79.56 18.29
N GLY C 461 19.82 80.19 18.90
CA GLY C 461 19.96 81.54 19.40
C GLY C 461 19.99 82.62 18.34
N ALA C 462 19.79 82.27 17.07
CA ALA C 462 19.82 83.25 15.99
C ALA C 462 18.49 83.99 15.90
N SER C 463 18.51 85.07 15.11
CA SER C 463 17.29 85.84 14.89
C SER C 463 16.30 85.00 14.09
N TYR C 464 15.13 84.74 14.67
CA TYR C 464 14.09 84.00 13.97
C TYR C 464 13.21 84.97 13.17
N GLY C 465 12.40 84.40 12.29
CA GLY C 465 11.53 85.20 11.45
C GLY C 465 10.61 84.38 10.56
N GLY C 466 9.32 84.51 10.77
CA GLY C 466 8.36 83.77 9.97
C GLY C 466 6.94 84.17 10.33
N ARG C 467 6.00 83.34 9.92
CA ARG C 467 4.59 83.59 10.15
C ARG C 467 4.01 82.51 11.05
N LEU C 468 3.00 82.89 11.83
CA LEU C 468 2.35 82.00 12.77
C LEU C 468 0.84 82.00 12.51
N LEU C 469 0.27 80.81 12.37
CA LEU C 469 -1.17 80.64 12.26
C LEU C 469 -1.66 80.04 13.57
N VAL C 470 -2.44 80.81 14.32
CA VAL C 470 -2.91 80.40 15.64
C VAL C 470 -4.43 80.23 15.59
N ASN C 471 -4.90 79.06 16.03
CA ASN C 471 -6.33 78.77 16.16
C ASN C 471 -6.63 78.60 17.64
N ALA C 472 -7.27 79.60 18.24
CA ALA C 472 -7.65 79.58 19.64
C ALA C 472 -9.11 79.15 19.77
N ILE C 473 -9.37 78.27 20.74
CA ILE C 473 -10.72 77.77 20.98
C ILE C 473 -11.00 77.84 22.48
N PHE C 474 -12.29 77.77 22.82
CA PHE C 474 -12.72 77.69 24.20
C PHE C 474 -12.72 76.23 24.63
N GLY C 475 -12.07 75.95 25.76
CA GLY C 475 -11.93 74.59 26.22
C GLY C 475 -10.60 73.97 25.85
N THR C 476 -10.58 72.67 25.58
CA THR C 476 -9.35 71.96 25.28
C THR C 476 -9.33 71.38 23.87
N THR C 477 -10.37 70.67 23.47
CA THR C 477 -10.43 70.01 22.17
C THR C 477 -11.67 70.49 21.43
N ALA C 478 -11.50 70.83 20.15
CA ALA C 478 -12.60 71.37 19.37
C ALA C 478 -13.68 70.32 19.14
N ALA C 479 -14.93 70.80 19.09
CA ALA C 479 -16.08 69.96 18.81
C ALA C 479 -17.08 70.79 18.02
N ALA C 480 -18.28 70.25 17.83
CA ALA C 480 -19.33 70.99 17.13
C ALA C 480 -19.79 72.17 17.97
N GLY C 481 -19.76 73.37 17.39
CA GLY C 481 -20.20 74.55 18.08
C GLY C 481 -19.18 75.17 19.02
N THR C 482 -17.92 74.75 18.94
CA THR C 482 -16.89 75.31 19.82
C THR C 482 -16.51 76.71 19.34
N ASN C 483 -16.48 77.67 20.27
CA ASN C 483 -16.05 79.02 19.96
C ASN C 483 -14.62 79.01 19.45
N SER C 484 -14.40 79.58 18.28
CA SER C 484 -13.11 79.52 17.61
C SER C 484 -12.72 80.90 17.09
N ALA C 485 -11.41 81.11 16.99
CA ALA C 485 -10.86 82.34 16.43
C ALA C 485 -9.50 82.01 15.83
N VAL C 486 -9.20 82.63 14.70
CA VAL C 486 -7.97 82.40 13.96
C VAL C 486 -7.18 83.70 13.88
N TYR C 487 -5.86 83.59 14.01
CA TYR C 487 -4.97 84.75 13.97
C TYR C 487 -3.79 84.45 13.07
N GLU C 488 -3.41 85.42 12.24
CA GLU C 488 -2.27 85.33 11.35
C GLU C 488 -1.24 86.36 11.80
N LEU C 489 -0.06 85.88 12.19
CA LEU C 489 0.95 86.72 12.82
C LEU C 489 2.26 86.61 12.07
N LEU C 490 2.90 87.75 11.82
CA LEU C 490 4.27 87.80 11.33
C LEU C 490 5.17 88.13 12.51
N VAL C 491 6.19 87.30 12.73
CA VAL C 491 7.07 87.46 13.88
C VAL C 491 8.52 87.45 13.42
N THR C 492 9.35 88.20 14.15
CA THR C 492 10.80 88.21 13.98
C THR C 492 11.38 88.92 15.18
N SER C 493 12.68 88.71 15.41
CA SER C 493 13.34 89.30 16.56
C SER C 493 14.73 89.80 16.16
N VAL C 494 15.18 90.85 16.84
CA VAL C 494 16.53 91.36 16.70
C VAL C 494 17.08 91.62 18.09
N GLY C 495 17.74 90.61 18.67
CA GLY C 495 18.23 90.77 20.03
C GLY C 495 17.06 90.84 21.00
N THR C 496 17.08 91.85 21.87
CA THR C 496 15.99 92.06 22.81
C THR C 496 14.74 92.63 22.16
N ALA C 497 14.83 93.12 20.93
CA ALA C 497 13.69 93.71 20.25
C ALA C 497 12.83 92.62 19.63
N LYS C 498 11.54 92.63 19.97
CA LYS C 498 10.57 91.66 19.46
C LYS C 498 9.61 92.37 18.50
N TYR C 499 9.39 91.77 17.34
CA TYR C 499 8.54 92.36 16.31
C TYR C 499 7.45 91.36 15.96
N ILE C 500 6.19 91.76 16.18
CA ILE C 500 5.04 90.94 15.83
C ILE C 500 3.99 91.82 15.17
N SER C 501 3.37 91.31 14.11
CA SER C 501 2.37 92.05 13.34
C SER C 501 1.22 91.12 13.01
N GLN C 502 0.01 91.47 13.46
CA GLN C 502 -1.16 90.66 13.19
C GLN C 502 -1.63 90.93 11.77
N ILE C 503 -1.38 89.98 10.87
CA ILE C 503 -1.74 90.14 9.47
C ILE C 503 -3.25 90.15 9.30
N GLY C 504 -3.96 89.35 10.09
CA GLY C 504 -5.41 89.28 9.99
C GLY C 504 -5.97 88.40 11.09
N SER C 505 -7.30 88.32 11.12
CA SER C 505 -7.99 87.52 12.12
C SER C 505 -9.39 87.22 11.62
N ALA C 506 -10.02 86.22 12.24
CA ALA C 506 -11.40 85.87 11.93
C ALA C 506 -12.00 85.12 13.11
N GLY C 507 -13.31 85.27 13.27
CA GLY C 507 -14.03 84.63 14.35
C GLY C 507 -14.30 85.55 15.52
N LEU C 508 -14.53 84.93 16.68
CA LEU C 508 -14.85 85.65 17.91
C LEU C 508 -13.56 86.22 18.49
N THR C 509 -13.19 87.40 17.98
CA THR C 509 -11.92 88.03 18.32
C THR C 509 -12.08 89.30 19.15
N SER C 510 -13.29 89.62 19.60
CA SER C 510 -13.55 90.87 20.29
C SER C 510 -13.89 90.70 21.76
N GLY C 511 -14.14 89.49 22.22
CA GLY C 511 -14.43 89.27 23.63
C GLY C 511 -15.80 89.72 24.07
N ALA C 512 -16.80 89.62 23.19
CA ALA C 512 -18.16 90.01 23.55
C ALA C 512 -18.72 89.15 24.67
N ALA C 513 -18.23 87.92 24.81
CA ALA C 513 -18.60 87.03 25.88
C ALA C 513 -17.35 86.41 26.49
N ALA C 514 -17.51 85.79 27.65
CA ALA C 514 -16.37 85.21 28.36
C ALA C 514 -15.78 84.03 27.60
N SER C 515 -16.62 83.23 26.95
CA SER C 515 -16.17 82.03 26.26
C SER C 515 -15.60 82.30 24.88
N HIS C 516 -15.43 83.57 24.49
CA HIS C 516 -14.91 83.82 23.15
C HIS C 516 -13.38 83.80 23.17
N PRO C 517 -12.74 83.07 22.26
CA PRO C 517 -11.27 83.00 22.25
C PRO C 517 -10.63 84.24 21.63
N SER C 518 -10.80 85.37 22.31
CA SER C 518 -10.37 86.67 21.82
C SER C 518 -9.08 87.08 22.53
N PHE C 519 -8.01 87.26 21.76
CA PHE C 519 -6.71 87.52 22.34
C PHE C 519 -5.90 88.46 21.46
N THR C 520 -5.04 89.24 22.11
CA THR C 520 -4.03 90.06 21.47
C THR C 520 -2.67 89.42 21.67
N TRP C 521 -1.84 89.45 20.64
CA TRP C 521 -0.61 88.66 20.61
C TRP C 521 0.62 89.56 20.73
N SER C 522 1.58 89.10 21.53
CA SER C 522 2.82 89.83 21.76
C SER C 522 3.94 88.83 21.98
N ILE C 523 5.16 89.35 22.10
CA ILE C 523 6.35 88.54 22.37
C ILE C 523 7.11 89.21 23.50
N ASN C 524 7.34 88.47 24.58
CA ASN C 524 8.01 89.03 25.76
C ASN C 524 9.53 88.89 25.61
N SER C 525 10.26 89.23 26.67
CA SER C 525 11.72 89.18 26.63
C SER C 525 12.25 87.75 26.58
N SER C 526 11.45 86.76 26.98
CA SER C 526 11.85 85.36 26.92
C SER C 526 11.49 84.70 25.60
N ASN C 527 11.19 85.49 24.56
CA ASN C 527 10.82 84.98 23.25
C ASN C 527 9.60 84.06 23.32
N VAL C 528 8.67 84.36 24.23
CA VAL C 528 7.46 83.58 24.39
C VAL C 528 6.31 84.32 23.71
N LEU C 529 5.56 83.60 22.87
CA LEU C 529 4.35 84.16 22.27
C LEU C 529 3.27 84.27 23.33
N VAL C 530 2.93 85.50 23.71
CA VAL C 530 2.01 85.76 24.82
C VAL C 530 0.67 86.20 24.25
N ALA C 531 -0.41 85.65 24.81
CA ALA C 531 -1.77 86.02 24.46
C ALA C 531 -2.40 86.79 25.62
N THR C 532 -3.02 87.92 25.32
CA THR C 532 -3.70 88.74 26.31
C THR C 532 -5.19 88.75 26.02
N ALA C 533 -6.00 88.41 27.02
CA ALA C 533 -7.44 88.32 26.83
C ALA C 533 -8.03 89.69 26.48
N VAL C 534 -9.02 89.68 25.58
CA VAL C 534 -9.64 90.89 25.07
C VAL C 534 -11.09 90.94 25.55
N GLY C 535 -11.50 92.11 26.04
CA GLY C 535 -12.90 92.29 26.43
C GLY C 535 -13.24 91.49 27.67
N SER C 536 -14.29 90.69 27.57
CA SER C 536 -14.79 89.88 28.68
C SER C 536 -14.19 88.48 28.71
N THR C 537 -13.23 88.19 27.83
CA THR C 537 -12.70 86.83 27.70
C THR C 537 -12.09 86.34 29.01
N ALA C 538 -12.55 85.17 29.45
CA ALA C 538 -12.03 84.53 30.66
C ALA C 538 -12.47 83.08 30.65
N GLY C 539 -11.58 82.19 31.12
CA GLY C 539 -11.89 80.78 31.19
C GLY C 539 -10.78 79.93 30.64
N ARG C 540 -11.12 78.69 30.30
CA ARG C 540 -10.17 77.70 29.81
C ARG C 540 -10.12 77.73 28.29
N PHE C 541 -8.93 77.93 27.72
CA PHE C 541 -8.76 77.99 26.28
C PHE C 541 -7.59 77.11 25.86
N ALA C 542 -7.48 76.90 24.55
CA ALA C 542 -6.42 76.09 23.97
C ALA C 542 -5.99 76.69 22.64
N MSE C 543 -4.69 76.67 22.38
CA MSE C 543 -4.14 77.21 21.14
C MSE C 543 -3.44 76.15 20.30
O MSE C 543 -2.80 75.25 20.83
CB MSE C 543 -3.17 78.35 21.43
CG MSE C 543 -3.81 79.69 21.74
SE MSE C 543 -4.76 79.74 23.44
CE MSE C 543 -4.90 81.67 23.65
N GLU C 544 -3.58 76.27 18.98
CA GLU C 544 -2.87 75.42 18.03
C GLU C 544 -2.12 76.31 17.05
N VAL C 545 -0.80 76.20 17.03
CA VAL C 545 0.06 77.09 16.27
C VAL C 545 0.64 76.34 15.08
N PHE C 546 0.66 77.01 13.92
CA PHE C 546 1.23 76.46 12.70
C PHE C 546 2.26 77.47 12.19
N THR C 547 3.53 77.07 12.18
CA THR C 547 4.62 77.98 11.85
C THR C 547 5.11 77.77 10.42
N THR C 548 5.66 78.84 9.85
CA THR C 548 6.24 78.81 8.51
C THR C 548 7.44 79.75 8.49
N GLY C 549 8.50 79.32 7.82
CA GLY C 549 9.68 80.15 7.71
C GLY C 549 10.73 79.86 8.75
N ASN C 550 11.52 80.86 9.11
CA ASN C 550 12.61 80.69 10.07
C ASN C 550 12.14 80.88 11.50
N VAL C 551 11.10 80.14 11.91
CA VAL C 551 10.61 80.22 13.28
C VAL C 551 9.94 78.89 13.63
N GLN C 552 10.06 78.49 14.89
CA GLN C 552 9.42 77.30 15.40
C GLN C 552 8.78 77.60 16.74
N ALA C 553 7.64 76.96 17.00
CA ALA C 553 6.90 77.13 18.25
C ALA C 553 7.07 75.88 19.10
N THR C 554 7.77 76.03 20.22
CA THR C 554 8.04 74.91 21.11
C THR C 554 7.56 75.21 22.53
N LEU D 11 6.65 -95.90 -15.83
CA LEU D 11 6.93 -96.71 -14.65
C LEU D 11 8.00 -96.03 -13.79
N MSE D 12 7.88 -94.72 -13.65
CA MSE D 12 8.81 -93.94 -12.85
C MSE D 12 8.49 -94.07 -11.36
O MSE D 12 7.71 -94.93 -10.97
CB MSE D 12 8.77 -92.46 -13.27
CG MSE D 12 8.97 -92.25 -14.75
SE MSE D 12 10.76 -91.60 -15.18
CE MSE D 12 10.57 -89.75 -14.57
N ASN D 13 9.10 -93.20 -10.55
CA ASN D 13 8.75 -93.05 -9.14
C ASN D 13 9.54 -91.89 -8.55
N LEU D 14 9.08 -91.43 -7.39
CA LEU D 14 9.78 -90.38 -6.66
C LEU D 14 11.10 -90.90 -6.11
N LYS D 15 12.15 -90.09 -6.27
CA LYS D 15 13.48 -90.53 -5.83
C LYS D 15 13.54 -90.63 -4.31
N GLY D 16 13.01 -89.64 -3.60
CA GLY D 16 13.04 -89.67 -2.16
C GLY D 16 12.56 -88.35 -1.58
N VAL D 17 12.78 -88.19 -0.28
CA VAL D 17 12.35 -87.02 0.46
C VAL D 17 13.54 -86.47 1.24
N VAL D 18 13.71 -85.15 1.20
CA VAL D 18 14.75 -84.46 1.96
C VAL D 18 14.05 -83.44 2.86
N ASN D 19 14.74 -83.10 3.95
CA ASN D 19 14.15 -82.26 4.99
C ASN D 19 14.81 -80.88 5.08
N SER D 20 15.86 -80.61 4.30
CA SER D 20 16.58 -79.35 4.41
C SER D 20 17.32 -79.08 3.11
N LYS D 21 17.82 -77.84 2.99
CA LYS D 21 18.58 -77.46 1.79
C LYS D 21 19.96 -78.10 1.76
N VAL D 22 20.59 -78.29 2.93
CA VAL D 22 21.92 -78.88 2.97
C VAL D 22 21.87 -80.31 2.43
N GLU D 23 20.75 -81.00 2.61
CA GLU D 23 20.59 -82.35 2.09
C GLU D 23 20.39 -82.38 0.58
N LEU D 24 20.01 -81.27 -0.05
CA LEU D 24 19.71 -81.28 -1.48
C LEU D 24 20.94 -81.15 -2.37
N GLU D 25 21.86 -80.24 -2.07
CA GLU D 25 22.98 -80.06 -2.98
C GLU D 25 23.94 -81.24 -2.93
N GLY D 26 24.16 -81.82 -1.75
CA GLY D 26 25.01 -83.02 -1.66
C GLY D 26 24.39 -84.24 -2.30
N LEU D 27 23.10 -84.16 -2.60
CA LEU D 27 22.38 -85.19 -3.29
C LEU D 27 22.66 -85.06 -4.78
N SER D 28 23.08 -86.13 -5.42
CA SER D 28 23.35 -86.12 -6.84
C SER D 28 22.20 -86.78 -7.58
N GLY D 29 22.00 -86.38 -8.84
CA GLY D 29 20.88 -86.92 -9.59
C GLY D 29 21.11 -86.85 -11.08
N SER D 30 20.11 -87.31 -11.82
CA SER D 30 20.13 -87.32 -13.27
C SER D 30 18.94 -86.54 -13.80
N ASP D 31 18.91 -86.36 -15.12
CA ASP D 31 17.88 -85.55 -15.76
C ASP D 31 16.50 -86.16 -15.52
N GLY D 32 15.52 -85.29 -15.26
CA GLY D 32 14.14 -85.71 -15.08
C GLY D 32 13.79 -86.21 -13.70
N GLN D 33 14.77 -86.50 -12.85
CA GLN D 33 14.48 -87.03 -11.52
C GLN D 33 13.87 -85.94 -10.64
N VAL D 34 12.85 -86.32 -9.87
CA VAL D 34 12.13 -85.40 -9.00
C VAL D 34 12.29 -85.86 -7.56
N VAL D 35 12.48 -84.91 -6.64
CA VAL D 35 12.63 -85.19 -5.22
C VAL D 35 11.66 -84.30 -4.45
N LEU D 36 11.35 -84.72 -3.23
CA LEU D 36 10.45 -83.99 -2.34
C LEU D 36 11.25 -83.37 -1.21
N MSE D 37 10.95 -82.11 -0.91
CA MSE D 37 11.63 -81.37 0.15
C MSE D 37 10.61 -80.87 1.16
O MSE D 37 9.79 -80.02 0.85
CB MSE D 37 12.43 -80.20 -0.44
CG MSE D 37 13.22 -79.40 0.56
SE MSE D 37 14.42 -78.17 -0.36
CE MSE D 37 15.09 -77.17 1.17
N THR D 38 10.65 -81.43 2.37
CA THR D 38 9.70 -81.09 3.43
C THR D 38 10.35 -80.07 4.35
N GLY D 39 10.20 -78.80 4.00
CA GLY D 39 10.76 -77.70 4.77
C GLY D 39 12.15 -77.31 4.32
N TYR D 40 12.43 -76.01 4.35
CA TYR D 40 13.75 -75.52 3.94
C TYR D 40 14.83 -75.93 4.93
N TYR D 41 14.50 -75.99 6.21
CA TYR D 41 15.43 -76.41 7.26
C TYR D 41 14.91 -77.65 7.96
N ALA D 42 15.81 -78.35 8.64
CA ALA D 42 15.44 -79.57 9.34
C ALA D 42 14.49 -79.25 10.49
N GLY D 43 13.51 -80.13 10.70
CA GLY D 43 12.52 -79.95 11.73
C GLY D 43 11.42 -78.97 11.42
N GLN D 44 11.47 -78.31 10.26
CA GLN D 44 10.45 -77.36 9.84
C GLN D 44 9.70 -77.90 8.63
N TYR D 45 8.47 -77.42 8.46
CA TYR D 45 7.64 -77.82 7.33
C TYR D 45 7.42 -76.72 6.30
N MSE D 46 7.53 -75.45 6.68
CA MSE D 46 7.33 -74.35 5.75
C MSE D 46 8.52 -74.19 4.82
O MSE D 46 9.65 -74.50 5.18
CB MSE D 46 7.06 -73.05 6.51
CG MSE D 46 5.67 -72.99 7.11
SE MSE D 46 5.55 -71.74 8.60
CE MSE D 46 3.63 -71.88 8.95
N GLY D 47 8.26 -73.70 3.61
CA GLY D 47 9.28 -73.59 2.58
C GLY D 47 9.48 -74.84 1.75
N GLY D 48 8.71 -75.90 2.01
CA GLY D 48 8.88 -77.12 1.25
C GLY D 48 8.31 -77.01 -0.15
N ASP D 49 8.88 -77.81 -1.06
CA ASP D 49 8.49 -77.79 -2.46
C ASP D 49 9.14 -78.98 -3.15
N HIS D 50 8.67 -79.26 -4.36
CA HIS D 50 9.25 -80.31 -5.21
C HIS D 50 10.39 -79.75 -6.05
N PHE D 51 11.37 -80.60 -6.33
CA PHE D 51 12.54 -80.23 -7.11
C PHE D 51 12.81 -81.28 -8.18
N LYS D 52 13.08 -80.83 -9.40
CA LYS D 52 13.49 -81.69 -10.50
C LYS D 52 14.92 -81.36 -10.90
N TYR D 53 15.71 -82.39 -11.17
CA TYR D 53 17.12 -82.20 -11.48
C TYR D 53 17.31 -81.84 -12.94
N ASP D 54 18.25 -80.93 -13.21
CA ASP D 54 18.59 -80.51 -14.56
C ASP D 54 20.12 -80.46 -14.65
N SER D 55 20.70 -81.36 -15.43
CA SER D 55 22.15 -81.42 -15.57
C SER D 55 22.72 -80.19 -16.28
N THR D 56 21.90 -79.50 -17.08
CA THR D 56 22.38 -78.31 -17.78
C THR D 56 22.71 -77.18 -16.80
N GLN D 57 22.04 -77.15 -15.64
CA GLN D 57 22.23 -76.12 -14.64
C GLN D 57 22.85 -76.68 -13.35
N ALA D 58 23.73 -77.67 -13.49
CA ALA D 58 24.32 -78.32 -12.32
C ALA D 58 25.18 -77.39 -11.49
N LEU D 59 25.84 -76.43 -12.13
CA LEU D 59 26.73 -75.51 -11.44
C LEU D 59 26.06 -74.22 -11.01
N ILE D 60 24.78 -74.03 -11.32
CA ILE D 60 24.03 -72.85 -10.89
C ILE D 60 23.42 -73.16 -9.53
N ASN D 61 23.62 -72.25 -8.58
CA ASN D 61 23.11 -72.44 -7.22
C ASN D 61 22.90 -71.04 -6.61
N ASN D 62 21.72 -70.48 -6.85
CA ASN D 62 21.34 -69.20 -6.28
C ASN D 62 20.70 -69.33 -4.92
N GLY D 63 20.39 -70.55 -4.49
CA GLY D 63 19.83 -70.80 -3.19
C GLY D 63 18.32 -70.81 -3.13
N VAL D 64 17.64 -70.50 -4.24
CA VAL D 64 16.19 -70.43 -4.25
C VAL D 64 15.62 -71.24 -5.42
N THR D 65 15.75 -70.72 -6.64
CA THR D 65 15.07 -71.34 -7.78
C THR D 65 15.82 -72.56 -8.28
N VAL D 66 17.15 -72.45 -8.37
CA VAL D 66 18.01 -73.52 -8.84
C VAL D 66 19.05 -73.78 -7.76
N ILE D 67 19.15 -75.03 -7.32
CA ILE D 67 20.08 -75.42 -6.26
C ILE D 67 20.86 -76.62 -6.80
N ASN D 68 22.00 -76.35 -7.42
CA ASN D 68 22.87 -77.38 -8.00
C ASN D 68 22.09 -78.34 -8.91
N GLY D 69 21.29 -77.76 -9.80
CA GLY D 69 20.53 -78.50 -10.78
C GLY D 69 19.09 -78.75 -10.41
N TRP D 70 18.73 -78.59 -9.14
CA TRP D 70 17.36 -78.83 -8.69
C TRP D 70 16.54 -77.56 -8.85
N VAL D 71 15.56 -77.59 -9.76
CA VAL D 71 14.69 -76.45 -10.06
C VAL D 71 13.42 -76.59 -9.23
N LYS D 72 12.99 -75.48 -8.62
CA LYS D 72 11.74 -75.49 -7.86
C LYS D 72 10.55 -75.78 -8.76
N GLN D 73 9.70 -76.70 -8.32
CA GLN D 73 8.55 -77.11 -9.10
C GLN D 73 7.29 -76.32 -8.76
N PHE D 74 7.31 -75.55 -7.69
CA PHE D 74 6.18 -74.71 -7.26
C PHE D 74 4.90 -75.53 -7.14
N SER D 75 4.95 -76.53 -6.26
CA SER D 75 3.78 -77.36 -6.01
C SER D 75 2.63 -76.54 -5.43
N ALA D 76 2.96 -75.56 -4.58
CA ALA D 76 1.94 -74.66 -4.05
C ALA D 76 1.62 -73.52 -5.01
N GLY D 77 2.46 -73.28 -6.01
CA GLY D 77 2.20 -72.22 -6.96
C GLY D 77 2.44 -70.81 -6.43
N VAL D 78 3.18 -70.68 -5.34
CA VAL D 78 3.41 -69.39 -4.69
C VAL D 78 4.86 -69.34 -4.22
N LEU D 79 5.50 -68.17 -4.41
CA LEU D 79 6.84 -67.94 -3.92
C LEU D 79 6.75 -67.42 -2.49
N THR D 80 7.41 -68.11 -1.57
CA THR D 80 7.32 -67.81 -0.15
C THR D 80 8.69 -67.40 0.40
N VAL D 81 8.68 -66.53 1.40
CA VAL D 81 9.92 -66.10 2.04
C VAL D 81 10.58 -67.26 2.78
N SER D 82 9.77 -68.19 3.29
CA SER D 82 10.33 -69.37 3.93
C SER D 82 11.07 -70.24 2.93
N ALA D 83 10.60 -70.28 1.69
CA ALA D 83 11.28 -70.98 0.61
C ALA D 83 12.54 -70.26 0.15
N CYS D 84 12.87 -69.11 0.75
CA CYS D 84 14.06 -68.35 0.43
C CYS D 84 15.10 -68.39 1.54
N GLY D 85 14.94 -69.28 2.51
CA GLY D 85 15.89 -69.43 3.58
C GLY D 85 15.45 -68.93 4.94
N ALA D 86 14.19 -68.52 5.10
CA ALA D 86 13.71 -68.03 6.38
C ALA D 86 13.50 -69.20 7.34
N ASP D 87 14.31 -69.24 8.41
CA ASP D 87 14.24 -70.32 9.38
C ASP D 87 13.44 -69.87 10.59
N PRO D 88 12.29 -70.50 10.87
CA PRO D 88 11.53 -70.09 12.07
C PRO D 88 12.31 -70.27 13.35
N SER D 89 13.27 -71.19 13.40
CA SER D 89 14.10 -71.37 14.58
C SER D 89 15.20 -70.34 14.68
N ALA D 90 15.53 -69.66 13.58
CA ALA D 90 16.57 -68.64 13.59
C ALA D 90 16.03 -67.33 14.14
N SER D 91 16.92 -66.54 14.72
CA SER D 91 16.55 -65.25 15.30
C SER D 91 16.46 -64.13 14.26
N ASP D 92 16.98 -64.33 13.06
CA ASP D 92 17.00 -63.29 12.05
C ASP D 92 16.59 -63.88 10.70
N HIS D 93 15.91 -63.05 9.90
CA HIS D 93 15.47 -63.44 8.57
C HIS D 93 15.83 -62.38 7.53
N SER D 94 16.86 -61.58 7.80
CA SER D 94 17.21 -60.46 6.92
C SER D 94 17.69 -60.95 5.56
N ALA D 95 18.72 -61.79 5.55
CA ALA D 95 19.27 -62.28 4.28
C ALA D 95 18.26 -63.09 3.49
N ALA D 96 17.36 -63.79 4.18
CA ALA D 96 16.33 -64.55 3.46
C ALA D 96 15.32 -63.63 2.80
N LEU D 97 14.87 -62.59 3.51
CA LEU D 97 13.90 -61.67 2.92
C LEU D 97 14.53 -60.85 1.81
N ASP D 98 15.78 -60.41 2.01
CA ASP D 98 16.47 -59.63 0.97
C ASP D 98 16.60 -60.43 -0.32
N LEU D 99 17.00 -61.70 -0.21
CA LEU D 99 17.06 -62.57 -1.38
C LEU D 99 15.66 -62.82 -1.94
N ALA D 100 14.65 -62.81 -1.09
CA ALA D 100 13.27 -63.05 -1.53
C ALA D 100 12.78 -61.88 -2.39
N VAL D 101 13.00 -60.65 -1.93
CA VAL D 101 12.57 -59.48 -2.70
C VAL D 101 13.31 -59.43 -4.03
N ASN D 102 14.62 -59.73 -4.02
CA ASN D 102 15.38 -59.75 -5.27
C ASN D 102 14.87 -60.83 -6.20
N THR D 103 14.46 -61.97 -5.66
CA THR D 103 13.97 -63.07 -6.49
C THR D 103 12.56 -62.78 -7.01
N ALA D 104 11.67 -62.34 -6.13
CA ALA D 104 10.29 -62.09 -6.53
C ALA D 104 10.21 -61.00 -7.59
N THR D 105 11.03 -59.96 -7.46
CA THR D 105 11.00 -58.88 -8.44
C THR D 105 11.65 -59.31 -9.76
N SER D 106 12.77 -60.05 -9.68
CA SER D 106 13.41 -60.51 -10.90
C SER D 106 12.57 -61.56 -11.63
N LEU D 107 11.77 -62.31 -10.89
CA LEU D 107 10.89 -63.32 -11.48
C LEU D 107 9.51 -62.77 -11.81
N LYS D 108 9.21 -61.53 -11.42
CA LYS D 108 7.92 -60.89 -11.68
C LYS D 108 6.76 -61.73 -11.14
N ARG D 109 6.84 -62.03 -9.85
CA ARG D 109 5.79 -62.79 -9.18
C ARG D 109 5.71 -62.36 -7.72
N LYS D 110 4.54 -62.56 -7.13
CA LYS D 110 4.27 -62.09 -5.78
C LYS D 110 5.03 -62.89 -4.72
N LEU D 111 5.32 -62.23 -3.60
CA LEU D 111 5.96 -62.84 -2.45
C LEU D 111 4.97 -62.91 -1.29
N VAL D 112 4.98 -64.03 -0.57
CA VAL D 112 4.03 -64.27 0.53
C VAL D 112 4.82 -64.60 1.79
N VAL D 113 4.48 -63.92 2.88
CA VAL D 113 5.08 -64.15 4.19
C VAL D 113 4.18 -65.09 4.98
N ASP D 114 4.67 -66.30 5.26
CA ASP D 114 3.85 -67.34 5.88
C ASP D 114 4.06 -67.47 7.38
N PHE D 115 5.08 -66.83 7.94
CA PHE D 115 5.24 -66.78 9.39
C PHE D 115 5.90 -65.46 9.76
N ASP D 116 5.78 -65.09 11.02
CA ASP D 116 6.27 -63.79 11.47
C ASP D 116 7.80 -63.75 11.43
N LEU D 117 8.36 -62.73 10.78
CA LEU D 117 9.80 -62.57 10.68
C LEU D 117 10.30 -61.54 11.69
N ARG D 118 11.57 -61.69 12.05
CA ARG D 118 12.28 -60.75 12.89
C ARG D 118 13.57 -60.37 12.18
N VAL D 119 13.79 -59.09 11.97
CA VAL D 119 14.85 -58.61 11.08
C VAL D 119 15.72 -57.60 11.83
N ASN D 120 17.02 -57.68 11.60
CA ASN D 120 17.98 -56.74 12.17
C ASN D 120 18.78 -55.94 11.15
N THR D 121 18.61 -56.22 9.85
CA THR D 121 19.29 -55.47 8.81
C THR D 121 18.27 -55.07 7.75
N THR D 122 18.42 -53.86 7.21
CA THR D 122 17.42 -53.35 6.28
C THR D 122 17.43 -54.15 4.98
N THR D 123 16.32 -54.07 4.26
CA THR D 123 16.16 -54.70 2.96
C THR D 123 15.65 -53.64 2.00
N GLU D 124 16.46 -53.31 0.99
CA GLU D 124 16.09 -52.27 0.04
C GLU D 124 14.88 -52.70 -0.79
N LEU D 125 13.96 -51.76 -0.99
CA LEU D 125 12.71 -52.02 -1.69
C LEU D 125 12.99 -52.04 -3.18
N ASP D 126 13.06 -53.24 -3.75
CA ASP D 126 13.17 -53.36 -5.21
C ASP D 126 11.86 -52.96 -5.86
N ALA D 127 11.97 -52.44 -7.08
CA ALA D 127 10.79 -51.97 -7.82
C ALA D 127 9.85 -53.13 -8.12
N THR D 128 8.55 -52.80 -8.21
CA THR D 128 7.48 -53.72 -8.57
C THR D 128 7.31 -54.86 -7.57
N LEU D 129 7.77 -54.68 -6.33
CA LEU D 129 7.60 -55.72 -5.32
C LEU D 129 6.15 -55.79 -4.87
N ARG D 130 5.55 -56.96 -4.97
CA ARG D 130 4.23 -57.24 -4.40
C ARG D 130 4.40 -58.29 -3.31
N ILE D 131 4.17 -57.89 -2.06
CA ILE D 131 4.36 -58.75 -0.90
C ILE D 131 3.08 -58.77 -0.10
N GLU D 132 2.64 -59.97 0.30
CA GLU D 132 1.37 -60.15 0.99
C GLU D 132 1.59 -60.97 2.26
N GLY D 133 0.59 -60.96 3.13
CA GLY D 133 0.62 -61.73 4.35
C GLY D 133 -0.62 -62.56 4.52
N ASP D 134 -0.45 -63.76 5.08
CA ASP D 134 -1.54 -64.71 5.27
C ASP D 134 -1.95 -64.84 6.73
N GLY D 135 -1.64 -63.84 7.56
CA GLY D 135 -1.95 -63.91 8.97
C GLY D 135 -3.41 -63.73 9.30
N GLY D 136 -3.70 -63.42 10.57
CA GLY D 136 -5.06 -63.17 11.01
C GLY D 136 -5.54 -61.80 10.62
N ALA D 137 -6.51 -61.31 11.39
CA ALA D 137 -7.13 -60.01 11.14
C ALA D 137 -6.56 -58.97 12.10
N VAL D 138 -6.26 -57.78 11.55
CA VAL D 138 -5.81 -56.62 12.31
C VAL D 138 -4.57 -56.96 13.13
N GLN D 139 -4.73 -57.08 14.45
CA GLN D 139 -3.57 -57.18 15.34
C GLN D 139 -2.88 -58.53 15.29
N PHE D 140 -3.55 -59.57 14.81
CA PHE D 140 -2.93 -60.88 14.64
C PHE D 140 -2.53 -61.14 13.19
N SER D 141 -2.31 -60.09 12.41
CA SER D 141 -1.87 -60.23 11.04
C SER D 141 -0.42 -60.70 11.00
N ARG D 142 0.02 -61.11 9.80
CA ARG D 142 1.41 -61.49 9.59
C ARG D 142 2.31 -60.31 9.93
N SER D 143 3.21 -60.50 10.90
CA SER D 143 3.97 -59.39 11.46
C SER D 143 5.44 -59.48 11.08
N ILE D 144 6.08 -58.31 11.03
CA ILE D 144 7.52 -58.20 10.82
C ILE D 144 8.07 -57.30 11.92
N THR D 145 8.97 -57.84 12.74
CA THR D 145 9.55 -57.12 13.87
C THR D 145 10.98 -56.72 13.55
N ALA D 146 11.34 -55.48 13.90
CA ALA D 146 12.69 -54.96 13.73
C ALA D 146 13.41 -55.06 15.07
N THR D 147 14.44 -55.90 15.12
CA THR D 147 15.20 -56.11 16.34
C THR D 147 16.33 -55.09 16.51
N ALA D 148 16.40 -54.08 15.65
CA ALA D 148 17.38 -53.01 15.78
C ALA D 148 16.73 -51.70 15.35
N ASP D 149 17.45 -50.60 15.56
CA ASP D 149 16.99 -49.27 15.18
C ASP D 149 17.27 -49.04 13.70
N ILE D 150 16.59 -49.83 12.87
CA ILE D 150 16.80 -49.78 11.42
C ILE D 150 15.47 -49.85 10.71
N PRO D 151 15.38 -49.23 9.54
CA PRO D 151 14.15 -49.35 8.73
C PRO D 151 13.98 -50.76 8.21
N ILE D 152 12.77 -51.30 8.33
CA ILE D 152 12.49 -52.64 7.82
C ILE D 152 12.69 -52.68 6.32
N PHE D 153 12.17 -51.68 5.61
CA PHE D 153 12.38 -51.53 4.18
C PHE D 153 13.04 -50.19 3.89
N THR D 154 13.95 -50.18 2.92
CA THR D 154 14.68 -48.97 2.54
C THR D 154 14.30 -48.59 1.11
N VAL D 155 13.68 -47.43 0.95
CA VAL D 155 13.30 -46.93 -0.36
C VAL D 155 14.54 -46.41 -1.07
N LYS D 156 14.75 -46.85 -2.31
CA LYS D 156 15.91 -46.42 -3.06
C LYS D 156 15.73 -44.98 -3.55
N ALA D 157 16.86 -44.37 -3.92
CA ALA D 157 16.84 -42.98 -4.36
C ALA D 157 16.13 -42.84 -5.70
N GLY D 158 15.54 -41.66 -5.92
CA GLY D 158 14.87 -41.40 -7.18
C GLY D 158 13.58 -42.18 -7.30
N PHE D 159 13.44 -42.91 -8.41
CA PHE D 159 12.26 -43.72 -8.69
C PHE D 159 12.58 -45.21 -8.72
N SER D 160 13.74 -45.61 -8.20
CA SER D 160 14.16 -47.00 -8.29
C SER D 160 13.26 -47.94 -7.49
N SER D 161 12.48 -47.40 -6.55
CA SER D 161 11.55 -48.19 -5.75
C SER D 161 10.10 -47.98 -6.17
N GLU D 162 9.87 -47.34 -7.32
CA GLU D 162 8.50 -47.06 -7.77
C GLU D 162 7.73 -48.36 -7.99
N SER D 163 6.42 -48.29 -7.76
CA SER D 163 5.49 -49.40 -7.94
C SER D 163 5.69 -50.48 -6.88
N SER D 164 4.69 -50.66 -6.00
CA SER D 164 4.77 -51.68 -4.97
C SER D 164 3.36 -51.95 -4.44
N TYR D 165 3.23 -53.04 -3.69
CA TYR D 165 1.97 -53.42 -3.08
C TYR D 165 2.26 -54.12 -1.76
N PHE D 166 1.60 -53.66 -0.69
CA PHE D 166 1.77 -54.22 0.64
C PHE D 166 0.41 -54.62 1.17
N GLY D 167 0.15 -55.92 1.27
CA GLY D 167 -1.15 -56.41 1.69
C GLY D 167 -1.14 -57.18 2.99
N LYS D 168 -1.77 -56.61 4.01
CA LYS D 168 -1.99 -57.28 5.30
C LYS D 168 -0.68 -57.71 5.93
N LEU D 169 0.16 -56.72 6.21
CA LEU D 169 1.45 -56.93 6.86
C LEU D 169 1.55 -55.99 8.05
N MSE D 170 1.79 -56.56 9.23
CA MSE D 170 1.94 -55.77 10.43
C MSE D 170 3.41 -55.51 10.72
O MSE D 170 4.26 -56.37 10.52
CB MSE D 170 1.27 -56.46 11.63
CG MSE D 170 1.27 -55.64 12.90
SE MSE D 170 0.24 -56.47 14.32
CE MSE D 170 0.40 -55.08 15.67
N PHE D 171 3.72 -54.31 11.19
CA PHE D 171 5.08 -53.89 11.49
C PHE D 171 5.22 -53.62 12.98
N LYS D 172 6.19 -54.28 13.62
CA LYS D 172 6.44 -54.13 15.04
C LYS D 172 7.91 -53.79 15.26
N ALA D 173 8.26 -53.52 16.51
CA ALA D 173 9.63 -53.25 16.90
C ALA D 173 9.93 -53.98 18.21
N SER D 174 11.10 -54.62 18.28
CA SER D 174 11.47 -55.35 19.49
C SER D 174 11.72 -54.39 20.65
N THR D 175 12.31 -53.23 20.37
CA THR D 175 12.54 -52.19 21.37
C THR D 175 11.63 -51.01 21.10
N GLY D 176 10.89 -50.58 22.13
CA GLY D 176 9.96 -49.49 21.96
C GLY D 176 10.67 -48.18 21.67
N GLY D 177 10.13 -47.44 20.70
CA GLY D 177 10.71 -46.16 20.32
C GLY D 177 11.87 -46.25 19.35
N THR D 178 12.00 -47.34 18.61
CA THR D 178 13.09 -47.53 17.68
C THR D 178 12.55 -47.99 16.33
N ALA D 179 13.38 -47.86 15.30
CA ALA D 179 13.14 -48.41 13.97
C ALA D 179 11.91 -47.80 13.30
N THR D 180 11.62 -48.27 12.09
CA THR D 180 10.46 -47.83 11.33
C THR D 180 10.18 -48.86 10.24
N ALA D 181 8.97 -48.80 9.69
CA ALA D 181 8.60 -49.74 8.63
C ALA D 181 9.22 -49.36 7.29
N PHE D 182 9.36 -48.05 7.01
CA PHE D 182 9.89 -47.59 5.74
C PHE D 182 10.73 -46.34 5.96
N ARG D 183 11.80 -46.21 5.18
CA ARG D 183 12.59 -44.99 5.15
C ARG D 183 13.18 -44.82 3.76
N SER D 184 13.39 -43.56 3.37
CA SER D 184 13.81 -43.21 2.03
C SER D 184 15.28 -42.78 2.02
N THR D 185 16.00 -43.23 0.99
CA THR D 185 17.37 -42.81 0.76
C THR D 185 17.39 -41.58 -0.14
N SER D 186 17.98 -40.49 0.36
CA SER D 186 18.05 -39.23 -0.38
C SER D 186 16.67 -38.77 -0.83
N ASN D 187 15.71 -38.88 0.09
CA ASN D 187 14.31 -38.53 -0.19
C ASN D 187 13.76 -39.35 -1.36
N GLY D 188 14.10 -40.64 -1.37
CA GLY D 188 13.63 -41.50 -2.45
C GLY D 188 12.13 -41.69 -2.44
N TYR D 189 11.57 -41.88 -3.63
CA TYR D 189 10.13 -41.94 -3.80
C TYR D 189 9.61 -43.36 -3.54
N LEU D 190 8.71 -43.48 -2.56
CA LEU D 190 7.90 -44.67 -2.39
C LEU D 190 6.64 -44.44 -3.22
N SER D 191 6.72 -44.76 -4.51
CA SER D 191 5.76 -44.31 -5.49
C SER D 191 4.83 -45.44 -5.94
N GLN D 192 3.56 -45.09 -6.16
CA GLN D 192 2.56 -45.99 -6.72
C GLN D 192 2.44 -47.27 -5.89
N SER D 193 2.16 -47.09 -4.61
CA SER D 193 2.04 -48.19 -3.66
C SER D 193 0.62 -48.29 -3.12
N THR D 194 0.32 -49.44 -2.52
CA THR D 194 -0.97 -49.68 -1.88
C THR D 194 -0.72 -50.40 -0.55
N PHE D 195 -1.33 -49.88 0.51
CA PHE D 195 -1.26 -50.47 1.84
C PHE D 195 -2.65 -50.97 2.20
N ASP D 196 -2.86 -52.29 2.08
CA ASP D 196 -4.17 -52.90 2.29
C ASP D 196 -4.21 -53.53 3.67
N HIS D 197 -4.96 -52.92 4.59
CA HIS D 197 -5.18 -53.45 5.93
C HIS D 197 -3.87 -53.71 6.67
N CYS D 198 -2.90 -52.83 6.45
CA CYS D 198 -1.62 -52.94 7.15
C CYS D 198 -1.72 -52.26 8.51
N VAL D 199 -1.14 -52.91 9.51
CA VAL D 199 -1.17 -52.43 10.88
C VAL D 199 0.23 -51.98 11.26
N PHE D 200 0.32 -50.84 11.95
CA PHE D 200 1.58 -50.26 12.38
C PHE D 200 1.57 -50.20 13.90
N ASP D 201 2.35 -51.08 14.54
CA ASP D 201 2.36 -51.17 15.98
C ASP D 201 2.99 -49.92 16.58
N ARG D 202 2.49 -49.53 17.75
CA ARG D 202 2.98 -48.33 18.40
C ARG D 202 4.41 -48.47 18.90
N SER D 203 4.96 -49.69 18.89
CA SER D 203 6.35 -49.90 19.29
C SER D 203 7.34 -49.21 18.34
N LEU D 204 6.95 -48.96 17.10
CA LEU D 204 7.81 -48.27 16.16
C LEU D 204 8.03 -46.82 16.59
N ARG D 205 9.20 -46.29 16.25
CA ARG D 205 9.44 -44.87 16.44
C ARG D 205 8.67 -44.05 15.42
N TYR D 206 8.67 -44.49 14.16
CA TYR D 206 7.85 -43.91 13.11
C TYR D 206 7.15 -45.02 12.36
N GLY D 207 5.85 -44.85 12.11
CA GLY D 207 5.13 -45.82 11.32
C GLY D 207 5.65 -45.89 9.90
N ILE D 208 5.68 -44.75 9.21
CA ILE D 208 6.26 -44.63 7.87
C ILE D 208 7.12 -43.38 7.85
N ASP D 209 8.41 -43.56 7.58
CA ASP D 209 9.36 -42.46 7.48
C ASP D 209 9.93 -42.38 6.07
N ALA D 210 9.08 -42.51 5.07
CA ALA D 210 9.49 -42.49 3.67
C ALA D 210 8.72 -41.41 2.92
N ASN D 211 9.23 -41.08 1.73
CA ASN D 211 8.63 -40.06 0.88
C ASN D 211 7.52 -40.70 0.07
N LEU D 212 6.29 -40.58 0.55
CA LEU D 212 5.16 -41.23 -0.10
C LEU D 212 4.65 -40.39 -1.27
N ILE D 213 4.27 -41.07 -2.34
CA ILE D 213 3.63 -40.40 -3.48
C ILE D 213 2.79 -41.44 -4.22
N LEU D 214 1.55 -41.04 -4.58
CA LEU D 214 0.60 -41.92 -5.25
C LEU D 214 0.38 -43.22 -4.46
N CYS D 215 0.20 -43.08 -3.16
CA CYS D 215 -0.01 -44.21 -2.27
C CYS D 215 -1.41 -44.11 -1.66
N ASP D 216 -2.15 -45.22 -1.71
CA ASP D 216 -3.46 -45.31 -1.07
C ASP D 216 -3.38 -46.27 0.11
N PHE D 217 -4.15 -45.96 1.16
CA PHE D 217 -4.17 -46.75 2.37
C PHE D 217 -5.60 -47.23 2.60
N GLN D 218 -5.79 -48.55 2.63
CA GLN D 218 -7.12 -49.14 2.73
C GLN D 218 -7.26 -49.75 4.12
N LYS D 219 -7.95 -49.02 5.01
CA LYS D 219 -8.23 -49.45 6.37
C LYS D 219 -6.96 -49.89 7.10
N CYS D 220 -5.96 -49.01 7.07
CA CYS D 220 -4.76 -49.27 7.85
C CYS D 220 -4.95 -48.78 9.28
N ASP D 221 -4.09 -49.23 10.17
CA ASP D 221 -4.17 -48.87 11.58
C ASP D 221 -2.80 -48.38 12.04
N PHE D 222 -2.78 -47.25 12.73
CA PHE D 222 -1.55 -46.64 13.22
C PHE D 222 -1.67 -46.43 14.72
N GLY D 223 -1.05 -47.30 15.50
CA GLY D 223 -0.87 -47.09 16.92
C GLY D 223 -2.00 -47.52 17.83
N THR D 224 -2.95 -48.32 17.34
CA THR D 224 -4.01 -48.81 18.23
C THR D 224 -3.46 -49.86 19.19
N TYR D 225 -2.72 -50.84 18.66
CA TYR D 225 -2.17 -51.91 19.45
C TYR D 225 -0.68 -51.65 19.70
N MSE D 226 -0.18 -52.25 20.78
CA MSE D 226 1.20 -52.04 21.19
C MSE D 226 1.79 -53.31 21.78
O MSE D 226 1.21 -53.91 22.69
CB MSE D 226 1.30 -50.88 22.18
CG MSE D 226 2.60 -50.81 22.96
SE MSE D 226 2.74 -49.20 24.03
CE MSE D 226 3.60 -48.04 22.73
N SER D 227 2.94 -53.74 21.26
CA SER D 227 3.59 -54.95 21.73
C SER D 227 4.55 -54.67 22.88
N THR D 228 5.37 -53.63 22.75
CA THR D 228 6.30 -53.22 23.80
C THR D 228 6.15 -51.72 24.05
N THR D 229 6.43 -51.32 25.28
CA THR D 229 6.22 -49.94 25.68
C THR D 229 7.17 -48.99 24.95
N ASN D 230 6.61 -47.88 24.46
CA ASN D 230 7.37 -46.84 23.76
C ASN D 230 7.38 -45.60 24.65
N SER D 231 8.56 -45.22 25.12
CA SER D 231 8.73 -44.05 25.96
C SER D 231 9.27 -42.85 25.20
N ILE D 232 9.82 -43.06 24.00
CA ILE D 232 10.39 -41.96 23.23
C ILE D 232 9.32 -41.24 22.41
N GLY D 233 8.44 -41.99 21.77
CA GLY D 233 7.36 -41.41 21.00
C GLY D 233 7.04 -42.26 19.78
N PHE D 234 5.84 -42.08 19.24
CA PHE D 234 5.38 -42.77 18.05
C PHE D 234 4.71 -41.79 17.12
N LYS D 235 5.18 -41.74 15.87
CA LYS D 235 4.58 -40.93 14.81
C LYS D 235 4.12 -41.84 13.69
N ALA D 236 2.91 -41.61 13.20
CA ALA D 236 2.34 -42.47 12.17
C ALA D 236 3.08 -42.33 10.84
N ILE D 237 3.14 -41.11 10.30
CA ILE D 237 3.71 -40.87 8.97
C ILE D 237 4.54 -39.60 9.01
N ARG D 238 5.74 -39.67 8.41
CA ARG D 238 6.58 -38.48 8.22
C ARG D 238 7.25 -38.60 6.85
N SER D 239 6.75 -37.84 5.88
CA SER D 239 7.23 -37.87 4.49
C SER D 239 7.98 -36.58 4.21
N LEU D 240 9.30 -36.67 4.10
CA LEU D 240 10.16 -35.53 3.81
C LEU D 240 10.71 -35.63 2.40
N GLY D 241 10.50 -34.59 1.60
CA GLY D 241 10.99 -34.56 0.23
C GLY D 241 11.84 -33.34 -0.05
N VAL D 242 11.97 -32.97 -1.32
CA VAL D 242 12.71 -31.77 -1.72
C VAL D 242 11.79 -30.90 -2.57
N VAL D 243 11.76 -29.60 -2.29
CA VAL D 243 10.89 -28.67 -3.01
C VAL D 243 11.27 -28.63 -4.49
N GLY D 244 10.25 -28.70 -5.35
CA GLY D 244 10.41 -28.54 -6.78
C GLY D 244 10.60 -29.80 -7.60
N THR D 245 11.34 -30.78 -7.07
CA THR D 245 11.68 -31.98 -7.83
C THR D 245 11.06 -33.25 -7.27
N ARG D 246 10.98 -33.41 -5.94
CA ARG D 246 10.46 -34.63 -5.31
C ARG D 246 9.57 -34.23 -4.13
N GLU D 247 8.26 -34.11 -4.38
CA GLU D 247 7.30 -33.71 -3.36
C GLU D 247 6.34 -34.85 -3.04
N PRO D 248 5.98 -35.02 -1.76
CA PRO D 248 5.02 -36.08 -1.40
C PRO D 248 3.60 -35.76 -1.84
N ASN D 249 3.12 -36.40 -2.90
CA ASN D 249 1.85 -36.05 -3.51
C ASN D 249 0.91 -37.25 -3.56
N ALA D 250 -0.39 -36.95 -3.68
CA ALA D 250 -1.42 -37.94 -4.05
C ALA D 250 -1.47 -39.12 -3.09
N ASN D 251 -1.67 -38.83 -1.81
CA ASN D 251 -1.77 -39.86 -0.78
C ASN D 251 -3.15 -39.77 -0.13
N THR D 252 -3.97 -40.81 -0.32
CA THR D 252 -5.34 -40.85 0.15
C THR D 252 -5.53 -41.97 1.15
N PHE D 253 -6.36 -41.73 2.17
CA PHE D 253 -6.58 -42.65 3.27
C PHE D 253 -8.05 -42.97 3.38
N TYR D 254 -8.39 -44.25 3.36
CA TYR D 254 -9.78 -44.72 3.49
C TYR D 254 -9.91 -45.54 4.77
N ASN D 255 -10.75 -45.05 5.69
CA ASN D 255 -11.11 -45.78 6.91
C ASN D 255 -9.90 -46.12 7.76
N CYS D 256 -8.84 -45.33 7.67
CA CYS D 256 -7.67 -45.59 8.48
C CYS D 256 -7.87 -45.05 9.89
N ILE D 257 -7.08 -45.59 10.82
CA ILE D 257 -7.20 -45.27 12.24
C ILE D 257 -5.85 -44.77 12.73
N PHE D 258 -5.87 -43.63 13.42
CA PHE D 258 -4.66 -43.05 14.00
C PHE D 258 -4.93 -42.80 15.47
N ARG D 259 -4.35 -43.62 16.34
CA ARG D 259 -4.60 -43.55 17.77
C ARG D 259 -3.28 -43.49 18.53
N LYS D 260 -3.31 -42.78 19.66
CA LYS D 260 -2.28 -42.89 20.69
C LYS D 260 -0.92 -42.43 20.18
N GLY D 261 -0.89 -41.32 19.45
CA GLY D 261 0.38 -40.71 19.08
C GLY D 261 1.02 -39.97 20.23
N THR D 262 2.35 -39.92 20.22
CA THR D 262 3.09 -39.29 21.30
C THR D 262 4.21 -38.37 20.85
N ASP D 263 4.41 -38.18 19.54
CA ASP D 263 5.45 -37.30 19.05
C ASP D 263 4.88 -35.89 18.91
N ASP D 264 5.59 -35.01 18.21
CA ASP D 264 5.08 -33.65 18.02
C ASP D 264 3.83 -33.64 17.16
N CYS D 265 3.71 -34.59 16.24
CA CYS D 265 2.51 -34.73 15.42
C CYS D 265 2.37 -36.17 14.99
N MSE D 266 1.20 -36.50 14.45
CA MSE D 266 0.89 -37.85 14.02
C MSE D 266 1.22 -38.05 12.54
O MSE D 266 1.76 -39.08 12.16
CB MSE D 266 -0.58 -38.19 14.28
CG MSE D 266 -0.93 -39.66 14.18
SE MSE D 266 -0.02 -40.74 15.54
CE MSE D 266 -1.04 -42.39 15.33
N ILE D 267 0.90 -37.05 11.73
CA ILE D 267 1.16 -37.07 10.30
C ILE D 267 1.95 -35.81 9.94
N GLU D 268 2.99 -35.98 9.12
CA GLU D 268 3.85 -34.86 8.77
C GLU D 268 4.38 -35.03 7.36
N TRP D 269 4.33 -33.95 6.57
CA TRP D 269 4.97 -33.93 5.27
C TRP D 269 5.29 -32.48 4.91
N ASP D 270 6.32 -32.29 4.10
CA ASP D 270 6.79 -30.94 3.77
C ASP D 270 6.88 -30.82 2.25
N SER D 271 7.69 -29.86 1.80
CA SER D 271 7.97 -29.62 0.38
C SER D 271 6.72 -29.25 -0.41
N TYR D 272 5.70 -28.72 0.26
CA TYR D 272 4.45 -28.32 -0.38
C TYR D 272 3.78 -29.48 -1.12
N GLY D 273 3.76 -30.65 -0.48
CA GLY D 273 3.11 -31.79 -1.07
C GLY D 273 1.62 -31.58 -1.24
N THR D 274 1.07 -32.20 -2.28
CA THR D 274 -0.29 -31.94 -2.71
C THR D 274 -1.18 -33.16 -2.53
N GLN D 275 -2.46 -32.88 -2.27
CA GLN D 275 -3.54 -33.87 -2.31
C GLN D 275 -3.33 -35.00 -1.28
N TRP D 276 -3.54 -34.63 -0.03
CA TRP D 276 -3.65 -35.57 1.08
C TRP D 276 -5.07 -35.49 1.61
N HIS D 277 -5.85 -36.55 1.38
CA HIS D 277 -7.26 -36.57 1.75
C HIS D 277 -7.57 -37.77 2.61
N PHE D 278 -8.62 -37.65 3.43
CA PHE D 278 -8.97 -38.65 4.44
C PHE D 278 -10.46 -38.94 4.35
N PHE D 279 -10.81 -40.13 3.86
CA PHE D 279 -12.19 -40.56 3.74
C PHE D 279 -12.54 -41.47 4.92
N ALA D 280 -13.42 -41.00 5.79
CA ALA D 280 -13.97 -41.80 6.89
C ALA D 280 -12.86 -42.34 7.80
N CYS D 281 -11.81 -41.55 7.99
CA CYS D 281 -10.71 -41.97 8.85
C CYS D 281 -11.02 -41.66 10.31
N ASP D 282 -10.22 -42.22 11.20
CA ASP D 282 -10.44 -42.11 12.64
C ASP D 282 -9.17 -41.56 13.28
N LEU D 283 -9.24 -40.31 13.74
CA LEU D 283 -8.13 -39.62 14.40
C LEU D 283 -8.59 -39.35 15.83
N GLU D 284 -8.29 -40.26 16.75
CA GLU D 284 -8.79 -40.11 18.09
C GLU D 284 -7.78 -40.61 19.11
N GLN D 285 -7.95 -40.13 20.35
CA GLN D 285 -7.20 -40.62 21.50
C GLN D 285 -5.69 -40.41 21.36
N ASN D 286 -5.29 -39.35 20.67
CA ASN D 286 -3.87 -39.05 20.51
C ASN D 286 -3.37 -38.16 21.63
N LEU D 287 -2.05 -38.12 21.77
CA LEU D 287 -1.37 -37.30 22.78
C LEU D 287 -0.24 -36.50 22.14
N CYS D 288 -0.46 -36.03 20.92
CA CYS D 288 0.56 -35.27 20.22
C CYS D 288 0.84 -33.95 20.91
N THR D 289 2.10 -33.51 20.84
CA THR D 289 2.53 -32.35 21.61
C THR D 289 2.19 -31.02 20.93
N GLU D 290 2.14 -31.00 19.60
CA GLU D 290 1.89 -29.76 18.87
C GLU D 290 0.60 -29.81 18.06
N ALA D 291 0.46 -30.76 17.16
CA ALA D 291 -0.74 -30.88 16.35
C ALA D 291 -0.91 -32.34 15.92
N LEU D 292 -2.08 -32.66 15.37
CA LEU D 292 -2.27 -33.99 14.80
C LEU D 292 -1.64 -34.08 13.41
N ILE D 293 -1.74 -33.02 12.62
CA ILE D 293 -1.18 -32.97 11.28
C ILE D 293 -0.38 -31.68 11.16
N LYS D 294 0.94 -31.80 11.09
CA LYS D 294 1.84 -30.67 10.87
C LYS D 294 2.46 -30.84 9.49
N CYS D 295 2.11 -29.95 8.56
CA CYS D 295 2.51 -30.13 7.18
C CYS D 295 2.85 -28.80 6.53
N THR D 296 3.91 -28.81 5.72
CA THR D 296 4.22 -27.74 4.78
C THR D 296 3.67 -28.20 3.44
N ALA D 297 2.42 -27.83 3.15
CA ALA D 297 1.68 -28.43 2.05
C ALA D 297 1.08 -27.35 1.15
N SER D 298 0.71 -27.79 -0.05
CA SER D 298 -0.11 -27.02 -0.98
C SER D 298 -1.26 -27.91 -1.43
N SER D 299 -2.19 -27.31 -2.20
CA SER D 299 -3.41 -27.96 -2.66
C SER D 299 -4.34 -28.21 -1.47
N PRO D 300 -5.64 -28.45 -1.71
CA PRO D 300 -6.57 -28.62 -0.58
C PRO D 300 -6.33 -29.91 0.19
N ILE D 301 -6.80 -29.89 1.43
CA ILE D 301 -6.78 -31.05 2.32
C ILE D 301 -8.21 -31.29 2.79
N MSE D 302 -8.73 -32.48 2.57
CA MSE D 302 -10.14 -32.74 2.86
C MSE D 302 -10.38 -33.92 3.79
O MSE D 302 -9.69 -34.94 3.71
CB MSE D 302 -10.92 -32.96 1.56
CG MSE D 302 -10.89 -31.77 0.61
SE MSE D 302 -12.10 -31.99 -0.90
CE MSE D 302 -11.42 -33.67 -1.60
N PHE D 303 -11.36 -33.76 4.68
CA PHE D 303 -11.82 -34.82 5.56
C PHE D 303 -13.30 -35.08 5.24
N VAL D 304 -13.56 -36.19 4.55
CA VAL D 304 -14.93 -36.54 4.14
C VAL D 304 -15.39 -37.65 5.08
N GLY D 305 -16.05 -37.25 6.15
CA GLY D 305 -16.50 -38.19 7.16
C GLY D 305 -15.36 -38.69 8.04
N GLY D 306 -15.74 -39.12 9.26
CA GLY D 306 -14.80 -39.70 10.17
C GLY D 306 -14.88 -39.06 11.54
N TYR D 307 -13.85 -39.29 12.35
CA TYR D 307 -13.79 -38.82 13.73
C TYR D 307 -12.48 -38.07 13.96
N ILE D 308 -12.57 -36.95 14.67
CA ILE D 308 -11.41 -36.28 15.23
C ILE D 308 -11.78 -35.89 16.67
N GLU D 309 -11.46 -36.74 17.63
CA GLU D 309 -11.96 -36.57 18.99
C GLU D 309 -10.92 -37.08 19.98
N ALA D 310 -11.22 -36.85 21.27
CA ALA D 310 -10.46 -37.42 22.40
C ALA D 310 -8.99 -37.03 22.35
N ASN D 311 -8.70 -35.81 21.90
CA ASN D 311 -7.32 -35.32 21.88
C ASN D 311 -7.18 -34.14 22.83
N THR D 312 -7.39 -34.39 24.12
CA THR D 312 -7.49 -33.29 25.10
C THR D 312 -6.16 -32.57 25.30
N SER D 313 -5.04 -33.24 25.06
CA SER D 313 -3.73 -32.66 25.27
C SER D 313 -3.07 -32.14 24.00
N THR D 314 -3.73 -32.29 22.85
CA THR D 314 -3.14 -31.85 21.59
C THR D 314 -3.61 -30.43 21.27
N PRO D 315 -2.70 -29.49 21.03
CA PRO D 315 -3.12 -28.10 20.79
C PRO D 315 -3.99 -27.92 19.56
N TYR D 316 -3.54 -28.40 18.40
CA TYR D 316 -4.25 -28.18 17.14
C TYR D 316 -4.54 -29.51 16.45
N VAL D 317 -5.55 -29.50 15.58
CA VAL D 317 -5.84 -30.66 14.76
C VAL D 317 -4.93 -30.67 13.53
N ILE D 318 -4.84 -29.55 12.82
CA ILE D 318 -3.96 -29.42 11.67
C ILE D 318 -3.27 -28.07 11.74
N LYS D 319 -1.97 -28.06 11.44
CA LYS D 319 -1.16 -26.84 11.46
C LYS D 319 -0.32 -26.80 10.19
N THR D 320 -0.66 -25.89 9.28
CA THR D 320 0.06 -25.74 8.03
C THR D 320 1.16 -24.70 8.17
N LEU D 321 2.26 -24.93 7.43
CA LEU D 321 3.43 -24.07 7.48
C LEU D 321 3.89 -23.75 6.06
N GLY D 322 4.90 -22.89 5.96
CA GLY D 322 5.54 -22.56 4.70
C GLY D 322 5.33 -21.10 4.34
N ASN D 323 5.65 -20.79 3.08
CA ASN D 323 5.52 -19.45 2.53
C ASN D 323 4.49 -19.49 1.41
N SER D 324 3.45 -18.66 1.53
CA SER D 324 2.37 -18.68 0.55
C SER D 324 2.82 -18.26 -0.84
N ALA D 325 3.94 -17.54 -0.94
CA ALA D 325 4.44 -17.16 -2.26
C ALA D 325 4.92 -18.37 -3.06
N THR D 326 5.46 -19.39 -2.38
CA THR D 326 5.86 -20.61 -3.06
C THR D 326 4.66 -21.54 -3.28
N GLY D 327 3.83 -21.69 -2.26
CA GLY D 327 2.64 -22.51 -2.36
C GLY D 327 1.91 -22.51 -1.04
N PHE D 328 0.64 -22.87 -1.11
CA PHE D 328 -0.20 -22.86 0.09
C PHE D 328 -1.40 -23.75 -0.12
N VAL D 329 -2.04 -24.10 0.99
CA VAL D 329 -3.31 -24.83 0.98
C VAL D 329 -4.44 -23.82 0.79
N PRO D 330 -5.27 -23.96 -0.24
CA PRO D 330 -6.38 -23.02 -0.42
C PRO D 330 -7.56 -23.31 0.50
N LEU D 331 -7.79 -24.59 0.80
CA LEU D 331 -8.97 -24.99 1.54
C LEU D 331 -8.67 -26.23 2.38
N ILE D 332 -9.13 -26.22 3.62
CA ILE D 332 -9.16 -27.40 4.47
C ILE D 332 -10.63 -27.64 4.83
N LYS D 333 -11.21 -28.70 4.29
CA LYS D 333 -12.63 -28.99 4.45
C LYS D 333 -12.83 -30.13 5.43
N PHE D 334 -13.66 -29.90 6.45
CA PHE D 334 -14.10 -30.92 7.39
C PHE D 334 -15.56 -31.23 7.05
N GLN D 335 -15.77 -32.22 6.19
CA GLN D 335 -17.11 -32.54 5.69
C GLN D 335 -17.70 -33.65 6.56
N GLY D 336 -18.57 -33.28 7.49
CA GLY D 336 -19.26 -34.24 8.31
C GLY D 336 -18.37 -35.03 9.24
N ILE D 337 -17.57 -34.33 10.06
CA ILE D 337 -16.63 -34.96 10.97
C ILE D 337 -17.21 -34.92 12.37
N HIS D 338 -17.14 -36.05 13.07
CA HIS D 338 -17.55 -36.11 14.47
C HIS D 338 -16.37 -35.66 15.33
N MSE D 339 -16.52 -34.50 15.98
CA MSE D 339 -15.40 -33.89 16.69
C MSE D 339 -15.71 -33.58 18.16
O MSE D 339 -16.09 -32.47 18.51
CB MSE D 339 -14.98 -32.61 15.97
CG MSE D 339 -14.88 -32.76 14.46
SE MSE D 339 -14.16 -31.21 13.53
CE MSE D 339 -12.29 -31.39 14.05
N ASN D 340 -15.55 -34.59 19.02
CA ASN D 340 -15.76 -34.44 20.46
C ASN D 340 -14.41 -34.15 21.09
N ARG D 341 -14.14 -32.87 21.33
CA ARG D 341 -12.86 -32.38 21.86
C ARG D 341 -11.72 -32.79 20.93
N PRO D 342 -11.65 -32.23 19.72
CA PRO D 342 -10.60 -32.64 18.78
C PRO D 342 -9.23 -32.12 19.15
N CYS D 343 -9.14 -31.06 19.95
CA CYS D 343 -7.88 -30.43 20.32
C CYS D 343 -8.13 -29.53 21.52
N SER D 344 -7.14 -28.72 21.88
CA SER D 344 -7.22 -27.92 23.09
C SER D 344 -7.16 -26.41 22.86
N VAL D 345 -6.65 -25.95 21.72
CA VAL D 345 -6.57 -24.51 21.45
C VAL D 345 -7.44 -24.15 20.26
N ALA D 346 -7.16 -24.76 19.10
CA ALA D 346 -7.92 -24.46 17.90
C ALA D 346 -7.80 -25.60 16.92
N ILE D 347 -8.90 -25.91 16.23
CA ILE D 347 -8.89 -27.00 15.24
C ILE D 347 -7.93 -26.68 14.10
N GLY D 348 -8.10 -25.51 13.50
CA GLY D 348 -7.22 -25.10 12.42
C GLY D 348 -6.25 -24.00 12.83
N LYS D 349 -4.95 -24.27 12.70
CA LYS D 349 -3.92 -23.30 13.01
C LYS D 349 -3.19 -22.89 11.74
N ASN D 350 -3.14 -21.60 11.48
CA ASN D 350 -2.47 -21.04 10.32
C ASN D 350 -1.16 -20.40 10.71
N THR D 351 -0.13 -20.61 9.89
CA THR D 351 1.14 -19.91 10.02
C THR D 351 1.32 -18.83 8.95
N MSE D 352 0.64 -18.93 7.83
CA MSE D 352 0.65 -17.88 6.84
C MSE D 352 -0.60 -17.01 7.00
O MSE D 352 -1.53 -17.39 7.70
CB MSE D 352 0.69 -18.43 5.41
CG MSE D 352 1.28 -19.82 5.29
SE MSE D 352 0.59 -20.68 3.68
CE MSE D 352 2.16 -21.70 3.18
N ALA D 353 -0.60 -15.85 6.35
CA ALA D 353 -1.77 -14.98 6.38
C ALA D 353 -2.81 -15.45 5.37
N ASN D 354 -4.08 -15.25 5.75
CA ASN D 354 -5.24 -15.43 4.86
C ASN D 354 -5.51 -16.89 4.52
N TYR D 355 -4.47 -17.68 4.29
CA TYR D 355 -4.66 -19.05 3.83
C TYR D 355 -4.14 -20.04 4.86
N PRO D 356 -4.78 -21.21 4.99
CA PRO D 356 -5.95 -21.68 4.23
C PRO D 356 -7.29 -21.18 4.75
N LYS D 357 -8.31 -21.27 3.92
CA LYS D 357 -9.68 -21.10 4.35
C LYS D 357 -10.22 -22.46 4.84
N TYR D 358 -11.30 -22.40 5.62
CA TYR D 358 -11.85 -23.59 6.25
C TYR D 358 -13.33 -23.74 5.91
N ILE D 359 -13.75 -24.99 5.70
CA ILE D 359 -15.15 -25.33 5.53
C ILE D 359 -15.50 -26.39 6.58
N PHE D 360 -16.49 -26.10 7.40
CA PHE D 360 -17.02 -27.05 8.37
C PHE D 360 -18.46 -27.35 7.95
N GLU D 361 -18.67 -28.52 7.35
CA GLU D 361 -19.95 -28.88 6.75
C GLU D 361 -20.55 -30.02 7.57
N GLY D 362 -21.55 -29.68 8.38
CA GLY D 362 -22.27 -30.69 9.14
C GLY D 362 -21.50 -31.35 10.25
N CYS D 363 -20.43 -30.72 10.75
CA CYS D 363 -19.67 -31.32 11.82
C CYS D 363 -20.50 -31.39 13.10
N TYR D 364 -20.13 -32.31 13.98
CA TYR D 364 -20.91 -32.61 15.17
C TYR D 364 -19.98 -33.01 16.31
N GLY D 365 -20.11 -32.33 17.44
CA GLY D 365 -19.31 -32.68 18.59
C GLY D 365 -19.32 -31.57 19.62
N GLN D 366 -18.38 -31.66 20.55
CA GLN D 366 -18.23 -30.72 21.64
C GLN D 366 -16.81 -30.16 21.62
N LEU D 367 -16.68 -28.86 21.86
CA LEU D 367 -15.41 -28.16 21.73
C LEU D 367 -14.91 -27.70 23.08
N ILE D 368 -13.64 -27.98 23.36
CA ILE D 368 -12.89 -27.35 24.44
C ILE D 368 -11.85 -26.38 23.88
N SER D 369 -12.05 -25.93 22.64
CA SER D 369 -11.06 -25.13 21.93
C SER D 369 -11.78 -24.15 21.03
N ALA D 370 -11.00 -23.36 20.29
CA ALA D 370 -11.54 -22.50 19.25
C ALA D 370 -11.68 -23.29 17.95
N VAL D 371 -12.32 -22.65 16.96
CA VAL D 371 -12.50 -23.31 15.67
C VAL D 371 -11.26 -23.15 14.81
N VAL D 372 -10.75 -21.91 14.69
CA VAL D 372 -9.54 -21.63 13.93
C VAL D 372 -8.68 -20.64 14.70
N GLU D 373 -7.42 -20.54 14.29
CA GLU D 373 -6.48 -19.56 14.82
C GLU D 373 -5.64 -19.03 13.68
N SER D 374 -5.64 -17.71 13.49
CA SER D 374 -4.91 -17.11 12.38
C SER D 374 -3.41 -17.11 12.68
N SER D 375 -2.65 -16.67 11.68
CA SER D 375 -1.20 -16.56 11.84
C SER D 375 -0.82 -15.54 12.91
N THR D 376 -1.70 -14.59 13.19
CA THR D 376 -1.46 -13.58 14.22
C THR D 376 -2.08 -13.96 15.55
N GLY D 377 -2.61 -15.17 15.69
CA GLY D 377 -3.15 -15.63 16.94
C GLY D 377 -4.63 -15.34 17.17
N VAL D 378 -5.33 -14.80 16.17
CA VAL D 378 -6.73 -14.44 16.33
C VAL D 378 -7.58 -15.71 16.33
N LEU D 379 -8.27 -15.97 17.44
CA LEU D 379 -9.13 -17.13 17.55
C LEU D 379 -10.45 -16.89 16.82
N ASN D 380 -10.89 -17.91 16.09
CA ASN D 380 -12.19 -17.90 15.41
C ASN D 380 -12.30 -16.72 14.43
N ASP D 381 -11.22 -16.47 13.70
CA ASP D 381 -11.20 -15.42 12.67
C ASP D 381 -12.16 -15.80 11.55
N VAL D 382 -13.28 -15.08 11.44
CA VAL D 382 -14.28 -15.38 10.43
C VAL D 382 -13.76 -15.12 9.02
N ALA D 383 -12.72 -14.30 8.88
CA ALA D 383 -12.11 -14.09 7.57
C ALA D 383 -11.47 -15.37 7.03
N LEU D 384 -11.22 -16.36 7.89
CA LEU D 384 -10.65 -17.64 7.47
C LEU D 384 -11.73 -18.70 7.23
N ILE D 385 -12.99 -18.38 7.46
CA ILE D 385 -14.08 -19.33 7.32
C ILE D 385 -14.68 -19.15 5.92
N GLU D 386 -14.40 -20.10 5.02
CA GLU D 386 -15.00 -20.05 3.70
C GLU D 386 -16.48 -20.42 3.75
N ASN D 387 -16.87 -21.33 4.64
CA ASN D 387 -18.27 -21.68 4.84
C ASN D 387 -18.41 -22.48 6.11
N SER D 388 -19.55 -22.30 6.79
CA SER D 388 -19.84 -22.98 8.05
C SER D 388 -21.35 -23.21 8.12
N ILE D 389 -21.77 -24.43 7.76
CA ILE D 389 -23.18 -24.76 7.63
C ILE D 389 -23.49 -26.03 8.41
N ALA D 390 -24.65 -26.03 9.09
CA ALA D 390 -25.20 -27.21 9.74
C ALA D 390 -24.25 -27.81 10.77
N ASN D 391 -23.40 -26.98 11.38
CA ASN D 391 -22.50 -27.45 12.42
C ASN D 391 -23.18 -27.37 13.77
N HIS D 392 -22.94 -28.37 14.61
CA HIS D 392 -23.39 -28.38 15.99
C HIS D 392 -22.19 -28.56 16.91
N PHE D 393 -21.91 -27.55 17.73
CA PHE D 393 -20.78 -27.58 18.65
C PHE D 393 -21.28 -27.17 20.03
N THR D 394 -21.09 -28.05 21.01
CA THR D 394 -21.35 -27.71 22.40
C THR D 394 -20.08 -27.19 23.03
N LEU D 395 -20.20 -26.11 23.80
CA LEU D 395 -19.05 -25.42 24.36
C LEU D 395 -18.81 -25.90 25.79
N ALA D 396 -17.66 -26.49 26.03
CA ALA D 396 -17.19 -26.83 27.36
C ALA D 396 -16.17 -25.77 27.79
N THR D 397 -15.51 -26.02 28.93
CA THR D 397 -14.53 -25.06 29.43
C THR D 397 -13.38 -24.91 28.45
N GLY D 398 -13.16 -23.69 27.97
CA GLY D 398 -12.15 -23.41 26.98
C GLY D 398 -12.64 -23.40 25.54
N GLY D 399 -13.88 -23.81 25.30
CA GLY D 399 -14.40 -23.81 23.94
C GLY D 399 -14.89 -22.44 23.52
N SER D 400 -14.79 -22.17 22.22
CA SER D 400 -15.16 -20.87 21.69
C SER D 400 -15.44 -20.98 20.19
N ILE D 401 -16.43 -20.23 19.73
CA ILE D 401 -16.75 -20.16 18.32
C ILE D 401 -16.69 -18.75 17.76
N GLY D 402 -16.65 -17.72 18.62
CA GLY D 402 -16.57 -16.35 18.12
C GLY D 402 -17.83 -15.98 17.36
N ASP D 403 -17.64 -15.40 16.18
CA ASP D 403 -18.75 -15.01 15.31
C ASP D 403 -19.11 -16.09 14.28
N ILE D 404 -18.57 -17.30 14.44
CA ILE D 404 -18.86 -18.38 13.51
C ILE D 404 -20.23 -18.98 13.84
N ARG D 405 -21.02 -19.23 12.80
CA ARG D 405 -22.38 -19.70 12.97
C ARG D 405 -22.43 -21.19 13.26
N THR D 406 -23.31 -21.57 14.17
CA THR D 406 -23.63 -22.96 14.47
C THR D 406 -25.14 -23.09 14.55
N LEU D 407 -25.60 -24.35 14.65
CA LEU D 407 -27.04 -24.60 14.74
C LEU D 407 -27.64 -24.00 16.00
N THR D 408 -26.90 -23.99 17.10
CA THR D 408 -27.34 -23.37 18.34
C THR D 408 -26.96 -21.90 18.44
N MSE D 409 -26.11 -21.40 17.54
CA MSE D 409 -25.74 -19.99 17.50
C MSE D 409 -26.01 -19.42 16.12
O MSE D 409 -25.08 -19.18 15.35
CB MSE D 409 -24.27 -19.81 17.88
CG MSE D 409 -23.92 -18.44 18.40
SE MSE D 409 -24.45 -18.19 20.25
CE MSE D 409 -23.75 -16.39 20.54
N PRO D 410 -27.29 -19.19 15.79
CA PRO D 410 -27.62 -18.69 14.45
C PRO D 410 -27.21 -17.25 14.21
N SER D 411 -26.90 -16.49 15.27
CA SER D 411 -26.49 -15.10 15.09
C SER D 411 -25.13 -14.97 14.42
N GLY D 412 -24.35 -16.04 14.37
CA GLY D 412 -23.05 -16.02 13.74
C GLY D 412 -23.14 -16.00 12.23
N PHE D 413 -21.97 -15.94 11.60
CA PHE D 413 -21.85 -15.87 10.15
C PHE D 413 -21.51 -17.23 9.57
N ASN D 414 -22.16 -17.57 8.45
CA ASN D 414 -21.80 -18.80 7.75
C ASN D 414 -20.46 -18.66 7.03
N ALA D 415 -20.14 -17.46 6.57
CA ALA D 415 -18.90 -17.22 5.83
C ALA D 415 -18.53 -15.76 5.95
N ASP D 416 -17.31 -15.43 5.49
CA ASP D 416 -16.85 -14.06 5.53
C ASP D 416 -17.52 -13.22 4.45
N SER D 417 -17.54 -13.74 3.21
CA SER D 417 -18.07 -12.95 2.09
C SER D 417 -18.56 -13.88 1.00
N ARG D 418 -19.56 -13.40 0.26
CA ARG D 418 -20.09 -14.07 -0.92
C ARG D 418 -20.50 -13.01 -1.93
N ASN D 419 -20.19 -13.25 -3.20
CA ASN D 419 -20.55 -12.34 -4.27
C ASN D 419 -21.43 -13.08 -5.28
N PHE D 420 -22.63 -12.56 -5.49
CA PHE D 420 -23.58 -13.13 -6.45
C PHE D 420 -23.98 -12.06 -7.46
N GLN D 421 -24.28 -12.51 -8.67
CA GLN D 421 -24.81 -11.59 -9.68
C GLN D 421 -26.28 -11.27 -9.45
N ALA D 422 -26.99 -12.10 -8.71
CA ALA D 422 -28.39 -11.87 -8.39
C ALA D 422 -28.73 -12.59 -7.11
N ALA D 423 -29.75 -12.10 -6.41
CA ALA D 423 -30.19 -12.72 -5.17
C ALA D 423 -31.57 -12.19 -4.80
N LYS D 424 -32.42 -13.08 -4.31
CA LYS D 424 -33.72 -12.71 -3.77
C LYS D 424 -33.75 -13.15 -2.31
N ILE D 425 -33.72 -12.17 -1.40
CA ILE D 425 -33.72 -12.42 0.04
C ILE D 425 -34.99 -11.80 0.62
N THR D 426 -35.83 -12.63 1.23
CA THR D 426 -37.11 -12.14 1.74
C THR D 426 -36.91 -11.16 2.88
N ASN D 427 -36.13 -11.53 3.89
CA ASN D 427 -35.89 -10.69 5.06
C ASN D 427 -34.40 -10.44 5.16
N LEU D 428 -33.95 -9.26 4.75
CA LEU D 428 -32.55 -8.89 4.74
C LEU D 428 -32.28 -7.89 5.86
N THR D 429 -31.21 -8.12 6.61
CA THR D 429 -30.76 -7.21 7.66
C THR D 429 -29.35 -6.74 7.29
N SER D 430 -29.25 -5.51 6.81
CA SER D 430 -27.96 -4.95 6.41
C SER D 430 -28.01 -3.44 6.59
N TYR D 431 -27.28 -2.93 7.58
CA TYR D 431 -27.28 -1.51 7.87
C TYR D 431 -26.16 -0.76 7.17
N LYS D 432 -25.01 -1.40 6.97
CA LYS D 432 -23.93 -0.81 6.18
C LYS D 432 -24.04 -1.21 4.71
N HIS D 433 -25.16 -0.84 4.10
CA HIS D 433 -25.45 -1.12 2.71
C HIS D 433 -25.08 0.10 1.88
N ASN D 434 -24.21 -0.11 0.89
CA ASN D 434 -23.67 0.98 0.07
C ASN D 434 -23.09 2.08 0.95
N TYR D 435 -22.27 1.65 1.91
CA TYR D 435 -21.84 2.48 3.03
C TYR D 435 -20.38 2.89 2.84
N LYS D 436 -20.09 4.15 3.19
CA LYS D 436 -18.72 4.66 3.18
C LYS D 436 -18.52 5.58 4.38
N LYS D 437 -17.37 5.44 5.03
CA LYS D 437 -16.99 6.25 6.16
C LYS D 437 -15.74 7.03 5.84
N THR D 438 -15.74 8.33 6.15
CA THR D 438 -14.57 9.18 5.98
C THR D 438 -14.27 9.87 7.29
N ILE D 439 -13.05 9.72 7.78
CA ILE D 439 -12.66 10.28 9.08
C ILE D 439 -11.67 11.40 8.87
N ASN D 440 -11.27 12.05 9.97
CA ASN D 440 -10.26 13.11 9.95
C ASN D 440 -10.66 14.26 9.02
N ARG D 441 -11.95 14.58 9.02
CA ARG D 441 -12.45 15.75 8.28
C ARG D 441 -12.25 16.96 9.18
N ASP D 442 -11.14 17.65 8.98
CA ASP D 442 -10.73 18.76 9.84
C ASP D 442 -11.18 20.07 9.21
N PHE D 443 -11.96 20.83 9.97
CA PHE D 443 -12.56 22.07 9.49
C PHE D 443 -12.07 23.27 10.29
N THR D 444 -11.98 24.41 9.62
CA THR D 444 -11.96 25.72 10.26
C THR D 444 -13.28 26.41 9.95
N VAL D 445 -13.47 27.58 10.55
CA VAL D 445 -14.74 28.31 10.41
C VAL D 445 -15.00 28.61 8.94
N GLY D 446 -16.03 27.98 8.38
CA GLY D 446 -16.43 28.21 7.01
C GLY D 446 -15.64 27.47 5.95
N SER D 447 -14.74 26.57 6.35
CA SER D 447 -13.90 25.88 5.37
C SER D 447 -14.66 24.73 4.72
N SER D 448 -14.13 24.25 3.61
CA SER D 448 -14.73 23.17 2.82
C SER D 448 -13.77 21.99 2.78
N VAL D 449 -14.30 20.79 3.00
CA VAL D 449 -13.52 19.56 3.00
C VAL D 449 -14.28 18.51 2.20
N GLY D 450 -13.57 17.81 1.32
CA GLY D 450 -14.18 16.74 0.56
C GLY D 450 -14.46 15.53 1.44
N VAL D 451 -15.59 14.86 1.18
CA VAL D 451 -16.04 13.71 1.95
C VAL D 451 -15.89 12.42 1.15
N ALA D 452 -16.37 12.42 -0.09
CA ALA D 452 -16.31 11.23 -0.92
C ALA D 452 -16.40 11.63 -2.39
N SER D 453 -16.01 10.70 -3.25
CA SER D 453 -16.12 10.88 -4.70
C SER D 453 -17.37 10.20 -5.20
N LEU D 454 -18.11 10.90 -6.07
CA LEU D 454 -19.35 10.41 -6.63
C LEU D 454 -19.15 9.97 -8.06
N SER D 455 -19.80 8.87 -8.45
CA SER D 455 -19.69 8.34 -9.80
C SER D 455 -20.81 7.34 -10.03
N HIS D 456 -21.05 7.04 -11.30
CA HIS D 456 -22.00 5.99 -11.65
C HIS D 456 -21.39 4.63 -11.31
N PRO D 457 -22.13 3.74 -10.65
CA PRO D 457 -21.52 2.47 -10.19
C PRO D 457 -21.43 1.40 -11.26
N SER D 458 -22.17 1.51 -12.37
CA SER D 458 -22.18 0.48 -13.40
C SER D 458 -21.52 0.94 -14.70
N ILE D 459 -21.70 2.19 -15.11
CA ILE D 459 -21.18 2.70 -16.37
C ILE D 459 -20.08 3.71 -16.04
N SER D 460 -18.89 3.47 -16.58
CA SER D 460 -17.74 4.32 -16.26
C SER D 460 -17.91 5.70 -16.90
N GLY D 461 -17.76 6.74 -16.10
CA GLY D 461 -17.83 8.11 -16.59
C GLY D 461 -19.21 8.59 -17.00
N ALA D 462 -20.25 7.81 -16.74
CA ALA D 462 -21.59 8.20 -17.12
C ALA D 462 -22.19 9.15 -16.08
N SER D 463 -23.31 9.75 -16.45
CA SER D 463 -24.04 10.63 -15.54
C SER D 463 -24.61 9.83 -14.38
N TYR D 464 -24.21 10.17 -13.17
CA TYR D 464 -24.74 9.50 -11.99
C TYR D 464 -26.01 10.20 -11.51
N GLY D 465 -26.73 9.53 -10.62
CA GLY D 465 -27.97 10.08 -10.10
C GLY D 465 -28.61 9.21 -9.04
N GLY D 466 -28.70 9.75 -7.83
CA GLY D 466 -29.32 9.02 -6.73
C GLY D 466 -29.40 9.88 -5.50
N ARG D 467 -29.62 9.24 -4.36
CA ARG D 467 -29.76 9.94 -3.10
C ARG D 467 -28.65 9.53 -2.14
N LEU D 468 -28.26 10.47 -1.27
CA LEU D 468 -27.20 10.25 -0.30
C LEU D 468 -27.72 10.57 1.09
N LEU D 469 -27.52 9.64 2.02
CA LEU D 469 -27.81 9.85 3.43
C LEU D 469 -26.48 9.97 4.17
N VAL D 470 -26.21 11.15 4.71
CA VAL D 470 -24.94 11.45 5.37
C VAL D 470 -25.21 11.64 6.85
N ASN D 471 -24.46 10.91 7.68
CA ASN D 471 -24.50 11.06 9.13
C ASN D 471 -23.15 11.62 9.57
N ALA D 472 -23.12 12.90 9.90
CA ALA D 472 -21.91 13.57 10.33
C ALA D 472 -21.89 13.64 11.85
N ILE D 473 -20.73 13.35 12.45
CA ILE D 473 -20.57 13.36 13.89
C ILE D 473 -19.31 14.13 14.24
N PHE D 474 -19.24 14.54 15.51
CA PHE D 474 -18.05 15.19 16.04
C PHE D 474 -17.07 14.11 16.51
N GLY D 475 -15.83 14.21 16.06
CA GLY D 475 -14.83 13.20 16.38
C GLY D 475 -14.66 12.18 15.28
N THR D 476 -14.39 10.93 15.65
CA THR D 476 -14.14 9.86 14.69
C THR D 476 -15.20 8.77 14.75
N THR D 477 -15.50 8.27 15.95
CA THR D 477 -16.44 7.17 16.13
C THR D 477 -17.54 7.59 17.08
N ALA D 478 -18.78 7.31 16.70
CA ALA D 478 -19.93 7.72 17.51
C ALA D 478 -19.95 7.00 18.85
N ALA D 479 -20.41 7.72 19.87
CA ALA D 479 -20.56 7.17 21.20
C ALA D 479 -21.78 7.82 21.85
N ALA D 480 -21.97 7.57 23.15
CA ALA D 480 -23.07 8.18 23.87
C ALA D 480 -22.85 9.68 24.00
N GLY D 481 -23.82 10.47 23.57
CA GLY D 481 -23.75 11.91 23.67
C GLY D 481 -22.95 12.58 22.57
N THR D 482 -22.60 11.86 21.51
CA THR D 482 -21.83 12.45 20.41
C THR D 482 -22.74 13.36 19.58
N ASN D 483 -22.26 14.57 19.30
CA ASN D 483 -23.00 15.49 18.45
C ASN D 483 -23.18 14.89 17.06
N SER D 484 -24.42 14.80 16.61
CA SER D 484 -24.75 14.12 15.38
C SER D 484 -25.72 14.97 14.56
N ALA D 485 -25.67 14.79 13.24
CA ALA D 485 -26.58 15.44 12.32
C ALA D 485 -26.71 14.56 11.08
N VAL D 486 -27.91 14.49 10.53
CA VAL D 486 -28.20 13.66 9.37
C VAL D 486 -28.67 14.56 8.23
N TYR D 487 -28.26 14.23 7.01
CA TYR D 487 -28.60 15.01 5.83
C TYR D 487 -29.06 14.07 4.74
N GLU D 488 -30.12 14.45 4.03
CA GLU D 488 -30.66 13.70 2.90
C GLU D 488 -30.44 14.52 1.64
N LEU D 489 -29.67 13.97 0.72
CA LEU D 489 -29.23 14.71 -0.47
C LEU D 489 -29.61 13.93 -1.73
N LEU D 490 -30.18 14.65 -2.69
CA LEU D 490 -30.38 14.13 -4.04
C LEU D 490 -29.30 14.71 -4.95
N VAL D 491 -28.57 13.84 -5.63
CA VAL D 491 -27.45 14.28 -6.47
C VAL D 491 -27.57 13.66 -7.86
N THR D 492 -27.08 14.41 -8.84
CA THR D 492 -26.94 13.96 -10.22
C THR D 492 -26.06 14.96 -10.95
N SER D 493 -25.52 14.54 -12.08
CA SER D 493 -24.61 15.38 -12.86
C SER D 493 -24.90 15.22 -14.34
N VAL D 494 -24.65 16.30 -15.09
CA VAL D 494 -24.72 16.30 -16.54
C VAL D 494 -23.49 17.02 -17.07
N GLY D 495 -22.44 16.26 -17.36
CA GLY D 495 -21.19 16.88 -17.78
C GLY D 495 -20.55 17.62 -16.62
N THR D 496 -20.14 18.86 -16.86
CA THR D 496 -19.57 19.68 -15.80
C THR D 496 -20.60 20.22 -14.82
N ALA D 497 -21.89 20.14 -15.15
CA ALA D 497 -22.93 20.67 -14.28
C ALA D 497 -23.26 19.67 -13.17
N LYS D 498 -23.19 20.15 -11.93
CA LYS D 498 -23.47 19.32 -10.76
C LYS D 498 -24.77 19.78 -10.12
N TYR D 499 -25.63 18.83 -9.77
CA TYR D 499 -26.93 19.11 -9.19
C TYR D 499 -27.05 18.39 -7.86
N ILE D 500 -27.24 19.15 -6.79
CA ILE D 500 -27.43 18.60 -5.46
C ILE D 500 -28.58 19.34 -4.78
N SER D 501 -29.43 18.60 -4.09
CA SER D 501 -30.61 19.14 -3.44
C SER D 501 -30.76 18.51 -2.07
N GLN D 502 -30.76 19.33 -1.03
CA GLN D 502 -30.91 18.83 0.34
C GLN D 502 -32.38 18.55 0.58
N ILE D 503 -32.73 17.27 0.59
CA ILE D 503 -34.12 16.86 0.77
C ILE D 503 -34.58 17.17 2.19
N GLY D 504 -33.69 17.00 3.17
CA GLY D 504 -34.05 17.27 4.55
C GLY D 504 -32.83 17.12 5.43
N SER D 505 -33.04 17.41 6.72
CA SER D 505 -31.96 17.33 7.70
C SER D 505 -32.55 17.23 9.09
N ALA D 506 -31.72 16.80 10.03
CA ALA D 506 -32.10 16.72 11.44
C ALA D 506 -30.84 16.74 12.28
N GLY D 507 -30.96 17.27 13.48
CA GLY D 507 -29.85 17.35 14.41
C GLY D 507 -29.19 18.72 14.44
N LEU D 508 -27.94 18.72 14.89
CA LEU D 508 -27.16 19.95 15.06
C LEU D 508 -26.63 20.39 13.70
N THR D 509 -27.48 21.11 12.98
CA THR D 509 -27.21 21.51 11.59
C THR D 509 -27.00 23.01 11.44
N SER D 510 -26.94 23.77 12.54
CA SER D 510 -26.88 25.22 12.45
C SER D 510 -25.56 25.82 12.89
N GLY D 511 -24.68 25.04 13.52
CA GLY D 511 -23.38 25.56 13.91
C GLY D 511 -23.41 26.49 15.10
N ALA D 512 -24.34 26.28 16.04
CA ALA D 512 -24.39 27.13 17.23
C ALA D 512 -23.13 26.99 18.07
N ALA D 513 -22.46 25.85 18.00
CA ALA D 513 -21.19 25.63 18.69
C ALA D 513 -20.19 25.01 17.72
N ALA D 514 -18.92 25.02 18.13
CA ALA D 514 -17.86 24.53 17.25
C ALA D 514 -17.97 23.02 17.03
N SER D 515 -18.39 22.27 18.05
CA SER D 515 -18.45 20.82 17.97
C SER D 515 -19.70 20.31 17.27
N HIS D 516 -20.53 21.18 16.70
CA HIS D 516 -21.73 20.69 16.05
C HIS D 516 -21.44 20.29 14.61
N PRO D 517 -21.86 19.10 14.17
CA PRO D 517 -21.59 18.67 12.79
C PRO D 517 -22.52 19.31 11.77
N SER D 518 -22.35 20.63 11.61
CA SER D 518 -23.22 21.43 10.77
C SER D 518 -22.49 21.74 9.45
N PHE D 519 -23.07 21.30 8.33
CA PHE D 519 -22.39 21.43 7.05
C PHE D 519 -23.38 21.70 5.94
N THR D 520 -22.92 22.43 4.94
CA THR D 520 -23.62 22.61 3.67
C THR D 520 -22.89 21.80 2.60
N TRP D 521 -23.67 21.16 1.72
CA TRP D 521 -23.14 20.15 0.82
C TRP D 521 -23.12 20.66 -0.62
N SER D 522 -22.04 20.33 -1.33
CA SER D 522 -21.87 20.75 -2.70
C SER D 522 -21.11 19.65 -3.46
N ILE D 523 -20.98 19.85 -4.77
CA ILE D 523 -20.23 18.96 -5.64
C ILE D 523 -19.32 19.82 -6.51
N ASN D 524 -18.01 19.55 -6.45
CA ASN D 524 -17.05 20.34 -7.20
C ASN D 524 -16.89 19.77 -8.61
N SER D 525 -15.92 20.29 -9.36
CA SER D 525 -15.71 19.84 -10.74
C SER D 525 -15.16 18.43 -10.80
N SER D 526 -14.57 17.93 -9.72
CA SER D 526 -14.05 16.56 -9.66
C SER D 526 -15.08 15.56 -9.17
N ASN D 527 -16.36 15.94 -9.15
CA ASN D 527 -17.44 15.06 -8.70
C ASN D 527 -17.23 14.59 -7.26
N VAL D 528 -16.67 15.46 -6.43
CA VAL D 528 -16.43 15.17 -5.02
C VAL D 528 -17.53 15.81 -4.20
N LEU D 529 -18.13 15.04 -3.30
CA LEU D 529 -19.10 15.58 -2.35
C LEU D 529 -18.36 16.41 -1.31
N VAL D 530 -18.57 17.72 -1.33
CA VAL D 530 -17.84 18.65 -0.48
C VAL D 530 -18.75 19.11 0.65
N ALA D 531 -18.21 19.16 1.87
CA ALA D 531 -18.92 19.67 3.03
C ALA D 531 -18.29 20.98 3.45
N THR D 532 -19.13 22.00 3.65
CA THR D 532 -18.68 23.32 4.07
C THR D 532 -19.26 23.61 5.46
N ALA D 533 -18.40 23.97 6.40
CA ALA D 533 -18.82 24.19 7.77
C ALA D 533 -19.80 25.36 7.86
N VAL D 534 -20.79 25.21 8.74
CA VAL D 534 -21.85 26.19 8.92
C VAL D 534 -21.71 26.81 10.31
N GLY D 535 -21.81 28.13 10.37
CA GLY D 535 -21.79 28.80 11.67
C GLY D 535 -20.43 28.74 12.32
N SER D 536 -20.40 28.27 13.56
CA SER D 536 -19.17 28.19 14.34
C SER D 536 -18.44 26.85 14.18
N THR D 537 -18.92 25.99 13.29
CA THR D 537 -18.37 24.64 13.17
C THR D 537 -16.89 24.66 12.84
N ALA D 538 -16.10 23.96 13.67
CA ALA D 538 -14.66 23.83 13.45
C ALA D 538 -14.15 22.67 14.30
N GLY D 539 -13.22 21.90 13.73
CA GLY D 539 -12.61 20.78 14.41
C GLY D 539 -12.61 19.55 13.52
N ARG D 540 -12.41 18.40 14.16
CA ARG D 540 -12.34 17.12 13.46
C ARG D 540 -13.69 16.43 13.49
N PHE D 541 -14.19 16.05 12.31
CA PHE D 541 -15.48 15.41 12.15
C PHE D 541 -15.32 14.15 11.31
N ALA D 542 -16.38 13.35 11.25
CA ALA D 542 -16.38 12.12 10.48
C ALA D 542 -17.75 11.92 9.84
N MSE D 543 -17.76 11.51 8.58
CA MSE D 543 -19.00 11.28 7.85
C MSE D 543 -19.21 9.80 7.54
O MSE D 543 -18.25 9.04 7.36
CB MSE D 543 -19.02 12.08 6.55
CG MSE D 543 -19.43 13.53 6.69
SE MSE D 543 -18.12 14.62 7.64
CE MSE D 543 -18.78 16.38 7.11
N GLU D 544 -20.48 9.40 7.49
CA GLU D 544 -20.87 8.07 7.02
C GLU D 544 -21.98 8.25 5.99
N VAL D 545 -21.73 7.81 4.77
CA VAL D 545 -22.62 8.04 3.64
C VAL D 545 -23.31 6.73 3.26
N PHE D 546 -24.61 6.82 2.99
CA PHE D 546 -25.42 5.68 2.54
C PHE D 546 -26.07 6.10 1.22
N THR D 547 -25.69 5.45 0.13
CA THR D 547 -26.12 5.84 -1.20
C THR D 547 -27.25 4.93 -1.70
N THR D 548 -28.05 5.48 -2.61
CA THR D 548 -29.15 4.74 -3.24
C THR D 548 -29.28 5.22 -4.67
N GLY D 549 -29.51 4.28 -5.59
CA GLY D 549 -29.70 4.61 -6.99
C GLY D 549 -28.44 4.50 -7.82
N ASN D 550 -28.34 5.29 -8.88
CA ASN D 550 -27.21 5.24 -9.80
C ASN D 550 -26.06 6.14 -9.33
N VAL D 551 -25.60 5.93 -8.09
CA VAL D 551 -24.49 6.70 -7.56
C VAL D 551 -23.77 5.87 -6.52
N GLN D 552 -22.45 6.04 -6.44
CA GLN D 552 -21.64 5.39 -5.42
C GLN D 552 -20.66 6.40 -4.85
N ALA D 553 -20.41 6.28 -3.55
CA ALA D 553 -19.49 7.18 -2.83
C ALA D 553 -18.23 6.39 -2.51
N THR D 554 -17.12 6.77 -3.14
CA THR D 554 -15.85 6.08 -2.94
C THR D 554 -14.76 7.05 -2.48
N LEU E 11 19.01 -90.73 1.66
CA LEU E 11 18.14 -91.63 0.90
C LEU E 11 16.91 -92.03 1.71
N MSE E 12 15.80 -91.34 1.48
CA MSE E 12 14.55 -91.65 2.17
C MSE E 12 13.33 -91.40 1.30
O MSE E 12 13.07 -90.27 0.88
CB MSE E 12 14.44 -90.83 3.46
CG MSE E 12 13.31 -91.28 4.36
SE MSE E 12 13.13 -90.19 5.97
CE MSE E 12 11.97 -91.37 7.00
N ASN E 13 12.57 -92.46 1.02
CA ASN E 13 11.44 -92.41 0.13
C ASN E 13 10.14 -92.17 0.92
N LEU E 14 9.08 -91.85 0.17
CA LEU E 14 7.77 -91.64 0.78
C LEU E 14 7.22 -92.93 1.36
N LYS E 15 6.68 -92.84 2.58
CA LYS E 15 6.16 -94.03 3.27
C LYS E 15 4.94 -94.58 2.55
N GLY E 16 4.00 -93.72 2.17
CA GLY E 16 2.82 -94.19 1.49
C GLY E 16 1.81 -93.06 1.34
N VAL E 17 0.60 -93.46 0.92
CA VAL E 17 -0.49 -92.53 0.66
C VAL E 17 -1.74 -93.03 1.40
N VAL E 18 -2.45 -92.10 2.04
CA VAL E 18 -3.70 -92.39 2.74
C VAL E 18 -4.80 -91.56 2.10
N ASN E 19 -6.04 -92.02 2.25
CA ASN E 19 -7.18 -91.41 1.57
C ASN E 19 -8.17 -90.75 2.52
N SER E 20 -7.96 -90.85 3.83
CA SER E 20 -8.91 -90.27 4.78
C SER E 20 -8.21 -90.02 6.11
N LYS E 21 -8.87 -89.24 6.96
CA LYS E 21 -8.32 -88.94 8.28
C LYS E 21 -8.47 -90.11 9.23
N VAL E 22 -9.58 -90.85 9.12
CA VAL E 22 -9.79 -91.99 10.00
C VAL E 22 -8.75 -93.08 9.74
N GLU E 23 -8.32 -93.24 8.49
CA GLU E 23 -7.28 -94.21 8.19
C GLU E 23 -5.89 -93.72 8.58
N LEU E 24 -5.72 -92.40 8.76
CA LEU E 24 -4.43 -91.85 9.15
C LEU E 24 -4.18 -92.00 10.65
N GLU E 25 -5.20 -91.76 11.47
CA GLU E 25 -5.02 -91.81 12.91
C GLU E 25 -4.70 -93.23 13.38
N GLY E 26 -5.34 -94.23 12.78
CA GLY E 26 -5.01 -95.61 13.07
C GLY E 26 -3.70 -96.07 12.48
N LEU E 27 -3.13 -95.29 11.56
CA LEU E 27 -1.88 -95.65 10.90
C LEU E 27 -0.69 -95.33 11.79
N SER E 28 0.23 -96.29 11.92
CA SER E 28 1.42 -96.14 12.74
C SER E 28 2.63 -95.80 11.88
N GLY E 29 3.59 -95.12 12.48
CA GLY E 29 4.78 -94.70 11.76
C GLY E 29 5.94 -94.45 12.70
N SER E 30 7.07 -94.04 12.12
CA SER E 30 8.28 -93.72 12.85
C SER E 30 8.70 -92.29 12.55
N ASP E 31 9.71 -91.83 13.30
CA ASP E 31 10.15 -90.45 13.19
C ASP E 31 10.68 -90.14 11.79
N GLY E 32 10.33 -88.95 11.28
CA GLY E 32 10.81 -88.50 9.99
C GLY E 32 10.05 -89.02 8.80
N GLN E 33 9.22 -90.04 8.96
CA GLN E 33 8.50 -90.61 7.83
C GLN E 33 7.46 -89.64 7.30
N VAL E 34 7.35 -89.58 5.97
CA VAL E 34 6.44 -88.67 5.29
C VAL E 34 5.41 -89.48 4.52
N VAL E 35 4.16 -89.04 4.58
CA VAL E 35 3.05 -89.68 3.88
C VAL E 35 2.30 -88.59 3.12
N LEU E 36 1.59 -89.01 2.07
CA LEU E 36 0.79 -88.12 1.24
C LEU E 36 -0.68 -88.40 1.48
N MSE E 37 -1.44 -87.36 1.80
CA MSE E 37 -2.87 -87.52 2.03
C MSE E 37 -3.65 -86.93 0.87
O MSE E 37 -3.27 -85.89 0.33
CB MSE E 37 -3.27 -86.88 3.36
CG MSE E 37 -4.70 -87.13 3.78
SE MSE E 37 -4.96 -86.52 5.62
CE MSE E 37 -6.86 -86.86 5.78
N THR E 38 -4.74 -87.60 0.49
CA THR E 38 -5.57 -87.18 -0.64
C THR E 38 -7.00 -86.99 -0.11
N GLY E 39 -7.28 -85.80 0.41
CA GLY E 39 -8.61 -85.51 0.92
C GLY E 39 -8.78 -85.85 2.38
N TYR E 40 -9.53 -85.03 3.11
CA TYR E 40 -9.77 -85.31 4.53
C TYR E 40 -10.63 -86.55 4.70
N TYR E 41 -11.56 -86.79 3.78
CA TYR E 41 -12.41 -87.96 3.79
C TYR E 41 -12.18 -88.78 2.52
N ALA E 42 -12.59 -90.05 2.58
CA ALA E 42 -12.43 -90.94 1.43
C ALA E 42 -13.25 -90.47 0.24
N GLY E 43 -12.69 -90.63 -0.95
CA GLY E 43 -13.33 -90.19 -2.17
C GLY E 43 -13.21 -88.71 -2.47
N GLN E 44 -12.60 -87.93 -1.58
CA GLN E 44 -12.42 -86.50 -1.75
C GLN E 44 -10.94 -86.19 -1.93
N TYR E 45 -10.68 -85.06 -2.59
CA TYR E 45 -9.32 -84.56 -2.76
C TYR E 45 -9.03 -83.30 -1.95
N MSE E 46 -10.07 -82.64 -1.44
CA MSE E 46 -9.90 -81.43 -0.64
C MSE E 46 -9.51 -81.76 0.79
O MSE E 46 -10.13 -82.61 1.44
CB MSE E 46 -11.17 -80.59 -0.68
CG MSE E 46 -11.47 -79.99 -2.03
SE MSE E 46 -13.23 -79.14 -2.11
CE MSE E 46 -14.34 -80.76 -1.99
N GLY E 47 -8.49 -81.06 1.29
CA GLY E 47 -7.93 -81.35 2.59
C GLY E 47 -6.68 -82.21 2.57
N GLY E 48 -6.21 -82.63 1.40
CA GLY E 48 -5.01 -83.44 1.33
C GLY E 48 -3.75 -82.63 1.56
N ASP E 49 -2.72 -83.31 2.08
CA ASP E 49 -1.46 -82.67 2.44
C ASP E 49 -0.47 -83.75 2.81
N HIS E 50 0.80 -83.39 2.90
CA HIS E 50 1.80 -84.32 3.40
C HIS E 50 1.86 -84.25 4.92
N PHE E 51 2.17 -85.39 5.55
CA PHE E 51 2.24 -85.50 7.00
C PHE E 51 3.53 -86.21 7.39
N LYS E 52 4.20 -85.66 8.38
CA LYS E 52 5.42 -86.23 8.94
C LYS E 52 5.16 -86.65 10.38
N TYR E 53 5.69 -87.80 10.77
CA TYR E 53 5.41 -88.37 12.09
C TYR E 53 6.30 -87.77 13.17
N ASP E 54 5.72 -87.57 14.35
CA ASP E 54 6.40 -87.02 15.51
C ASP E 54 6.04 -87.88 16.71
N SER E 55 7.02 -88.61 17.24
CA SER E 55 6.77 -89.52 18.36
C SER E 55 6.41 -88.80 19.65
N THR E 56 6.82 -87.54 19.80
CA THR E 56 6.51 -86.81 21.02
C THR E 56 5.02 -86.53 21.18
N GLN E 57 4.28 -86.42 20.06
CA GLN E 57 2.86 -86.11 20.08
C GLN E 57 2.03 -87.28 19.54
N ALA E 58 2.42 -88.51 19.86
CA ALA E 58 1.71 -89.67 19.33
C ALA E 58 0.28 -89.74 19.85
N LEU E 59 0.03 -89.25 21.06
CA LEU E 59 -1.31 -89.25 21.64
C LEU E 59 -2.08 -87.97 21.37
N ILE E 60 -1.48 -86.99 20.70
CA ILE E 60 -2.14 -85.73 20.39
C ILE E 60 -2.87 -85.87 19.06
N ASN E 61 -4.14 -85.44 19.03
CA ASN E 61 -4.95 -85.53 17.82
C ASN E 61 -6.02 -84.44 17.90
N ASN E 62 -5.68 -83.25 17.40
CA ASN E 62 -6.64 -82.15 17.37
C ASN E 62 -7.48 -82.14 16.09
N GLY E 63 -7.15 -82.98 15.11
CA GLY E 63 -7.96 -83.11 13.91
C GLY E 63 -7.52 -82.28 12.72
N VAL E 64 -6.49 -81.43 12.86
CA VAL E 64 -6.07 -80.59 11.73
C VAL E 64 -4.57 -80.70 11.49
N THR E 65 -3.78 -80.10 12.38
CA THR E 65 -2.34 -80.03 12.14
C THR E 65 -1.62 -81.32 12.54
N VAL E 66 -1.99 -81.91 13.68
CA VAL E 66 -1.34 -83.12 14.17
C VAL E 66 -2.40 -84.19 14.39
N ILE E 67 -2.18 -85.37 13.82
CA ILE E 67 -3.11 -86.50 13.90
C ILE E 67 -2.31 -87.70 14.37
N ASN E 68 -2.29 -87.94 15.68
CA ASN E 68 -1.60 -89.06 16.29
C ASN E 68 -0.13 -89.13 15.86
N GLY E 69 0.54 -87.98 15.93
CA GLY E 69 1.94 -87.88 15.62
C GLY E 69 2.26 -87.36 14.22
N TRP E 70 1.30 -87.41 13.30
CA TRP E 70 1.52 -86.93 11.94
C TRP E 70 1.22 -85.44 11.89
N VAL E 71 2.26 -84.64 11.62
CA VAL E 71 2.15 -83.19 11.62
C VAL E 71 1.88 -82.71 10.20
N LYS E 72 0.91 -81.80 10.07
CA LYS E 72 0.59 -81.22 8.76
C LYS E 72 1.76 -80.41 8.24
N GLN E 73 2.14 -80.66 6.99
CA GLN E 73 3.30 -80.02 6.39
C GLN E 73 2.96 -78.75 5.62
N PHE E 74 1.68 -78.50 5.35
CA PHE E 74 1.23 -77.32 4.63
C PHE E 74 1.96 -77.18 3.29
N SER E 75 1.82 -78.22 2.46
CA SER E 75 2.44 -78.19 1.15
C SER E 75 1.85 -77.08 0.28
N ALA E 76 0.55 -76.83 0.43
CA ALA E 76 -0.08 -75.72 -0.28
C ALA E 76 0.12 -74.39 0.44
N GLY E 77 0.53 -74.41 1.71
CA GLY E 77 0.75 -73.18 2.45
C GLY E 77 -0.49 -72.46 2.89
N VAL E 78 -1.64 -73.12 2.91
CA VAL E 78 -2.92 -72.50 3.25
C VAL E 78 -3.72 -73.44 4.12
N LEU E 79 -4.35 -72.89 5.15
CA LEU E 79 -5.24 -73.65 6.03
C LEU E 79 -6.65 -73.61 5.44
N THR E 80 -7.24 -74.78 5.21
CA THR E 80 -8.53 -74.89 4.56
C THR E 80 -9.55 -75.51 5.51
N VAL E 81 -10.82 -75.13 5.33
CA VAL E 81 -11.90 -75.63 6.18
C VAL E 81 -12.14 -77.12 5.99
N SER E 82 -11.94 -77.64 4.77
CA SER E 82 -12.10 -79.07 4.57
C SER E 82 -11.05 -79.87 5.33
N ALA E 83 -9.85 -79.30 5.48
CA ALA E 83 -8.80 -79.91 6.29
C ALA E 83 -9.09 -79.84 7.78
N CYS E 84 -10.20 -79.25 8.18
CA CYS E 84 -10.60 -79.15 9.58
C CYS E 84 -11.81 -80.02 9.90
N GLY E 85 -12.17 -80.94 9.01
CA GLY E 85 -13.27 -81.86 9.23
C GLY E 85 -14.52 -81.61 8.44
N ALA E 86 -14.51 -80.65 7.52
CA ALA E 86 -15.67 -80.34 6.69
C ALA E 86 -15.84 -81.43 5.64
N ASP E 87 -16.93 -82.20 5.73
CA ASP E 87 -17.18 -83.28 4.79
C ASP E 87 -18.15 -82.82 3.73
N PRO E 88 -17.73 -82.74 2.45
CA PRO E 88 -18.67 -82.30 1.41
C PRO E 88 -19.88 -83.20 1.26
N SER E 89 -19.75 -84.49 1.60
CA SER E 89 -20.89 -85.40 1.51
C SER E 89 -21.84 -85.26 2.69
N ALA E 90 -21.40 -84.63 3.78
CA ALA E 90 -22.25 -84.46 4.94
C ALA E 90 -23.22 -83.31 4.73
N SER E 91 -24.37 -83.40 5.41
CA SER E 91 -25.40 -82.37 5.31
C SER E 91 -25.11 -81.15 6.18
N ASP E 92 -24.17 -81.25 7.12
CA ASP E 92 -23.87 -80.16 8.04
C ASP E 92 -22.36 -80.01 8.18
N HIS E 93 -21.92 -78.77 8.34
CA HIS E 93 -20.51 -78.47 8.55
C HIS E 93 -20.32 -77.51 9.72
N SER E 94 -21.28 -77.47 10.65
CA SER E 94 -21.22 -76.50 11.75
C SER E 94 -20.08 -76.82 12.71
N ALA E 95 -20.08 -78.04 13.25
CA ALA E 95 -19.03 -78.42 14.21
C ALA E 95 -17.65 -78.40 13.57
N ALA E 96 -17.55 -78.70 12.27
CA ALA E 96 -16.27 -78.64 11.59
C ALA E 96 -15.81 -77.19 11.44
N LEU E 97 -16.72 -76.28 11.10
CA LEU E 97 -16.36 -74.87 10.94
C LEU E 97 -15.96 -74.26 12.28
N ASP E 98 -16.67 -74.61 13.36
CA ASP E 98 -16.35 -74.05 14.67
C ASP E 98 -14.92 -74.41 15.09
N LEU E 99 -14.52 -75.67 14.89
CA LEU E 99 -13.15 -76.06 15.18
C LEU E 99 -12.17 -75.37 14.24
N ALA E 100 -12.61 -75.04 13.01
CA ALA E 100 -11.73 -74.38 12.05
C ALA E 100 -11.39 -72.95 12.47
N VAL E 101 -12.39 -72.17 12.87
CA VAL E 101 -12.13 -70.79 13.28
C VAL E 101 -11.27 -70.76 14.55
N ASN E 102 -11.52 -71.68 15.48
CA ASN E 102 -10.68 -71.74 16.67
C ASN E 102 -9.23 -72.05 16.30
N THR E 103 -9.02 -72.86 15.27
CA THR E 103 -7.68 -73.18 14.83
C THR E 103 -7.04 -72.00 14.09
N ALA E 104 -7.79 -71.39 13.17
CA ALA E 104 -7.24 -70.28 12.40
C ALA E 104 -6.88 -69.09 13.30
N THR E 105 -7.70 -68.83 14.32
CA THR E 105 -7.42 -67.71 15.21
C THR E 105 -6.25 -68.01 16.14
N SER E 106 -6.18 -69.24 16.65
CA SER E 106 -5.08 -69.62 17.54
C SER E 106 -3.75 -69.68 16.80
N LEU E 107 -3.78 -69.97 15.49
CA LEU E 107 -2.55 -70.03 14.70
C LEU E 107 -2.16 -68.72 14.05
N LYS E 108 -2.99 -67.68 14.13
CA LYS E 108 -2.70 -66.38 13.50
C LYS E 108 -2.42 -66.55 12.00
N ARG E 109 -3.38 -67.14 11.31
CA ARG E 109 -3.25 -67.34 9.87
C ARG E 109 -4.63 -67.29 9.23
N LYS E 110 -4.62 -67.05 7.92
CA LYS E 110 -5.85 -66.86 7.16
C LYS E 110 -6.63 -68.16 7.03
N LEU E 111 -7.96 -68.02 6.94
CA LEU E 111 -8.87 -69.15 6.76
C LEU E 111 -9.49 -69.09 5.37
N VAL E 112 -9.55 -70.24 4.70
CA VAL E 112 -10.07 -70.34 3.34
C VAL E 112 -11.17 -71.39 3.31
N VAL E 113 -12.34 -71.02 2.80
CA VAL E 113 -13.45 -71.94 2.60
C VAL E 113 -13.43 -72.38 1.14
N ASP E 114 -13.16 -73.67 0.91
CA ASP E 114 -12.96 -74.18 -0.45
C ASP E 114 -14.20 -74.84 -1.04
N PHE E 115 -15.24 -75.08 -0.25
CA PHE E 115 -16.50 -75.57 -0.80
C PHE E 115 -17.66 -75.04 0.04
N ASP E 116 -18.84 -75.05 -0.55
CA ASP E 116 -20.01 -74.45 0.07
C ASP E 116 -20.41 -75.22 1.32
N LEU E 117 -20.57 -74.48 2.42
CA LEU E 117 -20.90 -75.07 3.72
C LEU E 117 -22.38 -74.89 4.04
N ARG E 118 -22.90 -75.80 4.86
CA ARG E 118 -24.26 -75.74 5.38
C ARG E 118 -24.21 -75.94 6.89
N VAL E 119 -24.84 -75.02 7.62
CA VAL E 119 -24.71 -74.93 9.07
C VAL E 119 -26.08 -74.95 9.70
N ASN E 120 -26.21 -75.69 10.81
CA ASN E 120 -27.44 -75.71 11.60
C ASN E 120 -27.28 -75.23 13.04
N THR E 121 -26.05 -74.94 13.47
CA THR E 121 -25.79 -74.39 14.80
C THR E 121 -24.83 -73.21 14.68
N THR E 122 -25.04 -72.20 15.52
CA THR E 122 -24.27 -70.97 15.42
C THR E 122 -22.79 -71.21 15.73
N THR E 123 -21.96 -70.27 15.27
CA THR E 123 -20.53 -70.28 15.52
C THR E 123 -20.10 -68.94 16.10
N GLU E 124 -19.61 -68.96 17.33
CA GLU E 124 -19.17 -67.73 17.96
C GLU E 124 -17.93 -67.20 17.24
N LEU E 125 -17.93 -65.89 17.00
CA LEU E 125 -16.86 -65.26 16.23
C LEU E 125 -15.65 -65.05 17.13
N ASP E 126 -14.63 -65.89 16.96
CA ASP E 126 -13.39 -65.66 17.69
C ASP E 126 -12.70 -64.42 17.12
N ALA E 127 -11.94 -63.74 17.98
CA ALA E 127 -11.27 -62.50 17.58
C ALA E 127 -10.23 -62.75 16.50
N THR E 128 -10.01 -61.73 15.66
CA THR E 128 -8.98 -61.70 14.63
C THR E 128 -9.19 -62.75 13.55
N LEU E 129 -10.41 -63.23 13.34
CA LEU E 129 -10.66 -64.21 12.29
C LEU E 129 -10.59 -63.54 10.93
N ARG E 130 -9.73 -64.07 10.06
CA ARG E 130 -9.65 -63.68 8.66
C ARG E 130 -10.07 -64.87 7.82
N ILE E 131 -11.22 -64.77 7.17
CA ILE E 131 -11.80 -65.85 6.39
C ILE E 131 -12.08 -65.36 4.98
N GLU E 132 -11.66 -66.14 3.98
CA GLU E 132 -11.80 -65.76 2.59
C GLU E 132 -12.40 -66.92 1.80
N GLY E 133 -12.87 -66.61 0.60
CA GLY E 133 -13.44 -67.62 -0.28
C GLY E 133 -12.81 -67.54 -1.66
N ASP E 134 -12.66 -68.71 -2.28
CA ASP E 134 -12.05 -68.82 -3.59
C ASP E 134 -13.08 -69.14 -4.69
N GLY E 135 -14.36 -68.84 -4.42
CA GLY E 135 -15.42 -69.13 -5.37
C GLY E 135 -15.43 -68.24 -6.58
N GLY E 136 -16.57 -68.19 -7.29
CA GLY E 136 -16.72 -67.36 -8.45
C GLY E 136 -16.94 -65.89 -8.09
N ALA E 137 -17.57 -65.18 -9.01
CA ALA E 137 -17.81 -63.75 -8.86
C ALA E 137 -19.26 -63.50 -8.44
N VAL E 138 -19.43 -62.58 -7.50
CA VAL E 138 -20.73 -62.11 -7.04
C VAL E 138 -21.59 -63.29 -6.58
N GLN E 139 -22.61 -63.65 -7.36
CA GLN E 139 -23.61 -64.60 -6.89
C GLN E 139 -23.11 -66.04 -6.87
N PHE E 140 -22.03 -66.37 -7.58
CA PHE E 140 -21.45 -67.70 -7.53
C PHE E 140 -20.22 -67.78 -6.63
N SER E 141 -20.10 -66.86 -5.68
CA SER E 141 -19.01 -66.89 -4.72
C SER E 141 -19.19 -68.04 -3.73
N ARG E 142 -18.14 -68.30 -2.96
CA ARG E 142 -18.19 -69.31 -1.90
C ARG E 142 -19.29 -68.95 -0.91
N SER E 143 -20.26 -69.83 -0.76
CA SER E 143 -21.48 -69.54 0.00
C SER E 143 -21.55 -70.38 1.27
N ILE E 144 -22.23 -69.83 2.27
CA ILE E 144 -22.56 -70.53 3.51
C ILE E 144 -24.05 -70.37 3.76
N THR E 145 -24.77 -71.48 3.81
CA THR E 145 -26.23 -71.47 3.98
C THR E 145 -26.56 -71.91 5.40
N ALA E 146 -27.54 -71.22 6.00
CA ALA E 146 -28.02 -71.54 7.34
C ALA E 146 -29.26 -72.42 7.23
N THR E 147 -29.14 -73.66 7.70
CA THR E 147 -30.22 -74.64 7.63
C THR E 147 -31.17 -74.56 8.82
N ALA E 148 -31.02 -73.56 9.69
CA ALA E 148 -31.92 -73.36 10.82
C ALA E 148 -32.12 -71.87 11.03
N ASP E 149 -33.05 -71.54 11.92
CA ASP E 149 -33.33 -70.15 12.28
C ASP E 149 -32.32 -69.67 13.33
N ILE E 150 -31.06 -69.64 12.93
CA ILE E 150 -29.96 -69.28 13.82
C ILE E 150 -28.98 -68.41 13.08
N PRO E 151 -28.30 -67.51 13.81
CA PRO E 151 -27.22 -66.73 13.18
C PRO E 151 -26.05 -67.63 12.82
N ILE E 152 -25.54 -67.46 11.60
CA ILE E 152 -24.37 -68.24 11.17
C ILE E 152 -23.18 -67.93 12.08
N PHE E 153 -22.97 -66.66 12.38
CA PHE E 153 -21.95 -66.24 13.34
C PHE E 153 -22.62 -65.49 14.48
N THR E 154 -22.11 -65.70 15.69
CA THR E 154 -22.64 -65.07 16.89
C THR E 154 -21.57 -64.17 17.49
N VAL E 155 -21.86 -62.87 17.54
CA VAL E 155 -20.93 -61.90 18.09
C VAL E 155 -20.95 -62.01 19.61
N LYS E 156 -19.76 -62.13 20.20
CA LYS E 156 -19.65 -62.28 21.64
C LYS E 156 -19.91 -60.94 22.34
N ALA E 157 -20.21 -61.01 23.64
CA ALA E 157 -20.54 -59.82 24.40
C ALA E 157 -19.33 -58.91 24.57
N GLY E 158 -19.60 -57.62 24.69
CA GLY E 158 -18.53 -56.65 24.91
C GLY E 158 -17.69 -56.48 23.67
N PHE E 159 -16.38 -56.65 23.82
CA PHE E 159 -15.43 -56.54 22.73
C PHE E 159 -14.77 -57.88 22.41
N SER E 160 -15.33 -58.99 22.92
CA SER E 160 -14.70 -60.30 22.75
C SER E 160 -14.67 -60.74 21.29
N SER E 161 -15.50 -60.14 20.44
CA SER E 161 -15.51 -60.45 19.01
C SER E 161 -14.84 -59.37 18.16
N GLU E 162 -14.11 -58.43 18.79
CA GLU E 162 -13.47 -57.35 18.07
C GLU E 162 -12.46 -57.91 17.06
N SER E 163 -12.31 -57.17 15.95
CA SER E 163 -11.36 -57.48 14.88
C SER E 163 -11.77 -58.72 14.08
N SER E 164 -12.09 -58.52 12.80
CA SER E 164 -12.44 -59.62 11.91
C SER E 164 -12.29 -59.15 10.47
N TYR E 165 -12.30 -60.12 9.56
CA TYR E 165 -12.20 -59.85 8.13
C TYR E 165 -12.99 -60.91 7.37
N PHE E 166 -13.86 -60.46 6.48
CA PHE E 166 -14.71 -61.36 5.69
C PHE E 166 -14.51 -61.04 4.22
N GLY E 167 -13.85 -61.92 3.49
CA GLY E 167 -13.53 -61.66 2.10
C GLY E 167 -14.18 -62.57 1.09
N LYS E 168 -15.08 -62.01 0.28
CA LYS E 168 -15.68 -62.68 -0.87
C LYS E 168 -16.40 -63.97 -0.45
N LEU E 169 -17.40 -63.79 0.41
CA LEU E 169 -18.24 -64.88 0.88
C LEU E 169 -19.70 -64.52 0.69
N MSE E 170 -20.58 -65.51 0.84
CA MSE E 170 -22.01 -65.28 0.74
C MSE E 170 -22.75 -65.98 1.88
O MSE E 170 -22.31 -67.02 2.37
CB MSE E 170 -22.56 -65.77 -0.60
CG MSE E 170 -24.04 -65.50 -0.81
SE MSE E 170 -24.60 -65.96 -2.61
CE MSE E 170 -22.95 -65.45 -3.48
N PHE E 171 -23.87 -65.40 2.29
CA PHE E 171 -24.70 -65.95 3.36
C PHE E 171 -26.10 -66.18 2.84
N LYS E 172 -26.59 -67.41 2.98
CA LYS E 172 -27.90 -67.81 2.50
C LYS E 172 -28.68 -68.43 3.65
N ALA E 173 -29.92 -68.80 3.36
CA ALA E 173 -30.76 -69.50 4.34
C ALA E 173 -31.48 -70.63 3.64
N SER E 174 -31.49 -71.81 4.27
CA SER E 174 -32.17 -72.96 3.68
C SER E 174 -33.68 -72.74 3.64
N THR E 175 -34.22 -72.09 4.67
CA THR E 175 -35.63 -71.72 4.72
C THR E 175 -35.73 -70.21 4.58
N GLY E 176 -36.57 -69.76 3.65
CA GLY E 176 -36.70 -68.33 3.40
C GLY E 176 -37.32 -67.61 4.58
N GLY E 177 -36.74 -66.46 4.92
CA GLY E 177 -37.23 -65.67 6.04
C GLY E 177 -36.74 -66.12 7.39
N THR E 178 -35.62 -66.82 7.47
CA THR E 178 -35.07 -67.30 8.72
C THR E 178 -33.59 -66.97 8.80
N ALA E 179 -33.06 -67.03 10.02
CA ALA E 179 -31.64 -66.92 10.29
C ALA E 179 -31.06 -65.55 9.91
N THR E 180 -29.76 -65.41 10.10
CA THR E 180 -29.03 -64.19 9.75
C THR E 180 -27.55 -64.52 9.67
N ALA E 181 -26.80 -63.63 9.04
CA ALA E 181 -25.35 -63.85 8.95
C ALA E 181 -24.64 -63.54 10.26
N PHE E 182 -25.12 -62.54 11.00
CA PHE E 182 -24.50 -62.13 12.25
C PHE E 182 -25.58 -61.69 13.23
N ARG E 183 -25.36 -62.00 14.51
CA ARG E 183 -26.22 -61.53 15.59
C ARG E 183 -25.35 -61.34 16.83
N SER E 184 -25.76 -60.41 17.68
CA SER E 184 -24.95 -60.02 18.83
C SER E 184 -25.55 -60.57 20.13
N THR E 185 -24.67 -61.11 20.97
CA THR E 185 -25.02 -61.51 22.33
C THR E 185 -24.68 -60.37 23.27
N SER E 186 -25.67 -59.93 24.05
CA SER E 186 -25.51 -58.80 24.97
C SER E 186 -25.03 -57.55 24.25
N ASN E 187 -25.60 -57.32 23.05
CA ASN E 187 -25.23 -56.18 22.22
C ASN E 187 -23.73 -56.15 21.95
N GLY E 188 -23.17 -57.33 21.68
CA GLY E 188 -21.75 -57.43 21.45
C GLY E 188 -21.30 -56.69 20.20
N TYR E 189 -20.09 -56.18 20.26
CA TYR E 189 -19.54 -55.34 19.20
C TYR E 189 -18.91 -56.21 18.12
N LEU E 190 -19.42 -56.06 16.89
CA LEU E 190 -18.73 -56.59 15.71
C LEU E 190 -17.81 -55.46 15.24
N SER E 191 -16.62 -55.41 15.83
CA SER E 191 -15.76 -54.23 15.75
C SER E 191 -14.58 -54.47 14.82
N GLN E 192 -14.19 -53.42 14.09
CA GLN E 192 -13.01 -53.39 13.24
C GLN E 192 -13.02 -54.55 12.24
N SER E 193 -14.09 -54.60 11.46
CA SER E 193 -14.27 -55.65 10.46
C SER E 193 -14.27 -55.06 9.06
N THR E 194 -14.11 -55.94 8.08
CA THR E 194 -14.15 -55.55 6.67
C THR E 194 -14.97 -56.59 5.91
N PHE E 195 -15.92 -56.12 5.13
CA PHE E 195 -16.76 -56.97 4.29
C PHE E 195 -16.41 -56.71 2.83
N ASP E 196 -15.64 -57.61 2.24
CA ASP E 196 -15.14 -57.46 0.88
C ASP E 196 -15.97 -58.33 -0.05
N HIS E 197 -16.80 -57.69 -0.87
CA HIS E 197 -17.59 -58.36 -1.90
C HIS E 197 -18.46 -59.47 -1.32
N CYS E 198 -18.99 -59.25 -0.13
CA CYS E 198 -19.89 -60.22 0.49
C CYS E 198 -21.32 -60.01 0.01
N VAL E 199 -22.01 -61.12 -0.28
CA VAL E 199 -23.37 -61.10 -0.79
C VAL E 199 -24.31 -61.62 0.28
N PHE E 200 -25.47 -60.98 0.42
CA PHE E 200 -26.46 -61.35 1.42
C PHE E 200 -27.76 -61.74 0.73
N ASP E 201 -28.07 -63.03 0.72
CA ASP E 201 -29.24 -63.55 0.04
C ASP E 201 -30.52 -63.13 0.74
N ARG E 202 -31.59 -62.92 -0.05
CA ARG E 202 -32.87 -62.52 0.51
C ARG E 202 -33.55 -63.61 1.32
N SER E 203 -33.07 -64.85 1.26
CA SER E 203 -33.66 -65.91 2.08
C SER E 203 -33.46 -65.65 3.56
N LEU E 204 -32.45 -64.88 3.93
CA LEU E 204 -32.23 -64.52 5.32
C LEU E 204 -33.34 -63.61 5.83
N ARG E 205 -33.64 -63.73 7.12
CA ARG E 205 -34.56 -62.79 7.75
C ARG E 205 -33.89 -61.43 7.93
N TYR E 206 -32.64 -61.42 8.36
CA TYR E 206 -31.82 -60.22 8.43
C TYR E 206 -30.49 -60.51 7.77
N GLY E 207 -30.02 -59.59 6.94
CA GLY E 207 -28.69 -59.73 6.36
C GLY E 207 -27.64 -59.72 7.44
N ILE E 208 -27.63 -58.66 8.25
CA ILE E 208 -26.76 -58.56 9.41
C ILE E 208 -27.60 -58.02 10.56
N ASP E 209 -27.73 -58.80 11.64
CA ASP E 209 -28.46 -58.39 12.83
C ASP E 209 -27.53 -58.28 14.02
N ALA E 210 -26.38 -57.67 13.81
CA ALA E 210 -25.36 -57.50 14.84
C ALA E 210 -25.04 -56.02 15.00
N ASN E 211 -24.36 -55.70 16.09
CA ASN E 211 -23.99 -54.32 16.41
C ASN E 211 -22.67 -54.00 15.72
N LEU E 212 -22.75 -53.36 14.55
CA LEU E 212 -21.55 -53.03 13.79
C LEU E 212 -20.90 -51.76 14.32
N ILE E 213 -19.57 -51.75 14.33
CA ILE E 213 -18.81 -50.54 14.66
C ILE E 213 -17.44 -50.66 14.00
N LEU E 214 -17.01 -49.55 13.39
CA LEU E 214 -15.73 -49.51 12.67
C LEU E 214 -15.65 -50.60 11.60
N CYS E 215 -16.73 -50.74 10.85
CA CYS E 215 -16.81 -51.73 9.78
C CYS E 215 -16.94 -51.02 8.44
N ASP E 216 -16.15 -51.44 7.47
CA ASP E 216 -16.24 -50.93 6.10
C ASP E 216 -16.78 -52.04 5.20
N PHE E 217 -17.57 -51.65 4.21
CA PHE E 217 -18.20 -52.58 3.29
C PHE E 217 -17.75 -52.25 1.88
N GLN E 218 -17.11 -53.21 1.22
CA GLN E 218 -16.51 -53.01 -0.11
C GLN E 218 -17.36 -53.75 -1.14
N LYS E 219 -18.22 -53.00 -1.83
CA LYS E 219 -19.05 -53.52 -2.91
C LYS E 219 -19.81 -54.78 -2.47
N CYS E 220 -20.50 -54.66 -1.34
CA CYS E 220 -21.34 -55.74 -0.87
C CYS E 220 -22.72 -55.68 -1.54
N ASP E 221 -23.46 -56.78 -1.43
CA ASP E 221 -24.78 -56.90 -2.02
C ASP E 221 -25.75 -57.37 -0.94
N PHE E 222 -26.90 -56.69 -0.84
CA PHE E 222 -27.91 -56.98 0.17
C PHE E 222 -29.25 -57.21 -0.51
N GLY E 223 -29.64 -58.47 -0.65
CA GLY E 223 -31.00 -58.79 -1.04
C GLY E 223 -31.28 -58.81 -2.53
N THR E 224 -30.26 -58.83 -3.38
CA THR E 224 -30.51 -58.90 -4.81
C THR E 224 -31.02 -60.28 -5.22
N TYR E 225 -30.35 -61.34 -4.77
CA TYR E 225 -30.65 -62.70 -5.20
C TYR E 225 -31.49 -63.45 -4.17
N MSE E 226 -32.11 -64.54 -4.64
CA MSE E 226 -32.98 -65.34 -3.79
C MSE E 226 -32.79 -66.84 -4.04
O MSE E 226 -33.31 -67.39 -5.01
CB MSE E 226 -34.45 -64.98 -4.02
CG MSE E 226 -35.18 -64.48 -2.78
SE MSE E 226 -37.09 -64.30 -3.10
CE MSE E 226 -37.58 -63.28 -1.51
N SER E 227 -32.05 -67.50 -3.15
CA SER E 227 -31.95 -68.95 -3.22
C SER E 227 -33.28 -69.61 -2.89
N THR E 228 -33.94 -69.14 -1.84
CA THR E 228 -35.26 -69.63 -1.46
C THR E 228 -36.18 -68.43 -1.22
N THR E 229 -37.47 -68.65 -1.48
CA THR E 229 -38.44 -67.57 -1.36
C THR E 229 -38.59 -67.13 0.09
N ASN E 230 -38.61 -65.81 0.31
CA ASN E 230 -38.77 -65.22 1.62
C ASN E 230 -40.15 -64.57 1.68
N SER E 231 -41.01 -65.10 2.54
CA SER E 231 -42.36 -64.59 2.69
C SER E 231 -42.55 -63.73 3.92
N ILE E 232 -41.63 -63.78 4.88
CA ILE E 232 -41.76 -63.00 6.11
C ILE E 232 -41.19 -61.60 5.96
N GLY E 233 -40.04 -61.46 5.33
CA GLY E 233 -39.40 -60.17 5.10
C GLY E 233 -37.90 -60.28 5.18
N PHE E 234 -37.23 -59.30 4.58
CA PHE E 234 -35.77 -59.24 4.57
C PHE E 234 -35.31 -57.83 4.90
N LYS E 235 -34.44 -57.72 5.90
CA LYS E 235 -33.80 -56.46 6.27
C LYS E 235 -32.30 -56.61 6.14
N ALA E 236 -31.66 -55.62 5.52
CA ALA E 236 -30.23 -55.70 5.28
C ALA E 236 -29.43 -55.63 6.57
N ILE E 237 -29.61 -54.55 7.34
CA ILE E 237 -28.83 -54.30 8.55
C ILE E 237 -29.76 -53.79 9.64
N ARG E 238 -29.63 -54.35 10.85
CA ARG E 238 -30.35 -53.84 12.02
C ARG E 238 -29.39 -53.94 13.21
N SER E 239 -28.83 -52.81 13.62
CA SER E 239 -27.83 -52.75 14.70
C SER E 239 -28.46 -52.10 15.92
N LEU E 240 -28.73 -52.89 16.96
CA LEU E 240 -29.28 -52.39 18.20
C LEU E 240 -28.20 -52.43 19.28
N GLY E 241 -27.97 -51.30 19.92
CA GLY E 241 -26.96 -51.21 20.96
C GLY E 241 -27.49 -50.66 22.26
N VAL E 242 -26.61 -50.14 23.10
CA VAL E 242 -26.97 -49.54 24.37
C VAL E 242 -26.40 -48.12 24.42
N VAL E 243 -27.22 -47.16 24.83
CA VAL E 243 -26.80 -45.77 24.90
C VAL E 243 -25.69 -45.62 25.94
N GLY E 244 -24.67 -44.86 25.58
CA GLY E 244 -23.56 -44.54 26.46
C GLY E 244 -22.34 -45.44 26.34
N THR E 245 -22.55 -46.74 26.16
CA THR E 245 -21.44 -47.68 26.16
C THR E 245 -21.22 -48.40 24.85
N ARG E 246 -22.27 -48.83 24.16
CA ARG E 246 -22.10 -49.62 22.93
C ARG E 246 -23.12 -49.19 21.89
N GLU E 247 -22.69 -48.27 21.01
CA GLU E 247 -23.47 -47.67 19.93
C GLU E 247 -22.90 -48.05 18.57
N PRO E 248 -23.73 -48.28 17.56
CA PRO E 248 -23.20 -48.58 16.22
C PRO E 248 -22.58 -47.37 15.55
N ASN E 249 -21.25 -47.31 15.52
CA ASN E 249 -20.53 -46.14 15.02
C ASN E 249 -19.59 -46.51 13.88
N ALA E 250 -19.26 -45.51 13.07
CA ALA E 250 -18.16 -45.56 12.12
C ALA E 250 -18.30 -46.71 11.13
N ASN E 251 -19.42 -46.73 10.41
CA ASN E 251 -19.70 -47.75 9.42
C ASN E 251 -19.82 -47.09 8.05
N THR E 252 -18.90 -47.43 7.15
CA THR E 252 -18.80 -46.82 5.84
C THR E 252 -19.07 -47.87 4.77
N PHE E 253 -19.77 -47.45 3.71
CA PHE E 253 -20.16 -48.33 2.63
C PHE E 253 -19.65 -47.78 1.31
N TYR E 254 -18.90 -48.60 0.57
CA TYR E 254 -18.37 -48.21 -0.73
C TYR E 254 -19.01 -49.08 -1.80
N ASN E 255 -19.77 -48.45 -2.69
CA ASN E 255 -20.35 -49.13 -3.85
C ASN E 255 -21.24 -50.30 -3.43
N CYS E 256 -21.80 -50.24 -2.23
CA CYS E 256 -22.68 -51.31 -1.79
C CYS E 256 -24.07 -51.11 -2.38
N ILE E 257 -24.83 -52.21 -2.48
CA ILE E 257 -26.11 -52.22 -3.16
C ILE E 257 -27.17 -52.80 -2.23
N PHE E 258 -28.31 -52.12 -2.12
CA PHE E 258 -29.42 -52.57 -1.29
C PHE E 258 -30.66 -52.64 -2.19
N ARG E 259 -31.09 -53.85 -2.52
CA ARG E 259 -32.19 -54.04 -3.44
C ARG E 259 -33.27 -54.94 -2.86
N LYS E 260 -34.51 -54.65 -3.24
CA LYS E 260 -35.65 -55.56 -3.07
C LYS E 260 -35.89 -55.89 -1.60
N GLY E 261 -35.84 -54.88 -0.75
CA GLY E 261 -36.20 -55.05 0.64
C GLY E 261 -37.70 -55.15 0.83
N THR E 262 -38.10 -55.88 1.87
CA THR E 262 -39.50 -56.12 2.14
C THR E 262 -39.89 -55.92 3.60
N ASP E 263 -38.96 -55.54 4.47
CA ASP E 263 -39.27 -55.31 5.87
C ASP E 263 -39.67 -53.84 6.04
N ASP E 264 -39.73 -53.36 7.28
CA ASP E 264 -40.08 -51.97 7.51
C ASP E 264 -38.99 -51.03 7.02
N CYS E 265 -37.74 -51.47 7.04
CA CYS E 265 -36.63 -50.69 6.49
C CYS E 265 -35.51 -51.64 6.07
N MSE E 266 -34.52 -51.07 5.38
CA MSE E 266 -33.37 -51.84 4.95
C MSE E 266 -32.23 -51.75 5.96
O MSE E 266 -31.65 -52.77 6.35
CB MSE E 266 -32.89 -51.37 3.58
CG MSE E 266 -33.64 -52.00 2.41
SE MSE E 266 -33.43 -53.93 2.40
CE MSE E 266 -31.82 -54.07 1.33
N ILE E 267 -31.93 -50.53 6.38
CA ILE E 267 -30.85 -50.27 7.32
C ILE E 267 -31.45 -49.61 8.56
N GLU E 268 -31.04 -50.08 9.73
CA GLU E 268 -31.58 -49.57 10.99
C GLU E 268 -30.51 -49.64 12.07
N TRP E 269 -30.38 -48.56 12.84
CA TRP E 269 -29.53 -48.56 14.01
C TRP E 269 -30.05 -47.51 14.99
N ASP E 270 -29.78 -47.74 16.27
CA ASP E 270 -30.32 -46.89 17.33
C ASP E 270 -29.19 -46.40 18.22
N SER E 271 -29.53 -46.02 19.45
CA SER E 271 -28.58 -45.59 20.47
C SER E 271 -27.77 -44.36 20.05
N TYR E 272 -28.30 -43.57 19.12
CA TYR E 272 -27.63 -42.37 18.62
C TYR E 272 -26.27 -42.72 18.02
N GLY E 273 -26.21 -43.80 17.25
CA GLY E 273 -24.97 -44.18 16.60
C GLY E 273 -24.53 -43.13 15.59
N THR E 274 -23.22 -42.99 15.44
CA THR E 274 -22.63 -41.90 14.69
C THR E 274 -21.90 -42.41 13.46
N GLN E 275 -21.89 -41.56 12.42
CA GLN E 275 -21.04 -41.72 11.24
C GLN E 275 -21.38 -43.00 10.48
N TRP E 276 -22.53 -42.94 9.80
CA TRP E 276 -22.94 -43.92 8.81
C TRP E 276 -22.97 -43.21 7.45
N HIS E 277 -22.02 -43.54 6.58
CA HIS E 277 -21.88 -42.86 5.30
C HIS E 277 -21.91 -43.88 4.17
N PHE E 278 -22.34 -43.42 3.00
CA PHE E 278 -22.58 -44.27 1.84
C PHE E 278 -21.95 -43.63 0.61
N PHE E 279 -20.85 -44.20 0.12
CA PHE E 279 -20.15 -43.70 -1.06
C PHE E 279 -20.56 -44.53 -2.27
N ALA E 280 -21.27 -43.89 -3.21
CA ALA E 280 -21.63 -44.50 -4.50
C ALA E 280 -22.45 -45.78 -4.30
N CYS E 281 -23.30 -45.79 -3.29
CA CYS E 281 -24.14 -46.95 -3.03
C CYS E 281 -25.40 -46.93 -3.90
N ASP E 282 -26.07 -48.07 -3.97
CA ASP E 282 -27.25 -48.24 -4.82
C ASP E 282 -28.39 -48.78 -3.97
N LEU E 283 -29.39 -47.95 -3.73
CA LEU E 283 -30.60 -48.31 -2.97
C LEU E 283 -31.77 -48.19 -3.92
N GLU E 284 -32.16 -49.30 -4.55
CA GLU E 284 -33.22 -49.26 -5.55
C GLU E 284 -34.08 -50.51 -5.48
N GLN E 285 -35.29 -50.38 -6.03
CA GLN E 285 -36.23 -51.48 -6.20
C GLN E 285 -36.65 -52.11 -4.87
N ASN E 286 -36.67 -51.31 -3.80
CA ASN E 286 -37.09 -51.80 -2.50
C ASN E 286 -38.59 -51.62 -2.31
N LEU E 287 -39.14 -52.36 -1.34
CA LEU E 287 -40.56 -52.35 -1.01
C LEU E 287 -40.78 -52.17 0.48
N CYS E 288 -39.96 -51.35 1.13
CA CYS E 288 -40.08 -51.14 2.56
C CYS E 288 -41.38 -50.42 2.91
N THR E 289 -41.94 -50.76 4.06
CA THR E 289 -43.27 -50.28 4.42
C THR E 289 -43.25 -48.89 5.06
N GLU E 290 -42.13 -48.54 5.71
CA GLU E 290 -42.05 -47.28 6.45
C GLU E 290 -40.99 -46.35 5.88
N ALA E 291 -39.72 -46.78 5.84
CA ALA E 291 -38.65 -45.97 5.27
C ALA E 291 -37.54 -46.90 4.80
N LEU E 292 -36.59 -46.35 4.05
CA LEU E 292 -35.41 -47.13 3.68
C LEU E 292 -34.41 -47.19 4.84
N ILE E 293 -34.26 -46.09 5.56
CA ILE E 293 -33.34 -46.01 6.70
C ILE E 293 -34.09 -45.40 7.86
N LYS E 294 -34.36 -46.21 8.89
CA LYS E 294 -34.97 -45.76 10.13
C LYS E 294 -33.92 -45.86 11.23
N CYS E 295 -33.51 -44.71 11.76
CA CYS E 295 -32.40 -44.70 12.71
C CYS E 295 -32.62 -43.66 13.79
N THR E 296 -32.29 -44.03 15.03
CA THR E 296 -32.11 -43.11 16.14
C THR E 296 -30.61 -42.83 16.17
N ALA E 297 -30.18 -41.78 15.49
CA ALA E 297 -28.76 -41.57 15.21
C ALA E 297 -28.33 -40.18 15.65
N SER E 298 -27.01 -40.02 15.75
CA SER E 298 -26.37 -38.73 15.93
C SER E 298 -25.28 -38.61 14.87
N SER E 299 -24.69 -37.41 14.79
CA SER E 299 -23.68 -37.05 13.79
C SER E 299 -24.31 -37.02 12.40
N PRO E 300 -23.69 -36.38 11.42
CA PRO E 300 -24.31 -36.29 10.09
C PRO E 300 -24.36 -37.64 9.38
N ILE E 301 -25.26 -37.72 8.41
CA ILE E 301 -25.40 -38.88 7.54
C ILE E 301 -25.29 -38.39 6.11
N MSE E 302 -24.35 -38.94 5.35
CA MSE E 302 -24.07 -38.45 4.01
C MSE E 302 -24.22 -39.52 2.93
O MSE E 302 -23.94 -40.70 3.14
CB MSE E 302 -22.67 -37.86 3.95
CG MSE E 302 -22.42 -36.74 4.92
SE MSE E 302 -20.66 -35.93 4.70
CE MSE E 302 -19.56 -37.52 4.95
N PHE E 303 -24.68 -39.08 1.75
CA PHE E 303 -24.72 -39.90 0.56
C PHE E 303 -23.90 -39.20 -0.51
N VAL E 304 -22.70 -39.71 -0.78
CA VAL E 304 -21.79 -39.10 -1.74
C VAL E 304 -21.83 -39.96 -3.00
N GLY E 305 -22.70 -39.57 -3.93
CA GLY E 305 -22.89 -40.31 -5.16
C GLY E 305 -23.68 -41.59 -4.96
N GLY E 306 -24.34 -42.06 -6.03
CA GLY E 306 -25.05 -43.31 -5.98
C GLY E 306 -26.47 -43.16 -6.47
N TYR E 307 -27.30 -44.15 -6.14
CA TYR E 307 -28.68 -44.20 -6.59
C TYR E 307 -29.60 -44.43 -5.39
N ILE E 308 -30.70 -43.67 -5.37
CA ILE E 308 -31.83 -43.96 -4.48
C ILE E 308 -33.10 -43.81 -5.31
N GLU E 309 -33.58 -44.90 -5.90
CA GLU E 309 -34.65 -44.83 -6.88
C GLU E 309 -35.52 -46.06 -6.79
N ALA E 310 -36.60 -46.05 -7.57
CA ALA E 310 -37.46 -47.21 -7.79
C ALA E 310 -38.03 -47.78 -6.49
N ASN E 311 -38.31 -46.90 -5.52
CA ASN E 311 -38.93 -47.34 -4.27
C ASN E 311 -40.33 -46.75 -4.15
N THR E 312 -41.22 -47.11 -5.07
CA THR E 312 -42.52 -46.47 -5.17
C THR E 312 -43.41 -46.77 -3.98
N SER E 313 -43.18 -47.87 -3.28
CA SER E 313 -44.02 -48.26 -2.16
C SER E 313 -43.43 -47.86 -0.81
N THR E 314 -42.25 -47.24 -0.80
CA THR E 314 -41.60 -46.85 0.43
C THR E 314 -41.94 -45.40 0.75
N PRO E 315 -42.48 -45.09 1.93
CA PRO E 315 -42.85 -43.69 2.22
C PRO E 315 -41.66 -42.74 2.24
N TYR E 316 -40.63 -43.04 3.02
CA TYR E 316 -39.50 -42.14 3.20
C TYR E 316 -38.20 -42.82 2.81
N VAL E 317 -37.21 -41.99 2.48
CA VAL E 317 -35.86 -42.51 2.22
C VAL E 317 -35.10 -42.68 3.54
N ILE E 318 -35.11 -41.66 4.38
CA ILE E 318 -34.48 -41.72 5.69
C ILE E 318 -35.41 -41.06 6.70
N LYS E 319 -35.52 -41.67 7.88
CA LYS E 319 -36.39 -41.19 8.95
C LYS E 319 -35.61 -41.21 10.25
N THR E 320 -35.33 -40.03 10.80
CA THR E 320 -34.56 -39.90 12.02
C THR E 320 -35.49 -39.94 13.24
N LEU E 321 -34.97 -40.52 14.32
CA LEU E 321 -35.72 -40.68 15.56
C LEU E 321 -34.87 -40.23 16.74
N GLY E 322 -35.49 -40.20 17.91
CA GLY E 322 -34.79 -39.93 19.15
C GLY E 322 -35.23 -38.62 19.79
N ASN E 323 -34.46 -38.22 20.79
CA ASN E 323 -34.67 -36.99 21.54
C ASN E 323 -33.48 -36.08 21.33
N SER E 324 -33.73 -34.86 20.84
CA SER E 324 -32.65 -33.94 20.51
C SER E 324 -31.83 -33.53 21.73
N ALA E 325 -32.39 -33.67 22.94
CA ALA E 325 -31.61 -33.34 24.14
C ALA E 325 -30.45 -34.30 24.34
N THR E 326 -30.62 -35.57 23.97
CA THR E 326 -29.53 -36.53 24.06
C THR E 326 -28.60 -36.43 22.86
N GLY E 327 -29.17 -36.34 21.67
CA GLY E 327 -28.37 -36.22 20.46
C GLY E 327 -29.29 -36.15 19.26
N PHE E 328 -28.71 -35.71 18.15
CA PHE E 328 -29.48 -35.56 16.93
C PHE E 328 -28.54 -35.56 15.74
N VAL E 329 -29.13 -35.78 14.57
CA VAL E 329 -28.40 -35.65 13.30
C VAL E 329 -28.44 -34.18 12.92
N PRO E 330 -27.29 -33.53 12.72
CA PRO E 330 -27.31 -32.11 12.35
C PRO E 330 -27.60 -31.92 10.86
N LEU E 331 -27.12 -32.84 10.03
CA LEU E 331 -27.20 -32.67 8.59
C LEU E 331 -27.33 -34.03 7.91
N ILE E 332 -28.22 -34.11 6.93
CA ILE E 332 -28.30 -35.24 6.02
C ILE E 332 -28.05 -34.70 4.62
N LYS E 333 -26.90 -35.05 4.04
CA LYS E 333 -26.48 -34.52 2.76
C LYS E 333 -26.64 -35.58 1.67
N PHE E 334 -27.34 -35.22 0.60
CA PHE E 334 -27.46 -36.03 -0.60
C PHE E 334 -26.59 -35.36 -1.66
N GLN E 335 -25.34 -35.79 -1.76
CA GLN E 335 -24.37 -35.15 -2.66
C GLN E 335 -24.36 -35.91 -3.98
N GLY E 336 -25.05 -35.38 -4.98
CA GLY E 336 -25.05 -35.94 -6.31
C GLY E 336 -25.67 -37.32 -6.41
N ILE E 337 -26.89 -37.48 -5.93
CA ILE E 337 -27.58 -38.76 -5.91
C ILE E 337 -28.60 -38.78 -7.04
N HIS E 338 -28.65 -39.88 -7.79
CA HIS E 338 -29.67 -40.08 -8.80
C HIS E 338 -30.92 -40.61 -8.13
N MSE E 339 -31.94 -39.76 -7.99
CA MSE E 339 -33.14 -40.12 -7.26
C MSE E 339 -34.38 -40.14 -8.15
O MSE E 339 -35.17 -39.19 -8.15
CB MSE E 339 -33.34 -39.17 -6.08
CG MSE E 339 -32.14 -39.14 -5.14
SE MSE E 339 -32.47 -38.22 -3.45
CE MSE E 339 -32.56 -36.40 -4.10
N ASN E 340 -34.55 -41.23 -8.89
CA ASN E 340 -35.68 -41.40 -9.80
C ASN E 340 -36.79 -42.12 -9.05
N ARG E 341 -37.74 -41.35 -8.52
CA ARG E 341 -38.85 -41.84 -7.71
C ARG E 341 -38.31 -42.57 -6.48
N PRO E 342 -37.67 -41.85 -5.56
CA PRO E 342 -37.05 -42.53 -4.41
C PRO E 342 -38.01 -42.99 -3.34
N CYS E 343 -39.21 -42.42 -3.27
CA CYS E 343 -40.17 -42.74 -2.21
C CYS E 343 -41.54 -42.24 -2.63
N SER E 344 -42.50 -42.27 -1.71
CA SER E 344 -43.88 -41.94 -2.05
C SER E 344 -44.45 -40.72 -1.34
N VAL E 345 -43.93 -40.32 -0.19
CA VAL E 345 -44.47 -39.14 0.49
C VAL E 345 -43.41 -38.05 0.62
N ALA E 346 -42.26 -38.37 1.20
CA ALA E 346 -41.21 -37.39 1.37
C ALA E 346 -39.87 -38.11 1.53
N ILE E 347 -38.82 -37.52 0.94
CA ILE E 347 -37.49 -38.13 1.02
C ILE E 347 -36.99 -38.14 2.46
N GLY E 348 -36.98 -36.98 3.12
CA GLY E 348 -36.54 -36.88 4.49
C GLY E 348 -37.67 -36.65 5.46
N LYS E 349 -37.80 -37.53 6.45
CA LYS E 349 -38.83 -37.42 7.48
C LYS E 349 -38.16 -37.12 8.82
N ASN E 350 -38.59 -36.03 9.45
CA ASN E 350 -38.07 -35.63 10.75
C ASN E 350 -39.12 -35.94 11.82
N THR E 351 -38.65 -36.49 12.94
CA THR E 351 -39.50 -36.68 14.11
C THR E 351 -39.22 -35.70 15.23
N MSE E 352 -38.09 -34.98 15.16
CA MSE E 352 -37.81 -33.91 16.11
C MSE E 352 -37.86 -32.57 15.40
O MSE E 352 -37.89 -32.51 14.17
CB MSE E 352 -36.45 -34.13 16.78
CG MSE E 352 -35.44 -34.82 15.88
SE MSE E 352 -33.79 -35.33 16.81
CE MSE E 352 -32.93 -36.32 15.36
N ALA E 353 -37.86 -31.48 16.16
CA ALA E 353 -37.96 -30.15 15.58
C ALA E 353 -36.61 -29.68 15.07
N ASN E 354 -36.65 -28.92 13.97
CA ASN E 354 -35.49 -28.21 13.43
C ASN E 354 -34.43 -29.13 12.83
N TYR E 355 -34.17 -30.28 13.46
CA TYR E 355 -33.08 -31.12 13.02
C TYR E 355 -33.61 -32.47 12.53
N PRO E 356 -32.96 -33.06 11.51
CA PRO E 356 -31.76 -32.56 10.81
C PRO E 356 -32.06 -31.54 9.71
N LYS E 357 -31.03 -30.81 9.30
CA LYS E 357 -31.07 -30.01 8.09
C LYS E 357 -30.67 -30.86 6.90
N TYR E 358 -31.02 -30.40 5.70
CA TYR E 358 -30.81 -31.18 4.49
C TYR E 358 -30.02 -30.37 3.47
N ILE E 359 -29.13 -31.05 2.77
CA ILE E 359 -28.40 -30.49 1.63
C ILE E 359 -28.64 -31.39 0.43
N PHE E 360 -29.16 -30.81 -0.65
CA PHE E 360 -29.34 -31.51 -1.92
C PHE E 360 -28.43 -30.82 -2.94
N GLU E 361 -27.31 -31.46 -3.25
CA GLU E 361 -26.26 -30.87 -4.09
C GLU E 361 -26.18 -31.65 -5.39
N GLY E 362 -26.73 -31.08 -6.47
CA GLY E 362 -26.62 -31.69 -7.78
C GLY E 362 -27.43 -32.95 -7.97
N CYS E 363 -28.45 -33.19 -7.16
CA CYS E 363 -29.26 -34.39 -7.32
C CYS E 363 -30.08 -34.31 -8.61
N TYR E 364 -30.46 -35.48 -9.11
CA TYR E 364 -31.10 -35.59 -10.41
C TYR E 364 -32.09 -36.74 -10.37
N GLY E 365 -33.33 -36.48 -10.76
CA GLY E 365 -34.32 -37.54 -10.81
C GLY E 365 -35.73 -36.97 -10.91
N GLN E 366 -36.69 -37.85 -10.65
CA GLN E 366 -38.11 -37.55 -10.75
C GLN E 366 -38.78 -37.84 -9.41
N LEU E 367 -39.69 -36.97 -9.00
CA LEU E 367 -40.31 -37.06 -7.69
C LEU E 367 -41.79 -37.40 -7.83
N ILE E 368 -42.23 -38.41 -7.09
CA ILE E 368 -43.64 -38.65 -6.82
C ILE E 368 -43.96 -38.35 -5.36
N SER E 369 -43.11 -37.55 -4.71
CA SER E 369 -43.20 -37.30 -3.28
C SER E 369 -42.73 -35.88 -3.01
N ALA E 370 -42.72 -35.50 -1.74
CA ALA E 370 -42.14 -34.25 -1.31
C ALA E 370 -40.64 -34.43 -1.05
N VAL E 371 -39.96 -33.31 -0.84
CA VAL E 371 -38.53 -33.35 -0.58
C VAL E 371 -38.26 -33.67 0.89
N VAL E 372 -38.89 -32.94 1.81
CA VAL E 372 -38.74 -33.17 3.23
C VAL E 372 -40.10 -33.06 3.91
N GLU E 373 -40.16 -33.58 5.14
CA GLU E 373 -41.34 -33.47 5.98
C GLU E 373 -40.90 -33.21 7.42
N SER E 374 -41.40 -32.13 8.01
CA SER E 374 -41.00 -31.75 9.35
C SER E 374 -41.67 -32.64 10.39
N SER E 375 -41.29 -32.44 11.65
CA SER E 375 -41.90 -33.19 12.75
C SER E 375 -43.37 -32.89 12.91
N THR E 376 -43.82 -31.72 12.45
CA THR E 376 -45.22 -31.34 12.52
C THR E 376 -45.98 -31.65 11.23
N GLY E 377 -45.36 -32.35 10.29
CA GLY E 377 -46.01 -32.75 9.06
C GLY E 377 -45.93 -31.77 7.92
N VAL E 378 -45.19 -30.68 8.07
CA VAL E 378 -45.11 -29.67 7.03
C VAL E 378 -44.24 -30.19 5.90
N LEU E 379 -44.82 -30.32 4.71
CA LEU E 379 -44.08 -30.77 3.54
C LEU E 379 -43.23 -29.64 2.98
N ASN E 380 -42.00 -29.97 2.59
CA ASN E 380 -41.09 -29.02 1.95
C ASN E 380 -40.81 -27.79 2.82
N ASP E 381 -40.61 -28.04 4.12
CA ASP E 381 -40.28 -26.98 5.06
C ASP E 381 -38.92 -26.40 4.71
N VAL E 382 -38.90 -25.17 4.20
CA VAL E 382 -37.65 -24.55 3.79
C VAL E 382 -36.72 -24.28 4.97
N ALA E 383 -37.28 -24.21 6.19
CA ALA E 383 -36.45 -24.06 7.38
C ALA E 383 -35.56 -25.28 7.62
N LEU E 384 -35.88 -26.42 7.02
CA LEU E 384 -35.08 -27.62 7.14
C LEU E 384 -34.08 -27.79 6.00
N ILE E 385 -34.06 -26.88 5.04
CA ILE E 385 -33.19 -26.96 3.89
C ILE E 385 -31.95 -26.12 4.18
N GLU E 386 -30.84 -26.79 4.48
CA GLU E 386 -29.59 -26.07 4.69
C GLU E 386 -29.00 -25.57 3.38
N ASN E 387 -29.19 -26.32 2.29
CA ASN E 387 -28.73 -25.89 0.98
C ASN E 387 -29.38 -26.75 -0.09
N SER E 388 -29.66 -26.15 -1.23
CA SER E 388 -30.28 -26.85 -2.37
C SER E 388 -29.78 -26.19 -3.65
N ILE E 389 -28.75 -26.77 -4.26
CA ILE E 389 -28.08 -26.17 -5.41
C ILE E 389 -27.98 -27.19 -6.53
N ALA E 390 -28.21 -26.73 -7.76
CA ALA E 390 -28.01 -27.52 -8.98
C ALA E 390 -28.82 -28.81 -8.98
N ASN E 391 -29.97 -28.80 -8.32
CA ASN E 391 -30.86 -29.95 -8.29
C ASN E 391 -31.81 -29.90 -9.47
N HIS E 392 -32.10 -31.08 -10.03
CA HIS E 392 -33.09 -31.21 -11.09
C HIS E 392 -34.16 -32.21 -10.65
N PHE E 393 -35.40 -31.75 -10.50
CA PHE E 393 -36.51 -32.59 -10.09
C PHE E 393 -37.70 -32.35 -11.00
N THR E 394 -38.16 -33.40 -11.68
CA THR E 394 -39.41 -33.35 -12.41
C THR E 394 -40.54 -33.87 -11.51
N LEU E 395 -41.68 -33.18 -11.55
CA LEU E 395 -42.79 -33.49 -10.66
C LEU E 395 -43.78 -34.42 -11.38
N ALA E 396 -43.96 -35.62 -10.83
CA ALA E 396 -44.98 -36.54 -11.27
C ALA E 396 -46.15 -36.49 -10.30
N THR E 397 -47.10 -37.41 -10.45
CA THR E 397 -48.29 -37.43 -9.60
C THR E 397 -47.90 -37.65 -8.15
N GLY E 398 -48.24 -36.71 -7.29
CA GLY E 398 -47.89 -36.75 -5.89
C GLY E 398 -46.61 -36.04 -5.53
N GLY E 399 -45.84 -35.58 -6.52
CA GLY E 399 -44.60 -34.88 -6.24
C GLY E 399 -44.83 -33.41 -5.93
N SER E 400 -43.95 -32.87 -5.09
CA SER E 400 -44.05 -31.47 -4.68
C SER E 400 -42.69 -31.03 -4.17
N ILE E 401 -42.33 -29.78 -4.44
CA ILE E 401 -41.10 -29.18 -3.94
C ILE E 401 -41.34 -27.93 -3.12
N GLY E 402 -42.54 -27.35 -3.17
CA GLY E 402 -42.81 -26.16 -2.37
C GLY E 402 -41.96 -24.98 -2.80
N ASP E 403 -41.34 -24.32 -1.83
CA ASP E 403 -40.48 -23.17 -2.09
C ASP E 403 -39.01 -23.55 -2.21
N ILE E 404 -38.69 -24.82 -2.33
CA ILE E 404 -37.31 -25.25 -2.50
C ILE E 404 -36.88 -25.01 -3.94
N ARG E 405 -35.68 -24.48 -4.11
CA ARG E 405 -35.22 -24.08 -5.45
C ARG E 405 -34.77 -25.29 -6.26
N THR E 406 -35.11 -25.28 -7.54
CA THR E 406 -34.66 -26.28 -8.50
C THR E 406 -34.16 -25.55 -9.74
N LEU E 407 -33.51 -26.29 -10.64
CA LEU E 407 -33.03 -25.69 -11.88
C LEU E 407 -34.19 -25.25 -12.76
N THR E 408 -35.29 -26.01 -12.75
CA THR E 408 -36.50 -25.66 -13.49
C THR E 408 -37.44 -24.78 -12.68
N MSE E 409 -37.10 -24.47 -11.43
CA MSE E 409 -37.92 -23.62 -10.59
C MSE E 409 -37.02 -22.63 -9.83
O MSE E 409 -36.84 -22.76 -8.61
CB MSE E 409 -38.75 -24.45 -9.60
CG MSE E 409 -39.90 -23.71 -8.95
SE MSE E 409 -41.52 -23.66 -10.06
CE MSE E 409 -41.16 -22.05 -11.08
N PRO E 410 -36.45 -21.66 -10.55
CA PRO E 410 -35.49 -20.75 -9.91
C PRO E 410 -36.11 -19.83 -8.88
N SER E 411 -37.44 -19.69 -8.86
CA SER E 411 -38.08 -18.80 -7.91
C SER E 411 -37.97 -19.31 -6.48
N GLY E 412 -37.62 -20.57 -6.28
CA GLY E 412 -37.49 -21.11 -4.94
C GLY E 412 -36.22 -20.62 -4.27
N PHE E 413 -36.06 -21.04 -3.02
CA PHE E 413 -34.93 -20.64 -2.19
C PHE E 413 -33.89 -21.73 -2.14
N ASN E 414 -32.61 -21.33 -2.23
CA ASN E 414 -31.52 -22.30 -2.08
C ASN E 414 -31.38 -22.74 -0.64
N ALA E 415 -31.69 -21.88 0.32
CA ALA E 415 -31.54 -22.19 1.73
C ALA E 415 -32.48 -21.29 2.52
N ASP E 416 -32.61 -21.60 3.82
CA ASP E 416 -33.46 -20.80 4.69
C ASP E 416 -32.78 -19.48 5.06
N SER E 417 -31.52 -19.52 5.46
CA SER E 417 -30.84 -18.33 5.93
C SER E 417 -29.34 -18.46 5.71
N ARG E 418 -28.69 -17.31 5.49
CA ARG E 418 -27.24 -17.22 5.39
C ARG E 418 -26.79 -15.89 5.99
N ASN E 419 -25.71 -15.91 6.75
CA ASN E 419 -25.14 -14.71 7.35
C ASN E 419 -23.71 -14.54 6.88
N PHE E 420 -23.43 -13.40 6.25
CA PHE E 420 -22.08 -13.08 5.78
C PHE E 420 -21.64 -11.74 6.38
N GLN E 421 -20.33 -11.61 6.59
CA GLN E 421 -19.78 -10.33 7.03
C GLN E 421 -19.72 -9.31 5.91
N ALA E 422 -19.72 -9.76 4.66
CA ALA E 422 -19.71 -8.86 3.51
C ALA E 422 -20.31 -9.59 2.33
N ALA E 423 -20.84 -8.83 1.38
CA ALA E 423 -21.44 -9.41 0.19
C ALA E 423 -21.61 -8.32 -0.87
N LYS E 424 -21.34 -8.69 -2.12
CA LYS E 424 -21.59 -7.82 -3.27
C LYS E 424 -22.57 -8.54 -4.18
N ILE E 425 -23.80 -8.03 -4.25
CA ILE E 425 -24.86 -8.59 -5.06
C ILE E 425 -25.23 -7.57 -6.12
N THR E 426 -25.09 -7.95 -7.39
CA THR E 426 -25.35 -7.01 -8.47
C THR E 426 -26.82 -6.63 -8.52
N ASN E 427 -27.72 -7.61 -8.54
CA ASN E 427 -29.16 -7.39 -8.62
C ASN E 427 -29.81 -8.04 -7.40
N LEU E 428 -30.18 -7.22 -6.41
CA LEU E 428 -30.75 -7.69 -5.17
C LEU E 428 -32.24 -7.39 -5.13
N THR E 429 -33.03 -8.40 -4.72
CA THR E 429 -34.48 -8.26 -4.56
C THR E 429 -34.80 -8.54 -3.09
N SER E 430 -35.05 -7.48 -2.32
CA SER E 430 -35.37 -7.62 -0.90
C SER E 430 -36.24 -6.44 -0.50
N TYR E 431 -37.52 -6.70 -0.22
CA TYR E 431 -38.44 -5.64 0.15
C TYR E 431 -38.57 -5.46 1.66
N LYS E 432 -38.42 -6.54 2.42
CA LYS E 432 -38.38 -6.44 3.88
C LYS E 432 -36.93 -6.31 4.37
N HIS E 433 -36.30 -5.23 3.92
CA HIS E 433 -34.92 -4.91 4.26
C HIS E 433 -34.92 -3.93 5.42
N ASN E 434 -34.26 -4.30 6.52
CA ASN E 434 -34.25 -3.52 7.75
C ASN E 434 -35.68 -3.20 8.18
N TYR E 435 -36.51 -4.23 8.20
CA TYR E 435 -37.96 -4.11 8.32
C TYR E 435 -38.40 -4.56 9.71
N LYS E 436 -39.37 -3.86 10.28
CA LYS E 436 -39.97 -4.24 11.54
C LYS E 436 -41.46 -3.97 11.49
N LYS E 437 -42.25 -4.89 12.02
CA LYS E 437 -43.70 -4.77 12.05
C LYS E 437 -44.18 -4.73 13.49
N THR E 438 -45.06 -3.79 13.80
CA THR E 438 -45.68 -3.68 15.12
C THR E 438 -47.19 -3.65 14.93
N ILE E 439 -47.89 -4.57 15.58
CA ILE E 439 -49.34 -4.68 15.43
C ILE E 439 -50.03 -4.31 16.74
N ASN E 440 -51.36 -4.29 16.73
CA ASN E 440 -52.18 -4.03 17.91
C ASN E 440 -51.85 -2.66 18.52
N ARG E 441 -51.61 -1.67 17.66
CA ARG E 441 -51.42 -0.29 18.10
C ARG E 441 -52.80 0.34 18.26
N ASP E 442 -53.31 0.31 19.50
CA ASP E 442 -54.67 0.76 19.78
C ASP E 442 -54.65 2.22 20.20
N PHE E 443 -55.42 3.05 19.50
CA PHE E 443 -55.45 4.48 19.73
C PHE E 443 -56.83 4.94 20.15
N THR E 444 -56.84 5.97 20.98
CA THR E 444 -58.01 6.82 21.19
C THR E 444 -57.72 8.18 20.57
N VAL E 445 -58.72 9.05 20.57
CA VAL E 445 -58.60 10.36 19.95
C VAL E 445 -57.44 11.13 20.59
N GLY E 446 -56.37 11.34 19.82
CA GLY E 446 -55.23 12.11 20.29
C GLY E 446 -54.24 11.35 21.13
N SER E 447 -54.38 10.04 21.29
CA SER E 447 -53.47 9.29 22.14
C SER E 447 -52.17 8.98 21.41
N SER E 448 -51.16 8.61 22.20
CA SER E 448 -49.84 8.30 21.69
C SER E 448 -49.48 6.85 22.01
N VAL E 449 -48.94 6.14 21.03
CA VAL E 449 -48.57 4.73 21.18
C VAL E 449 -47.17 4.53 20.60
N GLY E 450 -46.32 3.82 21.34
CA GLY E 450 -45.01 3.51 20.84
C GLY E 450 -45.06 2.49 19.72
N VAL E 451 -44.21 2.68 18.72
CA VAL E 451 -44.16 1.84 17.53
C VAL E 451 -42.93 0.95 17.51
N ALA E 452 -41.76 1.53 17.76
CA ALA E 452 -40.52 0.75 17.73
C ALA E 452 -39.47 1.48 18.56
N SER E 453 -38.43 0.73 18.94
CA SER E 453 -37.29 1.28 19.65
C SER E 453 -36.16 1.59 18.68
N LEU E 454 -35.57 2.77 18.84
CA LEU E 454 -34.49 3.23 17.96
C LEU E 454 -33.16 3.12 18.68
N SER E 455 -32.13 2.73 17.94
CA SER E 455 -30.79 2.59 18.50
C SER E 455 -29.78 2.49 17.36
N HIS E 456 -28.53 2.73 17.70
CA HIS E 456 -27.45 2.53 16.75
C HIS E 456 -27.26 1.04 16.52
N PRO E 457 -27.15 0.58 15.27
CA PRO E 457 -27.11 -0.87 15.02
C PRO E 457 -25.74 -1.50 15.21
N SER E 458 -24.67 -0.71 15.26
CA SER E 458 -23.32 -1.25 15.39
C SER E 458 -22.67 -0.96 16.74
N ILE E 459 -22.87 0.25 17.27
CA ILE E 459 -22.24 0.67 18.51
C ILE E 459 -23.31 0.81 19.58
N SER E 460 -23.13 0.12 20.70
CA SER E 460 -24.15 0.09 21.74
C SER E 460 -24.23 1.44 22.44
N GLY E 461 -25.45 1.98 22.52
CA GLY E 461 -25.67 3.23 23.23
C GLY E 461 -25.14 4.46 22.55
N ALA E 462 -24.64 4.34 21.32
CA ALA E 462 -24.08 5.48 20.61
C ALA E 462 -25.20 6.32 19.99
N SER E 463 -24.82 7.52 19.54
CA SER E 463 -25.78 8.40 18.87
C SER E 463 -26.17 7.78 17.53
N TYR E 464 -27.46 7.52 17.37
CA TYR E 464 -27.94 6.99 16.10
C TYR E 464 -28.31 8.13 15.17
N GLY E 465 -28.53 7.77 13.90
CA GLY E 465 -28.86 8.75 12.89
C GLY E 465 -29.16 8.09 11.56
N GLY E 466 -30.38 8.25 11.08
CA GLY E 466 -30.76 7.61 9.84
C GLY E 466 -32.14 8.02 9.39
N ARG E 467 -32.68 7.20 8.48
CA ARG E 467 -33.98 7.45 7.86
C ARG E 467 -34.96 6.36 8.25
N LEU E 468 -36.23 6.75 8.35
CA LEU E 468 -37.30 5.82 8.68
C LEU E 468 -38.42 5.95 7.66
N LEU E 469 -38.83 4.83 7.07
CA LEU E 469 -40.01 4.78 6.20
C LEU E 469 -41.09 4.01 6.94
N VAL E 470 -42.18 4.69 7.29
CA VAL E 470 -43.25 4.10 8.07
C VAL E 470 -44.50 4.01 7.20
N ASN E 471 -45.07 2.81 7.12
CA ASN E 471 -46.33 2.57 6.44
C ASN E 471 -47.34 2.13 7.49
N ALA E 472 -48.25 3.03 7.86
CA ALA E 472 -49.29 2.74 8.84
C ALA E 472 -50.59 2.39 8.15
N ILE E 473 -51.27 1.36 8.66
CA ILE E 473 -52.53 0.91 8.08
C ILE E 473 -53.54 0.72 9.20
N PHE E 474 -54.82 0.66 8.81
CA PHE E 474 -55.90 0.35 9.73
C PHE E 474 -56.05 -1.16 9.84
N GLY E 475 -56.07 -1.66 11.07
CA GLY E 475 -56.12 -3.10 11.28
C GLY E 475 -54.76 -3.71 11.55
N THR E 476 -54.54 -4.93 11.08
CA THR E 476 -53.30 -5.64 11.34
C THR E 476 -52.49 -5.92 10.09
N THR E 477 -53.10 -6.50 9.05
CA THR E 477 -52.41 -6.88 7.83
C THR E 477 -53.09 -6.22 6.64
N ALA E 478 -52.29 -5.65 5.74
CA ALA E 478 -52.83 -4.93 4.60
C ALA E 478 -53.55 -5.86 3.65
N ALA E 479 -54.61 -5.33 3.04
CA ALA E 479 -55.38 -6.05 2.04
C ALA E 479 -55.91 -5.05 1.02
N ALA E 480 -56.79 -5.51 0.14
CA ALA E 480 -57.39 -4.64 -0.85
C ALA E 480 -58.30 -3.62 -0.17
N GLY E 481 -58.06 -2.33 -0.45
CA GLY E 481 -58.87 -1.27 0.10
C GLY E 481 -58.53 -0.86 1.51
N THR E 482 -57.39 -1.30 2.04
CA THR E 482 -57.01 -0.95 3.41
C THR E 482 -56.52 0.50 3.45
N ASN E 483 -57.04 1.26 4.43
CA ASN E 483 -56.58 2.63 4.62
C ASN E 483 -55.09 2.63 4.96
N SER E 484 -54.32 3.39 4.19
CA SER E 484 -52.87 3.37 4.28
C SER E 484 -52.32 4.78 4.30
N ALA E 485 -51.15 4.94 4.93
CA ALA E 485 -50.45 6.21 4.97
C ALA E 485 -48.96 5.94 5.08
N VAL E 486 -48.16 6.75 4.41
CA VAL E 486 -46.71 6.60 4.37
C VAL E 486 -46.08 7.86 4.96
N TYR E 487 -45.00 7.67 5.73
CA TYR E 487 -44.27 8.77 6.36
C TYR E 487 -42.77 8.57 6.16
N GLU E 488 -42.08 9.67 5.86
CA GLU E 488 -40.64 9.66 5.69
C GLU E 488 -40.01 10.51 6.79
N LEU E 489 -39.18 9.89 7.62
CA LEU E 489 -38.65 10.52 8.83
C LEU E 489 -37.13 10.47 8.84
N LEU E 490 -36.50 11.59 9.17
CA LEU E 490 -35.08 11.65 9.51
C LEU E 490 -34.94 11.76 11.01
N VAL E 491 -34.17 10.86 11.61
CA VAL E 491 -34.00 10.82 13.06
C VAL E 491 -32.53 10.77 13.41
N THR E 492 -32.18 11.35 14.56
CA THR E 492 -30.86 11.27 15.15
C THR E 492 -30.97 11.75 16.58
N SER E 493 -29.97 11.43 17.39
CA SER E 493 -30.01 11.77 18.80
C SER E 493 -28.64 12.25 19.27
N VAL E 494 -28.66 13.14 20.27
CA VAL E 494 -27.46 13.60 20.95
C VAL E 494 -27.75 13.58 22.45
N GLY E 495 -27.44 12.48 23.10
CA GLY E 495 -27.77 12.34 24.51
C GLY E 495 -29.27 12.23 24.70
N THR E 496 -29.81 13.02 25.62
CA THR E 496 -31.25 13.04 25.85
C THR E 496 -32.01 13.79 24.77
N ALA E 497 -31.32 14.55 23.92
CA ALA E 497 -31.99 15.33 22.89
C ALA E 497 -32.31 14.44 21.69
N LYS E 498 -33.57 14.43 21.30
CA LYS E 498 -34.05 13.63 20.18
C LYS E 498 -34.42 14.55 19.04
N TYR E 499 -33.98 14.20 17.83
CA TYR E 499 -34.22 15.01 16.64
C TYR E 499 -34.94 14.16 15.61
N ILE E 500 -36.13 14.59 15.23
CA ILE E 500 -36.95 13.91 14.24
C ILE E 500 -37.52 14.96 13.28
N SER E 501 -37.50 14.66 11.99
CA SER E 501 -37.97 15.58 10.96
C SER E 501 -38.75 14.78 9.93
N GLN E 502 -40.02 15.14 9.75
CA GLN E 502 -40.87 14.47 8.77
C GLN E 502 -40.54 15.03 7.39
N ILE E 503 -39.81 14.24 6.59
CA ILE E 503 -39.42 14.69 5.26
C ILE E 503 -40.63 14.81 4.35
N GLY E 504 -41.58 13.90 4.49
CA GLY E 504 -42.77 13.93 3.66
C GLY E 504 -43.75 12.87 4.10
N SER E 505 -44.90 12.85 3.42
CA SER E 505 -45.96 11.91 3.73
C SER E 505 -46.89 11.79 2.54
N ALA E 506 -47.69 10.73 2.55
CA ALA E 506 -48.69 10.51 1.51
C ALA E 506 -49.76 9.60 2.05
N GLY E 507 -50.98 9.77 1.54
CA GLY E 507 -52.11 8.98 1.96
C GLY E 507 -53.00 9.70 2.96
N LEU E 508 -53.74 8.89 3.72
CA LEU E 508 -54.69 9.41 4.71
C LEU E 508 -53.92 9.84 5.95
N THR E 509 -53.41 11.07 5.89
CA THR E 509 -52.51 11.60 6.91
C THR E 509 -53.14 12.70 7.75
N SER E 510 -54.43 12.98 7.57
CA SER E 510 -55.07 14.10 8.23
C SER E 510 -56.11 13.70 9.27
N GLY E 511 -56.49 12.43 9.34
CA GLY E 511 -57.45 12.00 10.34
C GLY E 511 -58.88 12.41 10.05
N ALA E 512 -59.27 12.46 8.78
CA ALA E 512 -60.64 12.84 8.45
C ALA E 512 -61.65 11.84 9.00
N ALA E 513 -61.25 10.59 9.19
CA ALA E 513 -62.09 9.57 9.80
C ALA E 513 -61.28 8.82 10.86
N ALA E 514 -61.99 8.05 11.68
CA ALA E 514 -61.32 7.31 12.74
C ALA E 514 -60.41 6.22 12.19
N SER E 515 -60.80 5.59 11.08
CA SER E 515 -60.05 4.48 10.51
C SER E 515 -58.87 4.93 9.66
N HIS E 516 -58.56 6.22 9.64
CA HIS E 516 -57.44 6.70 8.83
C HIS E 516 -56.16 6.60 9.63
N PRO E 517 -55.09 6.03 9.07
CA PRO E 517 -53.81 5.91 9.81
C PRO E 517 -53.01 7.21 9.82
N SER E 518 -53.54 8.21 10.52
CA SER E 518 -52.97 9.54 10.55
C SER E 518 -52.25 9.75 11.88
N PHE E 519 -50.95 10.00 11.82
CA PHE E 519 -50.15 10.10 13.03
C PHE E 519 -49.05 11.14 12.86
N THR E 520 -48.70 11.79 13.96
CA THR E 520 -47.52 12.64 14.04
C THR E 520 -46.46 11.90 14.87
N TRP E 521 -45.21 12.01 14.45
CA TRP E 521 -44.15 11.16 14.95
C TRP E 521 -43.18 11.94 15.84
N SER E 522 -42.75 11.28 16.92
CA SER E 522 -41.85 11.86 17.88
C SER E 522 -40.95 10.77 18.44
N ILE E 523 -39.98 11.19 19.25
CA ILE E 523 -39.07 10.28 19.94
C ILE E 523 -39.01 10.70 21.40
N ASN E 524 -39.34 9.78 22.31
CA ASN E 524 -39.37 10.10 23.72
C ASN E 524 -37.99 9.86 24.34
N SER E 525 -37.91 9.98 25.67
CA SER E 525 -36.62 9.84 26.35
C SER E 525 -36.10 8.41 26.31
N SER E 526 -36.96 7.43 26.06
CA SER E 526 -36.54 6.04 25.96
C SER E 526 -36.15 5.65 24.54
N ASN E 527 -35.92 6.63 23.67
CA ASN E 527 -35.54 6.41 22.27
C ASN E 527 -36.57 5.56 21.53
N VAL E 528 -37.84 5.74 21.87
CA VAL E 528 -38.94 5.01 21.25
C VAL E 528 -39.61 5.90 20.22
N LEU E 529 -39.80 5.38 19.02
CA LEU E 529 -40.55 6.09 17.98
C LEU E 529 -42.03 6.06 18.36
N VAL E 530 -42.58 7.24 18.70
CA VAL E 530 -43.93 7.35 19.21
C VAL E 530 -44.83 7.92 18.12
N ALA E 531 -46.01 7.33 17.96
CA ALA E 531 -47.02 7.82 17.03
C ALA E 531 -48.18 8.39 17.83
N THR E 532 -48.60 9.60 17.47
CA THR E 532 -49.72 10.28 18.11
C THR E 532 -50.84 10.44 17.10
N ALA E 533 -52.04 9.97 17.45
CA ALA E 533 -53.16 10.00 16.52
C ALA E 533 -53.53 11.42 16.15
N VAL E 534 -53.92 11.61 14.89
CA VAL E 534 -54.22 12.93 14.34
C VAL E 534 -55.71 13.00 14.02
N GLY E 535 -56.34 14.09 14.42
CA GLY E 535 -57.74 14.29 14.07
C GLY E 535 -58.64 13.33 14.81
N SER E 536 -59.47 12.62 14.04
CA SER E 536 -60.43 11.66 14.58
C SER E 536 -59.88 10.25 14.70
N THR E 537 -58.59 10.06 14.39
CA THR E 537 -58.01 8.71 14.34
C THR E 537 -58.13 8.00 15.69
N ALA E 538 -58.71 6.81 15.66
CA ALA E 538 -58.87 5.98 16.86
C ALA E 538 -59.17 4.56 16.42
N GLY E 539 -58.59 3.59 17.13
CA GLY E 539 -58.80 2.19 16.88
C GLY E 539 -57.48 1.45 16.83
N ARG E 540 -57.51 0.26 16.25
CA ARG E 540 -56.34 -0.61 16.16
C ARG E 540 -55.65 -0.40 14.82
N PHE E 541 -54.34 -0.12 14.87
CA PHE E 541 -53.53 0.13 13.69
C PHE E 541 -52.27 -0.72 13.76
N ALA E 542 -51.54 -0.76 12.65
CA ALA E 542 -50.31 -1.51 12.56
C ALA E 542 -49.31 -0.75 11.71
N MSE E 543 -48.06 -0.68 12.19
CA MSE E 543 -47.01 0.03 11.48
C MSE E 543 -45.93 -0.93 10.96
O MSE E 543 -45.66 -1.97 11.56
CB MSE E 543 -46.35 1.08 12.37
CG MSE E 543 -47.15 2.36 12.56
SE MSE E 543 -48.77 2.13 13.60
CE MSE E 543 -49.03 3.99 14.15
N GLU E 544 -45.33 -0.57 9.83
CA GLU E 544 -44.19 -1.28 9.27
C GLU E 544 -43.11 -0.26 8.97
N VAL E 545 -41.96 -0.40 9.62
CA VAL E 545 -40.88 0.58 9.55
C VAL E 545 -39.74 0.00 8.72
N PHE E 546 -39.18 0.85 7.84
CA PHE E 546 -38.04 0.49 7.01
C PHE E 546 -36.94 1.51 7.28
N THR E 547 -35.83 1.04 7.84
CA THR E 547 -34.77 1.93 8.29
C THR E 547 -33.59 1.93 7.32
N THR E 548 -32.85 3.04 7.33
CA THR E 548 -31.66 3.22 6.52
C THR E 548 -30.66 4.03 7.30
N GLY E 549 -29.38 3.66 7.23
CA GLY E 549 -28.34 4.40 7.92
C GLY E 549 -27.98 3.86 9.28
N ASN E 550 -27.50 4.74 10.16
CA ASN E 550 -27.05 4.35 11.49
C ASN E 550 -28.20 4.34 12.49
N VAL E 551 -29.25 3.58 12.15
CA VAL E 551 -30.40 3.44 13.02
C VAL E 551 -31.07 2.10 12.74
N GLN E 552 -31.62 1.50 13.79
CA GLN E 552 -32.37 0.25 13.68
C GLN E 552 -33.63 0.36 14.52
N ALA E 553 -34.72 -0.22 14.02
CA ALA E 553 -36.01 -0.21 14.71
C ALA E 553 -36.28 -1.62 15.23
N THR E 554 -36.28 -1.77 16.56
CA THR E 554 -36.49 -3.07 17.18
C THR E 554 -37.66 -3.03 18.17
N LEU F 11 -1.45 -99.26 2.84
CA LEU F 11 -0.23 -98.48 2.80
C LEU F 11 0.37 -98.51 1.39
N MSE F 12 -0.33 -97.89 0.45
CA MSE F 12 0.05 -97.90 -0.95
C MSE F 12 1.22 -96.96 -1.26
O MSE F 12 1.28 -95.85 -0.74
CB MSE F 12 -1.15 -97.51 -1.82
CG MSE F 12 -0.82 -97.31 -3.29
SE MSE F 12 -2.05 -96.10 -4.18
CE MSE F 12 -0.90 -95.59 -5.67
N ASN F 13 2.15 -97.42 -2.10
CA ASN F 13 3.28 -96.62 -2.54
C ASN F 13 2.91 -95.79 -3.77
N LEU F 14 3.72 -94.78 -4.06
CA LEU F 14 3.50 -93.95 -5.23
C LEU F 14 3.79 -94.73 -6.50
N LYS F 15 2.89 -94.63 -7.48
CA LYS F 15 3.08 -95.38 -8.72
C LYS F 15 4.24 -94.82 -9.53
N GLY F 16 4.32 -93.50 -9.66
CA GLY F 16 5.39 -92.89 -10.42
C GLY F 16 5.17 -91.42 -10.65
N VAL F 17 6.00 -90.86 -11.53
CA VAL F 17 5.99 -89.44 -11.87
C VAL F 17 5.93 -89.28 -13.38
N VAL F 18 5.10 -88.35 -13.85
CA VAL F 18 5.01 -88.03 -15.26
C VAL F 18 5.33 -86.55 -15.43
N ASN F 19 5.75 -86.18 -16.63
CA ASN F 19 6.24 -84.83 -16.89
C ASN F 19 5.34 -84.03 -17.83
N SER F 20 4.26 -84.62 -18.34
CA SER F 20 3.41 -83.91 -19.29
C SER F 20 2.02 -84.55 -19.29
N LYS F 21 1.08 -83.84 -19.90
CA LYS F 21 -0.28 -84.35 -20.00
C LYS F 21 -0.40 -85.48 -21.02
N VAL F 22 0.38 -85.42 -22.10
CA VAL F 22 0.32 -86.47 -23.11
C VAL F 22 0.80 -87.80 -22.57
N GLU F 23 1.77 -87.79 -21.64
CA GLU F 23 2.21 -89.04 -21.04
C GLU F 23 1.17 -89.58 -20.06
N LEU F 24 0.25 -88.73 -19.61
CA LEU F 24 -0.80 -89.17 -18.69
C LEU F 24 -1.91 -89.90 -19.44
N GLU F 25 -2.28 -89.43 -20.63
CA GLU F 25 -3.36 -90.07 -21.37
C GLU F 25 -2.97 -91.47 -21.83
N GLY F 26 -1.72 -91.66 -22.26
CA GLY F 26 -1.26 -92.97 -22.63
C GLY F 26 -0.97 -93.91 -21.48
N LEU F 27 -0.86 -93.38 -20.27
CA LEU F 27 -0.56 -94.18 -19.09
C LEU F 27 -1.83 -94.83 -18.55
N SER F 28 -1.75 -96.13 -18.30
CA SER F 28 -2.86 -96.91 -17.76
C SER F 28 -2.66 -97.12 -16.26
N GLY F 29 -3.76 -97.29 -15.55
CA GLY F 29 -3.68 -97.46 -14.10
C GLY F 29 -4.88 -98.21 -13.58
N SER F 30 -4.90 -98.39 -12.26
CA SER F 30 -5.97 -99.08 -11.57
C SER F 30 -6.61 -98.16 -10.54
N ASP F 31 -7.70 -98.63 -9.94
CA ASP F 31 -8.46 -97.82 -9.00
C ASP F 31 -7.63 -97.47 -7.78
N GLY F 32 -7.77 -96.22 -7.32
CA GLY F 32 -7.09 -95.75 -6.14
C GLY F 32 -5.67 -95.30 -6.35
N GLN F 33 -5.06 -95.63 -7.49
CA GLN F 33 -3.67 -95.27 -7.73
C GLN F 33 -3.53 -93.76 -7.94
N VAL F 34 -2.46 -93.20 -7.35
CA VAL F 34 -2.18 -91.78 -7.43
C VAL F 34 -0.84 -91.59 -8.14
N VAL F 35 -0.78 -90.59 -9.02
CA VAL F 35 0.44 -90.28 -9.76
C VAL F 35 0.70 -88.78 -9.62
N LEU F 36 1.97 -88.41 -9.78
CA LEU F 36 2.39 -87.02 -9.69
C LEU F 36 2.79 -86.51 -11.07
N MSE F 37 2.28 -85.34 -11.44
CA MSE F 37 2.65 -84.72 -12.70
C MSE F 37 3.47 -83.46 -12.45
O MSE F 37 3.10 -82.62 -11.62
CB MSE F 37 1.41 -84.39 -13.53
CG MSE F 37 1.72 -83.94 -14.95
SE MSE F 37 0.13 -83.62 -16.04
CE MSE F 37 -0.50 -81.99 -15.19
N THR F 38 4.59 -83.34 -13.14
CA THR F 38 5.48 -82.18 -13.03
C THR F 38 5.30 -81.33 -14.28
N GLY F 39 4.31 -80.44 -14.24
CA GLY F 39 4.04 -79.59 -15.38
C GLY F 39 3.04 -80.18 -16.35
N TYR F 40 2.19 -79.34 -16.94
CA TYR F 40 1.21 -79.83 -17.90
C TYR F 40 1.90 -80.34 -19.17
N TYR F 41 3.02 -79.71 -19.55
CA TYR F 41 3.81 -80.13 -20.70
C TYR F 41 5.21 -80.51 -20.24
N ALA F 42 5.89 -81.26 -21.10
CA ALA F 42 7.24 -81.72 -20.79
C ALA F 42 8.21 -80.56 -20.68
N GLY F 43 9.15 -80.67 -19.73
CA GLY F 43 10.14 -79.64 -19.49
C GLY F 43 9.67 -78.45 -18.68
N GLN F 44 8.39 -78.42 -18.31
CA GLN F 44 7.82 -77.33 -17.53
C GLN F 44 7.45 -77.81 -16.13
N TYR F 45 7.41 -76.86 -15.20
CA TYR F 45 6.95 -77.11 -13.84
C TYR F 45 5.62 -76.44 -13.58
N MSE F 46 5.05 -75.78 -14.59
CA MSE F 46 3.82 -75.02 -14.46
C MSE F 46 2.60 -75.89 -14.73
O MSE F 46 2.52 -76.54 -15.77
CB MSE F 46 3.86 -73.83 -15.43
CG MSE F 46 2.93 -72.69 -15.09
SE MSE F 46 3.70 -71.38 -13.86
CE MSE F 46 3.43 -72.31 -12.16
N GLY F 47 1.65 -75.89 -13.80
CA GLY F 47 0.45 -76.69 -13.97
C GLY F 47 0.51 -78.08 -13.42
N GLY F 48 1.62 -78.47 -12.79
CA GLY F 48 1.74 -79.82 -12.28
C GLY F 48 0.87 -80.05 -11.07
N ASP F 49 0.49 -81.32 -10.86
CA ASP F 49 -0.43 -81.68 -9.81
C ASP F 49 -0.45 -83.20 -9.69
N HIS F 50 -1.04 -83.67 -8.59
CA HIS F 50 -1.28 -85.09 -8.38
C HIS F 50 -2.59 -85.52 -9.04
N PHE F 51 -2.63 -86.77 -9.49
CA PHE F 51 -3.79 -87.34 -10.16
C PHE F 51 -4.13 -88.70 -9.56
N LYS F 52 -5.43 -88.92 -9.33
CA LYS F 52 -5.93 -90.18 -8.83
C LYS F 52 -6.77 -90.85 -9.91
N TYR F 53 -6.57 -92.16 -10.09
CA TYR F 53 -7.25 -92.89 -11.15
C TYR F 53 -8.63 -93.35 -10.67
N ASP F 54 -9.60 -93.26 -11.57
CA ASP F 54 -10.98 -93.68 -11.29
C ASP F 54 -11.51 -94.44 -12.49
N SER F 55 -11.76 -95.73 -12.33
CA SER F 55 -12.24 -96.55 -13.45
C SER F 55 -13.63 -96.15 -13.91
N THR F 56 -14.42 -95.50 -13.06
CA THR F 56 -15.76 -95.08 -13.48
C THR F 56 -15.69 -94.00 -14.56
N GLN F 57 -14.64 -93.18 -14.55
CA GLN F 57 -14.44 -92.13 -15.54
C GLN F 57 -13.19 -92.40 -16.38
N ALA F 58 -12.89 -93.67 -16.62
CA ALA F 58 -11.69 -94.03 -17.36
C ALA F 58 -11.74 -93.55 -18.81
N LEU F 59 -12.93 -93.47 -19.39
CA LEU F 59 -13.08 -93.04 -20.77
C LEU F 59 -13.34 -91.54 -20.88
N ILE F 60 -13.41 -90.82 -19.77
CA ILE F 60 -13.64 -89.39 -19.76
C ILE F 60 -12.30 -88.67 -19.82
N ASN F 61 -12.17 -87.69 -20.71
CA ASN F 61 -10.92 -86.95 -20.86
C ASN F 61 -11.26 -85.56 -21.42
N ASN F 62 -11.57 -84.64 -20.51
CA ASN F 62 -11.82 -83.25 -20.87
C ASN F 62 -10.55 -82.40 -20.86
N GLY F 63 -9.44 -82.94 -20.35
CA GLY F 63 -8.16 -82.25 -20.38
C GLY F 63 -7.82 -81.43 -19.15
N VAL F 64 -8.73 -81.32 -18.19
CA VAL F 64 -8.48 -80.50 -17.00
C VAL F 64 -8.77 -81.33 -15.75
N THR F 65 -10.07 -81.58 -15.50
CA THR F 65 -10.45 -82.24 -14.25
C THR F 65 -10.25 -83.75 -14.31
N VAL F 66 -10.64 -84.40 -15.41
CA VAL F 66 -10.43 -85.84 -15.59
C VAL F 66 -9.70 -86.07 -16.89
N ILE F 67 -8.62 -86.85 -16.84
CA ILE F 67 -7.79 -87.14 -18.01
C ILE F 67 -7.66 -88.67 -18.08
N ASN F 68 -8.56 -89.30 -18.85
CA ASN F 68 -8.57 -90.76 -19.05
C ASN F 68 -8.54 -91.50 -17.72
N GLY F 69 -9.39 -91.06 -16.79
CA GLY F 69 -9.53 -91.67 -15.49
C GLY F 69 -8.72 -91.01 -14.39
N TRP F 70 -7.75 -90.18 -14.75
CA TRP F 70 -6.88 -89.50 -13.78
C TRP F 70 -7.57 -88.22 -13.35
N VAL F 71 -7.96 -88.15 -12.08
CA VAL F 71 -8.68 -87.00 -11.53
C VAL F 71 -7.68 -86.05 -10.89
N LYS F 72 -7.79 -84.76 -11.22
CA LYS F 72 -6.92 -83.75 -10.63
C LYS F 72 -7.18 -83.64 -9.13
N GLN F 73 -6.12 -83.66 -8.34
CA GLN F 73 -6.25 -83.66 -6.89
C GLN F 73 -6.19 -82.27 -6.27
N PHE F 74 -5.81 -81.25 -7.03
CA PHE F 74 -5.74 -79.87 -6.55
C PHE F 74 -4.94 -79.76 -5.26
N SER F 75 -3.66 -80.15 -5.37
CA SER F 75 -2.76 -80.06 -4.22
C SER F 75 -2.57 -78.63 -3.76
N ALA F 76 -2.56 -77.68 -4.71
CA ALA F 76 -2.49 -76.27 -4.37
C ALA F 76 -3.84 -75.69 -3.98
N GLY F 77 -4.94 -76.39 -4.26
CA GLY F 77 -6.25 -75.90 -3.91
C GLY F 77 -6.77 -74.78 -4.78
N VAL F 78 -6.19 -74.59 -5.96
CA VAL F 78 -6.55 -73.49 -6.85
C VAL F 78 -6.57 -74.01 -8.29
N LEU F 79 -7.56 -73.56 -9.06
CA LEU F 79 -7.66 -73.91 -10.46
C LEU F 79 -6.87 -72.88 -11.27
N THR F 80 -5.93 -73.36 -12.08
CA THR F 80 -5.00 -72.49 -12.80
C THR F 80 -5.22 -72.61 -14.30
N VAL F 81 -4.95 -71.50 -15.01
CA VAL F 81 -5.05 -71.49 -16.47
C VAL F 81 -4.00 -72.39 -17.10
N SER F 82 -2.84 -72.53 -16.44
CA SER F 82 -1.80 -73.42 -16.95
C SER F 82 -2.26 -74.88 -16.91
N ALA F 83 -3.07 -75.24 -15.92
CA ALA F 83 -3.65 -76.58 -15.83
C ALA F 83 -4.72 -76.83 -16.87
N CYS F 84 -5.02 -75.85 -17.72
CA CYS F 84 -6.03 -75.98 -18.76
C CYS F 84 -5.42 -76.04 -20.16
N GLY F 85 -4.11 -76.25 -20.26
CA GLY F 85 -3.44 -76.38 -21.53
C GLY F 85 -2.54 -75.24 -21.95
N ALA F 86 -2.31 -74.26 -21.08
CA ALA F 86 -1.46 -73.13 -21.43
C ALA F 86 0.01 -73.56 -21.45
N ASP F 87 0.61 -73.56 -22.64
CA ASP F 87 1.99 -73.99 -22.80
C ASP F 87 2.89 -72.76 -22.86
N PRO F 88 3.79 -72.58 -21.89
CA PRO F 88 4.69 -71.41 -21.97
C PRO F 88 5.56 -71.40 -23.21
N SER F 89 5.87 -72.56 -23.77
CA SER F 89 6.66 -72.62 -25.00
C SER F 89 5.83 -72.33 -26.25
N ALA F 90 4.51 -72.42 -26.16
CA ALA F 90 3.66 -72.16 -27.30
C ALA F 90 3.46 -70.66 -27.50
N SER F 91 3.21 -70.28 -28.75
CA SER F 91 2.99 -68.87 -29.10
C SER F 91 1.57 -68.41 -28.81
N ASP F 92 0.64 -69.33 -28.58
CA ASP F 92 -0.75 -68.97 -28.35
C ASP F 92 -1.31 -69.77 -27.20
N HIS F 93 -2.18 -69.14 -26.42
CA HIS F 93 -2.87 -69.78 -25.30
C HIS F 93 -4.37 -69.50 -25.33
N SER F 94 -4.92 -69.19 -26.51
CA SER F 94 -6.32 -68.80 -26.62
C SER F 94 -7.24 -69.95 -26.27
N ALA F 95 -7.09 -71.08 -26.96
CA ALA F 95 -7.94 -72.24 -26.69
C ALA F 95 -7.75 -72.72 -25.26
N ALA F 96 -6.54 -72.58 -24.71
CA ALA F 96 -6.32 -72.92 -23.31
C ALA F 96 -7.03 -71.93 -22.40
N LEU F 97 -6.98 -70.64 -22.72
CA LEU F 97 -7.67 -69.64 -21.91
C LEU F 97 -9.17 -69.81 -22.00
N ASP F 98 -9.69 -70.10 -23.20
CA ASP F 98 -11.13 -70.30 -23.37
C ASP F 98 -11.62 -71.46 -22.51
N LEU F 99 -10.86 -72.57 -22.48
CA LEU F 99 -11.22 -73.70 -21.63
C LEU F 99 -11.16 -73.32 -20.16
N ALA F 100 -10.29 -72.39 -19.79
CA ALA F 100 -10.17 -72.00 -18.39
C ALA F 100 -11.42 -71.26 -17.91
N VAL F 101 -11.90 -70.29 -18.69
CA VAL F 101 -13.10 -69.55 -18.31
C VAL F 101 -14.31 -70.48 -18.28
N ASN F 102 -14.42 -71.37 -19.27
CA ASN F 102 -15.54 -72.31 -19.29
C ASN F 102 -15.52 -73.24 -18.08
N THR F 103 -14.31 -73.66 -17.67
CA THR F 103 -14.19 -74.56 -16.53
C THR F 103 -14.37 -73.82 -15.21
N ALA F 104 -13.69 -72.69 -15.06
CA ALA F 104 -13.73 -71.95 -13.79
C ALA F 104 -15.14 -71.47 -13.47
N THR F 105 -15.88 -71.01 -14.48
CA THR F 105 -17.23 -70.50 -14.24
C THR F 105 -18.20 -71.63 -13.93
N SER F 106 -18.08 -72.75 -14.64
CA SER F 106 -18.94 -73.90 -14.39
C SER F 106 -18.64 -74.55 -13.05
N LEU F 107 -17.39 -74.45 -12.58
CA LEU F 107 -17.00 -75.03 -11.30
C LEU F 107 -17.17 -74.07 -10.13
N LYS F 108 -17.55 -72.81 -10.39
CA LYS F 108 -17.78 -71.81 -9.34
C LYS F 108 -16.53 -71.63 -8.47
N ARG F 109 -15.40 -71.35 -9.11
CA ARG F 109 -14.16 -71.13 -8.38
C ARG F 109 -13.28 -70.16 -9.17
N LYS F 110 -12.39 -69.50 -8.45
CA LYS F 110 -11.55 -68.47 -9.05
C LYS F 110 -10.49 -69.07 -9.97
N LEU F 111 -10.10 -68.27 -10.96
CA LEU F 111 -9.05 -68.63 -11.91
C LEU F 111 -7.83 -67.76 -11.67
N VAL F 112 -6.64 -68.36 -11.75
CA VAL F 112 -5.39 -67.69 -11.49
C VAL F 112 -4.49 -67.83 -12.71
N VAL F 113 -3.96 -66.71 -13.19
CA VAL F 113 -3.03 -66.68 -14.31
C VAL F 113 -1.62 -66.63 -13.72
N ASP F 114 -0.87 -67.71 -13.92
CA ASP F 114 0.44 -67.87 -13.29
C ASP F 114 1.62 -67.54 -14.20
N PHE F 115 1.39 -67.34 -15.49
CA PHE F 115 2.44 -66.85 -16.38
C PHE F 115 1.79 -66.01 -17.47
N ASP F 116 2.61 -65.19 -18.13
CA ASP F 116 2.11 -64.25 -19.14
C ASP F 116 1.61 -64.99 -20.38
N LEU F 117 0.40 -64.64 -20.81
CA LEU F 117 -0.22 -65.24 -21.99
C LEU F 117 -0.09 -64.33 -23.21
N ARG F 118 -0.12 -64.97 -24.38
CA ARG F 118 -0.17 -64.27 -25.66
C ARG F 118 -1.30 -64.89 -26.47
N VAL F 119 -2.24 -64.06 -26.92
CA VAL F 119 -3.49 -64.53 -27.50
C VAL F 119 -3.71 -63.86 -28.86
N ASN F 120 -4.21 -64.63 -29.82
CA ASN F 120 -4.58 -64.11 -31.12
C ASN F 120 -6.06 -64.29 -31.44
N THR F 121 -6.82 -64.97 -30.58
CA THR F 121 -8.26 -65.13 -30.76
C THR F 121 -8.98 -64.82 -29.46
N THR F 122 -10.15 -64.19 -29.58
CA THR F 122 -10.86 -63.69 -28.41
C THR F 122 -11.37 -64.84 -27.53
N THR F 123 -11.69 -64.47 -26.28
CA THR F 123 -12.29 -65.39 -25.31
C THR F 123 -13.52 -64.71 -24.74
N GLU F 124 -14.69 -65.29 -24.99
CA GLU F 124 -15.93 -64.70 -24.50
C GLU F 124 -15.99 -64.76 -22.98
N LEU F 125 -16.43 -63.65 -22.37
CA LEU F 125 -16.48 -63.50 -20.92
C LEU F 125 -17.71 -64.23 -20.40
N ASP F 126 -17.51 -65.39 -19.81
CA ASP F 126 -18.60 -66.10 -19.15
C ASP F 126 -18.99 -65.38 -17.87
N ALA F 127 -20.26 -65.52 -17.50
CA ALA F 127 -20.78 -64.86 -16.30
C ALA F 127 -20.11 -65.40 -15.05
N THR F 128 -20.04 -64.54 -14.03
CA THR F 128 -19.53 -64.87 -12.70
C THR F 128 -18.06 -65.28 -12.72
N LEU F 129 -17.31 -64.86 -13.73
CA LEU F 129 -15.89 -65.18 -13.79
C LEU F 129 -15.12 -64.34 -12.78
N ARG F 130 -14.37 -65.00 -11.90
CA ARG F 130 -13.42 -64.36 -11.01
C ARG F 130 -12.02 -64.83 -11.40
N ILE F 131 -11.22 -63.92 -11.95
CA ILE F 131 -9.90 -64.24 -12.46
C ILE F 131 -8.88 -63.31 -11.82
N GLU F 132 -7.78 -63.87 -11.33
CA GLU F 132 -6.77 -63.13 -10.60
C GLU F 132 -5.39 -63.44 -11.18
N GLY F 133 -4.43 -62.59 -10.85
CA GLY F 133 -3.06 -62.78 -11.27
C GLY F 133 -2.10 -62.69 -10.11
N ASP F 134 -1.04 -63.50 -10.17
CA ASP F 134 -0.03 -63.56 -9.12
C ASP F 134 1.28 -62.90 -9.54
N GLY F 135 1.24 -62.01 -10.53
CA GLY F 135 2.44 -61.36 -11.02
C GLY F 135 2.99 -60.31 -10.07
N GLY F 136 3.84 -59.44 -10.58
CA GLY F 136 4.41 -58.37 -9.79
C GLY F 136 3.42 -57.23 -9.57
N ALA F 137 3.98 -56.05 -9.31
CA ALA F 137 3.18 -54.86 -9.04
C ALA F 137 3.14 -53.95 -10.26
N VAL F 138 1.96 -53.40 -10.53
CA VAL F 138 1.73 -52.41 -11.58
C VAL F 138 2.24 -52.91 -12.93
N GLN F 139 3.38 -52.38 -13.38
CA GLN F 139 3.83 -52.66 -14.74
C GLN F 139 4.40 -54.06 -14.91
N PHE F 140 4.80 -54.72 -13.83
CA PHE F 140 5.23 -56.11 -13.88
C PHE F 140 4.15 -57.07 -13.41
N SER F 141 2.89 -56.66 -13.47
CA SER F 141 1.81 -57.55 -13.09
C SER F 141 1.63 -58.65 -14.13
N ARG F 142 0.84 -59.66 -13.78
CA ARG F 142 0.52 -60.72 -14.71
C ARG F 142 -0.19 -60.15 -15.93
N SER F 143 0.40 -60.36 -17.11
CA SER F 143 -0.03 -59.69 -18.32
C SER F 143 -0.65 -60.68 -19.30
N ILE F 144 -1.57 -60.18 -20.12
CA ILE F 144 -2.18 -60.91 -21.22
C ILE F 144 -2.00 -60.07 -22.47
N THR F 145 -1.30 -60.61 -23.47
CA THR F 145 -0.98 -59.88 -24.69
C THR F 145 -1.85 -60.38 -25.84
N ALA F 146 -2.38 -59.44 -26.62
CA ALA F 146 -3.16 -59.75 -27.81
C ALA F 146 -2.26 -59.61 -29.03
N THR F 147 -1.98 -60.71 -29.71
CA THR F 147 -1.13 -60.72 -30.89
C THR F 147 -1.89 -60.42 -32.17
N ALA F 148 -3.16 -60.04 -32.07
CA ALA F 148 -3.96 -59.65 -33.22
C ALA F 148 -4.86 -58.50 -32.81
N ASP F 149 -5.54 -57.91 -33.79
CA ASP F 149 -6.46 -56.80 -33.56
C ASP F 149 -7.82 -57.36 -33.11
N ILE F 150 -7.81 -57.99 -31.94
CA ILE F 150 -9.01 -58.63 -31.40
C ILE F 150 -9.13 -58.32 -29.93
N PRO F 151 -10.36 -58.24 -29.42
CA PRO F 151 -10.55 -58.05 -27.97
C PRO F 151 -10.09 -59.28 -27.21
N ILE F 152 -9.34 -59.05 -26.13
CA ILE F 152 -8.90 -60.16 -25.28
C ILE F 152 -10.12 -60.86 -24.69
N PHE F 153 -11.07 -60.08 -24.18
CA PHE F 153 -12.35 -60.60 -23.69
C PHE F 153 -13.48 -59.94 -24.47
N THR F 154 -14.51 -60.72 -24.77
CA THR F 154 -15.70 -60.23 -25.49
C THR F 154 -16.89 -60.35 -24.56
N VAL F 155 -17.49 -59.21 -24.23
CA VAL F 155 -18.67 -59.19 -23.37
C VAL F 155 -19.87 -59.66 -24.16
N LYS F 156 -20.60 -60.64 -23.62
CA LYS F 156 -21.73 -61.20 -24.33
C LYS F 156 -22.93 -60.26 -24.30
N ALA F 157 -23.85 -60.48 -25.23
CA ALA F 157 -25.04 -59.65 -25.39
C ALA F 157 -26.00 -59.84 -24.22
N GLY F 158 -26.78 -58.80 -23.96
CA GLY F 158 -27.77 -58.87 -22.89
C GLY F 158 -27.13 -58.83 -21.53
N PHE F 159 -27.48 -59.81 -20.69
CA PHE F 159 -26.92 -59.91 -19.34
C PHE F 159 -26.05 -61.15 -19.16
N SER F 160 -25.66 -61.79 -20.26
CA SER F 160 -24.94 -63.05 -20.18
C SER F 160 -23.55 -62.92 -19.56
N SER F 161 -23.01 -61.70 -19.52
CA SER F 161 -21.71 -61.46 -18.89
C SER F 161 -21.82 -60.76 -17.55
N GLU F 162 -23.02 -60.65 -16.99
CA GLU F 162 -23.19 -59.95 -15.72
C GLU F 162 -22.40 -60.64 -14.62
N SER F 163 -21.92 -59.84 -13.67
CA SER F 163 -21.16 -60.31 -12.51
C SER F 163 -19.78 -60.81 -12.94
N SER F 164 -18.73 -60.12 -12.51
CA SER F 164 -17.37 -60.52 -12.86
C SER F 164 -16.40 -59.89 -11.88
N TYR F 165 -15.17 -60.38 -11.92
CA TYR F 165 -14.10 -59.86 -11.07
C TYR F 165 -12.76 -59.99 -11.79
N PHE F 166 -12.01 -58.90 -11.87
CA PHE F 166 -10.68 -58.88 -12.48
C PHE F 166 -9.71 -58.31 -11.46
N GLY F 167 -8.84 -59.16 -10.92
CA GLY F 167 -7.92 -58.73 -9.88
C GLY F 167 -6.46 -58.81 -10.30
N LYS F 168 -5.83 -57.64 -10.41
CA LYS F 168 -4.39 -57.53 -10.64
C LYS F 168 -3.98 -58.23 -11.95
N LEU F 169 -4.55 -57.74 -13.05
CA LEU F 169 -4.28 -58.26 -14.38
C LEU F 169 -3.89 -57.11 -15.30
N MSE F 170 -2.84 -57.34 -16.10
CA MSE F 170 -2.40 -56.35 -17.07
C MSE F 170 -2.75 -56.81 -18.48
O MSE F 170 -2.73 -58.01 -18.77
CB MSE F 170 -0.91 -56.09 -16.93
CG MSE F 170 -0.41 -54.92 -17.78
SE MSE F 170 1.46 -54.51 -17.46
CE MSE F 170 1.64 -52.96 -18.63
N PHE F 171 -3.06 -55.86 -19.35
CA PHE F 171 -3.45 -56.15 -20.73
C PHE F 171 -2.54 -55.39 -21.68
N LYS F 172 -1.91 -56.11 -22.60
CA LYS F 172 -0.98 -55.53 -23.56
C LYS F 172 -1.42 -55.91 -24.98
N ALA F 173 -0.70 -55.38 -25.97
CA ALA F 173 -0.92 -55.71 -27.37
C ALA F 173 0.43 -55.91 -28.05
N SER F 174 0.54 -56.98 -28.83
CA SER F 174 1.79 -57.27 -29.53
C SER F 174 2.08 -56.22 -30.60
N THR F 175 1.05 -55.72 -31.27
CA THR F 175 1.18 -54.67 -32.26
C THR F 175 0.58 -53.39 -31.70
N GLY F 176 1.33 -52.31 -31.76
CA GLY F 176 0.87 -51.05 -31.19
C GLY F 176 -0.33 -50.49 -31.93
N GLY F 177 -1.31 -50.03 -31.18
CA GLY F 177 -2.52 -49.48 -31.76
C GLY F 177 -3.54 -50.50 -32.18
N THR F 178 -3.52 -51.70 -31.60
CA THR F 178 -4.44 -52.74 -31.97
C THR F 178 -5.08 -53.34 -30.73
N ALA F 179 -6.19 -54.04 -30.96
CA ALA F 179 -6.85 -54.86 -29.95
C ALA F 179 -7.39 -54.03 -28.79
N THR F 180 -7.99 -54.71 -27.82
CA THR F 180 -8.53 -54.07 -26.62
C THR F 180 -8.69 -55.15 -25.56
N ALA F 181 -8.82 -54.71 -24.31
CA ALA F 181 -9.03 -55.66 -23.23
C ALA F 181 -10.46 -56.18 -23.19
N PHE F 182 -11.43 -55.34 -23.55
CA PHE F 182 -12.84 -55.72 -23.52
C PHE F 182 -13.59 -55.07 -24.69
N ARG F 183 -14.54 -55.82 -25.23
CA ARG F 183 -15.46 -55.30 -26.23
C ARG F 183 -16.80 -55.99 -26.06
N SER F 184 -17.87 -55.29 -26.42
CA SER F 184 -19.22 -55.77 -26.21
C SER F 184 -19.85 -56.18 -27.54
N THR F 185 -20.55 -57.31 -27.52
CA THR F 185 -21.34 -57.75 -28.67
C THR F 185 -22.75 -57.19 -28.51
N SER F 186 -23.19 -56.40 -29.50
CA SER F 186 -24.50 -55.75 -29.45
C SER F 186 -24.66 -54.92 -28.18
N ASN F 187 -23.60 -54.19 -27.81
CA ASN F 187 -23.57 -53.37 -26.60
C ASN F 187 -23.83 -54.20 -25.35
N GLY F 188 -23.18 -55.36 -25.30
CA GLY F 188 -23.35 -56.23 -24.16
C GLY F 188 -22.85 -55.60 -22.88
N TYR F 189 -23.53 -55.93 -21.80
CA TYR F 189 -23.29 -55.29 -20.51
C TYR F 189 -22.15 -55.97 -19.78
N LEU F 190 -21.10 -55.21 -19.47
CA LEU F 190 -20.06 -55.65 -18.52
C LEU F 190 -20.52 -55.18 -17.15
N SER F 191 -21.36 -56.00 -16.51
CA SER F 191 -22.14 -55.57 -15.36
C SER F 191 -21.59 -56.17 -14.07
N GLN F 192 -21.64 -55.37 -13.01
CA GLN F 192 -21.29 -55.78 -11.65
C GLN F 192 -19.90 -56.40 -11.59
N SER F 193 -18.93 -55.63 -12.06
CA SER F 193 -17.54 -56.06 -12.10
C SER F 193 -16.69 -55.20 -11.20
N THR F 194 -15.49 -55.69 -10.91
CA THR F 194 -14.51 -54.96 -10.11
C THR F 194 -13.15 -55.10 -10.76
N PHE F 195 -12.47 -53.97 -10.93
CA PHE F 195 -11.12 -53.94 -11.51
C PHE F 195 -10.17 -53.50 -10.39
N ASP F 196 -9.46 -54.47 -9.82
CA ASP F 196 -8.57 -54.24 -8.69
C ASP F 196 -7.13 -54.22 -9.19
N HIS F 197 -6.54 -53.03 -9.21
CA HIS F 197 -5.13 -52.85 -9.58
C HIS F 197 -4.83 -53.41 -10.97
N CYS F 198 -5.78 -53.28 -11.88
CA CYS F 198 -5.57 -53.70 -13.26
C CYS F 198 -4.86 -52.62 -14.05
N VAL F 199 -3.90 -53.03 -14.86
CA VAL F 199 -3.11 -52.11 -15.67
C VAL F 199 -3.47 -52.31 -17.13
N PHE F 200 -3.60 -51.22 -17.87
CA PHE F 200 -3.97 -51.24 -19.29
C PHE F 200 -2.83 -50.61 -20.07
N ASP F 201 -2.08 -51.45 -20.79
CA ASP F 201 -0.91 -50.97 -21.52
C ASP F 201 -1.33 -50.08 -22.68
N ARG F 202 -0.49 -49.09 -22.98
CA ARG F 202 -0.78 -48.16 -24.06
C ARG F 202 -0.71 -48.80 -25.44
N SER F 203 -0.21 -50.02 -25.54
CA SER F 203 -0.17 -50.71 -26.83
C SER F 203 -1.56 -51.00 -27.37
N LEU F 204 -2.57 -51.08 -26.51
CA LEU F 204 -3.93 -51.28 -26.97
C LEU F 204 -4.43 -50.05 -27.73
N ARG F 205 -5.32 -50.29 -28.69
CA ARG F 205 -5.99 -49.18 -29.35
C ARG F 205 -7.02 -48.56 -28.42
N TYR F 206 -7.78 -49.39 -27.71
CA TYR F 206 -8.69 -48.95 -26.67
C TYR F 206 -8.45 -49.79 -25.42
N GLY F 207 -8.39 -49.14 -24.27
CA GLY F 207 -8.25 -49.86 -23.02
C GLY F 207 -9.43 -50.76 -22.73
N ILE F 208 -10.62 -50.17 -22.67
CA ILE F 208 -11.88 -50.91 -22.51
C ILE F 208 -12.87 -50.34 -23.51
N ASP F 209 -13.35 -51.19 -24.41
CA ASP F 209 -14.35 -50.80 -25.41
C ASP F 209 -15.64 -51.58 -25.20
N ALA F 210 -16.06 -51.70 -23.94
CA ALA F 210 -17.27 -52.43 -23.58
C ALA F 210 -18.21 -51.49 -22.84
N ASN F 211 -19.48 -51.91 -22.74
CA ASN F 211 -20.51 -51.11 -22.09
C ASN F 211 -20.48 -51.41 -20.59
N LEU F 212 -19.81 -50.53 -19.83
CA LEU F 212 -19.64 -50.74 -18.40
C LEU F 212 -20.88 -50.32 -17.63
N ILE F 213 -21.20 -51.07 -16.59
CA ILE F 213 -22.27 -50.67 -15.66
C ILE F 213 -22.01 -51.35 -14.33
N LEU F 214 -22.20 -50.58 -13.25
CA LEU F 214 -21.99 -51.06 -11.88
C LEU F 214 -20.59 -51.65 -11.71
N CYS F 215 -19.59 -50.95 -12.25
CA CYS F 215 -18.20 -51.36 -12.17
C CYS F 215 -17.41 -50.34 -11.36
N ASP F 216 -16.61 -50.83 -10.42
CA ASP F 216 -15.70 -50.00 -9.65
C ASP F 216 -14.25 -50.33 -10.04
N PHE F 217 -13.41 -49.31 -10.04
CA PHE F 217 -12.01 -49.44 -10.44
C PHE F 217 -11.13 -49.02 -9.27
N GLN F 218 -10.30 -49.94 -8.80
CA GLN F 218 -9.47 -49.73 -7.61
C GLN F 218 -8.02 -49.57 -8.05
N LYS F 219 -7.55 -48.33 -8.10
CA LYS F 219 -6.16 -47.99 -8.41
C LYS F 219 -5.70 -48.66 -9.71
N CYS F 220 -6.49 -48.47 -10.76
CA CYS F 220 -6.12 -48.97 -12.07
C CYS F 220 -5.21 -47.98 -12.78
N ASP F 221 -4.54 -48.44 -13.83
CA ASP F 221 -3.63 -47.62 -14.60
C ASP F 221 -3.99 -47.71 -16.08
N PHE F 222 -4.08 -46.56 -16.73
CA PHE F 222 -4.46 -46.48 -18.14
C PHE F 222 -3.40 -45.69 -18.90
N GLY F 223 -2.53 -46.39 -19.62
CA GLY F 223 -1.65 -45.77 -20.59
C GLY F 223 -0.35 -45.20 -20.07
N THR F 224 0.05 -45.53 -18.83
CA THR F 224 1.33 -45.04 -18.32
C THR F 224 2.49 -45.76 -19.01
N TYR F 225 2.43 -47.09 -19.07
CA TYR F 225 3.52 -47.89 -19.62
C TYR F 225 3.19 -48.33 -21.04
N MSE F 226 4.25 -48.52 -21.83
CA MSE F 226 4.09 -48.88 -23.24
C MSE F 226 5.17 -49.87 -23.68
O MSE F 226 6.35 -49.54 -23.70
CB MSE F 226 4.12 -47.63 -24.11
CG MSE F 226 3.46 -47.79 -25.47
SE MSE F 226 3.46 -46.15 -26.53
CE MSE F 226 5.40 -45.90 -26.68
N SER F 227 4.75 -51.09 -24.02
CA SER F 227 5.69 -52.12 -24.42
C SER F 227 6.21 -51.89 -25.84
N THR F 228 5.33 -51.55 -26.78
CA THR F 228 5.70 -51.24 -28.14
C THR F 228 5.08 -49.92 -28.55
N THR F 229 5.72 -49.23 -29.50
CA THR F 229 5.30 -47.89 -29.89
C THR F 229 3.92 -47.93 -30.55
N ASN F 230 3.05 -47.01 -30.13
CA ASN F 230 1.71 -46.84 -30.67
C ASN F 230 1.67 -45.50 -31.39
N SER F 231 1.47 -45.53 -32.71
CA SER F 231 1.45 -44.30 -33.49
C SER F 231 0.06 -43.81 -33.87
N ILE F 232 -0.96 -44.66 -33.80
CA ILE F 232 -2.30 -44.22 -34.21
C ILE F 232 -3.06 -43.59 -33.04
N GLY F 233 -2.99 -44.16 -31.85
CA GLY F 233 -3.67 -43.57 -30.71
C GLY F 233 -4.13 -44.62 -29.70
N PHE F 234 -4.35 -44.15 -28.48
CA PHE F 234 -4.80 -44.97 -27.35
C PHE F 234 -5.92 -44.25 -26.61
N LYS F 235 -7.03 -44.95 -26.39
CA LYS F 235 -8.14 -44.45 -25.59
C LYS F 235 -8.36 -45.37 -24.39
N ALA F 236 -8.53 -44.77 -23.21
CA ALA F 236 -8.66 -45.54 -21.99
C ALA F 236 -9.99 -46.30 -21.96
N ILE F 237 -11.11 -45.59 -22.02
CA ILE F 237 -12.43 -46.18 -21.88
C ILE F 237 -13.36 -45.55 -22.90
N ARG F 238 -14.13 -46.39 -23.60
CA ARG F 238 -15.20 -45.94 -24.50
C ARG F 238 -16.35 -46.93 -24.36
N SER F 239 -17.39 -46.53 -23.64
CA SER F 239 -18.55 -47.38 -23.37
C SER F 239 -19.74 -46.85 -24.17
N LEU F 240 -20.11 -47.58 -25.23
CA LEU F 240 -21.23 -47.21 -26.07
C LEU F 240 -22.39 -48.15 -25.82
N GLY F 241 -23.56 -47.58 -25.53
CA GLY F 241 -24.75 -48.38 -25.27
C GLY F 241 -25.93 -47.99 -26.13
N VAL F 242 -27.13 -48.33 -25.65
CA VAL F 242 -28.39 -48.00 -26.31
C VAL F 242 -29.29 -47.24 -25.35
N VAL F 243 -29.87 -46.14 -25.83
CA VAL F 243 -30.75 -45.31 -25.01
C VAL F 243 -31.99 -46.09 -24.61
N GLY F 244 -32.36 -45.99 -23.35
CA GLY F 244 -33.58 -46.58 -22.83
C GLY F 244 -33.43 -47.97 -22.25
N THR F 245 -32.59 -48.82 -22.86
CA THR F 245 -32.42 -50.22 -22.45
C THR F 245 -31.03 -50.53 -21.89
N ARG F 246 -29.95 -49.93 -22.42
CA ARG F 246 -28.56 -50.20 -21.98
C ARG F 246 -27.79 -48.89 -21.85
N GLU F 247 -27.74 -48.36 -20.63
CA GLU F 247 -27.00 -47.15 -20.38
C GLU F 247 -25.78 -47.46 -19.51
N PRO F 248 -24.63 -46.87 -19.81
CA PRO F 248 -23.46 -47.09 -18.95
C PRO F 248 -23.61 -46.33 -17.63
N ASN F 249 -23.95 -47.04 -16.56
CA ASN F 249 -24.29 -46.40 -15.30
C ASN F 249 -23.41 -46.90 -14.16
N ALA F 250 -23.32 -46.07 -13.12
CA ALA F 250 -22.79 -46.46 -11.82
C ALA F 250 -21.36 -47.00 -11.91
N ASN F 251 -20.48 -46.17 -12.47
CA ASN F 251 -19.07 -46.53 -12.63
C ASN F 251 -18.24 -45.53 -11.85
N THR F 252 -17.58 -46.01 -10.80
CA THR F 252 -16.80 -45.18 -9.89
C THR F 252 -15.34 -45.57 -9.96
N PHE F 253 -14.46 -44.57 -9.87
CA PHE F 253 -13.03 -44.77 -10.00
C PHE F 253 -12.34 -44.23 -8.76
N TYR F 254 -11.57 -45.08 -8.07
CA TYR F 254 -10.84 -44.70 -6.87
C TYR F 254 -9.36 -44.79 -7.15
N ASN F 255 -8.67 -43.65 -7.06
CA ASN F 255 -7.22 -43.59 -7.17
C ASN F 255 -6.70 -44.13 -8.49
N CYS F 256 -7.53 -44.06 -9.54
CA CYS F 256 -7.12 -44.54 -10.85
C CYS F 256 -6.28 -43.48 -11.56
N ILE F 257 -5.52 -43.93 -12.56
CA ILE F 257 -4.59 -43.08 -13.29
C ILE F 257 -4.89 -43.19 -14.78
N PHE F 258 -5.00 -42.03 -15.44
CA PHE F 258 -5.23 -41.96 -16.88
C PHE F 258 -4.17 -41.04 -17.46
N ARG F 259 -3.17 -41.61 -18.14
CA ARG F 259 -2.06 -40.82 -18.65
C ARG F 259 -1.83 -41.10 -20.13
N LYS F 260 -1.38 -40.06 -20.83
CA LYS F 260 -0.80 -40.17 -22.17
C LYS F 260 -1.79 -40.73 -23.19
N GLY F 261 -3.02 -40.23 -23.14
CA GLY F 261 -3.99 -40.55 -24.18
C GLY F 261 -3.72 -39.78 -25.46
N THR F 262 -4.12 -40.38 -26.58
CA THR F 262 -3.86 -39.80 -27.89
C THR F 262 -5.05 -39.84 -28.85
N ASP F 263 -6.20 -40.35 -28.41
CA ASP F 263 -7.38 -40.39 -29.26
C ASP F 263 -8.19 -39.11 -29.08
N ASP F 264 -9.44 -39.12 -29.56
CA ASP F 264 -10.29 -37.93 -29.43
C ASP F 264 -10.65 -37.66 -27.98
N CYS F 265 -10.70 -38.68 -27.13
CA CYS F 265 -10.90 -38.48 -25.71
C CYS F 265 -10.32 -39.66 -24.96
N MSE F 266 -10.23 -39.51 -23.63
CA MSE F 266 -9.70 -40.57 -22.79
C MSE F 266 -10.82 -41.44 -22.24
O MSE F 266 -10.72 -42.67 -22.21
CB MSE F 266 -8.88 -39.97 -21.63
CG MSE F 266 -8.01 -40.97 -20.89
SE MSE F 266 -6.61 -41.76 -22.01
CE MSE F 266 -5.53 -42.59 -20.62
N ILE F 267 -11.91 -40.80 -21.82
CA ILE F 267 -13.10 -41.48 -21.31
C ILE F 267 -14.30 -41.01 -22.11
N GLU F 268 -15.14 -41.96 -22.53
CA GLU F 268 -16.30 -41.64 -23.35
C GLU F 268 -17.43 -42.62 -23.07
N TRP F 269 -18.64 -42.08 -22.92
CA TRP F 269 -19.84 -42.90 -22.85
C TRP F 269 -21.03 -42.07 -23.30
N ASP F 270 -22.04 -42.75 -23.83
CA ASP F 270 -23.19 -42.07 -24.41
C ASP F 270 -24.46 -42.63 -23.79
N SER F 271 -25.58 -42.49 -24.49
CA SER F 271 -26.88 -43.00 -24.08
C SER F 271 -27.36 -42.40 -22.76
N TYR F 272 -26.85 -41.21 -22.42
CA TYR F 272 -27.21 -40.51 -21.19
C TYR F 272 -26.92 -41.36 -19.95
N GLY F 273 -25.77 -42.01 -19.95
CA GLY F 273 -25.38 -42.81 -18.80
C GLY F 273 -25.20 -41.97 -17.56
N THR F 274 -25.51 -42.56 -16.41
CA THR F 274 -25.61 -41.83 -15.16
C THR F 274 -24.54 -42.28 -14.17
N GLN F 275 -24.12 -41.34 -13.33
CA GLN F 275 -23.29 -41.61 -12.14
C GLN F 275 -21.94 -42.21 -12.52
N TRP F 276 -21.09 -41.34 -13.08
CA TRP F 276 -19.68 -41.61 -13.29
C TRP F 276 -18.90 -40.66 -12.39
N HIS F 277 -18.29 -41.20 -11.34
CA HIS F 277 -17.60 -40.38 -10.35
C HIS F 277 -16.15 -40.84 -10.21
N PHE F 278 -15.29 -39.92 -9.81
CA PHE F 278 -13.85 -40.14 -9.76
C PHE F 278 -13.32 -39.65 -8.42
N PHE F 279 -12.93 -40.59 -7.55
CA PHE F 279 -12.39 -40.28 -6.24
C PHE F 279 -10.87 -40.36 -6.29
N ALA F 280 -10.21 -39.20 -6.14
CA ALA F 280 -8.75 -39.13 -6.03
C ALA F 280 -8.06 -39.70 -7.27
N CYS F 281 -8.64 -39.47 -8.44
CA CYS F 281 -8.06 -40.00 -9.67
C CYS F 281 -6.98 -39.04 -10.19
N ASP F 282 -6.18 -39.53 -11.13
CA ASP F 282 -5.04 -38.79 -11.67
C ASP F 282 -5.15 -38.80 -13.18
N LEU F 283 -5.47 -37.63 -13.76
CA LEU F 283 -5.59 -37.45 -15.20
C LEU F 283 -4.54 -36.43 -15.64
N GLU F 284 -3.37 -36.89 -16.07
CA GLU F 284 -2.29 -35.99 -16.39
C GLU F 284 -1.48 -36.49 -17.58
N GLN F 285 -0.76 -35.55 -18.20
CA GLN F 285 0.21 -35.83 -19.25
C GLN F 285 -0.43 -36.48 -20.49
N ASN F 286 -1.68 -36.14 -20.76
CA ASN F 286 -2.37 -36.66 -21.94
C ASN F 286 -2.16 -35.73 -23.12
N LEU F 287 -2.43 -36.25 -24.31
CA LEU F 287 -2.30 -35.52 -25.57
C LEU F 287 -3.56 -35.65 -26.39
N CYS F 288 -4.72 -35.61 -25.72
CA CYS F 288 -5.99 -35.76 -26.39
C CYS F 288 -6.26 -34.56 -27.31
N THR F 289 -6.94 -34.84 -28.43
CA THR F 289 -7.13 -33.83 -29.47
C THR F 289 -8.34 -32.94 -29.21
N GLU F 290 -9.37 -33.44 -28.52
CA GLU F 290 -10.59 -32.69 -28.29
C GLU F 290 -10.85 -32.44 -26.81
N ALA F 291 -10.96 -33.50 -26.00
CA ALA F 291 -11.19 -33.34 -24.57
C ALA F 291 -10.67 -34.57 -23.85
N LEU F 292 -10.59 -34.47 -22.52
CA LEU F 292 -10.24 -35.64 -21.72
C LEU F 292 -11.45 -36.55 -21.50
N ILE F 293 -12.63 -35.97 -21.31
CA ILE F 293 -13.86 -36.72 -21.11
C ILE F 293 -14.91 -36.13 -22.04
N LYS F 294 -15.30 -36.90 -23.04
CA LYS F 294 -16.36 -36.55 -23.98
C LYS F 294 -17.51 -37.52 -23.75
N CYS F 295 -18.64 -37.03 -23.24
CA CYS F 295 -19.72 -37.92 -22.83
C CYS F 295 -21.08 -37.30 -23.12
N THR F 296 -22.00 -38.13 -23.60
CA THR F 296 -23.43 -37.83 -23.66
C THR F 296 -24.04 -38.48 -22.42
N ALA F 297 -24.13 -37.71 -21.33
CA ALA F 297 -24.42 -38.26 -20.02
C ALA F 297 -25.59 -37.54 -19.37
N SER F 298 -26.14 -38.17 -18.34
CA SER F 298 -27.10 -37.58 -17.43
C SER F 298 -26.62 -37.80 -16.01
N SER F 299 -27.32 -37.18 -15.05
CA SER F 299 -26.96 -37.22 -13.63
C SER F 299 -25.65 -36.48 -13.39
N PRO F 300 -25.33 -36.11 -12.16
CA PRO F 300 -24.11 -35.33 -11.92
C PRO F 300 -22.84 -36.16 -12.16
N ILE F 301 -21.76 -35.43 -12.41
CA ILE F 301 -20.43 -36.00 -12.56
C ILE F 301 -19.52 -35.30 -11.57
N MSE F 302 -18.86 -36.06 -10.70
CA MSE F 302 -18.09 -35.47 -9.62
C MSE F 302 -16.64 -35.93 -9.56
O MSE F 302 -16.32 -37.06 -9.90
CB MSE F 302 -18.76 -35.76 -8.27
CG MSE F 302 -20.17 -35.18 -8.15
SE MSE F 302 -20.91 -35.42 -6.36
CE MSE F 302 -20.74 -37.36 -6.23
N PHE F 303 -15.77 -35.01 -9.14
CA PHE F 303 -14.36 -35.28 -8.91
C PHE F 303 -14.04 -34.89 -7.47
N VAL F 304 -13.86 -35.88 -6.60
CA VAL F 304 -13.60 -35.65 -5.19
C VAL F 304 -12.11 -35.90 -4.98
N GLY F 305 -11.31 -34.84 -5.08
CA GLY F 305 -9.88 -34.95 -4.96
C GLY F 305 -9.24 -35.55 -6.20
N GLY F 306 -7.96 -35.23 -6.39
CA GLY F 306 -7.19 -35.81 -7.46
C GLY F 306 -6.47 -34.74 -8.25
N TYR F 307 -6.00 -35.13 -9.44
CA TYR F 307 -5.21 -34.28 -10.30
C TYR F 307 -5.78 -34.26 -11.71
N ILE F 308 -5.82 -33.06 -12.30
CA ILE F 308 -6.07 -32.88 -13.72
C ILE F 308 -5.06 -31.85 -14.22
N GLU F 309 -3.92 -32.30 -14.73
CA GLU F 309 -2.83 -31.39 -15.03
C GLU F 309 -2.05 -31.88 -16.24
N ALA F 310 -1.09 -31.06 -16.68
CA ALA F 310 -0.11 -31.41 -17.71
C ALA F 310 -0.77 -31.83 -19.03
N ASN F 311 -1.91 -31.24 -19.35
CA ASN F 311 -2.57 -31.52 -20.63
C ASN F 311 -2.60 -30.28 -21.50
N THR F 312 -1.42 -29.78 -21.87
CA THR F 312 -1.31 -28.49 -22.53
C THR F 312 -1.91 -28.49 -23.93
N SER F 313 -2.00 -29.65 -24.58
CA SER F 313 -2.51 -29.74 -25.94
C SER F 313 -3.97 -30.16 -26.01
N THR F 314 -4.61 -30.42 -24.87
CA THR F 314 -5.99 -30.87 -24.85
C THR F 314 -6.92 -29.69 -24.68
N PRO F 315 -7.89 -29.47 -25.58
CA PRO F 315 -8.75 -28.29 -25.45
C PRO F 315 -9.57 -28.25 -24.18
N TYR F 316 -10.32 -29.31 -23.87
CA TYR F 316 -11.22 -29.31 -22.73
C TYR F 316 -10.90 -30.46 -21.79
N VAL F 317 -11.30 -30.28 -20.53
CA VAL F 317 -11.20 -31.37 -19.55
C VAL F 317 -12.41 -32.29 -19.66
N ILE F 318 -13.61 -31.72 -19.67
CA ILE F 318 -14.83 -32.49 -19.84
C ILE F 318 -15.75 -31.73 -20.79
N LYS F 319 -16.40 -32.48 -21.69
CA LYS F 319 -17.29 -31.91 -22.69
C LYS F 319 -18.57 -32.74 -22.70
N THR F 320 -19.68 -32.12 -22.27
CA THR F 320 -20.95 -32.80 -22.23
C THR F 320 -21.69 -32.63 -23.55
N LEU F 321 -22.44 -33.66 -23.93
CA LEU F 321 -23.18 -33.69 -25.19
C LEU F 321 -24.60 -34.16 -24.94
N GLY F 322 -25.41 -34.09 -25.99
CA GLY F 322 -26.76 -34.62 -25.98
C GLY F 322 -27.81 -33.53 -26.13
N ASN F 323 -29.05 -33.93 -25.87
CA ASN F 323 -30.21 -33.04 -25.94
C ASN F 323 -30.82 -32.95 -24.55
N SER F 324 -30.93 -31.72 -24.03
CA SER F 324 -31.41 -31.53 -22.66
C SER F 324 -32.86 -31.96 -22.50
N ALA F 325 -33.63 -32.04 -23.57
CA ALA F 325 -35.01 -32.49 -23.47
C ALA F 325 -35.09 -33.96 -23.06
N THR F 326 -34.14 -34.78 -23.52
CA THR F 326 -34.12 -36.19 -23.12
C THR F 326 -33.45 -36.36 -21.75
N GLY F 327 -32.33 -35.69 -21.55
CA GLY F 327 -31.61 -35.78 -20.29
C GLY F 327 -30.38 -34.90 -20.35
N PHE F 328 -29.85 -34.59 -19.17
CA PHE F 328 -28.70 -33.71 -19.08
C PHE F 328 -27.98 -33.93 -17.77
N VAL F 329 -26.75 -33.45 -17.71
CA VAL F 329 -25.98 -33.40 -16.47
C VAL F 329 -26.38 -32.13 -15.73
N PRO F 330 -26.86 -32.22 -14.50
CA PRO F 330 -27.23 -31.00 -13.76
C PRO F 330 -26.02 -30.29 -13.18
N LEU F 331 -25.01 -31.05 -12.78
CA LEU F 331 -23.87 -30.50 -12.06
C LEU F 331 -22.61 -31.29 -12.38
N ILE F 332 -21.52 -30.56 -12.62
CA ILE F 332 -20.18 -31.14 -12.69
C ILE F 332 -19.36 -30.48 -11.59
N LYS F 333 -19.02 -31.25 -10.55
CA LYS F 333 -18.34 -30.73 -9.37
C LYS F 333 -16.88 -31.15 -9.39
N PHE F 334 -15.99 -30.18 -9.26
CA PHE F 334 -14.56 -30.40 -9.07
C PHE F 334 -14.26 -30.07 -7.61
N GLN F 335 -14.33 -31.08 -6.75
CA GLN F 335 -14.18 -30.88 -5.31
C GLN F 335 -12.73 -31.12 -4.94
N GLY F 336 -11.98 -30.02 -4.77
CA GLY F 336 -10.61 -30.09 -4.32
C GLY F 336 -9.65 -30.78 -5.28
N ILE F 337 -9.63 -30.32 -6.52
CA ILE F 337 -8.81 -30.94 -7.57
C ILE F 337 -7.57 -30.07 -7.79
N HIS F 338 -6.41 -30.70 -7.87
CA HIS F 338 -5.18 -30.02 -8.23
C HIS F 338 -5.09 -29.93 -9.74
N MSE F 339 -5.26 -28.73 -10.28
CA MSE F 339 -5.33 -28.57 -11.73
C MSE F 339 -4.27 -27.60 -12.26
O MSE F 339 -4.57 -26.43 -12.51
CB MSE F 339 -6.73 -28.10 -12.14
CG MSE F 339 -7.83 -29.02 -11.64
SE MSE F 339 -9.62 -28.55 -12.25
CE MSE F 339 -9.78 -26.81 -11.41
N ASN F 340 -3.05 -28.09 -12.42
CA ASN F 340 -1.94 -27.29 -12.92
C ASN F 340 -1.89 -27.45 -14.44
N ARG F 341 -2.47 -26.49 -15.16
CA ARG F 341 -2.59 -26.48 -16.60
C ARG F 341 -3.39 -27.70 -17.04
N PRO F 342 -4.69 -27.75 -16.72
CA PRO F 342 -5.50 -28.95 -17.03
C PRO F 342 -5.87 -29.09 -18.48
N CYS F 343 -5.87 -28.01 -19.26
CA CYS F 343 -6.29 -28.07 -20.66
C CYS F 343 -5.80 -26.80 -21.34
N SER F 344 -6.26 -26.57 -22.57
CA SER F 344 -5.78 -25.45 -23.38
C SER F 344 -6.85 -24.44 -23.75
N VAL F 345 -8.14 -24.80 -23.72
CA VAL F 345 -9.19 -23.87 -24.10
C VAL F 345 -10.09 -23.54 -22.91
N ALA F 346 -10.72 -24.57 -22.33
CA ALA F 346 -11.61 -24.36 -21.20
C ALA F 346 -11.76 -25.68 -20.44
N ILE F 347 -11.82 -25.60 -19.12
CA ILE F 347 -11.99 -26.81 -18.31
C ILE F 347 -13.33 -27.47 -18.62
N GLY F 348 -14.41 -26.71 -18.52
CA GLY F 348 -15.73 -27.23 -18.82
C GLY F 348 -16.31 -26.70 -20.12
N LYS F 349 -16.65 -27.59 -21.04
CA LYS F 349 -17.25 -27.22 -22.31
C LYS F 349 -18.68 -27.73 -22.34
N ASN F 350 -19.64 -26.82 -22.56
CA ASN F 350 -21.04 -27.17 -22.64
C ASN F 350 -21.50 -27.15 -24.10
N THR F 351 -22.31 -28.13 -24.46
CA THR F 351 -22.94 -28.18 -25.78
C THR F 351 -24.41 -27.79 -25.75
N MSE F 352 -25.12 -28.15 -24.69
CA MSE F 352 -26.51 -27.74 -24.51
C MSE F 352 -26.59 -26.45 -23.70
O MSE F 352 -25.63 -26.08 -23.01
CB MSE F 352 -27.31 -28.86 -23.83
CG MSE F 352 -26.57 -29.50 -22.68
SE MSE F 352 -27.35 -31.19 -22.12
CE MSE F 352 -25.96 -31.73 -20.85
N ALA F 353 -27.72 -25.77 -23.77
CA ALA F 353 -27.87 -24.50 -23.08
C ALA F 353 -28.06 -24.72 -21.58
N ASN F 354 -27.53 -23.78 -20.80
CA ASN F 354 -27.75 -23.67 -19.36
C ASN F 354 -27.10 -24.79 -18.55
N TYR F 355 -27.10 -26.02 -19.07
CA TYR F 355 -26.61 -27.16 -18.32
C TYR F 355 -25.39 -27.78 -18.99
N PRO F 356 -24.45 -28.33 -18.21
CA PRO F 356 -24.48 -28.41 -16.74
C PRO F 356 -23.98 -27.17 -16.03
N LYS F 357 -24.32 -27.05 -14.75
CA LYS F 357 -23.69 -26.06 -13.88
C LYS F 357 -22.41 -26.66 -13.29
N TYR F 358 -21.54 -25.78 -12.80
CA TYR F 358 -20.24 -26.18 -12.31
C TYR F 358 -20.02 -25.70 -10.89
N ILE F 359 -19.36 -26.54 -10.10
CA ILE F 359 -18.90 -26.18 -8.75
C ILE F 359 -17.40 -26.44 -8.69
N PHE F 360 -16.64 -25.40 -8.38
CA PHE F 360 -15.20 -25.50 -8.16
C PHE F 360 -14.96 -25.18 -6.69
N GLU F 361 -14.71 -26.23 -5.90
CA GLU F 361 -14.62 -26.12 -4.44
C GLU F 361 -13.19 -26.42 -4.02
N GLY F 362 -12.45 -25.37 -3.68
CA GLY F 362 -11.10 -25.53 -3.16
C GLY F 362 -10.07 -25.99 -4.16
N CYS F 363 -10.32 -25.82 -5.46
CA CYS F 363 -9.35 -26.24 -6.46
C CYS F 363 -8.09 -25.39 -6.41
N TYR F 364 -7.00 -25.95 -6.92
CA TYR F 364 -5.68 -25.35 -6.81
C TYR F 364 -4.87 -25.69 -8.05
N GLY F 365 -4.32 -24.67 -8.71
CA GLY F 365 -3.48 -24.92 -9.86
C GLY F 365 -3.28 -23.67 -10.68
N GLN F 366 -2.79 -23.89 -11.91
CA GLN F 366 -2.45 -22.84 -12.85
C GLN F 366 -3.22 -23.06 -14.14
N LEU F 367 -3.73 -21.99 -14.72
CA LEU F 367 -4.60 -22.06 -15.90
C LEU F 367 -3.91 -21.45 -17.11
N ILE F 368 -3.90 -22.19 -18.21
CA ILE F 368 -3.61 -21.64 -19.53
C ILE F 368 -4.86 -21.61 -20.39
N SER F 369 -6.03 -21.65 -19.74
CA SER F 369 -7.31 -21.77 -20.43
C SER F 369 -8.36 -21.01 -19.63
N ALA F 370 -9.59 -21.05 -20.12
CA ALA F 370 -10.72 -20.53 -19.37
C ALA F 370 -11.25 -21.59 -18.40
N VAL F 371 -12.18 -21.17 -17.54
CA VAL F 371 -12.76 -22.10 -16.58
C VAL F 371 -13.87 -22.90 -17.22
N VAL F 372 -14.81 -22.22 -17.89
CA VAL F 372 -15.92 -22.88 -18.57
C VAL F 372 -16.13 -22.22 -19.93
N GLU F 373 -16.87 -22.91 -20.79
CA GLU F 373 -17.29 -22.37 -22.08
C GLU F 373 -18.71 -22.83 -22.35
N SER F 374 -19.60 -21.88 -22.59
CA SER F 374 -21.02 -22.16 -22.79
C SER F 374 -21.27 -22.77 -24.16
N SER F 375 -22.53 -23.15 -24.39
CA SER F 375 -22.93 -23.70 -25.68
C SER F 375 -22.78 -22.68 -26.80
N THR F 376 -22.81 -21.39 -26.48
CA THR F 376 -22.64 -20.32 -27.46
C THR F 376 -21.21 -19.83 -27.55
N GLY F 377 -20.28 -20.48 -26.87
CA GLY F 377 -18.88 -20.13 -26.93
C GLY F 377 -18.42 -19.10 -25.93
N VAL F 378 -19.28 -18.68 -25.01
CA VAL F 378 -18.94 -17.64 -24.04
C VAL F 378 -18.02 -18.24 -22.99
N LEU F 379 -16.80 -17.70 -22.88
CA LEU F 379 -15.85 -18.17 -21.89
C LEU F 379 -16.18 -17.60 -20.51
N ASN F 380 -16.06 -18.46 -19.49
CA ASN F 380 -16.24 -18.07 -18.09
C ASN F 380 -17.62 -17.48 -17.84
N ASP F 381 -18.65 -18.09 -18.43
CA ASP F 381 -20.02 -17.68 -18.23
C ASP F 381 -20.41 -17.93 -16.77
N VAL F 382 -20.59 -16.85 -16.00
CA VAL F 382 -20.91 -16.99 -14.59
C VAL F 382 -22.30 -17.61 -14.38
N ALA F 383 -23.17 -17.54 -15.40
CA ALA F 383 -24.46 -18.20 -15.30
C ALA F 383 -24.35 -19.72 -15.20
N LEU F 384 -23.20 -20.28 -15.57
CA LEU F 384 -22.95 -21.71 -15.47
C LEU F 384 -22.23 -22.09 -14.18
N ILE F 385 -21.86 -21.12 -13.35
CA ILE F 385 -21.12 -21.37 -12.12
C ILE F 385 -22.13 -21.46 -10.99
N GLU F 386 -22.39 -22.69 -10.53
CA GLU F 386 -23.28 -22.88 -9.39
C GLU F 386 -22.60 -22.44 -8.09
N ASN F 387 -21.29 -22.62 -7.98
CA ASN F 387 -20.52 -22.17 -6.83
C ASN F 387 -19.04 -22.22 -7.18
N SER F 388 -18.30 -21.25 -6.64
CA SER F 388 -16.85 -21.17 -6.85
C SER F 388 -16.26 -20.55 -5.59
N ILE F 389 -15.76 -21.39 -4.69
CA ILE F 389 -15.30 -20.96 -3.38
C ILE F 389 -13.91 -21.52 -3.11
N ALA F 390 -13.06 -20.69 -2.50
CA ALA F 390 -11.73 -21.09 -2.01
C ALA F 390 -10.86 -21.66 -3.12
N ASN F 391 -11.08 -21.22 -4.35
CA ASN F 391 -10.26 -21.63 -5.47
C ASN F 391 -9.05 -20.70 -5.62
N HIS F 392 -7.91 -21.28 -5.98
CA HIS F 392 -6.71 -20.51 -6.29
C HIS F 392 -6.26 -20.88 -7.70
N PHE F 393 -6.24 -19.89 -8.59
CA PHE F 393 -5.86 -20.11 -9.99
C PHE F 393 -4.83 -19.07 -10.39
N THR F 394 -3.66 -19.52 -10.83
CA THR F 394 -2.67 -18.66 -11.43
C THR F 394 -2.87 -18.63 -12.93
N LEU F 395 -2.81 -17.43 -13.51
CA LEU F 395 -3.08 -17.22 -14.92
C LEU F 395 -1.76 -17.18 -15.69
N ALA F 396 -1.56 -18.14 -16.59
CA ALA F 396 -0.45 -18.12 -17.52
C ALA F 396 -0.94 -17.64 -18.88
N THR F 397 -0.10 -17.74 -19.90
CA THR F 397 -0.46 -17.27 -21.22
C THR F 397 -1.66 -18.06 -21.74
N GLY F 398 -2.74 -17.35 -22.04
CA GLY F 398 -3.99 -17.96 -22.47
C GLY F 398 -4.98 -18.25 -21.36
N GLY F 399 -4.59 -18.07 -20.10
CA GLY F 399 -5.50 -18.32 -19.01
C GLY F 399 -6.44 -17.15 -18.76
N SER F 400 -7.64 -17.48 -18.27
CA SER F 400 -8.67 -16.47 -18.04
C SER F 400 -9.68 -17.01 -17.04
N ILE F 401 -10.18 -16.13 -16.19
CA ILE F 401 -11.24 -16.48 -15.25
C ILE F 401 -12.49 -15.63 -15.41
N GLY F 402 -12.42 -14.50 -16.11
CA GLY F 402 -13.60 -13.67 -16.30
C GLY F 402 -14.06 -13.09 -14.97
N ASP F 403 -15.36 -13.19 -14.71
CA ASP F 403 -15.94 -12.68 -13.47
C ASP F 403 -16.06 -13.77 -12.41
N ILE F 404 -15.42 -14.92 -12.59
CA ILE F 404 -15.47 -15.99 -11.61
C ILE F 404 -14.51 -15.65 -10.47
N ARG F 405 -14.97 -15.87 -9.24
CA ARG F 405 -14.19 -15.46 -8.08
C ARG F 405 -13.07 -16.44 -7.78
N THR F 406 -11.92 -15.90 -7.40
CA THR F 406 -10.77 -16.67 -6.97
C THR F 406 -10.24 -16.05 -5.68
N LEU F 407 -9.32 -16.76 -5.02
CA LEU F 407 -8.74 -16.22 -3.78
C LEU F 407 -7.92 -14.98 -4.06
N THR F 408 -7.24 -14.93 -5.20
CA THR F 408 -6.49 -13.74 -5.61
C THR F 408 -7.34 -12.77 -6.42
N MSE F 409 -8.53 -13.20 -6.85
CA MSE F 409 -9.46 -12.32 -7.55
C MSE F 409 -10.78 -12.26 -6.79
O MSE F 409 -11.78 -12.86 -7.21
CB MSE F 409 -9.69 -12.82 -8.98
CG MSE F 409 -10.31 -11.79 -9.91
SE MSE F 409 -9.09 -10.34 -10.33
CE MSE F 409 -7.58 -11.40 -10.98
N PRO F 410 -10.81 -11.55 -5.66
CA PRO F 410 -12.02 -11.56 -4.82
C PRO F 410 -13.16 -10.74 -5.39
N SER F 411 -12.90 -9.86 -6.35
CA SER F 411 -13.96 -9.03 -6.92
C SER F 411 -14.95 -9.84 -7.75
N GLY F 412 -14.59 -11.07 -8.13
CA GLY F 412 -15.48 -11.90 -8.91
C GLY F 412 -16.63 -12.44 -8.08
N PHE F 413 -17.49 -13.21 -8.75
CA PHE F 413 -18.69 -13.76 -8.13
C PHE F 413 -18.46 -15.22 -7.77
N ASN F 414 -18.93 -15.59 -6.57
CA ASN F 414 -18.87 -16.99 -6.15
C ASN F 414 -19.87 -17.84 -6.91
N ALA F 415 -21.02 -17.26 -7.28
CA ALA F 415 -22.07 -17.99 -7.98
C ALA F 415 -22.92 -17.00 -8.75
N ASP F 416 -23.80 -17.54 -9.60
CA ASP F 416 -24.68 -16.69 -10.38
C ASP F 416 -25.80 -16.11 -9.53
N SER F 417 -26.47 -16.96 -8.74
CA SER F 417 -27.62 -16.51 -7.98
C SER F 417 -27.82 -17.37 -6.75
N ARG F 418 -28.38 -16.77 -5.71
CA ARG F 418 -28.79 -17.47 -4.49
C ARG F 418 -30.05 -16.81 -3.96
N ASN F 419 -31.00 -17.63 -3.49
CA ASN F 419 -32.24 -17.13 -2.91
C ASN F 419 -32.36 -17.65 -1.49
N PHE F 420 -32.49 -16.74 -0.53
CA PHE F 420 -32.65 -17.09 0.87
C PHE F 420 -33.92 -16.45 1.42
N GLN F 421 -34.53 -17.13 2.40
CA GLN F 421 -35.67 -16.54 3.10
C GLN F 421 -35.25 -15.48 4.11
N ALA F 422 -34.00 -15.50 4.55
CA ALA F 422 -33.49 -14.52 5.49
C ALA F 422 -31.97 -14.43 5.33
N ALA F 423 -31.42 -13.28 5.69
CA ALA F 423 -29.98 -13.08 5.59
C ALA F 423 -29.59 -11.85 6.39
N LYS F 424 -28.45 -11.95 7.09
CA LYS F 424 -27.85 -10.82 7.79
C LYS F 424 -26.47 -10.59 7.19
N ILE F 425 -26.31 -9.49 6.45
CA ILE F 425 -25.06 -9.13 5.80
C ILE F 425 -24.58 -7.82 6.40
N THR F 426 -23.39 -7.84 7.00
CA THR F 426 -22.89 -6.65 7.68
C THR F 426 -22.59 -5.53 6.69
N ASN F 427 -21.81 -5.83 5.65
CA ASN F 427 -21.42 -4.84 4.64
C ASN F 427 -21.90 -5.32 3.28
N LEU F 428 -23.00 -4.74 2.81
CA LEU F 428 -23.62 -5.12 1.54
C LEU F 428 -23.36 -4.06 0.49
N THR F 429 -22.96 -4.50 -0.70
CA THR F 429 -22.75 -3.62 -1.84
C THR F 429 -23.71 -4.04 -2.93
N SER F 430 -24.79 -3.28 -3.11
CA SER F 430 -25.81 -3.61 -4.11
C SER F 430 -26.47 -2.31 -4.55
N TYR F 431 -26.19 -1.89 -5.78
CA TYR F 431 -26.77 -0.65 -6.29
C TYR F 431 -28.05 -0.87 -7.07
N LYS F 432 -28.18 -2.01 -7.75
CA LYS F 432 -29.44 -2.36 -8.39
C LYS F 432 -30.30 -3.21 -7.45
N HIS F 433 -30.62 -2.61 -6.31
CA HIS F 433 -31.44 -3.21 -5.28
C HIS F 433 -32.87 -2.75 -5.44
N ASN F 434 -33.79 -3.70 -5.61
CA ASN F 434 -35.20 -3.40 -5.90
C ASN F 434 -35.31 -2.45 -7.10
N TYR F 435 -34.58 -2.80 -8.16
CA TYR F 435 -34.33 -1.92 -9.28
C TYR F 435 -35.13 -2.38 -10.49
N LYS F 436 -35.67 -1.41 -11.23
CA LYS F 436 -36.35 -1.70 -12.48
C LYS F 436 -36.02 -0.62 -13.50
N LYS F 437 -35.78 -1.04 -14.73
CA LYS F 437 -35.46 -0.14 -15.83
C LYS F 437 -36.54 -0.25 -16.89
N THR F 438 -37.03 0.89 -17.35
CA THR F 438 -38.00 0.96 -18.43
C THR F 438 -37.45 1.87 -19.51
N ILE F 439 -37.39 1.36 -20.74
CA ILE F 439 -36.80 2.12 -21.84
C ILE F 439 -37.92 2.50 -22.79
N ASN F 440 -37.58 3.26 -23.84
CA ASN F 440 -38.51 3.65 -24.88
C ASN F 440 -39.70 4.44 -24.32
N ARG F 441 -39.44 5.28 -23.32
CA ARG F 441 -40.47 6.18 -22.83
C ARG F 441 -40.47 7.40 -23.73
N ASP F 442 -41.31 7.36 -24.76
CA ASP F 442 -41.34 8.35 -25.81
C ASP F 442 -42.40 9.40 -25.51
N PHE F 443 -42.00 10.67 -25.48
CA PHE F 443 -42.88 11.76 -25.10
C PHE F 443 -43.02 12.77 -26.23
N THR F 444 -44.20 13.40 -26.27
CA THR F 444 -44.41 14.67 -26.94
C THR F 444 -44.63 15.73 -25.87
N VAL F 445 -44.74 16.99 -26.31
CA VAL F 445 -44.87 18.11 -25.37
C VAL F 445 -46.09 17.91 -24.50
N GLY F 446 -45.87 17.69 -23.20
CA GLY F 446 -46.95 17.55 -22.24
C GLY F 446 -47.61 16.20 -22.18
N SER F 447 -47.08 15.19 -22.89
CA SER F 447 -47.71 13.89 -22.94
C SER F 447 -47.40 13.08 -21.69
N SER F 448 -48.19 12.03 -21.47
CA SER F 448 -48.06 11.16 -20.31
C SER F 448 -47.76 9.75 -20.78
N VAL F 449 -46.78 9.11 -20.14
CA VAL F 449 -46.37 7.75 -20.47
C VAL F 449 -46.19 6.97 -19.17
N GLY F 450 -46.73 5.76 -19.12
CA GLY F 450 -46.55 4.92 -17.96
C GLY F 450 -45.12 4.41 -17.88
N VAL F 451 -44.60 4.34 -16.66
CA VAL F 451 -43.23 3.94 -16.40
C VAL F 451 -43.16 2.55 -15.78
N ALA F 452 -43.97 2.29 -14.76
CA ALA F 452 -43.95 1.00 -14.09
C ALA F 452 -45.28 0.78 -13.39
N SER F 453 -45.54 -0.49 -13.07
CA SER F 453 -46.73 -0.87 -12.32
C SER F 453 -46.37 -1.04 -10.84
N LEU F 454 -47.23 -0.53 -9.97
CA LEU F 454 -47.02 -0.57 -8.53
C LEU F 454 -47.92 -1.62 -7.91
N SER F 455 -47.38 -2.33 -6.91
CA SER F 455 -48.14 -3.35 -6.21
C SER F 455 -47.43 -3.69 -4.91
N HIS F 456 -48.16 -4.31 -4.01
CA HIS F 456 -47.58 -4.80 -2.76
C HIS F 456 -46.70 -6.01 -3.06
N PRO F 457 -45.49 -6.07 -2.51
CA PRO F 457 -44.57 -7.17 -2.89
C PRO F 457 -44.84 -8.48 -2.18
N SER F 458 -45.59 -8.49 -1.08
CA SER F 458 -45.86 -9.70 -0.31
C SER F 458 -47.31 -10.15 -0.38
N ILE F 459 -48.25 -9.21 -0.37
CA ILE F 459 -49.68 -9.52 -0.34
C ILE F 459 -50.26 -9.13 -1.69
N SER F 460 -50.89 -10.09 -2.36
CA SER F 460 -51.39 -9.86 -3.71
C SER F 460 -52.60 -8.93 -3.68
N GLY F 461 -52.54 -7.87 -4.49
CA GLY F 461 -53.65 -6.94 -4.60
C GLY F 461 -53.88 -6.05 -3.40
N ALA F 462 -52.99 -6.09 -2.41
CA ALA F 462 -53.17 -5.29 -1.21
C ALA F 462 -52.74 -3.85 -1.44
N SER F 463 -53.09 -2.99 -0.48
CA SER F 463 -52.67 -1.60 -0.53
C SER F 463 -51.16 -1.49 -0.37
N TYR F 464 -50.50 -0.93 -1.37
CA TYR F 464 -49.06 -0.74 -1.31
C TYR F 464 -48.73 0.60 -0.65
N GLY F 465 -47.46 0.77 -0.32
CA GLY F 465 -46.99 1.97 0.32
C GLY F 465 -45.48 1.98 0.51
N GLY F 466 -44.80 2.91 -0.13
CA GLY F 466 -43.36 2.96 -0.02
C GLY F 466 -42.78 4.16 -0.72
N ARG F 467 -41.48 4.09 -0.97
CA ARG F 467 -40.73 5.19 -1.58
C ARG F 467 -40.18 4.76 -2.94
N LEU F 468 -40.09 5.71 -3.86
CA LEU F 468 -39.58 5.47 -5.20
C LEU F 468 -38.48 6.48 -5.51
N LEU F 469 -37.33 5.99 -5.95
CA LEU F 469 -36.24 6.83 -6.44
C LEU F 469 -36.15 6.61 -7.94
N VAL F 470 -36.45 7.66 -8.70
CA VAL F 470 -36.49 7.59 -10.16
C VAL F 470 -35.36 8.44 -10.72
N ASN F 471 -34.55 7.82 -11.59
CA ASN F 471 -33.50 8.52 -12.32
C ASN F 471 -33.90 8.49 -13.80
N ALA F 472 -34.35 9.64 -14.30
CA ALA F 472 -34.75 9.77 -15.69
C ALA F 472 -33.61 10.38 -16.50
N ILE F 473 -33.36 9.80 -17.67
CA ILE F 473 -32.31 10.26 -18.56
C ILE F 473 -32.87 10.38 -19.97
N PHE F 474 -32.16 11.14 -20.80
CA PHE F 474 -32.50 11.26 -22.21
C PHE F 474 -31.85 10.11 -22.97
N GLY F 475 -32.64 9.40 -23.78
CA GLY F 475 -32.13 8.25 -24.49
C GLY F 475 -32.44 6.94 -23.79
N THR F 476 -31.53 5.97 -23.90
CA THR F 476 -31.73 4.64 -23.34
C THR F 476 -30.74 4.31 -22.24
N THR F 477 -29.45 4.50 -22.49
CA THR F 477 -28.40 4.16 -21.53
C THR F 477 -27.55 5.39 -21.25
N ALA F 478 -27.30 5.64 -19.97
CA ALA F 478 -26.55 6.82 -19.57
C ALA F 478 -25.10 6.75 -20.02
N ALA F 479 -24.55 7.91 -20.35
CA ALA F 479 -23.15 8.04 -20.75
C ALA F 479 -22.64 9.39 -20.25
N ALA F 480 -21.44 9.76 -20.66
CA ALA F 480 -20.89 11.04 -20.28
C ALA F 480 -21.68 12.17 -20.92
N GLY F 481 -22.15 13.11 -20.11
CA GLY F 481 -22.92 14.23 -20.61
C GLY F 481 -24.38 13.97 -20.87
N THR F 482 -24.92 12.84 -20.39
CA THR F 482 -26.32 12.53 -20.61
C THR F 482 -27.18 13.38 -19.69
N ASN F 483 -28.21 14.02 -20.25
CA ASN F 483 -29.15 14.79 -19.45
C ASN F 483 -29.84 13.88 -18.45
N SER F 484 -29.78 14.25 -17.18
CA SER F 484 -30.25 13.40 -16.10
C SER F 484 -31.11 14.21 -15.13
N ALA F 485 -32.03 13.51 -14.47
CA ALA F 485 -32.88 14.11 -13.46
C ALA F 485 -33.27 13.01 -12.47
N VAL F 486 -33.34 13.38 -11.20
CA VAL F 486 -33.65 12.45 -10.12
C VAL F 486 -34.92 12.92 -9.43
N TYR F 487 -35.78 11.97 -9.06
CA TYR F 487 -37.05 12.26 -8.40
C TYR F 487 -37.24 11.33 -7.21
N GLU F 488 -37.75 11.90 -6.12
CA GLU F 488 -38.03 11.17 -4.89
C GLU F 488 -39.54 11.18 -4.66
N LEU F 489 -40.15 10.01 -4.68
CA LEU F 489 -41.60 9.89 -4.64
C LEU F 489 -42.06 8.99 -3.50
N LEU F 490 -43.07 9.45 -2.77
CA LEU F 490 -43.78 8.61 -1.81
C LEU F 490 -45.11 8.19 -2.42
N VAL F 491 -45.39 6.88 -2.41
CA VAL F 491 -46.58 6.34 -3.03
C VAL F 491 -47.31 5.44 -2.06
N THR F 492 -48.63 5.42 -2.18
CA THR F 492 -49.51 4.52 -1.44
C THR F 492 -50.88 4.57 -2.10
N SER F 493 -51.70 3.56 -1.82
CA SER F 493 -53.01 3.45 -2.44
C SER F 493 -54.04 2.99 -1.41
N VAL F 494 -55.28 3.43 -1.61
CA VAL F 494 -56.42 2.96 -0.82
C VAL F 494 -57.56 2.68 -1.78
N GLY F 495 -57.65 1.44 -2.26
CA GLY F 495 -58.69 1.12 -3.23
C GLY F 495 -58.41 1.84 -4.54
N THR F 496 -59.43 2.52 -5.06
CA THR F 496 -59.26 3.29 -6.28
C THR F 496 -58.49 4.58 -6.06
N ALA F 497 -58.30 4.98 -4.80
CA ALA F 497 -57.60 6.22 -4.50
C ALA F 497 -56.09 6.00 -4.54
N LYS F 498 -55.39 6.80 -5.33
CA LYS F 498 -53.95 6.72 -5.48
C LYS F 498 -53.32 7.97 -4.86
N TYR F 499 -52.28 7.77 -4.05
CA TYR F 499 -51.63 8.87 -3.34
C TYR F 499 -50.15 8.88 -3.70
N ILE F 500 -49.69 9.99 -4.27
CA ILE F 500 -48.29 10.17 -4.62
C ILE F 500 -47.85 11.57 -4.20
N SER F 501 -46.66 11.67 -3.63
CA SER F 501 -46.11 12.93 -3.14
C SER F 501 -44.65 13.01 -3.51
N GLN F 502 -44.28 14.03 -4.28
CA GLN F 502 -42.89 14.21 -4.69
C GLN F 502 -42.10 14.83 -3.55
N ILE F 503 -41.27 14.02 -2.89
CA ILE F 503 -40.49 14.51 -1.77
C ILE F 503 -39.44 15.51 -2.23
N GLY F 504 -38.84 15.28 -3.39
CA GLY F 504 -37.82 16.19 -3.88
C GLY F 504 -37.38 15.79 -5.27
N SER F 505 -36.46 16.60 -5.81
CA SER F 505 -35.95 16.38 -7.16
C SER F 505 -34.64 17.12 -7.32
N ALA F 506 -33.90 16.74 -8.36
CA ALA F 506 -32.63 17.39 -8.69
C ALA F 506 -32.33 17.13 -10.16
N GLY F 507 -31.63 18.08 -10.78
CA GLY F 507 -31.26 17.97 -12.18
C GLY F 507 -32.17 18.77 -13.08
N LEU F 508 -32.20 18.36 -14.35
CA LEU F 508 -32.96 19.04 -15.40
C LEU F 508 -34.43 18.63 -15.26
N THR F 509 -35.14 19.34 -14.39
CA THR F 509 -36.51 18.99 -14.02
C THR F 509 -37.54 19.98 -14.52
N SER F 510 -37.14 20.97 -15.32
CA SER F 510 -38.06 22.03 -15.73
C SER F 510 -38.39 22.04 -17.22
N GLY F 511 -37.67 21.27 -18.03
CA GLY F 511 -38.00 21.21 -19.45
C GLY F 511 -37.60 22.42 -20.25
N ALA F 512 -36.49 23.09 -19.88
CA ALA F 512 -36.03 24.24 -20.65
C ALA F 512 -35.66 23.86 -22.07
N ALA F 513 -35.29 22.60 -22.30
CA ALA F 513 -35.01 22.08 -23.62
C ALA F 513 -35.74 20.76 -23.80
N ALA F 514 -35.82 20.32 -25.06
CA ALA F 514 -36.57 19.11 -25.36
C ALA F 514 -35.90 17.86 -24.78
N SER F 515 -34.58 17.83 -24.76
CA SER F 515 -33.83 16.66 -24.31
C SER F 515 -33.72 16.56 -22.78
N HIS F 516 -34.39 17.43 -22.04
CA HIS F 516 -34.28 17.39 -20.59
C HIS F 516 -35.30 16.41 -20.01
N PRO F 517 -34.90 15.52 -19.10
CA PRO F 517 -35.82 14.54 -18.49
C PRO F 517 -36.67 15.15 -17.38
N SER F 518 -37.57 16.05 -17.77
CA SER F 518 -38.39 16.81 -16.83
C SER F 518 -39.79 16.23 -16.79
N PHE F 519 -40.22 15.77 -15.61
CA PHE F 519 -41.50 15.08 -15.51
C PHE F 519 -42.16 15.36 -14.16
N THR F 520 -43.50 15.38 -14.18
CA THR F 520 -44.32 15.36 -12.99
C THR F 520 -44.98 13.99 -12.89
N TRP F 521 -45.09 13.47 -11.67
CA TRP F 521 -45.43 12.07 -11.45
C TRP F 521 -46.82 11.89 -10.87
N SER F 522 -47.53 10.87 -11.36
CA SER F 522 -48.88 10.56 -10.93
C SER F 522 -49.07 9.05 -10.98
N ILE F 523 -50.23 8.60 -10.49
CA ILE F 523 -50.61 7.18 -10.50
C ILE F 523 -52.03 7.09 -11.02
N ASN F 524 -52.24 6.30 -12.08
CA ASN F 524 -53.55 6.18 -12.69
C ASN F 524 -54.37 5.08 -11.99
N SER F 525 -55.54 4.77 -12.55
CA SER F 525 -56.41 3.77 -11.95
C SER F 525 -55.85 2.36 -12.06
N SER F 526 -54.92 2.12 -12.99
CA SER F 526 -54.29 0.82 -13.15
C SER F 526 -53.05 0.67 -12.29
N ASN F 527 -52.87 1.53 -11.28
CA ASN F 527 -51.71 1.50 -10.39
C ASN F 527 -50.39 1.61 -11.14
N VAL F 528 -50.40 2.38 -12.23
CA VAL F 528 -49.21 2.59 -13.05
C VAL F 528 -48.62 3.95 -12.70
N LEU F 529 -47.31 3.98 -12.45
CA LEU F 529 -46.58 5.23 -12.25
C LEU F 529 -46.46 5.95 -13.58
N VAL F 530 -47.13 7.10 -13.70
CA VAL F 530 -47.20 7.83 -14.97
C VAL F 530 -46.30 9.06 -14.88
N ALA F 531 -45.55 9.29 -15.95
CA ALA F 531 -44.69 10.46 -16.07
C ALA F 531 -45.27 11.39 -17.12
N THR F 532 -45.37 12.67 -16.79
CA THR F 532 -45.88 13.70 -17.70
C THR F 532 -44.77 14.67 -18.04
N ALA F 533 -44.54 14.86 -19.34
CA ALA F 533 -43.45 15.74 -19.77
C ALA F 533 -43.72 17.18 -19.34
N VAL F 534 -42.65 17.87 -18.95
CA VAL F 534 -42.72 19.22 -18.40
C VAL F 534 -42.05 20.18 -19.38
N GLY F 535 -42.71 21.29 -19.67
CA GLY F 535 -42.09 22.31 -20.50
C GLY F 535 -41.95 21.83 -21.94
N SER F 536 -40.73 21.91 -22.45
CA SER F 536 -40.43 21.51 -23.82
C SER F 536 -40.02 20.06 -23.94
N THR F 537 -40.09 19.29 -22.86
CA THR F 537 -39.59 17.92 -22.86
C THR F 537 -40.33 17.07 -23.89
N ALA F 538 -39.56 16.43 -24.77
CA ALA F 538 -40.09 15.55 -25.80
C ALA F 538 -38.96 14.70 -26.35
N GLY F 539 -39.27 13.44 -26.64
CA GLY F 539 -38.31 12.52 -27.21
C GLY F 539 -38.31 11.20 -26.45
N ARG F 540 -37.24 10.43 -26.65
CA ARG F 540 -37.10 9.12 -26.03
C ARG F 540 -36.29 9.23 -24.75
N PHE F 541 -36.85 8.71 -23.66
CA PHE F 541 -36.23 8.75 -22.35
C PHE F 541 -36.25 7.35 -21.76
N ALA F 542 -35.53 7.18 -20.64
CA ALA F 542 -35.46 5.91 -19.94
C ALA F 542 -35.43 6.17 -18.44
N MSE F 543 -36.26 5.44 -17.70
CA MSE F 543 -36.35 5.61 -16.26
C MSE F 543 -35.78 4.39 -15.54
O MSE F 543 -35.98 3.25 -15.95
CB MSE F 543 -37.79 5.83 -15.82
CG MSE F 543 -38.31 7.25 -15.99
SE MSE F 543 -38.42 7.84 -17.84
CE MSE F 543 -39.83 9.16 -17.66
N GLU F 544 -35.04 4.65 -14.46
CA GLU F 544 -34.55 3.60 -13.56
C GLU F 544 -35.13 3.86 -12.18
N VAL F 545 -35.92 2.92 -11.67
CA VAL F 545 -36.67 3.09 -10.44
C VAL F 545 -36.05 2.22 -9.36
N PHE F 546 -35.92 2.78 -8.16
CA PHE F 546 -35.41 2.08 -6.98
C PHE F 546 -36.46 2.20 -5.89
N THR F 547 -37.07 1.08 -5.51
CA THR F 547 -38.20 1.09 -4.58
C THR F 547 -37.75 0.69 -3.18
N THR F 548 -38.50 1.16 -2.19
CA THR F 548 -38.27 0.86 -0.80
C THR F 548 -39.61 0.76 -0.09
N GLY F 549 -39.75 -0.23 0.80
CA GLY F 549 -40.97 -0.38 1.55
C GLY F 549 -41.94 -1.38 0.95
N ASN F 550 -43.24 -1.18 1.20
CA ASN F 550 -44.27 -2.09 0.72
C ASN F 550 -44.74 -1.73 -0.69
N VAL F 551 -43.80 -1.63 -1.64
CA VAL F 551 -44.15 -1.34 -3.02
C VAL F 551 -43.06 -1.92 -3.93
N GLN F 552 -43.48 -2.38 -5.10
CA GLN F 552 -42.57 -2.90 -6.10
C GLN F 552 -42.96 -2.36 -7.46
N ALA F 553 -41.96 -2.10 -8.30
CA ALA F 553 -42.17 -1.60 -9.66
C ALA F 553 -41.88 -2.74 -10.63
N THR F 554 -42.93 -3.21 -11.31
CA THR F 554 -42.80 -4.33 -12.23
C THR F 554 -43.28 -3.98 -13.63
CL CL G . 11.02 52.62 2.43
NA NA H . 17.88 82.58 8.95
NA NA I . 1.29 24.65 0.89
CL CL J . 29.65 7.70 21.86
NA NA K . -35.37 9.01 1.06
CL CL L . -54.76 -0.93 -4.40
#